data_2LQI
#
_entry.id   2LQI
#
loop_
_entity.id
_entity.type
_entity.pdbx_description
1 polymer 'CREB-binding protein'
2 polymer 'Forkhead box O3'
#
loop_
_entity_poly.entity_id
_entity_poly.type
_entity_poly.pdbx_seq_one_letter_code
_entity_poly.pdbx_strand_id
1 'polypeptide(L)'
;GVRKGWHEHVTQDLRSHLVHKLVQAIFPTPDPAALKDRRMENLVAYAKKVEGDMYESANSRDEYYHLLAEKIYKIQKELE
EKRRSRL
;
A
2 'polypeptide(L)' GSMSHYGNQTLQDLLTSDSLSHSDGGGSGGGSGGGSLECDMESIIRSELMDA B
#
# COMPACT_ATOMS: atom_id res chain seq x y z
N GLY A 1 3.06 8.69 -18.96
CA GLY A 1 3.98 9.34 -19.91
C GLY A 1 5.23 8.53 -20.05
N VAL A 2 6.10 8.90 -20.99
CA VAL A 2 7.38 8.21 -21.21
C VAL A 2 7.18 6.77 -21.73
N ARG A 3 7.92 6.42 -22.74
CA ARG A 3 7.83 5.10 -23.26
C ARG A 3 8.55 4.15 -22.40
N LYS A 4 7.81 3.36 -21.72
CA LYS A 4 8.38 2.39 -20.92
C LYS A 4 7.74 1.04 -21.18
N GLY A 5 8.39 0.28 -22.04
CA GLY A 5 7.90 -0.99 -22.52
C GLY A 5 7.71 -2.06 -21.46
N TRP A 6 8.18 -1.80 -20.26
CA TRP A 6 8.02 -2.75 -19.18
C TRP A 6 6.56 -2.86 -18.74
N HIS A 7 5.71 -1.99 -19.25
CA HIS A 7 4.27 -2.02 -18.95
C HIS A 7 3.63 -3.37 -19.38
N GLU A 8 4.25 -4.06 -20.33
CA GLU A 8 3.75 -5.36 -20.79
C GLU A 8 4.11 -6.46 -19.81
N HIS A 9 4.96 -6.12 -18.85
CA HIS A 9 5.45 -7.09 -17.89
C HIS A 9 4.79 -6.86 -16.53
N VAL A 10 3.79 -6.04 -16.52
CA VAL A 10 3.06 -5.72 -15.33
C VAL A 10 1.58 -5.66 -15.66
N THR A 11 0.77 -6.35 -14.92
CA THR A 11 -0.62 -6.36 -15.18
C THR A 11 -1.39 -5.58 -14.19
N GLN A 12 -2.61 -5.26 -14.59
CA GLN A 12 -3.56 -4.58 -13.78
C GLN A 12 -3.75 -5.31 -12.45
N ASP A 13 -3.82 -6.62 -12.52
CA ASP A 13 -3.97 -7.43 -11.30
C ASP A 13 -2.83 -7.19 -10.33
N LEU A 14 -1.60 -7.08 -10.85
CA LEU A 14 -0.41 -6.94 -10.00
C LEU A 14 -0.43 -5.58 -9.35
N ARG A 15 -0.64 -4.59 -10.16
CA ARG A 15 -0.68 -3.24 -9.71
C ARG A 15 -1.83 -2.99 -8.73
N SER A 16 -3.02 -3.48 -9.09
CA SER A 16 -4.20 -3.32 -8.26
C SER A 16 -4.05 -4.15 -6.95
N HIS A 17 -3.25 -5.21 -7.02
CA HIS A 17 -2.99 -6.09 -5.87
C HIS A 17 -2.18 -5.32 -4.83
N LEU A 18 -1.11 -4.69 -5.32
CA LEU A 18 -0.25 -3.85 -4.51
C LEU A 18 -1.04 -2.71 -3.94
N VAL A 19 -1.80 -2.04 -4.81
CA VAL A 19 -2.69 -0.91 -4.45
C VAL A 19 -3.64 -1.38 -3.28
N HIS A 20 -4.17 -2.59 -3.39
CA HIS A 20 -5.02 -3.18 -2.36
C HIS A 20 -4.27 -3.25 -1.02
N LYS A 21 -3.02 -3.70 -1.05
CA LYS A 21 -2.20 -3.69 0.17
C LYS A 21 -1.93 -2.29 0.65
N LEU A 22 -1.77 -1.34 -0.27
CA LEU A 22 -1.59 0.06 0.11
C LEU A 22 -2.69 0.52 0.96
N VAL A 23 -3.90 0.18 0.57
CA VAL A 23 -5.06 0.47 1.36
C VAL A 23 -4.95 -0.18 2.72
N GLN A 24 -4.58 -1.46 2.77
CA GLN A 24 -4.42 -2.18 4.04
C GLN A 24 -3.42 -1.48 4.97
N ALA A 25 -2.42 -0.88 4.37
CA ALA A 25 -1.44 -0.14 5.10
C ALA A 25 -1.89 1.30 5.44
N ILE A 26 -2.46 2.02 4.50
CA ILE A 26 -2.89 3.41 4.79
C ILE A 26 -4.11 3.39 5.71
N PHE A 27 -4.93 2.43 5.50
CA PHE A 27 -6.12 2.27 6.23
C PHE A 27 -6.04 0.94 6.94
N PRO A 28 -5.65 0.92 8.21
CA PRO A 28 -5.74 -0.29 9.01
C PRO A 28 -7.20 -0.72 9.08
N THR A 29 -7.54 -1.65 8.22
CA THR A 29 -8.88 -2.05 8.03
C THR A 29 -9.34 -2.95 9.18
N PRO A 30 -10.54 -2.69 9.71
CA PRO A 30 -11.10 -3.47 10.81
C PRO A 30 -11.56 -4.85 10.35
N ASP A 31 -11.79 -4.97 9.06
CA ASP A 31 -12.29 -6.19 8.47
C ASP A 31 -11.96 -6.17 7.02
N PRO A 32 -11.64 -7.31 6.42
CA PRO A 32 -11.40 -7.39 4.98
C PRO A 32 -12.61 -6.94 4.12
N ALA A 33 -13.80 -6.90 4.68
CA ALA A 33 -14.94 -6.48 3.90
C ALA A 33 -15.01 -4.96 3.77
N ALA A 34 -14.22 -4.25 4.55
CA ALA A 34 -14.16 -2.80 4.43
C ALA A 34 -13.32 -2.43 3.20
N LEU A 35 -12.71 -3.45 2.63
CA LEU A 35 -11.84 -3.30 1.48
C LEU A 35 -12.63 -3.44 0.17
N LYS A 36 -13.93 -3.61 0.30
CA LYS A 36 -14.83 -3.72 -0.85
C LYS A 36 -16.04 -2.82 -0.59
N ASP A 37 -15.80 -1.85 0.24
CA ASP A 37 -16.83 -0.94 0.73
C ASP A 37 -16.78 0.37 -0.08
N ARG A 38 -17.69 1.27 0.20
CA ARG A 38 -17.76 2.58 -0.46
C ARG A 38 -16.62 3.47 0.00
N ARG A 39 -16.10 3.19 1.17
CA ARG A 39 -14.97 3.91 1.69
C ARG A 39 -13.73 3.48 0.91
N MET A 40 -13.81 2.26 0.38
CA MET A 40 -12.75 1.66 -0.40
C MET A 40 -12.44 2.44 -1.64
N GLU A 41 -13.44 3.01 -2.35
CA GLU A 41 -13.12 3.75 -3.58
C GLU A 41 -12.15 4.91 -3.29
N ASN A 42 -12.28 5.49 -2.09
CA ASN A 42 -11.46 6.60 -1.63
C ASN A 42 -10.08 6.11 -1.25
N LEU A 43 -10.06 5.03 -0.50
CA LEU A 43 -8.83 4.44 -0.03
C LEU A 43 -8.01 3.94 -1.21
N VAL A 44 -8.67 3.25 -2.11
CA VAL A 44 -8.05 2.70 -3.26
C VAL A 44 -7.70 3.81 -4.23
N ALA A 45 -8.48 4.90 -4.20
CA ALA A 45 -8.20 6.07 -5.03
C ALA A 45 -6.80 6.58 -4.74
N TYR A 46 -6.49 6.71 -3.45
CA TYR A 46 -5.13 7.06 -2.98
C TYR A 46 -4.12 6.02 -3.42
N ALA A 47 -4.44 4.78 -3.19
CA ALA A 47 -3.54 3.71 -3.48
C ALA A 47 -3.18 3.70 -4.98
N LYS A 48 -4.19 3.87 -5.82
CA LYS A 48 -4.00 3.94 -7.27
C LYS A 48 -3.14 5.13 -7.68
N LYS A 49 -3.37 6.27 -7.05
CA LYS A 49 -2.64 7.49 -7.39
C LYS A 49 -1.17 7.38 -6.94
N VAL A 50 -0.96 6.78 -5.78
CA VAL A 50 0.37 6.58 -5.24
C VAL A 50 1.13 5.54 -6.05
N GLU A 51 0.48 4.42 -6.32
CA GLU A 51 1.10 3.38 -7.11
C GLU A 51 1.44 3.88 -8.49
N GLY A 52 0.55 4.72 -9.02
CA GLY A 52 0.77 5.34 -10.31
C GLY A 52 2.00 6.21 -10.32
N ASP A 53 2.22 6.93 -9.24
CA ASP A 53 3.41 7.77 -9.08
C ASP A 53 4.68 6.93 -9.17
N MET A 54 4.73 5.89 -8.34
CA MET A 54 5.90 4.97 -8.33
C MET A 54 6.04 4.15 -9.57
N TYR A 55 4.92 3.84 -10.19
CA TYR A 55 4.91 3.13 -11.45
C TYR A 55 5.67 3.97 -12.49
N GLU A 56 5.34 5.24 -12.53
CA GLU A 56 5.98 6.18 -13.45
C GLU A 56 7.37 6.59 -12.97
N SER A 57 7.65 6.42 -11.71
CA SER A 57 8.93 6.76 -11.13
C SER A 57 9.97 5.68 -11.46
N ALA A 58 9.51 4.46 -11.64
CA ALA A 58 10.38 3.34 -11.85
C ALA A 58 10.64 3.06 -13.31
N ASN A 59 11.65 2.26 -13.55
CA ASN A 59 12.00 1.87 -14.91
C ASN A 59 11.84 0.37 -15.10
N SER A 60 11.08 -0.23 -14.21
CA SER A 60 10.68 -1.61 -14.29
C SER A 60 9.61 -1.83 -13.27
N ARG A 61 8.82 -2.86 -13.46
CA ARG A 61 7.80 -3.15 -12.50
C ARG A 61 8.42 -3.69 -11.22
N ASP A 62 9.54 -4.37 -11.39
CA ASP A 62 10.32 -4.92 -10.30
C ASP A 62 10.76 -3.79 -9.38
N GLU A 63 11.26 -2.73 -9.98
CA GLU A 63 11.69 -1.55 -9.27
C GLU A 63 10.54 -0.83 -8.60
N TYR A 64 9.45 -0.63 -9.34
CA TYR A 64 8.33 0.10 -8.82
C TYR A 64 7.75 -0.63 -7.64
N TYR A 65 7.60 -1.93 -7.80
CA TYR A 65 7.09 -2.79 -6.78
C TYR A 65 8.03 -2.82 -5.54
N HIS A 66 9.33 -2.84 -5.76
CA HIS A 66 10.29 -2.82 -4.64
C HIS A 66 10.19 -1.55 -3.80
N LEU A 67 10.33 -0.40 -4.45
CA LEU A 67 10.36 0.87 -3.74
C LEU A 67 9.00 1.17 -3.07
N LEU A 68 7.92 0.73 -3.70
CA LEU A 68 6.61 0.95 -3.17
C LEU A 68 6.37 0.05 -1.97
N ALA A 69 6.97 -1.11 -2.00
CA ALA A 69 6.87 -2.05 -0.93
C ALA A 69 7.61 -1.52 0.28
N GLU A 70 8.67 -0.80 0.04
CA GLU A 70 9.41 -0.18 1.11
C GLU A 70 8.59 0.91 1.80
N LYS A 71 7.89 1.74 0.99
CA LYS A 71 7.05 2.79 1.57
C LYS A 71 5.88 2.22 2.38
N ILE A 72 5.24 1.19 1.86
CA ILE A 72 4.10 0.60 2.53
C ILE A 72 4.54 -0.06 3.85
N TYR A 73 5.69 -0.71 3.79
CA TYR A 73 6.30 -1.42 4.90
C TYR A 73 6.52 -0.46 6.09
N LYS A 74 7.19 0.66 5.81
CA LYS A 74 7.49 1.63 6.86
C LYS A 74 6.21 2.23 7.41
N ILE A 75 5.19 2.37 6.55
CA ILE A 75 3.91 2.90 6.96
C ILE A 75 3.22 1.95 7.93
N GLN A 76 3.35 0.66 7.70
CA GLN A 76 2.66 -0.32 8.51
C GLN A 76 3.24 -0.35 9.91
N LYS A 77 4.54 -0.33 10.01
CA LYS A 77 5.14 -0.27 11.32
C LYS A 77 4.94 1.08 12.00
N GLU A 78 4.83 2.14 11.20
CA GLU A 78 4.53 3.48 11.70
C GLU A 78 3.17 3.46 12.39
N LEU A 79 2.18 2.89 11.69
CA LEU A 79 0.81 2.85 12.18
C LEU A 79 0.70 2.01 13.43
N GLU A 80 1.40 0.89 13.45
CA GLU A 80 1.37 0.00 14.58
C GLU A 80 1.90 0.65 15.84
N GLU A 81 3.07 1.25 15.76
CA GLU A 81 3.64 1.87 16.94
C GLU A 81 2.92 3.16 17.33
N LYS A 82 2.40 3.91 16.35
CA LYS A 82 1.68 5.15 16.65
C LYS A 82 0.40 4.83 17.43
N ARG A 83 -0.20 3.70 17.09
CA ARG A 83 -1.40 3.21 17.74
C ARG A 83 -1.05 2.59 19.09
N ARG A 84 0.06 1.87 19.12
CA ARG A 84 0.51 1.17 20.31
C ARG A 84 0.99 2.14 21.39
N SER A 85 2.01 2.98 21.08
CA SER A 85 2.57 3.96 22.02
C SER A 85 3.92 4.55 21.49
N ARG A 86 3.90 5.77 20.98
CA ARG A 86 5.15 6.48 20.69
C ARG A 86 5.09 7.89 21.24
N LEU A 87 3.89 8.46 21.26
CA LEU A 87 3.70 9.82 21.71
C LEU A 87 3.27 9.81 23.17
N GLY B 1 6.51 16.93 16.86
CA GLY B 1 6.75 18.27 17.33
C GLY B 1 6.17 19.29 16.38
N SER B 2 5.86 18.83 15.21
CA SER B 2 5.30 19.63 14.17
C SER B 2 4.54 18.68 13.26
N MET B 3 3.37 19.09 12.79
CA MET B 3 2.58 18.22 11.93
C MET B 3 3.16 18.13 10.52
N SER B 4 3.96 19.10 10.16
CA SER B 4 4.60 19.06 8.89
C SER B 4 5.97 18.34 9.06
N HIS B 5 7.01 19.10 9.46
CA HIS B 5 8.38 18.60 9.78
C HIS B 5 9.14 18.00 8.56
N TYR B 6 8.44 17.23 7.76
CA TYR B 6 8.96 16.38 6.70
C TYR B 6 9.41 15.06 7.28
N GLY B 7 8.91 13.98 6.71
CA GLY B 7 9.22 12.64 7.19
C GLY B 7 8.20 12.21 8.22
N ASN B 8 7.54 13.19 8.80
CA ASN B 8 6.52 13.01 9.83
C ASN B 8 5.14 12.84 9.16
N GLN B 9 5.14 12.86 7.83
CA GLN B 9 3.93 12.68 7.02
C GLN B 9 3.34 11.33 7.29
N THR B 10 4.21 10.37 7.56
CA THR B 10 3.84 9.02 7.82
C THR B 10 2.88 8.95 9.02
N LEU B 11 3.32 9.55 10.12
CA LEU B 11 2.56 9.61 11.35
C LEU B 11 1.23 10.34 11.14
N GLN B 12 1.31 11.51 10.55
CA GLN B 12 0.15 12.38 10.37
C GLN B 12 -0.88 11.78 9.45
N ASP B 13 -0.44 11.38 8.29
CA ASP B 13 -1.35 10.91 7.26
C ASP B 13 -1.96 9.60 7.67
N LEU B 14 -1.17 8.76 8.33
CA LEU B 14 -1.67 7.47 8.77
C LEU B 14 -2.62 7.63 9.95
N LEU B 15 -2.38 8.62 10.78
CA LEU B 15 -3.29 8.92 11.89
C LEU B 15 -4.62 9.42 11.34
N THR B 16 -4.54 10.27 10.33
CA THR B 16 -5.71 10.83 9.69
C THR B 16 -6.51 9.71 8.97
N SER B 17 -5.80 8.79 8.35
CA SER B 17 -6.41 7.68 7.67
C SER B 17 -6.88 6.59 8.67
N ASP B 18 -6.31 6.61 9.85
CA ASP B 18 -6.71 5.73 10.95
C ASP B 18 -8.12 6.11 11.37
N SER B 19 -8.32 7.40 11.58
CA SER B 19 -9.60 7.98 11.97
C SER B 19 -10.60 7.97 10.80
N LEU B 20 -10.12 7.66 9.61
CA LEU B 20 -10.93 7.60 8.40
C LEU B 20 -11.85 6.35 8.46
N SER B 21 -11.62 5.49 9.47
CA SER B 21 -12.49 4.35 9.70
C SER B 21 -13.90 4.89 9.98
N HIS B 22 -13.99 5.90 10.82
CA HIS B 22 -15.25 6.55 11.04
C HIS B 22 -15.38 7.69 10.03
N SER B 23 -15.62 7.33 8.80
CA SER B 23 -15.85 8.25 7.71
C SER B 23 -16.70 7.52 6.68
N ASP B 24 -17.24 8.24 5.72
CA ASP B 24 -18.19 7.66 4.78
C ASP B 24 -17.50 7.09 3.55
N GLY B 25 -17.17 7.94 2.62
CA GLY B 25 -16.56 7.48 1.39
C GLY B 25 -17.38 7.88 0.19
N GLY B 26 -17.48 6.99 -0.77
CA GLY B 26 -18.23 7.28 -1.96
C GLY B 26 -19.32 6.25 -2.21
N GLY B 27 -19.12 5.42 -3.20
CA GLY B 27 -20.09 4.40 -3.53
C GLY B 27 -19.47 3.19 -4.20
N SER B 28 -18.39 3.40 -4.92
CA SER B 28 -17.73 2.34 -5.65
C SER B 28 -16.77 1.55 -4.75
N GLY B 29 -16.16 0.52 -5.31
CA GLY B 29 -15.24 -0.30 -4.57
C GLY B 29 -13.92 -0.42 -5.29
N GLY B 30 -13.65 -1.61 -5.81
CA GLY B 30 -12.41 -1.84 -6.51
C GLY B 30 -12.57 -2.87 -7.61
N GLY B 31 -11.51 -3.07 -8.36
CA GLY B 31 -11.52 -4.03 -9.43
C GLY B 31 -10.11 -4.47 -9.77
N SER B 32 -9.97 -5.65 -10.31
CA SER B 32 -8.68 -6.19 -10.63
C SER B 32 -8.81 -7.08 -11.89
N GLY B 33 -7.80 -7.88 -12.16
CA GLY B 33 -7.79 -8.71 -13.34
C GLY B 33 -6.43 -8.70 -14.01
N GLY B 34 -5.87 -9.87 -14.25
CA GLY B 34 -4.57 -9.99 -14.87
C GLY B 34 -3.83 -11.17 -14.31
N GLY B 35 -2.57 -10.98 -13.93
CA GLY B 35 -1.81 -12.05 -13.35
C GLY B 35 -0.44 -12.16 -13.97
N SER B 36 0.56 -11.81 -13.21
CA SER B 36 1.93 -11.89 -13.68
C SER B 36 2.90 -12.21 -12.52
N LEU B 37 2.94 -11.35 -11.53
CA LEU B 37 3.93 -11.47 -10.47
C LEU B 37 3.30 -12.08 -9.22
N GLU B 38 2.12 -11.59 -8.86
CA GLU B 38 1.37 -12.00 -7.63
C GLU B 38 1.21 -13.51 -7.51
N CYS B 39 0.90 -14.14 -8.63
CA CYS B 39 0.58 -15.57 -8.76
C CYS B 39 1.46 -16.49 -7.87
N ASP B 40 2.77 -16.45 -8.03
CA ASP B 40 3.62 -17.29 -7.20
C ASP B 40 4.61 -16.43 -6.42
N MET B 41 4.17 -15.25 -6.09
CA MET B 41 4.99 -14.33 -5.36
C MET B 41 4.74 -14.46 -3.87
N GLU B 42 3.70 -15.24 -3.53
CA GLU B 42 3.19 -15.53 -2.15
C GLU B 42 4.14 -15.17 -0.98
N SER B 43 5.20 -15.91 -0.80
CA SER B 43 6.07 -15.70 0.34
C SER B 43 6.87 -14.41 0.22
N ILE B 44 7.29 -14.11 -0.99
CA ILE B 44 8.08 -12.93 -1.26
C ILE B 44 7.22 -11.66 -1.05
N ILE B 45 6.01 -11.67 -1.58
CA ILE B 45 5.12 -10.53 -1.47
C ILE B 45 4.73 -10.30 -0.03
N ARG B 46 4.53 -11.39 0.72
CA ARG B 46 4.18 -11.28 2.11
C ARG B 46 5.32 -10.56 2.85
N SER B 47 6.52 -11.06 2.68
CA SER B 47 7.68 -10.54 3.39
C SER B 47 8.06 -9.12 2.92
N GLU B 48 8.26 -8.95 1.62
CA GLU B 48 8.75 -7.69 1.10
C GLU B 48 7.71 -6.60 0.93
N LEU B 49 6.48 -6.95 0.52
CA LEU B 49 5.42 -5.94 0.37
C LEU B 49 4.74 -5.72 1.71
N MET B 50 4.80 -6.74 2.56
CA MET B 50 4.35 -6.66 3.92
C MET B 50 2.86 -6.89 4.09
N ASP B 51 2.52 -8.12 4.29
CA ASP B 51 1.19 -8.49 4.72
C ASP B 51 1.33 -8.93 6.14
N ALA B 52 1.21 -7.99 7.04
CA ALA B 52 1.45 -8.22 8.44
C ALA B 52 0.42 -9.16 9.05
N GLY A 1 4.77 11.34 -20.65
CA GLY A 1 6.11 11.73 -20.25
C GLY A 1 7.12 10.76 -20.77
N VAL A 2 7.92 10.20 -19.89
CA VAL A 2 8.88 9.20 -20.28
C VAL A 2 8.17 7.86 -20.39
N ARG A 3 8.11 7.35 -21.59
CA ARG A 3 7.32 6.18 -21.87
C ARG A 3 8.10 4.91 -21.62
N LYS A 4 7.74 4.25 -20.60
CA LYS A 4 8.47 3.12 -20.11
C LYS A 4 7.88 1.85 -20.66
N GLY A 5 8.68 1.12 -21.42
CA GLY A 5 8.23 -0.10 -22.08
C GLY A 5 7.90 -1.22 -21.11
N TRP A 6 8.38 -1.11 -19.89
CA TRP A 6 8.15 -2.12 -18.88
C TRP A 6 6.70 -2.20 -18.46
N HIS A 7 5.87 -1.24 -18.86
CA HIS A 7 4.45 -1.26 -18.50
C HIS A 7 3.72 -2.50 -19.08
N GLU A 8 4.34 -3.14 -20.07
CA GLU A 8 3.81 -4.35 -20.67
C GLU A 8 4.16 -5.56 -19.81
N HIS A 9 5.02 -5.34 -18.84
CA HIS A 9 5.50 -6.40 -17.95
C HIS A 9 4.78 -6.35 -16.61
N VAL A 10 3.77 -5.55 -16.53
CA VAL A 10 3.02 -5.38 -15.32
C VAL A 10 1.53 -5.29 -15.65
N THR A 11 0.82 -6.29 -15.26
CA THR A 11 -0.57 -6.39 -15.56
C THR A 11 -1.36 -5.70 -14.43
N GLN A 12 -2.62 -5.34 -14.70
CA GLN A 12 -3.49 -4.71 -13.71
C GLN A 12 -3.56 -5.56 -12.45
N ASP A 13 -3.55 -6.85 -12.64
CA ASP A 13 -3.57 -7.84 -11.56
C ASP A 13 -2.48 -7.60 -10.52
N LEU A 14 -1.25 -7.35 -10.99
CA LEU A 14 -0.11 -7.22 -10.09
C LEU A 14 -0.26 -5.95 -9.32
N ARG A 15 -0.49 -4.89 -10.05
CA ARG A 15 -0.59 -3.60 -9.47
C ARG A 15 -1.77 -3.49 -8.54
N SER A 16 -2.91 -4.00 -8.96
CA SER A 16 -4.12 -3.96 -8.17
C SER A 16 -3.95 -4.76 -6.87
N HIS A 17 -3.13 -5.81 -6.94
CA HIS A 17 -2.80 -6.62 -5.76
C HIS A 17 -2.04 -5.75 -4.76
N LEU A 18 -1.05 -5.04 -5.27
CA LEU A 18 -0.23 -4.14 -4.49
C LEU A 18 -1.06 -2.98 -3.96
N VAL A 19 -1.93 -2.48 -4.79
CA VAL A 19 -2.88 -1.42 -4.47
C VAL A 19 -3.79 -1.86 -3.30
N HIS A 20 -4.30 -3.07 -3.39
CA HIS A 20 -5.14 -3.67 -2.35
C HIS A 20 -4.40 -3.68 -1.01
N LYS A 21 -3.20 -4.22 -1.04
CA LYS A 21 -2.35 -4.30 0.14
C LYS A 21 -2.00 -2.92 0.65
N LEU A 22 -1.73 -2.02 -0.28
CA LEU A 22 -1.43 -0.62 -0.02
C LEU A 22 -2.51 -0.05 0.86
N VAL A 23 -3.76 -0.22 0.42
CA VAL A 23 -4.94 0.20 1.17
C VAL A 23 -4.93 -0.39 2.57
N GLN A 24 -4.74 -1.70 2.68
CA GLN A 24 -4.78 -2.37 3.99
C GLN A 24 -3.78 -1.77 4.97
N ALA A 25 -2.64 -1.34 4.47
CA ALA A 25 -1.67 -0.73 5.32
C ALA A 25 -1.99 0.74 5.57
N ILE A 26 -2.32 1.47 4.54
CA ILE A 26 -2.52 2.91 4.68
C ILE A 26 -3.87 3.21 5.35
N PHE A 27 -4.77 2.31 5.19
CA PHE A 27 -6.07 2.40 5.74
C PHE A 27 -6.34 1.14 6.57
N PRO A 28 -6.04 1.18 7.88
CA PRO A 28 -6.29 0.05 8.76
C PRO A 28 -7.79 -0.22 8.90
N THR A 29 -8.23 -1.23 8.20
CA THR A 29 -9.62 -1.56 8.16
C THR A 29 -10.05 -2.31 9.45
N PRO A 30 -11.22 -1.94 10.01
CA PRO A 30 -11.77 -2.59 11.21
C PRO A 30 -12.37 -3.96 10.91
N ASP A 31 -12.83 -4.13 9.70
CA ASP A 31 -13.50 -5.34 9.24
C ASP A 31 -13.16 -5.51 7.80
N PRO A 32 -13.09 -6.74 7.29
CA PRO A 32 -12.82 -6.97 5.87
C PRO A 32 -13.99 -6.49 5.00
N ALA A 33 -15.09 -6.16 5.62
CA ALA A 33 -16.24 -5.68 4.90
C ALA A 33 -16.15 -4.18 4.62
N ALA A 34 -15.19 -3.51 5.24
CA ALA A 34 -14.99 -2.10 4.97
C ALA A 34 -14.19 -1.95 3.68
N LEU A 35 -13.74 -3.09 3.17
CA LEU A 35 -12.93 -3.16 1.98
C LEU A 35 -13.82 -3.32 0.74
N LYS A 36 -15.12 -3.26 0.95
CA LYS A 36 -16.11 -3.33 -0.12
C LYS A 36 -17.15 -2.22 0.06
N ASP A 37 -16.76 -1.24 0.87
CA ASP A 37 -17.62 -0.12 1.26
C ASP A 37 -17.47 1.01 0.22
N ARG A 38 -18.23 2.08 0.38
CA ARG A 38 -18.04 3.25 -0.48
C ARG A 38 -16.74 3.93 -0.10
N ARG A 39 -16.35 3.75 1.16
CA ARG A 39 -15.08 4.20 1.66
C ARG A 39 -13.96 3.56 0.86
N MET A 40 -14.19 2.31 0.48
CA MET A 40 -13.21 1.53 -0.26
C MET A 40 -12.84 2.17 -1.58
N GLU A 41 -13.79 2.80 -2.28
CA GLU A 41 -13.41 3.39 -3.56
C GLU A 41 -12.45 4.56 -3.35
N ASN A 42 -12.57 5.19 -2.17
CA ASN A 42 -11.69 6.29 -1.75
C ASN A 42 -10.34 5.74 -1.34
N LEU A 43 -10.39 4.63 -0.61
CA LEU A 43 -9.19 3.96 -0.11
C LEU A 43 -8.35 3.51 -1.27
N VAL A 44 -8.97 2.77 -2.15
CA VAL A 44 -8.29 2.23 -3.29
C VAL A 44 -7.94 3.33 -4.27
N ALA A 45 -8.72 4.41 -4.27
CA ALA A 45 -8.39 5.58 -5.10
C ALA A 45 -7.02 6.15 -4.71
N TYR A 46 -6.82 6.33 -3.40
CA TYR A 46 -5.53 6.77 -2.87
C TYR A 46 -4.45 5.77 -3.25
N ALA A 47 -4.76 4.51 -3.08
CA ALA A 47 -3.80 3.48 -3.35
C ALA A 47 -3.38 3.52 -4.81
N LYS A 48 -4.35 3.71 -5.69
CA LYS A 48 -4.10 3.84 -7.12
C LYS A 48 -3.28 5.08 -7.47
N LYS A 49 -3.61 6.22 -6.87
CA LYS A 49 -2.88 7.45 -7.16
C LYS A 49 -1.41 7.33 -6.71
N VAL A 50 -1.23 6.71 -5.55
CA VAL A 50 0.07 6.48 -4.98
C VAL A 50 0.83 5.41 -5.79
N GLU A 51 0.14 4.33 -6.11
CA GLU A 51 0.68 3.25 -6.92
C GLU A 51 1.16 3.82 -8.25
N GLY A 52 0.34 4.65 -8.86
CA GLY A 52 0.67 5.29 -10.12
C GLY A 52 1.90 6.16 -10.02
N ASP A 53 2.04 6.84 -8.89
CA ASP A 53 3.22 7.68 -8.63
C ASP A 53 4.50 6.86 -8.65
N MET A 54 4.52 5.79 -7.88
CA MET A 54 5.69 4.89 -7.81
C MET A 54 5.88 4.09 -9.07
N TYR A 55 4.81 3.84 -9.76
CA TYR A 55 4.82 3.17 -11.03
C TYR A 55 5.62 4.05 -12.00
N GLU A 56 5.27 5.32 -12.03
CA GLU A 56 5.95 6.28 -12.88
C GLU A 56 7.34 6.66 -12.36
N SER A 57 7.58 6.44 -11.10
CA SER A 57 8.87 6.74 -10.50
C SER A 57 9.90 5.64 -10.82
N ALA A 58 9.42 4.48 -11.19
CA ALA A 58 10.28 3.35 -11.40
C ALA A 58 10.63 3.10 -12.85
N ASN A 59 11.69 2.35 -13.04
CA ASN A 59 12.20 1.98 -14.36
C ASN A 59 11.91 0.52 -14.67
N SER A 60 11.18 -0.12 -13.79
CA SER A 60 10.72 -1.48 -13.96
C SER A 60 9.63 -1.72 -12.99
N ARG A 61 8.81 -2.71 -13.24
CA ARG A 61 7.76 -3.01 -12.29
C ARG A 61 8.36 -3.65 -11.06
N ASP A 62 9.52 -4.25 -11.24
CA ASP A 62 10.24 -4.89 -10.16
C ASP A 62 10.69 -3.83 -9.18
N GLU A 63 11.20 -2.75 -9.73
CA GLU A 63 11.60 -1.60 -8.96
C GLU A 63 10.41 -0.94 -8.30
N TYR A 64 9.34 -0.73 -9.08
CA TYR A 64 8.17 -0.05 -8.57
C TYR A 64 7.52 -0.86 -7.46
N TYR A 65 7.39 -2.16 -7.68
CA TYR A 65 6.85 -3.06 -6.71
C TYR A 65 7.71 -3.05 -5.44
N HIS A 66 9.03 -3.09 -5.60
CA HIS A 66 9.94 -3.08 -4.44
C HIS A 66 9.85 -1.79 -3.64
N LEU A 67 9.96 -0.66 -4.30
CA LEU A 67 9.99 0.61 -3.59
C LEU A 67 8.63 0.91 -2.91
N LEU A 68 7.55 0.46 -3.54
CA LEU A 68 6.23 0.65 -2.97
C LEU A 68 6.06 -0.34 -1.81
N ALA A 69 6.69 -1.49 -1.96
CA ALA A 69 6.70 -2.52 -0.95
C ALA A 69 7.41 -2.02 0.28
N GLU A 70 8.43 -1.22 0.08
CA GLU A 70 9.15 -0.67 1.18
C GLU A 70 8.33 0.38 1.88
N LYS A 71 7.62 1.21 1.10
CA LYS A 71 6.81 2.26 1.69
C LYS A 71 5.66 1.67 2.47
N ILE A 72 5.06 0.61 1.96
CA ILE A 72 3.95 0.01 2.64
C ILE A 72 4.41 -0.67 3.94
N TYR A 73 5.53 -1.36 3.87
CA TYR A 73 6.14 -2.07 4.98
C TYR A 73 6.42 -1.11 6.15
N LYS A 74 7.09 -0.01 5.84
CA LYS A 74 7.44 0.96 6.85
C LYS A 74 6.17 1.60 7.41
N ILE A 75 5.18 1.81 6.54
CA ILE A 75 3.91 2.39 6.92
C ILE A 75 3.22 1.50 7.93
N GLN A 76 3.31 0.20 7.72
CA GLN A 76 2.65 -0.75 8.58
C GLN A 76 3.23 -0.68 9.97
N LYS A 77 4.52 -0.72 10.07
CA LYS A 77 5.12 -0.65 11.38
C LYS A 77 5.08 0.76 12.00
N GLU A 78 5.06 1.79 11.15
CA GLU A 78 4.94 3.19 11.57
C GLU A 78 3.56 3.38 12.23
N LEU A 79 2.52 2.88 11.54
CA LEU A 79 1.16 3.02 12.01
C LEU A 79 0.97 2.26 13.30
N GLU A 80 1.60 1.07 13.38
CA GLU A 80 1.50 0.24 14.56
C GLU A 80 1.99 0.97 15.75
N GLU A 81 3.20 1.48 15.67
CA GLU A 81 3.80 2.11 16.80
C GLU A 81 3.11 3.43 17.15
N LYS A 82 2.72 4.20 16.14
CA LYS A 82 2.07 5.48 16.41
C LYS A 82 0.72 5.30 17.07
N ARG A 83 0.04 4.24 16.72
CA ARG A 83 -1.24 3.94 17.31
C ARG A 83 -1.03 3.32 18.70
N ARG A 84 -0.10 2.40 18.77
CA ARG A 84 0.11 1.59 19.96
C ARG A 84 0.93 2.29 21.04
N SER A 85 2.15 2.69 20.74
CA SER A 85 3.02 3.14 21.79
C SER A 85 4.12 4.14 21.31
N ARG A 86 3.79 5.43 21.39
CA ARG A 86 4.68 6.57 21.16
C ARG A 86 3.90 7.88 21.27
N LEU A 87 2.65 7.86 20.84
CA LEU A 87 1.77 9.03 20.97
C LEU A 87 1.14 9.05 22.35
N GLY B 1 4.78 22.28 17.81
CA GLY B 1 4.23 21.05 17.32
C GLY B 1 4.37 20.96 15.83
N SER B 2 4.21 19.79 15.30
CA SER B 2 4.34 19.58 13.89
C SER B 2 3.07 19.98 13.15
N MET B 3 3.00 21.23 12.72
CA MET B 3 1.92 21.67 11.87
C MET B 3 2.30 21.27 10.45
N SER B 4 3.59 21.26 10.26
CA SER B 4 4.24 20.75 9.11
C SER B 4 5.17 19.67 9.65
N HIS B 5 5.37 18.63 8.91
CA HIS B 5 6.20 17.53 9.40
C HIS B 5 7.52 17.52 8.66
N TYR B 6 7.45 17.14 7.42
CA TYR B 6 8.59 17.00 6.52
C TYR B 6 9.62 16.01 7.05
N GLY B 7 9.43 14.79 6.67
CA GLY B 7 10.29 13.73 7.09
C GLY B 7 9.47 12.58 7.56
N ASN B 8 8.31 12.90 8.07
CA ASN B 8 7.40 11.89 8.55
C ASN B 8 5.99 12.11 8.03
N GLN B 9 5.87 12.14 6.72
CA GLN B 9 4.56 12.26 6.06
C GLN B 9 3.74 11.04 6.37
N THR B 10 4.43 9.92 6.53
CA THR B 10 3.79 8.67 6.90
C THR B 10 3.04 8.80 8.24
N LEU B 11 3.58 9.61 9.15
CA LEU B 11 2.96 9.77 10.44
C LEU B 11 1.65 10.51 10.28
N GLN B 12 1.68 11.63 9.58
CA GLN B 12 0.48 12.45 9.36
C GLN B 12 -0.54 11.76 8.45
N ASP B 13 -0.06 11.12 7.39
CA ASP B 13 -0.93 10.44 6.41
C ASP B 13 -1.69 9.32 7.08
N LEU B 14 -0.96 8.43 7.72
CA LEU B 14 -1.55 7.31 8.42
C LEU B 14 -2.39 7.73 9.60
N LEU B 15 -2.01 8.80 10.23
CA LEU B 15 -2.79 9.36 11.34
C LEU B 15 -4.16 9.86 10.82
N THR B 16 -4.13 10.58 9.73
CA THR B 16 -5.34 11.13 9.11
C THR B 16 -6.24 9.99 8.58
N SER B 17 -5.61 8.99 8.00
CA SER B 17 -6.31 7.83 7.48
C SER B 17 -6.82 6.91 8.62
N ASP B 18 -6.21 7.01 9.77
CA ASP B 18 -6.67 6.28 10.97
C ASP B 18 -7.89 7.01 11.54
N SER B 19 -7.86 8.32 11.41
CA SER B 19 -8.92 9.21 11.86
C SER B 19 -10.13 9.20 10.88
N LEU B 20 -9.93 8.57 9.73
CA LEU B 20 -10.86 8.51 8.58
C LEU B 20 -12.25 7.90 8.92
N SER B 21 -12.35 7.28 10.07
CA SER B 21 -13.49 6.48 10.47
C SER B 21 -14.88 7.17 10.40
N HIS B 22 -14.94 8.48 10.42
CA HIS B 22 -16.22 9.19 10.45
C HIS B 22 -16.96 9.28 9.06
N SER B 23 -17.32 8.12 8.51
CA SER B 23 -18.09 7.95 7.23
C SER B 23 -17.56 8.78 6.03
N ASP B 24 -16.91 8.10 5.11
CA ASP B 24 -16.35 8.73 3.91
C ASP B 24 -16.59 7.86 2.70
N GLY B 25 -16.07 8.29 1.58
CA GLY B 25 -16.22 7.60 0.34
C GLY B 25 -15.94 8.53 -0.79
N GLY B 26 -15.91 8.02 -1.99
CA GLY B 26 -15.66 8.86 -3.13
C GLY B 26 -14.28 8.67 -3.70
N GLY B 27 -14.22 7.99 -4.81
CA GLY B 27 -12.98 7.74 -5.47
C GLY B 27 -13.20 6.95 -6.72
N SER B 28 -12.51 5.86 -6.84
CA SER B 28 -12.62 4.97 -7.98
C SER B 28 -12.25 3.57 -7.53
N GLY B 29 -13.18 2.64 -7.64
CA GLY B 29 -12.94 1.29 -7.19
C GLY B 29 -11.99 0.52 -8.11
N GLY B 30 -11.59 -0.66 -7.68
CA GLY B 30 -10.69 -1.47 -8.45
C GLY B 30 -10.42 -2.78 -7.78
N GLY B 31 -9.93 -3.73 -8.54
CA GLY B 31 -9.63 -5.04 -8.02
C GLY B 31 -9.87 -6.08 -9.09
N SER B 32 -9.75 -7.35 -8.73
CA SER B 32 -9.96 -8.50 -9.62
C SER B 32 -8.88 -8.58 -10.74
N GLY B 33 -7.91 -9.44 -10.54
CA GLY B 33 -6.85 -9.57 -11.50
C GLY B 33 -6.92 -10.87 -12.29
N GLY B 34 -6.09 -11.82 -11.94
CA GLY B 34 -6.10 -13.10 -12.63
C GLY B 34 -4.78 -13.85 -12.57
N GLY B 35 -3.81 -13.33 -11.83
CA GLY B 35 -2.55 -14.05 -11.69
C GLY B 35 -1.45 -13.58 -12.64
N SER B 36 -0.87 -12.44 -12.31
CA SER B 36 0.28 -11.90 -12.99
C SER B 36 1.52 -12.31 -12.15
N LEU B 37 2.45 -11.37 -11.92
CA LEU B 37 3.66 -11.63 -11.09
C LEU B 37 3.28 -12.18 -9.71
N GLU B 38 2.08 -11.83 -9.24
CA GLU B 38 1.61 -12.24 -7.94
C GLU B 38 1.32 -13.75 -7.82
N CYS B 39 1.29 -14.43 -8.96
CA CYS B 39 1.04 -15.86 -9.03
C CYS B 39 2.18 -16.66 -8.36
N ASP B 40 3.38 -16.14 -8.41
CA ASP B 40 4.55 -16.82 -7.81
C ASP B 40 5.30 -15.85 -6.92
N MET B 41 4.59 -14.89 -6.43
CA MET B 41 5.18 -13.80 -5.67
C MET B 41 5.04 -13.98 -4.16
N GLU B 42 4.23 -14.96 -3.74
CA GLU B 42 3.86 -15.22 -2.30
C GLU B 42 5.01 -14.94 -1.29
N SER B 43 6.06 -15.73 -1.35
CA SER B 43 7.15 -15.60 -0.41
C SER B 43 7.89 -14.27 -0.54
N ILE B 44 7.97 -13.79 -1.77
CA ILE B 44 8.66 -12.55 -2.08
C ILE B 44 7.91 -11.37 -1.47
N ILE B 45 6.62 -11.33 -1.70
CA ILE B 45 5.80 -10.23 -1.23
C ILE B 45 5.67 -10.25 0.28
N ARG B 46 5.70 -11.44 0.84
CA ARG B 46 5.66 -11.64 2.25
C ARG B 46 6.86 -10.89 2.88
N SER B 47 8.04 -11.37 2.55
CA SER B 47 9.28 -10.91 3.11
C SER B 47 9.63 -9.46 2.72
N GLU B 48 9.48 -9.13 1.45
CA GLU B 48 9.85 -7.83 0.95
C GLU B 48 8.83 -6.75 1.21
N LEU B 49 7.56 -7.10 1.18
CA LEU B 49 6.53 -6.08 1.21
C LEU B 49 5.91 -5.83 2.57
N MET B 50 5.81 -6.82 3.46
CA MET B 50 5.14 -6.48 4.70
C MET B 50 5.51 -7.28 5.91
N ASP B 51 5.25 -6.66 7.05
CA ASP B 51 5.49 -7.22 8.37
C ASP B 51 4.80 -6.38 9.39
N ALA B 52 3.75 -6.92 9.96
CA ALA B 52 2.96 -6.26 10.98
C ALA B 52 2.07 -7.31 11.61
N GLY A 1 0.12 6.85 -18.89
CA GLY A 1 0.89 6.31 -20.00
C GLY A 1 2.35 6.36 -19.72
N VAL A 2 2.96 5.23 -19.55
CA VAL A 2 4.38 5.20 -19.33
C VAL A 2 5.10 4.83 -20.60
N ARG A 3 6.21 5.47 -20.84
CA ARG A 3 7.01 5.22 -22.04
C ARG A 3 8.11 4.23 -21.72
N LYS A 4 7.78 3.32 -20.86
CA LYS A 4 8.71 2.39 -20.33
C LYS A 4 8.27 0.98 -20.68
N GLY A 5 9.13 0.30 -21.43
CA GLY A 5 8.86 -1.05 -21.94
C GLY A 5 8.52 -2.08 -20.90
N TRP A 6 8.90 -1.83 -19.65
CA TRP A 6 8.58 -2.74 -18.58
C TRP A 6 7.08 -2.86 -18.33
N HIS A 7 6.28 -1.92 -18.89
CA HIS A 7 4.82 -2.00 -18.75
C HIS A 7 4.23 -3.29 -19.38
N GLU A 8 5.02 -3.99 -20.18
CA GLU A 8 4.60 -5.27 -20.76
C GLU A 8 4.78 -6.39 -19.74
N HIS A 9 5.56 -6.11 -18.73
CA HIS A 9 5.99 -7.11 -17.76
C HIS A 9 5.25 -6.92 -16.44
N VAL A 10 4.15 -6.24 -16.50
CA VAL A 10 3.35 -5.99 -15.33
C VAL A 10 1.89 -5.95 -15.75
N THR A 11 1.07 -6.67 -15.05
CA THR A 11 -0.33 -6.76 -15.40
C THR A 11 -1.14 -5.92 -14.41
N GLN A 12 -2.40 -5.60 -14.77
CA GLN A 12 -3.29 -4.85 -13.91
C GLN A 12 -3.48 -5.58 -12.59
N ASP A 13 -3.52 -6.88 -12.66
CA ASP A 13 -3.68 -7.73 -11.48
C ASP A 13 -2.56 -7.52 -10.46
N LEU A 14 -1.32 -7.37 -10.94
CA LEU A 14 -0.16 -7.24 -10.05
C LEU A 14 -0.26 -5.94 -9.36
N ARG A 15 -0.44 -4.92 -10.14
CA ARG A 15 -0.49 -3.59 -9.66
C ARG A 15 -1.66 -3.35 -8.74
N SER A 16 -2.83 -3.84 -9.12
CA SER A 16 -4.02 -3.67 -8.32
C SER A 16 -3.89 -4.44 -7.01
N HIS A 17 -3.11 -5.52 -7.03
CA HIS A 17 -2.86 -6.30 -5.83
C HIS A 17 -2.02 -5.47 -4.87
N LEU A 18 -1.05 -4.78 -5.42
CA LEU A 18 -0.19 -3.88 -4.66
C LEU A 18 -1.00 -2.70 -4.15
N VAL A 19 -1.89 -2.19 -4.99
CA VAL A 19 -2.85 -1.13 -4.65
C VAL A 19 -3.70 -1.56 -3.45
N HIS A 20 -4.21 -2.77 -3.54
CA HIS A 20 -5.00 -3.40 -2.50
C HIS A 20 -4.23 -3.40 -1.17
N LYS A 21 -3.01 -3.90 -1.22
CA LYS A 21 -2.13 -3.94 -0.07
C LYS A 21 -1.82 -2.53 0.44
N LEU A 22 -1.61 -1.61 -0.49
CA LEU A 22 -1.40 -0.20 -0.20
C LEU A 22 -2.50 0.34 0.70
N VAL A 23 -3.75 0.13 0.29
CA VAL A 23 -4.92 0.52 1.10
C VAL A 23 -4.82 -0.10 2.47
N GLN A 24 -4.55 -1.40 2.53
CA GLN A 24 -4.52 -2.11 3.80
C GLN A 24 -3.52 -1.53 4.81
N ALA A 25 -2.40 -1.02 4.32
CA ALA A 25 -1.43 -0.38 5.17
C ALA A 25 -1.80 1.08 5.47
N ILE A 26 -2.19 1.82 4.44
CA ILE A 26 -2.47 3.26 4.59
C ILE A 26 -3.82 3.48 5.28
N PHE A 27 -4.65 2.51 5.17
CA PHE A 27 -5.93 2.47 5.79
C PHE A 27 -6.07 1.08 6.45
N PRO A 28 -5.57 0.93 7.70
CA PRO A 28 -5.60 -0.36 8.40
C PRO A 28 -7.04 -0.85 8.58
N THR A 29 -7.40 -1.85 7.83
CA THR A 29 -8.75 -2.29 7.80
C THR A 29 -9.07 -3.26 8.96
N PRO A 30 -10.23 -3.10 9.61
CA PRO A 30 -10.65 -3.96 10.70
C PRO A 30 -11.25 -5.27 10.20
N ASP A 31 -11.68 -5.27 8.97
CA ASP A 31 -12.34 -6.40 8.37
C ASP A 31 -12.24 -6.32 6.87
N PRO A 32 -12.40 -7.44 6.16
CA PRO A 32 -12.31 -7.41 4.71
C PRO A 32 -13.56 -6.86 4.03
N ALA A 33 -14.56 -6.49 4.80
CA ALA A 33 -15.76 -5.94 4.18
C ALA A 33 -15.71 -4.42 4.17
N ALA A 34 -14.83 -3.87 4.98
CA ALA A 34 -14.55 -2.43 4.96
C ALA A 34 -13.82 -2.09 3.66
N LEU A 35 -13.33 -3.13 3.03
CA LEU A 35 -12.59 -3.04 1.79
C LEU A 35 -13.52 -3.08 0.59
N LYS A 36 -14.81 -3.15 0.82
CA LYS A 36 -15.77 -3.18 -0.27
C LYS A 36 -16.89 -2.20 0.04
N ASP A 37 -16.55 -1.24 0.86
CA ASP A 37 -17.45 -0.21 1.29
C ASP A 37 -17.49 0.86 0.22
N ARG A 38 -18.38 1.80 0.34
CA ARG A 38 -18.49 2.87 -0.62
C ARG A 38 -17.27 3.82 -0.48
N ARG A 39 -16.72 3.83 0.72
CA ARG A 39 -15.55 4.62 1.08
C ARG A 39 -14.29 3.97 0.53
N MET A 40 -14.41 2.70 0.16
CA MET A 40 -13.32 1.96 -0.44
C MET A 40 -12.85 2.62 -1.71
N GLU A 41 -13.76 3.26 -2.46
CA GLU A 41 -13.32 3.89 -3.68
C GLU A 41 -12.32 4.99 -3.39
N ASN A 42 -12.48 5.67 -2.26
CA ASN A 42 -11.58 6.74 -1.84
C ASN A 42 -10.25 6.15 -1.43
N LEU A 43 -10.33 5.09 -0.64
CA LEU A 43 -9.15 4.37 -0.16
C LEU A 43 -8.32 3.85 -1.34
N VAL A 44 -8.98 3.17 -2.24
CA VAL A 44 -8.33 2.57 -3.38
C VAL A 44 -7.93 3.64 -4.39
N ALA A 45 -8.67 4.75 -4.44
CA ALA A 45 -8.36 5.86 -5.35
C ALA A 45 -6.98 6.42 -5.00
N TYR A 46 -6.74 6.64 -3.70
CA TYR A 46 -5.43 7.05 -3.20
C TYR A 46 -4.40 6.01 -3.54
N ALA A 47 -4.72 4.77 -3.31
CA ALA A 47 -3.78 3.71 -3.54
C ALA A 47 -3.38 3.66 -5.00
N LYS A 48 -4.36 3.84 -5.88
CA LYS A 48 -4.12 3.89 -7.32
C LYS A 48 -3.25 5.07 -7.72
N LYS A 49 -3.56 6.25 -7.17
CA LYS A 49 -2.83 7.46 -7.54
C LYS A 49 -1.36 7.37 -7.11
N VAL A 50 -1.15 6.80 -5.95
CA VAL A 50 0.17 6.60 -5.41
C VAL A 50 0.90 5.50 -6.18
N GLU A 51 0.21 4.41 -6.43
CA GLU A 51 0.74 3.29 -7.20
C GLU A 51 1.16 3.79 -8.57
N GLY A 52 0.31 4.60 -9.17
CA GLY A 52 0.57 5.19 -10.46
C GLY A 52 1.83 6.02 -10.45
N ASP A 53 2.02 6.76 -9.38
CA ASP A 53 3.21 7.60 -9.20
C ASP A 53 4.49 6.77 -9.20
N MET A 54 4.51 5.77 -8.36
CA MET A 54 5.68 4.88 -8.29
C MET A 54 5.84 4.05 -9.54
N TYR A 55 4.73 3.75 -10.18
CA TYR A 55 4.71 3.02 -11.42
C TYR A 55 5.44 3.86 -12.47
N GLU A 56 5.02 5.08 -12.64
CA GLU A 56 5.61 5.95 -13.67
C GLU A 56 7.03 6.40 -13.28
N SER A 57 7.33 6.36 -12.01
CA SER A 57 8.62 6.79 -11.53
C SER A 57 9.72 5.75 -11.80
N ALA A 58 9.40 4.48 -11.56
CA ALA A 58 10.38 3.40 -11.64
C ALA A 58 10.84 3.09 -13.07
N ASN A 59 11.96 2.39 -13.15
CA ASN A 59 12.53 1.99 -14.45
C ASN A 59 12.25 0.51 -14.71
N SER A 60 11.49 -0.09 -13.81
CA SER A 60 11.02 -1.45 -13.95
C SER A 60 9.84 -1.65 -13.07
N ARG A 61 9.05 -2.66 -13.35
CA ARG A 61 7.94 -2.95 -12.47
C ARG A 61 8.47 -3.53 -11.18
N ASP A 62 9.65 -4.12 -11.26
CA ASP A 62 10.29 -4.70 -10.11
C ASP A 62 10.68 -3.59 -9.17
N GLU A 63 11.30 -2.55 -9.72
CA GLU A 63 11.68 -1.38 -8.96
C GLU A 63 10.46 -0.68 -8.39
N TYR A 64 9.41 -0.54 -9.19
CA TYR A 64 8.21 0.15 -8.76
C TYR A 64 7.55 -0.61 -7.62
N TYR A 65 7.40 -1.90 -7.79
CA TYR A 65 6.84 -2.76 -6.80
C TYR A 65 7.69 -2.73 -5.54
N HIS A 66 8.98 -2.83 -5.70
CA HIS A 66 9.86 -2.85 -4.56
C HIS A 66 9.91 -1.55 -3.81
N LEU A 67 9.96 -0.43 -4.51
CA LEU A 67 10.03 0.86 -3.81
C LEU A 67 8.69 1.18 -3.13
N LEU A 68 7.59 0.72 -3.74
CA LEU A 68 6.30 0.95 -3.15
C LEU A 68 6.14 0.03 -1.95
N ALA A 69 6.76 -1.15 -2.05
CA ALA A 69 6.80 -2.11 -0.99
C ALA A 69 7.60 -1.53 0.18
N GLU A 70 8.65 -0.78 -0.13
CA GLU A 70 9.47 -0.13 0.89
C GLU A 70 8.65 0.92 1.64
N LYS A 71 7.90 1.68 0.88
CA LYS A 71 7.11 2.75 1.44
C LYS A 71 5.95 2.18 2.27
N ILE A 72 5.32 1.12 1.78
CA ILE A 72 4.20 0.54 2.49
C ILE A 72 4.71 -0.11 3.79
N TYR A 73 5.90 -0.66 3.69
CA TYR A 73 6.61 -1.32 4.76
C TYR A 73 6.77 -0.35 5.93
N LYS A 74 7.34 0.82 5.64
CA LYS A 74 7.57 1.80 6.68
C LYS A 74 6.25 2.31 7.24
N ILE A 75 5.22 2.39 6.40
CA ILE A 75 3.91 2.83 6.84
C ILE A 75 3.33 1.85 7.86
N GLN A 76 3.55 0.57 7.64
CA GLN A 76 2.98 -0.44 8.52
C GLN A 76 3.63 -0.40 9.88
N LYS A 77 4.93 -0.29 9.90
CA LYS A 77 5.58 -0.19 11.17
C LYS A 77 5.35 1.16 11.83
N GLU A 78 5.14 2.18 11.00
CA GLU A 78 4.82 3.54 11.45
C GLU A 78 3.50 3.48 12.22
N LEU A 79 2.49 2.84 11.61
CA LEU A 79 1.17 2.75 12.20
C LEU A 79 1.19 1.97 13.50
N GLU A 80 1.92 0.88 13.51
CA GLU A 80 2.03 0.07 14.69
C GLU A 80 2.65 0.81 15.86
N GLU A 81 3.72 1.53 15.62
CA GLU A 81 4.37 2.26 16.70
C GLU A 81 3.58 3.51 17.09
N LYS A 82 2.91 4.15 16.12
CA LYS A 82 2.15 5.37 16.41
C LYS A 82 0.98 5.06 17.31
N ARG A 83 0.37 3.92 17.08
CA ARG A 83 -0.73 3.47 17.88
C ARG A 83 -0.26 2.91 19.22
N ARG A 84 0.86 2.19 19.22
CA ARG A 84 1.32 1.57 20.43
C ARG A 84 1.97 2.56 21.40
N SER A 85 3.03 3.22 20.99
CA SER A 85 3.79 4.09 21.90
C SER A 85 4.82 4.95 21.16
N ARG A 86 4.57 6.25 21.12
CA ARG A 86 5.50 7.24 20.62
C ARG A 86 5.01 8.65 20.94
N LEU A 87 3.70 8.83 20.91
CA LEU A 87 3.09 10.13 21.16
C LEU A 87 2.77 10.30 22.65
N GLY B 1 8.54 15.74 19.29
CA GLY B 1 8.83 16.24 17.96
C GLY B 1 7.57 16.41 17.16
N SER B 2 7.70 16.51 15.85
CA SER B 2 6.57 16.66 14.94
C SER B 2 5.82 17.99 15.15
N MET B 3 6.60 19.00 15.51
CA MET B 3 6.10 20.37 15.62
C MET B 3 6.15 21.00 14.24
N SER B 4 6.80 20.29 13.35
CA SER B 4 6.87 20.60 11.96
C SER B 4 6.85 19.28 11.24
N HIS B 5 5.73 18.95 10.64
CA HIS B 5 5.60 17.70 9.96
C HIS B 5 6.30 17.70 8.63
N TYR B 6 7.53 17.27 8.65
CA TYR B 6 8.30 17.07 7.48
C TYR B 6 9.17 15.88 7.75
N GLY B 7 9.17 14.95 6.82
CA GLY B 7 9.88 13.72 7.01
C GLY B 7 8.92 12.67 7.52
N ASN B 8 8.06 13.11 8.42
CA ASN B 8 7.03 12.28 8.95
C ASN B 8 5.66 12.80 8.62
N GLN B 9 5.33 12.69 7.35
CA GLN B 9 3.99 13.02 6.84
C GLN B 9 3.07 11.94 7.33
N THR B 10 3.65 10.77 7.36
CA THR B 10 3.04 9.54 7.71
C THR B 10 2.39 9.57 9.08
N LEU B 11 3.00 10.27 10.03
CA LEU B 11 2.48 10.33 11.38
C LEU B 11 1.05 10.87 11.43
N GLN B 12 0.87 12.12 11.03
CA GLN B 12 -0.45 12.74 11.10
C GLN B 12 -1.38 12.16 10.05
N ASP B 13 -0.82 11.83 8.89
CA ASP B 13 -1.59 11.28 7.78
C ASP B 13 -2.21 9.97 8.17
N LEU B 14 -1.37 9.04 8.55
CA LEU B 14 -1.78 7.71 8.87
C LEU B 14 -2.52 7.65 10.21
N LEU B 15 -2.33 8.65 11.04
CA LEU B 15 -3.11 8.77 12.28
C LEU B 15 -4.56 9.12 11.93
N THR B 16 -4.70 10.02 10.98
CA THR B 16 -6.01 10.46 10.54
C THR B 16 -6.70 9.33 9.72
N SER B 17 -5.93 8.69 8.84
CA SER B 17 -6.42 7.55 8.06
C SER B 17 -6.81 6.39 9.00
N ASP B 18 -6.08 6.25 10.10
CA ASP B 18 -6.33 5.23 11.12
C ASP B 18 -7.68 5.52 11.76
N SER B 19 -7.90 6.79 12.06
CA SER B 19 -9.13 7.26 12.66
C SER B 19 -10.33 7.03 11.72
N LEU B 20 -10.06 7.14 10.41
CA LEU B 20 -11.05 6.92 9.39
C LEU B 20 -11.54 5.47 9.43
N SER B 21 -10.64 4.54 9.67
CA SER B 21 -10.99 3.16 9.78
C SER B 21 -11.65 2.92 11.15
N HIS B 22 -11.04 3.49 12.20
CA HIS B 22 -11.57 3.52 13.57
C HIS B 22 -11.36 2.20 14.34
N SER B 23 -11.52 1.07 13.69
CA SER B 23 -11.38 -0.21 14.35
C SER B 23 -10.19 -0.98 13.80
N ASP B 24 -9.65 -1.88 14.60
CA ASP B 24 -8.47 -2.68 14.23
C ASP B 24 -8.84 -4.13 13.95
N GLY B 25 -8.24 -4.70 12.92
CA GLY B 25 -8.51 -6.08 12.56
C GLY B 25 -7.46 -6.61 11.62
N GLY B 26 -7.73 -7.77 11.05
CA GLY B 26 -6.79 -8.40 10.15
C GLY B 26 -7.21 -8.21 8.70
N GLY B 27 -6.26 -7.88 7.86
CA GLY B 27 -6.56 -7.63 6.47
C GLY B 27 -6.34 -8.84 5.59
N SER B 28 -7.17 -9.82 5.72
CA SER B 28 -7.10 -11.03 4.95
C SER B 28 -7.70 -10.81 3.54
N GLY B 29 -6.88 -10.90 2.52
CA GLY B 29 -7.34 -10.71 1.16
C GLY B 29 -6.27 -11.08 0.17
N GLY B 30 -6.67 -11.66 -0.95
CA GLY B 30 -5.69 -12.10 -1.93
C GLY B 30 -6.14 -11.81 -3.35
N GLY B 31 -6.03 -12.80 -4.21
CA GLY B 31 -6.40 -12.65 -5.60
C GLY B 31 -5.21 -12.30 -6.46
N SER B 32 -4.68 -13.26 -7.18
CA SER B 32 -3.53 -13.04 -8.05
C SER B 32 -3.74 -13.80 -9.37
N GLY B 33 -3.33 -13.18 -10.46
CA GLY B 33 -3.43 -13.78 -11.76
C GLY B 33 -2.21 -14.57 -12.12
N GLY B 34 -1.40 -14.05 -13.01
CA GLY B 34 -0.18 -14.72 -13.39
C GLY B 34 0.31 -14.33 -14.75
N GLY B 35 1.00 -13.23 -14.84
CA GLY B 35 1.53 -12.78 -16.10
C GLY B 35 3.04 -12.67 -16.06
N SER B 36 3.56 -12.15 -14.97
CA SER B 36 4.97 -12.00 -14.80
C SER B 36 5.34 -12.17 -13.31
N LEU B 37 4.74 -11.38 -12.44
CA LEU B 37 5.08 -11.43 -11.00
C LEU B 37 3.97 -12.10 -10.20
N GLU B 38 2.76 -11.83 -10.61
CA GLU B 38 1.54 -12.16 -9.88
C GLU B 38 1.17 -13.65 -9.82
N CYS B 39 1.85 -14.50 -10.60
CA CYS B 39 1.49 -15.92 -10.70
C CYS B 39 1.58 -16.64 -9.33
N ASP B 40 2.75 -16.61 -8.71
CA ASP B 40 2.93 -17.24 -7.39
C ASP B 40 3.80 -16.34 -6.55
N MET B 41 3.22 -15.25 -6.14
CA MET B 41 3.96 -14.23 -5.44
C MET B 41 3.76 -14.16 -3.94
N GLU B 42 2.55 -14.49 -3.47
CA GLU B 42 2.10 -14.23 -2.07
C GLU B 42 3.13 -14.40 -0.95
N SER B 43 3.88 -15.48 -0.93
CA SER B 43 4.90 -15.67 0.09
C SER B 43 5.99 -14.58 -0.03
N ILE B 44 6.53 -14.47 -1.24
CA ILE B 44 7.62 -13.55 -1.55
C ILE B 44 7.16 -12.11 -1.35
N ILE B 45 6.04 -11.77 -1.97
CA ILE B 45 5.52 -10.40 -1.92
C ILE B 45 5.27 -9.95 -0.49
N ARG B 46 4.67 -10.82 0.31
CA ARG B 46 4.35 -10.48 1.69
C ARG B 46 5.62 -10.17 2.47
N SER B 47 6.64 -11.02 2.32
CA SER B 47 7.89 -10.79 3.03
C SER B 47 8.65 -9.53 2.55
N GLU B 48 8.51 -9.18 1.28
CA GLU B 48 9.16 -7.99 0.73
C GLU B 48 8.35 -6.74 1.06
N LEU B 49 7.06 -6.94 1.14
CA LEU B 49 6.11 -5.88 1.37
C LEU B 49 6.24 -5.30 2.75
N MET B 50 6.16 -6.14 3.76
CA MET B 50 6.08 -5.63 5.11
C MET B 50 6.37 -6.71 6.15
N ASP B 51 6.23 -6.34 7.40
CA ASP B 51 6.36 -7.24 8.54
C ASP B 51 5.15 -6.95 9.38
N ALA B 52 5.19 -5.75 9.88
CA ALA B 52 4.25 -5.10 10.70
C ALA B 52 4.90 -3.79 10.91
N GLY A 1 0.27 7.60 -23.37
CA GLY A 1 0.59 6.39 -22.61
C GLY A 1 1.91 6.54 -21.93
N VAL A 2 2.34 5.52 -21.23
CA VAL A 2 3.60 5.57 -20.56
C VAL A 2 4.70 5.07 -21.49
N ARG A 3 5.72 5.89 -21.69
CA ARG A 3 6.79 5.53 -22.62
C ARG A 3 7.87 4.71 -21.94
N LYS A 4 7.45 3.58 -21.47
CA LYS A 4 8.29 2.67 -20.79
C LYS A 4 7.83 1.26 -21.06
N GLY A 5 8.62 0.57 -21.88
CA GLY A 5 8.30 -0.76 -22.40
C GLY A 5 7.93 -1.79 -21.35
N TRP A 6 8.43 -1.61 -20.15
CA TRP A 6 8.18 -2.53 -19.06
C TRP A 6 6.71 -2.57 -18.61
N HIS A 7 5.88 -1.71 -19.17
CA HIS A 7 4.46 -1.67 -18.81
C HIS A 7 3.76 -2.98 -19.22
N GLU A 8 4.34 -3.69 -20.15
CA GLU A 8 3.80 -4.96 -20.61
C GLU A 8 4.36 -6.10 -19.77
N HIS A 9 5.18 -5.73 -18.83
CA HIS A 9 5.82 -6.69 -17.95
C HIS A 9 5.18 -6.62 -16.58
N VAL A 10 4.13 -5.85 -16.49
CA VAL A 10 3.42 -5.63 -15.26
C VAL A 10 1.92 -5.70 -15.54
N THR A 11 1.30 -6.73 -15.04
CA THR A 11 -0.08 -6.98 -15.30
C THR A 11 -0.97 -6.14 -14.38
N GLN A 12 -2.19 -5.84 -14.85
CA GLN A 12 -3.17 -5.09 -14.09
C GLN A 12 -3.44 -5.77 -12.76
N ASP A 13 -3.47 -7.10 -12.75
CA ASP A 13 -3.66 -7.86 -11.51
C ASP A 13 -2.55 -7.66 -10.52
N LEU A 14 -1.32 -7.49 -11.01
CA LEU A 14 -0.17 -7.37 -10.12
C LEU A 14 -0.27 -6.04 -9.43
N ARG A 15 -0.43 -5.03 -10.22
CA ARG A 15 -0.48 -3.69 -9.72
C ARG A 15 -1.67 -3.44 -8.84
N SER A 16 -2.83 -3.93 -9.25
CA SER A 16 -4.03 -3.78 -8.48
C SER A 16 -3.90 -4.51 -7.14
N HIS A 17 -3.13 -5.59 -7.13
CA HIS A 17 -2.91 -6.34 -5.91
C HIS A 17 -2.04 -5.52 -4.95
N LEU A 18 -1.05 -4.85 -5.51
CA LEU A 18 -0.18 -3.97 -4.75
C LEU A 18 -0.96 -2.79 -4.21
N VAL A 19 -1.85 -2.25 -5.04
CA VAL A 19 -2.79 -1.17 -4.66
C VAL A 19 -3.64 -1.64 -3.46
N HIS A 20 -4.19 -2.83 -3.59
CA HIS A 20 -4.99 -3.48 -2.57
C HIS A 20 -4.23 -3.51 -1.23
N LYS A 21 -3.02 -4.02 -1.27
CA LYS A 21 -2.17 -4.09 -0.09
C LYS A 21 -1.84 -2.71 0.43
N LEU A 22 -1.55 -1.78 -0.48
CA LEU A 22 -1.29 -0.39 -0.13
C LEU A 22 -2.38 0.13 0.74
N VAL A 23 -3.63 -0.04 0.31
CA VAL A 23 -4.79 0.37 1.08
C VAL A 23 -4.81 -0.27 2.46
N GLN A 24 -4.67 -1.58 2.52
CA GLN A 24 -4.74 -2.31 3.81
C GLN A 24 -3.78 -1.73 4.85
N ALA A 25 -2.60 -1.33 4.40
CA ALA A 25 -1.63 -0.73 5.27
C ALA A 25 -1.88 0.76 5.51
N ILE A 26 -2.14 1.51 4.46
CA ILE A 26 -2.27 2.97 4.58
C ILE A 26 -3.62 3.32 5.21
N PHE A 27 -4.52 2.43 5.10
CA PHE A 27 -5.81 2.55 5.66
C PHE A 27 -6.12 1.28 6.43
N PRO A 28 -5.66 1.18 7.70
CA PRO A 28 -5.92 0.02 8.52
C PRO A 28 -7.43 -0.18 8.67
N THR A 29 -7.91 -1.18 8.00
CA THR A 29 -9.29 -1.46 7.92
C THR A 29 -9.77 -2.29 9.13
N PRO A 30 -11.03 -2.12 9.57
CA PRO A 30 -11.61 -2.92 10.64
C PRO A 30 -11.90 -4.36 10.17
N ASP A 31 -12.16 -4.51 8.88
CA ASP A 31 -12.50 -5.80 8.30
C ASP A 31 -12.17 -5.83 6.81
N PRO A 32 -12.05 -7.02 6.19
CA PRO A 32 -11.68 -7.12 4.79
C PRO A 32 -12.83 -6.84 3.81
N ALA A 33 -14.03 -6.62 4.31
CA ALA A 33 -15.15 -6.31 3.45
C ALA A 33 -15.35 -4.81 3.39
N ALA A 34 -14.75 -4.10 4.34
CA ALA A 34 -14.75 -2.63 4.31
C ALA A 34 -13.92 -2.17 3.12
N LEU A 35 -13.15 -3.10 2.62
CA LEU A 35 -12.27 -2.94 1.50
C LEU A 35 -13.03 -3.07 0.19
N LYS A 36 -14.34 -3.18 0.27
CA LYS A 36 -15.17 -3.16 -0.91
C LYS A 36 -16.37 -2.24 -0.71
N ASP A 37 -16.38 -1.52 0.40
CA ASP A 37 -17.47 -0.57 0.70
C ASP A 37 -17.18 0.77 0.05
N ARG A 38 -18.07 1.73 0.23
CA ARG A 38 -17.91 3.09 -0.33
C ARG A 38 -16.65 3.78 0.19
N ARG A 39 -16.17 3.35 1.34
CA ARG A 39 -14.95 3.89 1.93
C ARG A 39 -13.76 3.51 1.02
N MET A 40 -13.85 2.33 0.44
CA MET A 40 -12.83 1.77 -0.40
C MET A 40 -12.54 2.62 -1.59
N GLU A 41 -13.54 3.28 -2.17
CA GLU A 41 -13.29 4.06 -3.37
C GLU A 41 -12.26 5.18 -3.08
N ASN A 42 -12.28 5.71 -1.87
CA ASN A 42 -11.34 6.74 -1.46
C ASN A 42 -10.00 6.13 -1.13
N LEU A 43 -10.06 5.02 -0.42
CA LEU A 43 -8.85 4.32 0.01
C LEU A 43 -8.06 3.87 -1.21
N VAL A 44 -8.75 3.22 -2.12
CA VAL A 44 -8.17 2.70 -3.31
C VAL A 44 -7.78 3.84 -4.22
N ALA A 45 -8.54 4.95 -4.20
CA ALA A 45 -8.20 6.12 -5.01
C ALA A 45 -6.79 6.62 -4.68
N TYR A 46 -6.49 6.72 -3.40
CA TYR A 46 -5.13 7.07 -2.94
C TYR A 46 -4.14 6.01 -3.40
N ALA A 47 -4.48 4.77 -3.21
CA ALA A 47 -3.56 3.71 -3.54
C ALA A 47 -3.25 3.69 -5.03
N LYS A 48 -4.25 3.96 -5.84
CA LYS A 48 -4.11 4.03 -7.29
C LYS A 48 -3.25 5.19 -7.71
N LYS A 49 -3.45 6.34 -7.08
CA LYS A 49 -2.71 7.54 -7.42
C LYS A 49 -1.25 7.35 -7.02
N VAL A 50 -1.05 6.68 -5.90
CA VAL A 50 0.26 6.39 -5.38
C VAL A 50 0.96 5.36 -6.24
N GLU A 51 0.24 4.28 -6.54
CA GLU A 51 0.74 3.21 -7.37
C GLU A 51 1.16 3.75 -8.73
N GLY A 52 0.28 4.55 -9.34
CA GLY A 52 0.57 5.17 -10.62
C GLY A 52 1.76 6.09 -10.56
N ASP A 53 1.91 6.77 -9.44
CA ASP A 53 3.04 7.68 -9.20
C ASP A 53 4.36 6.90 -9.22
N MET A 54 4.43 5.85 -8.41
CA MET A 54 5.63 4.99 -8.36
C MET A 54 5.86 4.20 -9.63
N TYR A 55 4.79 3.87 -10.29
CA TYR A 55 4.83 3.19 -11.58
C TYR A 55 5.54 4.14 -12.59
N GLU A 56 5.21 5.40 -12.51
CA GLU A 56 5.81 6.43 -13.36
C GLU A 56 7.19 6.85 -12.89
N SER A 57 7.48 6.62 -11.66
CA SER A 57 8.75 6.99 -11.08
C SER A 57 9.81 5.88 -11.34
N ALA A 58 9.37 4.65 -11.44
CA ALA A 58 10.28 3.53 -11.62
C ALA A 58 10.59 3.23 -13.07
N ASN A 59 11.60 2.42 -13.29
CA ASN A 59 12.02 2.04 -14.64
C ASN A 59 11.85 0.53 -14.87
N SER A 60 11.26 -0.12 -13.92
CA SER A 60 10.90 -1.50 -14.03
C SER A 60 9.82 -1.75 -13.06
N ARG A 61 9.06 -2.78 -13.28
CA ARG A 61 8.01 -3.08 -12.36
C ARG A 61 8.56 -3.62 -11.07
N ASP A 62 9.74 -4.22 -11.15
CA ASP A 62 10.41 -4.74 -9.99
C ASP A 62 10.82 -3.59 -9.10
N GLU A 63 11.38 -2.54 -9.71
CA GLU A 63 11.73 -1.32 -9.01
C GLU A 63 10.50 -0.66 -8.41
N TYR A 64 9.44 -0.54 -9.20
CA TYR A 64 8.23 0.14 -8.74
C TYR A 64 7.58 -0.63 -7.60
N TYR A 65 7.44 -1.94 -7.78
CA TYR A 65 6.90 -2.84 -6.77
C TYR A 65 7.74 -2.78 -5.52
N HIS A 66 9.06 -2.83 -5.67
CA HIS A 66 9.97 -2.83 -4.53
C HIS A 66 9.88 -1.52 -3.74
N LEU A 67 9.97 -0.40 -4.40
CA LEU A 67 9.98 0.88 -3.68
C LEU A 67 8.62 1.17 -3.02
N LEU A 68 7.53 0.71 -3.66
CA LEU A 68 6.21 0.90 -3.11
C LEU A 68 6.03 -0.06 -1.93
N ALA A 69 6.63 -1.24 -2.08
CA ALA A 69 6.67 -2.28 -1.06
C ALA A 69 7.42 -1.76 0.16
N GLU A 70 8.43 -1.01 -0.12
CA GLU A 70 9.22 -0.38 0.92
C GLU A 70 8.40 0.61 1.69
N LYS A 71 7.64 1.41 0.97
CA LYS A 71 6.84 2.42 1.61
C LYS A 71 5.71 1.78 2.44
N ILE A 72 5.06 0.76 1.89
CA ILE A 72 3.97 0.13 2.63
C ILE A 72 4.49 -0.52 3.92
N TYR A 73 5.61 -1.20 3.80
CA TYR A 73 6.27 -1.89 4.86
C TYR A 73 6.54 -0.94 6.03
N LYS A 74 7.21 0.18 5.73
CA LYS A 74 7.57 1.16 6.73
C LYS A 74 6.31 1.81 7.33
N ILE A 75 5.26 1.93 6.52
CA ILE A 75 4.00 2.50 6.94
C ILE A 75 3.31 1.60 7.95
N GLN A 76 3.35 0.29 7.71
CA GLN A 76 2.69 -0.64 8.62
C GLN A 76 3.38 -0.61 9.96
N LYS A 77 4.70 -0.52 9.93
CA LYS A 77 5.42 -0.36 11.17
C LYS A 77 5.29 1.00 11.81
N GLU A 78 5.04 2.00 11.00
CA GLU A 78 4.80 3.34 11.46
C GLU A 78 3.52 3.34 12.26
N LEU A 79 2.46 2.80 11.67
CA LEU A 79 1.17 2.74 12.33
C LEU A 79 1.21 1.89 13.60
N GLU A 80 1.98 0.80 13.57
CA GLU A 80 2.06 -0.05 14.73
C GLU A 80 2.73 0.69 15.90
N GLU A 81 3.83 1.39 15.63
CA GLU A 81 4.54 2.08 16.71
C GLU A 81 3.76 3.28 17.22
N LYS A 82 3.18 4.08 16.30
CA LYS A 82 2.45 5.29 16.66
C LYS A 82 1.25 5.01 17.53
N ARG A 83 0.46 4.02 17.15
CA ARG A 83 -0.72 3.71 17.88
C ARG A 83 -0.37 2.94 19.17
N ARG A 84 0.69 2.11 19.12
CA ARG A 84 1.07 1.29 20.27
C ARG A 84 1.62 2.12 21.43
N SER A 85 2.68 2.91 21.17
CA SER A 85 3.29 3.68 22.23
C SER A 85 4.25 4.75 21.70
N ARG A 86 3.70 5.93 21.46
CA ARG A 86 4.42 7.16 21.16
C ARG A 86 3.42 8.29 20.95
N LEU A 87 2.24 7.96 20.44
CA LEU A 87 1.15 8.93 20.31
C LEU A 87 -0.08 8.45 21.04
N GLY B 1 8.08 25.87 14.23
CA GLY B 1 7.15 24.82 13.89
C GLY B 1 6.95 24.75 12.39
N SER B 2 7.98 25.17 11.68
CA SER B 2 7.97 25.23 10.24
C SER B 2 8.01 23.81 9.64
N MET B 3 8.72 22.91 10.28
CA MET B 3 8.82 21.53 9.80
C MET B 3 7.76 20.67 10.43
N SER B 4 7.04 21.22 11.39
CA SER B 4 5.97 20.51 12.04
C SER B 4 4.88 20.20 11.04
N HIS B 5 4.52 18.91 10.97
CA HIS B 5 3.48 18.38 10.06
C HIS B 5 3.96 18.25 8.62
N TYR B 6 4.84 19.14 8.21
CA TYR B 6 5.40 19.11 6.87
C TYR B 6 6.54 18.13 6.79
N GLY B 7 7.06 17.76 7.93
CA GLY B 7 8.06 16.75 7.98
C GLY B 7 7.37 15.42 8.11
N ASN B 8 6.77 15.19 9.25
CA ASN B 8 6.06 13.96 9.51
C ASN B 8 4.65 14.01 8.99
N GLN B 9 4.57 14.07 7.69
CA GLN B 9 3.34 14.07 6.95
C GLN B 9 2.67 12.72 7.09
N THR B 10 3.48 11.68 6.97
CA THR B 10 3.04 10.30 7.09
C THR B 10 2.39 10.04 8.43
N LEU B 11 2.95 10.63 9.48
CA LEU B 11 2.46 10.48 10.84
C LEU B 11 0.99 10.93 10.91
N GLN B 12 0.72 12.16 10.45
CA GLN B 12 -0.64 12.71 10.49
C GLN B 12 -1.56 12.04 9.48
N ASP B 13 -1.06 11.80 8.25
CA ASP B 13 -1.88 11.14 7.20
C ASP B 13 -2.36 9.82 7.69
N LEU B 14 -1.41 9.00 8.10
CA LEU B 14 -1.70 7.68 8.51
C LEU B 14 -2.46 7.65 9.83
N LEU B 15 -2.33 8.67 10.67
CA LEU B 15 -3.14 8.71 11.91
C LEU B 15 -4.60 9.01 11.57
N THR B 16 -4.81 9.84 10.55
CA THR B 16 -6.14 10.17 10.07
C THR B 16 -6.80 8.89 9.50
N SER B 17 -5.98 8.08 8.87
CA SER B 17 -6.40 6.81 8.33
C SER B 17 -6.55 5.76 9.46
N ASP B 18 -5.66 5.83 10.42
CA ASP B 18 -5.61 4.94 11.59
C ASP B 18 -6.91 4.98 12.35
N SER B 19 -7.48 6.16 12.39
CA SER B 19 -8.75 6.44 13.03
C SER B 19 -9.94 5.68 12.36
N LEU B 20 -9.70 5.08 11.19
CA LEU B 20 -10.71 4.28 10.49
C LEU B 20 -11.05 3.05 11.33
N SER B 21 -10.03 2.26 11.62
CA SER B 21 -10.19 1.11 12.46
C SER B 21 -10.27 1.50 13.92
N HIS B 22 -9.35 2.41 14.32
CA HIS B 22 -9.19 2.88 15.70
C HIS B 22 -8.58 1.78 16.58
N SER B 23 -9.23 0.65 16.61
CA SER B 23 -8.79 -0.47 17.35
C SER B 23 -8.52 -1.60 16.34
N ASP B 24 -7.56 -2.48 16.69
CA ASP B 24 -7.09 -3.61 15.84
C ASP B 24 -6.13 -3.14 14.75
N GLY B 25 -4.99 -3.79 14.66
CA GLY B 25 -3.98 -3.42 13.69
C GLY B 25 -3.05 -4.58 13.40
N GLY B 26 -1.85 -4.27 12.97
CA GLY B 26 -0.90 -5.30 12.62
C GLY B 26 0.39 -5.21 13.38
N GLY B 27 1.24 -6.18 13.18
CA GLY B 27 2.52 -6.21 13.83
C GLY B 27 3.33 -7.38 13.36
N SER B 28 4.12 -7.18 12.36
CA SER B 28 4.95 -8.21 11.78
C SER B 28 6.12 -7.56 11.05
N GLY B 29 7.04 -8.36 10.60
CA GLY B 29 8.15 -7.87 9.85
C GLY B 29 8.10 -8.37 8.45
N GLY B 30 9.20 -8.90 7.99
CA GLY B 30 9.27 -9.43 6.67
C GLY B 30 10.33 -10.47 6.57
N GLY B 31 11.28 -10.23 5.70
CA GLY B 31 12.36 -11.16 5.49
C GLY B 31 13.06 -10.84 4.20
N SER B 32 13.34 -11.85 3.43
CA SER B 32 14.00 -11.68 2.17
C SER B 32 13.54 -12.76 1.20
N GLY B 33 12.69 -12.39 0.29
CA GLY B 33 12.16 -13.32 -0.66
C GLY B 33 12.33 -12.85 -2.07
N GLY B 34 12.19 -13.76 -3.01
CA GLY B 34 12.29 -13.42 -4.40
C GLY B 34 12.19 -14.66 -5.23
N GLY B 35 11.73 -14.53 -6.45
CA GLY B 35 11.61 -15.67 -7.32
C GLY B 35 10.65 -15.39 -8.46
N SER B 36 9.47 -15.00 -8.11
CA SER B 36 8.44 -14.67 -9.05
C SER B 36 7.49 -13.75 -8.33
N LEU B 37 6.89 -12.82 -9.03
CA LEU B 37 6.00 -11.90 -8.38
C LEU B 37 4.53 -12.20 -8.69
N GLU B 38 4.14 -12.21 -9.94
CA GLU B 38 2.73 -12.36 -10.27
C GLU B 38 2.24 -13.80 -10.30
N CYS B 39 3.13 -14.76 -10.40
CA CYS B 39 2.73 -16.17 -10.42
C CYS B 39 2.28 -16.61 -9.01
N ASP B 40 3.20 -16.53 -8.07
CA ASP B 40 2.89 -16.79 -6.67
C ASP B 40 3.73 -15.87 -5.84
N MET B 41 3.07 -14.93 -5.24
CA MET B 41 3.75 -13.89 -4.52
C MET B 41 3.71 -14.10 -3.04
N GLU B 42 2.62 -14.68 -2.58
CA GLU B 42 2.24 -14.88 -1.17
C GLU B 42 3.39 -14.74 -0.13
N SER B 43 4.31 -15.68 -0.11
CA SER B 43 5.38 -15.68 0.90
C SER B 43 6.41 -14.58 0.62
N ILE B 44 6.70 -14.40 -0.66
CA ILE B 44 7.68 -13.44 -1.12
C ILE B 44 7.22 -12.03 -0.82
N ILE B 45 6.02 -11.71 -1.26
CA ILE B 45 5.46 -10.39 -1.10
C ILE B 45 5.24 -10.09 0.38
N ARG B 46 4.95 -11.12 1.16
CA ARG B 46 4.85 -10.97 2.59
C ARG B 46 6.18 -10.47 3.17
N SER B 47 7.26 -11.14 2.83
CA SER B 47 8.57 -10.77 3.34
C SER B 47 9.09 -9.43 2.78
N GLU B 48 8.85 -9.20 1.51
CA GLU B 48 9.34 -8.00 0.84
C GLU B 48 8.48 -6.78 1.10
N LEU B 49 7.21 -6.93 0.84
CA LEU B 49 6.28 -5.82 0.86
C LEU B 49 5.54 -5.70 2.17
N MET B 50 5.55 -6.75 2.97
CA MET B 50 4.85 -6.80 4.24
C MET B 50 3.38 -7.08 4.04
N ASP B 51 2.98 -8.24 4.45
CA ASP B 51 1.59 -8.66 4.33
C ASP B 51 0.97 -8.72 5.69
N ALA B 52 1.54 -9.56 6.51
CA ALA B 52 1.19 -9.83 7.89
C ALA B 52 1.88 -11.12 8.24
N GLY A 1 4.01 11.32 -22.66
CA GLY A 1 3.99 9.91 -22.33
C GLY A 1 5.39 9.43 -22.08
N VAL A 2 5.58 8.69 -21.02
CA VAL A 2 6.89 8.17 -20.70
C VAL A 2 7.12 6.83 -21.38
N ARG A 3 8.28 6.66 -21.96
CA ARG A 3 8.61 5.42 -22.64
C ARG A 3 9.14 4.40 -21.69
N LYS A 4 8.30 3.46 -21.35
CA LYS A 4 8.69 2.38 -20.52
C LYS A 4 7.86 1.13 -20.79
N GLY A 5 8.34 0.36 -21.75
CA GLY A 5 7.67 -0.84 -22.23
C GLY A 5 7.55 -1.95 -21.22
N TRP A 6 8.11 -1.76 -20.04
CA TRP A 6 7.98 -2.74 -18.99
C TRP A 6 6.54 -2.81 -18.49
N HIS A 7 5.70 -1.83 -18.89
CA HIS A 7 4.28 -1.84 -18.54
C HIS A 7 3.59 -3.09 -19.12
N GLU A 8 4.17 -3.65 -20.18
CA GLU A 8 3.63 -4.83 -20.81
C GLU A 8 4.00 -6.06 -20.00
N HIS A 9 4.79 -5.88 -18.98
CA HIS A 9 5.26 -6.97 -18.14
C HIS A 9 4.64 -6.90 -16.77
N VAL A 10 3.67 -6.05 -16.63
CA VAL A 10 3.00 -5.87 -15.38
C VAL A 10 1.50 -5.74 -15.63
N THR A 11 0.79 -6.74 -15.22
CA THR A 11 -0.63 -6.82 -15.43
C THR A 11 -1.36 -6.00 -14.38
N GLN A 12 -2.58 -5.59 -14.72
CA GLN A 12 -3.47 -4.86 -13.84
C GLN A 12 -3.62 -5.61 -12.51
N ASP A 13 -3.67 -6.92 -12.56
CA ASP A 13 -3.81 -7.72 -11.35
C ASP A 13 -2.65 -7.52 -10.38
N LEU A 14 -1.42 -7.38 -10.90
CA LEU A 14 -0.22 -7.26 -10.04
C LEU A 14 -0.27 -5.94 -9.36
N ARG A 15 -0.49 -4.94 -10.16
CA ARG A 15 -0.53 -3.61 -9.69
C ARG A 15 -1.69 -3.35 -8.75
N SER A 16 -2.87 -3.81 -9.12
CA SER A 16 -4.06 -3.61 -8.33
C SER A 16 -3.94 -4.40 -7.00
N HIS A 17 -3.16 -5.47 -7.03
CA HIS A 17 -2.86 -6.29 -5.85
C HIS A 17 -2.08 -5.43 -4.85
N LEU A 18 -1.05 -4.80 -5.37
CA LEU A 18 -0.20 -3.89 -4.61
C LEU A 18 -1.02 -2.68 -4.15
N VAL A 19 -1.89 -2.20 -5.00
CA VAL A 19 -2.84 -1.10 -4.70
C VAL A 19 -3.73 -1.45 -3.50
N HIS A 20 -4.35 -2.62 -3.58
CA HIS A 20 -5.22 -3.15 -2.54
C HIS A 20 -4.47 -3.18 -1.19
N LYS A 21 -3.25 -3.66 -1.24
CA LYS A 21 -2.40 -3.71 -0.08
C LYS A 21 -2.02 -2.33 0.40
N LEU A 22 -1.75 -1.42 -0.53
CA LEU A 22 -1.48 -0.02 -0.22
C LEU A 22 -2.55 0.53 0.66
N VAL A 23 -3.81 0.34 0.25
CA VAL A 23 -4.97 0.75 1.04
C VAL A 23 -4.89 0.16 2.43
N GLN A 24 -4.73 -1.16 2.53
CA GLN A 24 -4.68 -1.82 3.84
C GLN A 24 -3.69 -1.20 4.81
N ALA A 25 -2.56 -0.77 4.29
CA ALA A 25 -1.56 -0.13 5.11
C ALA A 25 -1.85 1.36 5.34
N ILE A 26 -2.20 2.08 4.29
CA ILE A 26 -2.38 3.53 4.38
C ILE A 26 -3.71 3.86 5.07
N PHE A 27 -4.58 2.92 5.03
CA PHE A 27 -5.87 3.02 5.61
C PHE A 27 -6.17 1.75 6.38
N PRO A 28 -5.81 1.70 7.70
CA PRO A 28 -6.11 0.55 8.54
C PRO A 28 -7.62 0.33 8.61
N THR A 29 -8.08 -0.62 7.83
CA THR A 29 -9.47 -0.87 7.66
C THR A 29 -10.12 -1.39 8.95
N PRO A 30 -11.34 -0.89 9.29
CA PRO A 30 -12.08 -1.34 10.47
C PRO A 30 -12.48 -2.81 10.36
N ASP A 31 -12.70 -3.24 9.13
CA ASP A 31 -13.16 -4.58 8.84
C ASP A 31 -12.87 -4.86 7.39
N PRO A 32 -12.63 -6.12 7.02
CA PRO A 32 -12.44 -6.50 5.62
C PRO A 32 -13.61 -6.07 4.70
N ALA A 33 -14.80 -5.90 5.25
CA ALA A 33 -15.93 -5.52 4.43
C ALA A 33 -15.90 -4.04 4.08
N ALA A 34 -15.04 -3.29 4.72
CA ALA A 34 -14.90 -1.87 4.40
C ALA A 34 -14.03 -1.72 3.17
N LEU A 35 -13.43 -2.83 2.77
CA LEU A 35 -12.54 -2.87 1.64
C LEU A 35 -13.31 -3.12 0.35
N LYS A 36 -14.61 -3.25 0.47
CA LYS A 36 -15.48 -3.45 -0.68
C LYS A 36 -16.68 -2.53 -0.59
N ASP A 37 -16.55 -1.56 0.28
CA ASP A 37 -17.58 -0.57 0.55
C ASP A 37 -17.32 0.65 -0.32
N ARG A 38 -18.15 1.65 -0.22
CA ARG A 38 -17.96 2.87 -0.97
C ARG A 38 -16.77 3.64 -0.43
N ARG A 39 -16.44 3.43 0.85
CA ARG A 39 -15.25 4.02 1.45
C ARG A 39 -14.02 3.57 0.65
N MET A 40 -14.10 2.35 0.16
CA MET A 40 -13.04 1.73 -0.59
C MET A 40 -12.71 2.49 -1.86
N GLU A 41 -13.69 3.07 -2.57
CA GLU A 41 -13.34 3.75 -3.83
C GLU A 41 -12.40 4.92 -3.56
N ASN A 42 -12.55 5.53 -2.39
CA ASN A 42 -11.73 6.64 -1.96
C ASN A 42 -10.35 6.15 -1.56
N LEU A 43 -10.33 5.09 -0.76
CA LEU A 43 -9.09 4.52 -0.25
C LEU A 43 -8.26 4.00 -1.41
N VAL A 44 -8.91 3.27 -2.30
CA VAL A 44 -8.27 2.68 -3.43
C VAL A 44 -7.90 3.77 -4.43
N ALA A 45 -8.67 4.86 -4.43
CA ALA A 45 -8.37 6.00 -5.30
C ALA A 45 -6.97 6.54 -4.99
N TYR A 46 -6.70 6.73 -3.69
CA TYR A 46 -5.34 7.11 -3.24
C TYR A 46 -4.33 6.05 -3.65
N ALA A 47 -4.67 4.81 -3.41
CA ALA A 47 -3.76 3.73 -3.70
C ALA A 47 -3.40 3.68 -5.18
N LYS A 48 -4.39 3.85 -6.02
CA LYS A 48 -4.23 3.86 -7.48
C LYS A 48 -3.39 5.06 -7.93
N LYS A 49 -3.60 6.20 -7.31
CA LYS A 49 -2.89 7.39 -7.71
C LYS A 49 -1.42 7.30 -7.30
N VAL A 50 -1.19 6.72 -6.14
CA VAL A 50 0.15 6.53 -5.63
C VAL A 50 0.86 5.42 -6.38
N GLU A 51 0.15 4.34 -6.62
CA GLU A 51 0.67 3.22 -7.38
C GLU A 51 1.06 3.70 -8.77
N GLY A 52 0.18 4.48 -9.38
CA GLY A 52 0.43 5.07 -10.69
C GLY A 52 1.68 5.91 -10.70
N ASP A 53 1.88 6.68 -9.64
CA ASP A 53 3.05 7.55 -9.48
C ASP A 53 4.35 6.72 -9.54
N MET A 54 4.43 5.71 -8.69
CA MET A 54 5.62 4.82 -8.66
C MET A 54 5.75 3.99 -9.90
N TYR A 55 4.63 3.61 -10.46
CA TYR A 55 4.55 2.88 -11.71
C TYR A 55 5.15 3.74 -12.84
N GLU A 56 4.83 5.00 -12.86
CA GLU A 56 5.38 5.88 -13.88
C GLU A 56 6.78 6.35 -13.52
N SER A 57 7.16 6.20 -12.29
CA SER A 57 8.47 6.65 -11.85
C SER A 57 9.56 5.58 -12.11
N ALA A 58 9.24 4.33 -11.79
CA ALA A 58 10.21 3.23 -11.88
C ALA A 58 10.59 2.86 -13.30
N ASN A 59 11.67 2.13 -13.42
CA ASN A 59 12.18 1.70 -14.72
C ASN A 59 11.91 0.24 -14.94
N SER A 60 11.31 -0.40 -13.95
CA SER A 60 10.94 -1.79 -14.04
C SER A 60 9.78 -2.03 -13.11
N ARG A 61 9.01 -3.07 -13.35
CA ARG A 61 7.90 -3.38 -12.45
C ARG A 61 8.39 -3.90 -11.14
N ASP A 62 9.48 -4.65 -11.18
CA ASP A 62 10.11 -5.14 -9.96
C ASP A 62 10.58 -3.96 -9.13
N GLU A 63 11.10 -2.95 -9.81
CA GLU A 63 11.55 -1.72 -9.18
C GLU A 63 10.39 -0.97 -8.55
N TYR A 64 9.32 -0.79 -9.32
CA TYR A 64 8.17 -0.07 -8.86
C TYR A 64 7.54 -0.80 -7.68
N TYR A 65 7.39 -2.11 -7.81
CA TYR A 65 6.89 -2.97 -6.76
C TYR A 65 7.79 -2.90 -5.53
N HIS A 66 9.11 -2.94 -5.75
CA HIS A 66 10.11 -2.90 -4.67
C HIS A 66 9.98 -1.62 -3.86
N LEU A 67 10.04 -0.49 -4.52
CA LEU A 67 10.03 0.79 -3.82
C LEU A 67 8.67 1.06 -3.14
N LEU A 68 7.58 0.60 -3.77
CA LEU A 68 6.28 0.81 -3.21
C LEU A 68 6.09 -0.12 -2.03
N ALA A 69 6.71 -1.29 -2.13
CA ALA A 69 6.70 -2.28 -1.08
C ALA A 69 7.41 -1.73 0.14
N GLU A 70 8.48 -1.01 -0.11
CA GLU A 70 9.25 -0.39 0.93
C GLU A 70 8.43 0.65 1.67
N LYS A 71 7.72 1.50 0.92
CA LYS A 71 6.91 2.52 1.55
C LYS A 71 5.72 1.92 2.28
N ILE A 72 5.07 0.92 1.70
CA ILE A 72 3.91 0.32 2.35
C ILE A 72 4.33 -0.36 3.66
N TYR A 73 5.41 -1.11 3.59
CA TYR A 73 5.99 -1.84 4.69
C TYR A 73 6.30 -0.89 5.87
N LYS A 74 6.99 0.22 5.59
CA LYS A 74 7.35 1.15 6.66
C LYS A 74 6.10 1.82 7.25
N ILE A 75 5.09 2.04 6.43
CA ILE A 75 3.84 2.59 6.87
C ILE A 75 3.16 1.62 7.84
N GLN A 76 3.24 0.33 7.54
CA GLN A 76 2.61 -0.69 8.37
C GLN A 76 3.20 -0.71 9.75
N LYS A 77 4.51 -0.67 9.83
CA LYS A 77 5.13 -0.65 11.13
C LYS A 77 4.91 0.64 11.88
N GLU A 78 4.78 1.74 11.16
CA GLU A 78 4.49 3.03 11.77
C GLU A 78 3.16 2.95 12.48
N LEU A 79 2.12 2.51 11.76
CA LEU A 79 0.78 2.44 12.31
C LEU A 79 0.69 1.51 13.51
N GLU A 80 1.32 0.35 13.43
CA GLU A 80 1.23 -0.58 14.52
C GLU A 80 1.99 -0.11 15.75
N GLU A 81 3.20 0.41 15.58
CA GLU A 81 3.94 0.83 16.75
C GLU A 81 3.39 2.12 17.34
N LYS A 82 2.85 3.01 16.49
CA LYS A 82 2.30 4.25 17.01
C LYS A 82 1.07 3.94 17.85
N ARG A 83 0.26 3.01 17.38
CA ARG A 83 -0.95 2.64 18.04
C ARG A 83 -0.68 1.71 19.25
N ARG A 84 0.42 1.00 19.22
CA ARG A 84 0.74 0.04 20.27
C ARG A 84 1.64 0.63 21.36
N SER A 85 2.82 1.11 20.99
CA SER A 85 3.77 1.52 22.00
C SER A 85 4.86 2.48 21.47
N ARG A 86 4.70 3.76 21.76
CA ARG A 86 5.74 4.75 21.56
C ARG A 86 5.42 6.04 22.32
N LEU A 87 4.13 6.35 22.43
CA LEU A 87 3.69 7.57 23.10
C LEU A 87 3.30 7.25 24.53
N GLY B 1 -0.39 24.02 13.86
CA GLY B 1 -0.57 23.13 12.74
C GLY B 1 0.41 21.98 12.79
N SER B 2 1.00 21.66 11.67
CA SER B 2 1.95 20.59 11.56
C SER B 2 3.26 20.99 12.23
N MET B 3 3.59 20.35 13.33
CA MET B 3 4.80 20.67 14.08
C MET B 3 6.00 20.05 13.39
N SER B 4 5.77 18.94 12.75
CA SER B 4 6.81 18.28 12.04
C SER B 4 6.79 18.73 10.58
N HIS B 5 7.67 19.65 10.23
CA HIS B 5 7.75 20.16 8.87
C HIS B 5 8.61 19.25 8.04
N TYR B 6 7.94 18.42 7.24
CA TYR B 6 8.57 17.44 6.33
C TYR B 6 9.33 16.31 7.03
N GLY B 7 9.35 16.34 8.33
CA GLY B 7 9.97 15.27 9.06
C GLY B 7 9.03 14.12 9.17
N ASN B 8 8.13 14.20 10.11
CA ASN B 8 7.17 13.13 10.32
C ASN B 8 5.83 13.44 9.68
N GLN B 9 5.78 13.21 8.39
CA GLN B 9 4.58 13.41 7.60
C GLN B 9 3.68 12.20 7.69
N THR B 10 4.30 11.05 7.61
CA THR B 10 3.65 9.80 7.59
C THR B 10 2.82 9.58 8.85
N LEU B 11 3.42 9.87 9.99
CA LEU B 11 2.80 9.70 11.29
C LEU B 11 1.48 10.44 11.38
N GLN B 12 1.47 11.70 11.00
CA GLN B 12 0.29 12.52 11.15
C GLN B 12 -0.81 12.16 10.15
N ASP B 13 -0.43 11.88 8.91
CA ASP B 13 -1.44 11.56 7.90
C ASP B 13 -2.01 10.17 8.14
N LEU B 14 -1.14 9.26 8.49
CA LEU B 14 -1.55 7.92 8.77
C LEU B 14 -2.29 7.87 10.10
N LEU B 15 -2.04 8.86 10.96
CA LEU B 15 -2.80 9.01 12.18
C LEU B 15 -4.23 9.37 11.84
N THR B 16 -4.41 10.23 10.87
CA THR B 16 -5.73 10.57 10.39
C THR B 16 -6.44 9.29 9.89
N SER B 17 -5.71 8.45 9.17
CA SER B 17 -6.23 7.16 8.71
C SER B 17 -6.50 6.21 9.91
N ASP B 18 -5.60 6.21 10.88
CA ASP B 18 -5.69 5.41 12.11
C ASP B 18 -6.92 5.82 12.91
N SER B 19 -7.26 7.08 12.81
CA SER B 19 -8.43 7.63 13.46
C SER B 19 -9.73 7.26 12.69
N LEU B 20 -9.57 6.83 11.43
CA LEU B 20 -10.68 6.41 10.59
C LEU B 20 -10.94 4.93 10.84
N SER B 21 -9.92 4.24 11.36
CA SER B 21 -9.96 2.81 11.58
C SER B 21 -11.12 2.44 12.49
N HIS B 22 -11.16 3.00 13.72
CA HIS B 22 -12.22 2.76 14.72
C HIS B 22 -12.25 1.33 15.28
N SER B 23 -12.19 0.35 14.37
CA SER B 23 -12.32 -1.08 14.65
C SER B 23 -13.80 -1.42 14.87
N ASP B 24 -14.43 -1.86 13.81
CA ASP B 24 -15.86 -2.16 13.77
C ASP B 24 -16.04 -3.30 12.80
N GLY B 25 -16.72 -4.34 13.22
CA GLY B 25 -16.80 -5.55 12.44
C GLY B 25 -18.04 -5.70 11.60
N GLY B 26 -17.87 -6.33 10.48
CA GLY B 26 -18.92 -6.65 9.56
C GLY B 26 -18.71 -8.03 9.01
N GLY B 27 -17.53 -8.26 8.49
CA GLY B 27 -17.14 -9.56 8.07
C GLY B 27 -17.31 -9.81 6.59
N SER B 28 -16.22 -10.18 5.93
CA SER B 28 -16.20 -10.52 4.51
C SER B 28 -14.93 -11.27 4.18
N GLY B 29 -14.87 -11.83 2.99
CA GLY B 29 -13.69 -12.52 2.54
C GLY B 29 -12.77 -11.59 1.79
N GLY B 30 -12.55 -11.88 0.54
CA GLY B 30 -11.66 -11.08 -0.26
C GLY B 30 -10.55 -11.93 -0.83
N GLY B 31 -10.13 -11.62 -2.03
CA GLY B 31 -9.08 -12.41 -2.65
C GLY B 31 -8.16 -11.56 -3.49
N SER B 32 -6.91 -11.89 -3.49
CA SER B 32 -5.92 -11.18 -4.25
C SER B 32 -5.04 -12.18 -4.99
N GLY B 33 -5.11 -12.17 -6.30
CA GLY B 33 -4.31 -13.07 -7.08
C GLY B 33 -4.20 -12.57 -8.49
N GLY B 34 -3.32 -13.18 -9.25
CA GLY B 34 -3.13 -12.78 -10.61
C GLY B 34 -2.07 -11.71 -10.72
N GLY B 35 -1.54 -11.54 -11.91
CA GLY B 35 -0.56 -10.54 -12.12
C GLY B 35 0.50 -10.99 -13.07
N SER B 36 1.74 -10.84 -12.67
CA SER B 36 2.86 -11.20 -13.50
C SER B 36 3.94 -11.87 -12.64
N LEU B 37 4.27 -11.20 -11.55
CA LEU B 37 5.28 -11.64 -10.57
C LEU B 37 4.67 -12.69 -9.62
N GLU B 38 3.36 -12.76 -9.68
CA GLU B 38 2.49 -13.56 -8.80
C GLU B 38 2.77 -15.07 -8.73
N CYS B 39 3.58 -15.59 -9.62
CA CYS B 39 3.87 -17.03 -9.72
C CYS B 39 4.24 -17.63 -8.37
N ASP B 40 5.19 -17.02 -7.69
CA ASP B 40 5.54 -17.39 -6.34
C ASP B 40 6.14 -16.19 -5.68
N MET B 41 5.28 -15.27 -5.35
CA MET B 41 5.71 -14.01 -4.79
C MET B 41 5.52 -13.95 -3.30
N GLU B 42 4.66 -14.80 -2.78
CA GLU B 42 4.26 -14.83 -1.34
C GLU B 42 5.35 -14.56 -0.31
N SER B 43 6.44 -15.31 -0.33
CA SER B 43 7.46 -15.12 0.68
C SER B 43 8.20 -13.79 0.45
N ILE B 44 8.29 -13.39 -0.80
CA ILE B 44 8.97 -12.17 -1.18
C ILE B 44 8.11 -10.95 -0.81
N ILE B 45 6.81 -11.05 -1.11
CA ILE B 45 5.90 -9.96 -0.83
C ILE B 45 5.71 -9.81 0.68
N ARG B 46 5.78 -10.91 1.39
CA ARG B 46 5.75 -10.88 2.83
C ARG B 46 6.97 -10.10 3.34
N SER B 47 8.15 -10.61 3.02
CA SER B 47 9.41 -10.03 3.46
C SER B 47 9.54 -8.55 3.06
N GLU B 48 9.37 -8.27 1.80
CA GLU B 48 9.61 -6.95 1.26
C GLU B 48 8.47 -5.99 1.46
N LEU B 49 7.27 -6.43 1.18
CA LEU B 49 6.16 -5.52 1.11
C LEU B 49 5.41 -5.41 2.42
N MET B 50 5.30 -6.49 3.20
CA MET B 50 4.48 -6.40 4.38
C MET B 50 4.63 -7.60 5.29
N ASP B 51 5.25 -7.36 6.39
CA ASP B 51 5.49 -8.34 7.40
C ASP B 51 4.32 -8.44 8.34
N ALA B 52 4.13 -9.61 8.89
CA ALA B 52 3.06 -9.93 9.81
C ALA B 52 3.37 -11.29 10.37
N GLY A 1 10.55 12.13 -23.25
CA GLY A 1 9.35 11.32 -23.03
C GLY A 1 9.64 9.88 -23.29
N VAL A 2 8.98 9.00 -22.57
CA VAL A 2 9.21 7.57 -22.74
C VAL A 2 7.92 6.80 -22.85
N ARG A 3 8.02 5.70 -23.52
CA ARG A 3 7.01 4.72 -23.59
C ARG A 3 7.63 3.53 -22.91
N LYS A 4 7.24 3.31 -21.70
CA LYS A 4 7.91 2.33 -20.92
C LYS A 4 7.40 0.93 -21.17
N GLY A 5 8.17 0.22 -21.98
CA GLY A 5 7.83 -1.11 -22.45
C GLY A 5 7.67 -2.16 -21.37
N TRP A 6 8.11 -1.85 -20.17
CA TRP A 6 7.98 -2.77 -19.08
C TRP A 6 6.54 -2.88 -18.58
N HIS A 7 5.65 -2.07 -19.15
CA HIS A 7 4.23 -2.09 -18.78
C HIS A 7 3.59 -3.46 -19.11
N GLU A 8 4.19 -4.15 -20.04
CA GLU A 8 3.71 -5.46 -20.44
C GLU A 8 4.16 -6.51 -19.42
N HIS A 9 5.19 -6.15 -18.69
CA HIS A 9 5.85 -7.03 -17.73
C HIS A 9 5.21 -6.89 -16.37
N VAL A 10 4.19 -6.10 -16.30
CA VAL A 10 3.49 -5.85 -15.10
C VAL A 10 2.01 -5.98 -15.36
N THR A 11 1.37 -6.83 -14.62
CA THR A 11 -0.01 -7.11 -14.84
C THR A 11 -0.89 -6.12 -14.07
N GLN A 12 -2.11 -5.93 -14.58
CA GLN A 12 -3.13 -5.16 -13.88
C GLN A 12 -3.34 -5.76 -12.49
N ASP A 13 -3.39 -7.08 -12.46
CA ASP A 13 -3.57 -7.85 -11.24
C ASP A 13 -2.43 -7.62 -10.25
N LEU A 14 -1.23 -7.39 -10.77
CA LEU A 14 -0.05 -7.21 -9.92
C LEU A 14 -0.16 -5.86 -9.27
N ARG A 15 -0.37 -4.88 -10.10
CA ARG A 15 -0.46 -3.53 -9.65
C ARG A 15 -1.64 -3.29 -8.74
N SER A 16 -2.77 -3.85 -9.10
CA SER A 16 -3.97 -3.70 -8.30
C SER A 16 -3.79 -4.40 -6.95
N HIS A 17 -3.04 -5.50 -6.94
CA HIS A 17 -2.77 -6.23 -5.70
C HIS A 17 -1.96 -5.34 -4.76
N LEU A 18 -0.98 -4.68 -5.31
CA LEU A 18 -0.12 -3.77 -4.58
C LEU A 18 -0.93 -2.58 -4.09
N VAL A 19 -1.84 -2.10 -4.92
CA VAL A 19 -2.80 -1.02 -4.57
C VAL A 19 -3.63 -1.45 -3.35
N HIS A 20 -4.21 -2.64 -3.44
CA HIS A 20 -5.00 -3.25 -2.39
C HIS A 20 -4.23 -3.27 -1.06
N LYS A 21 -2.99 -3.68 -1.14
CA LYS A 21 -2.12 -3.73 0.00
C LYS A 21 -1.75 -2.36 0.51
N LEU A 22 -1.47 -1.45 -0.43
CA LEU A 22 -1.20 -0.06 -0.11
C LEU A 22 -2.28 0.49 0.78
N VAL A 23 -3.53 0.28 0.36
CA VAL A 23 -4.72 0.65 1.12
C VAL A 23 -4.65 0.05 2.50
N GLN A 24 -4.46 -1.25 2.59
CA GLN A 24 -4.43 -1.96 3.88
C GLN A 24 -3.48 -1.32 4.90
N ALA A 25 -2.34 -0.87 4.44
CA ALA A 25 -1.38 -0.23 5.30
C ALA A 25 -1.71 1.23 5.55
N ILE A 26 -2.03 1.96 4.49
CA ILE A 26 -2.24 3.40 4.61
C ILE A 26 -3.60 3.68 5.26
N PHE A 27 -4.45 2.72 5.15
CA PHE A 27 -5.75 2.74 5.69
C PHE A 27 -6.06 1.40 6.33
N PRO A 28 -5.72 1.21 7.62
CA PRO A 28 -6.09 0.01 8.34
C PRO A 28 -7.60 -0.18 8.27
N THR A 29 -8.01 -1.21 7.59
CA THR A 29 -9.40 -1.45 7.39
C THR A 29 -10.04 -2.03 8.66
N PRO A 30 -11.25 -1.54 9.03
CA PRO A 30 -11.98 -2.03 10.21
C PRO A 30 -12.57 -3.42 9.97
N ASP A 31 -12.82 -3.73 8.72
CA ASP A 31 -13.44 -4.98 8.32
C ASP A 31 -12.96 -5.29 6.94
N PRO A 32 -12.75 -6.54 6.60
CA PRO A 32 -12.38 -6.93 5.25
C PRO A 32 -13.45 -6.55 4.20
N ALA A 33 -14.68 -6.36 4.61
CA ALA A 33 -15.72 -5.97 3.69
C ALA A 33 -15.72 -4.46 3.47
N ALA A 34 -14.86 -3.76 4.19
CA ALA A 34 -14.69 -2.34 3.96
C ALA A 34 -13.77 -2.15 2.76
N LEU A 35 -13.20 -3.27 2.33
CA LEU A 35 -12.28 -3.30 1.20
C LEU A 35 -13.04 -3.51 -0.10
N LYS A 36 -14.33 -3.48 -0.03
CA LYS A 36 -15.17 -3.53 -1.23
C LYS A 36 -16.29 -2.50 -1.11
N ASP A 37 -16.13 -1.66 -0.14
CA ASP A 37 -17.17 -0.72 0.30
C ASP A 37 -17.03 0.60 -0.44
N ARG A 38 -17.90 1.54 -0.13
CA ARG A 38 -17.81 2.85 -0.70
C ARG A 38 -16.63 3.62 -0.10
N ARG A 39 -16.25 3.26 1.13
CA ARG A 39 -15.06 3.84 1.74
C ARG A 39 -13.83 3.38 0.96
N MET A 40 -13.93 2.17 0.36
CA MET A 40 -12.87 1.58 -0.40
C MET A 40 -12.50 2.44 -1.55
N GLU A 41 -13.48 3.02 -2.24
CA GLU A 41 -13.20 3.78 -3.46
C GLU A 41 -12.29 4.97 -3.17
N ASN A 42 -12.41 5.55 -1.99
CA ASN A 42 -11.55 6.65 -1.56
C ASN A 42 -10.16 6.13 -1.18
N LEU A 43 -10.15 5.02 -0.46
CA LEU A 43 -8.90 4.42 0.00
C LEU A 43 -8.09 3.96 -1.22
N VAL A 44 -8.75 3.28 -2.14
CA VAL A 44 -8.13 2.80 -3.35
C VAL A 44 -7.79 3.95 -4.27
N ALA A 45 -8.58 5.03 -4.22
CA ALA A 45 -8.29 6.24 -5.01
C ALA A 45 -6.87 6.72 -4.70
N TYR A 46 -6.56 6.86 -3.39
CA TYR A 46 -5.18 7.21 -2.96
C TYR A 46 -4.20 6.14 -3.44
N ALA A 47 -4.52 4.89 -3.21
CA ALA A 47 -3.60 3.83 -3.53
C ALA A 47 -3.29 3.77 -5.03
N LYS A 48 -4.29 4.02 -5.84
CA LYS A 48 -4.15 4.04 -7.30
C LYS A 48 -3.28 5.21 -7.72
N LYS A 49 -3.55 6.38 -7.16
CA LYS A 49 -2.82 7.59 -7.52
C LYS A 49 -1.34 7.46 -7.13
N VAL A 50 -1.12 6.83 -6.00
CA VAL A 50 0.21 6.59 -5.49
C VAL A 50 0.92 5.51 -6.29
N GLU A 51 0.20 4.44 -6.58
CA GLU A 51 0.71 3.32 -7.37
C GLU A 51 1.14 3.84 -8.74
N GLY A 52 0.28 4.67 -9.35
CA GLY A 52 0.59 5.28 -10.63
C GLY A 52 1.84 6.12 -10.57
N ASP A 53 1.96 6.87 -9.51
CA ASP A 53 3.14 7.71 -9.25
C ASP A 53 4.41 6.88 -9.29
N MET A 54 4.45 5.83 -8.50
CA MET A 54 5.62 4.96 -8.43
C MET A 54 5.83 4.13 -9.67
N TYR A 55 4.76 3.79 -10.33
CA TYR A 55 4.80 3.06 -11.57
C TYR A 55 5.54 3.93 -12.60
N GLU A 56 5.15 5.18 -12.67
CA GLU A 56 5.77 6.14 -13.58
C GLU A 56 7.16 6.58 -13.11
N SER A 57 7.38 6.48 -11.84
CA SER A 57 8.65 6.86 -11.24
C SER A 57 9.73 5.79 -11.55
N ALA A 58 9.29 4.55 -11.66
CA ALA A 58 10.20 3.45 -11.86
C ALA A 58 10.44 3.14 -13.32
N ASN A 59 11.45 2.34 -13.55
CA ASN A 59 11.83 1.93 -14.91
C ASN A 59 11.72 0.44 -15.08
N SER A 60 11.09 -0.17 -14.12
CA SER A 60 10.81 -1.57 -14.14
C SER A 60 9.79 -1.82 -13.10
N ARG A 61 9.06 -2.89 -13.25
CA ARG A 61 8.06 -3.21 -12.28
C ARG A 61 8.67 -3.68 -11.00
N ASP A 62 9.86 -4.28 -11.11
CA ASP A 62 10.60 -4.72 -9.95
C ASP A 62 10.93 -3.54 -9.08
N GLU A 63 11.44 -2.48 -9.71
CA GLU A 63 11.77 -1.24 -9.01
C GLU A 63 10.52 -0.63 -8.38
N TYR A 64 9.45 -0.54 -9.17
CA TYR A 64 8.23 0.09 -8.73
C TYR A 64 7.60 -0.68 -7.58
N TYR A 65 7.52 -2.00 -7.74
CA TYR A 65 7.01 -2.86 -6.72
C TYR A 65 7.91 -2.78 -5.47
N HIS A 66 9.22 -2.74 -5.68
CA HIS A 66 10.20 -2.60 -4.59
C HIS A 66 10.01 -1.31 -3.79
N LEU A 67 10.06 -0.18 -4.46
CA LEU A 67 10.01 1.10 -3.77
C LEU A 67 8.64 1.34 -3.10
N LEU A 68 7.57 0.83 -3.69
CA LEU A 68 6.25 1.00 -3.13
C LEU A 68 6.10 0.06 -1.93
N ALA A 69 6.78 -1.08 -2.02
CA ALA A 69 6.85 -2.04 -0.96
C ALA A 69 7.58 -1.45 0.24
N GLU A 70 8.56 -0.62 -0.04
CA GLU A 70 9.31 0.06 0.99
C GLU A 70 8.46 1.09 1.72
N LYS A 71 7.69 1.87 0.97
CA LYS A 71 6.84 2.88 1.60
C LYS A 71 5.71 2.23 2.42
N ILE A 72 5.14 1.13 1.90
CA ILE A 72 4.07 0.45 2.61
C ILE A 72 4.61 -0.17 3.91
N TYR A 73 5.76 -0.80 3.80
CA TYR A 73 6.44 -1.45 4.90
C TYR A 73 6.68 -0.47 6.07
N LYS A 74 7.27 0.70 5.76
CA LYS A 74 7.58 1.69 6.78
C LYS A 74 6.30 2.24 7.41
N ILE A 75 5.25 2.35 6.61
CA ILE A 75 3.98 2.82 7.08
C ILE A 75 3.34 1.80 8.03
N GLN A 76 3.50 0.52 7.73
CA GLN A 76 2.87 -0.50 8.56
C GLN A 76 3.52 -0.50 9.92
N LYS A 77 4.81 -0.38 9.96
CA LYS A 77 5.47 -0.30 11.22
C LYS A 77 5.24 1.01 11.94
N GLU A 78 5.01 2.08 11.18
CA GLU A 78 4.74 3.40 11.76
C GLU A 78 3.40 3.35 12.49
N LEU A 79 2.42 2.68 11.86
CA LEU A 79 1.11 2.54 12.45
C LEU A 79 1.16 1.69 13.70
N GLU A 80 1.83 0.55 13.67
CA GLU A 80 1.83 -0.32 14.85
C GLU A 80 2.62 0.31 16.01
N GLU A 81 3.70 1.03 15.72
CA GLU A 81 4.48 1.65 16.77
C GLU A 81 3.69 2.78 17.44
N LYS A 82 3.00 3.59 16.65
CA LYS A 82 2.23 4.70 17.22
C LYS A 82 1.04 4.19 17.98
N ARG A 83 0.50 3.11 17.48
CA ARG A 83 -0.73 2.55 17.95
C ARG A 83 -0.51 1.78 19.24
N ARG A 84 0.65 1.15 19.37
CA ARG A 84 0.90 0.32 20.52
C ARG A 84 1.91 0.93 21.48
N SER A 85 3.13 1.21 21.03
CA SER A 85 4.18 1.60 21.96
C SER A 85 5.35 2.39 21.34
N ARG A 86 5.23 3.70 21.36
CA ARG A 86 6.35 4.60 21.10
C ARG A 86 6.28 5.82 22.01
N LEU A 87 5.10 6.11 22.52
CA LEU A 87 4.91 7.13 23.55
C LEU A 87 4.32 6.48 24.78
N GLY B 1 0.29 24.17 13.48
CA GLY B 1 1.19 24.06 12.35
C GLY B 1 2.47 23.39 12.75
N SER B 2 2.63 23.23 14.04
CA SER B 2 3.82 22.61 14.59
C SER B 2 3.78 21.11 14.32
N MET B 3 2.57 20.56 14.28
CA MET B 3 2.34 19.16 14.00
C MET B 3 2.66 18.85 12.54
N SER B 4 2.61 19.87 11.71
CA SER B 4 2.89 19.71 10.32
C SER B 4 4.38 19.92 10.11
N HIS B 5 5.11 18.88 10.43
CA HIS B 5 6.58 18.87 10.39
C HIS B 5 7.09 18.79 8.96
N TYR B 6 6.24 18.29 8.06
CA TYR B 6 6.59 18.03 6.66
C TYR B 6 7.75 17.06 6.53
N GLY B 7 7.37 15.82 6.59
CA GLY B 7 8.26 14.71 6.58
C GLY B 7 7.70 13.66 7.51
N ASN B 8 7.27 14.09 8.68
CA ASN B 8 6.73 13.15 9.69
C ASN B 8 5.24 13.33 9.95
N GLN B 9 4.55 14.04 9.08
CA GLN B 9 3.08 14.24 9.26
C GLN B 9 2.34 12.95 8.93
N THR B 10 3.05 12.00 8.32
CA THR B 10 2.50 10.72 7.95
C THR B 10 1.98 10.00 9.18
N LEU B 11 2.59 10.30 10.33
CA LEU B 11 2.19 9.75 11.61
C LEU B 11 0.72 10.05 11.87
N GLN B 12 0.38 11.34 11.87
CA GLN B 12 -0.99 11.74 12.15
C GLN B 12 -1.91 11.47 10.97
N ASP B 13 -1.35 11.44 9.76
CA ASP B 13 -2.10 11.12 8.54
C ASP B 13 -2.60 9.67 8.65
N LEU B 14 -1.69 8.81 9.01
CA LEU B 14 -1.98 7.41 9.19
C LEU B 14 -2.81 7.22 10.46
N LEU B 15 -2.67 8.14 11.41
CA LEU B 15 -3.51 8.17 12.58
C LEU B 15 -4.94 8.52 12.18
N THR B 16 -5.08 9.39 11.19
CA THR B 16 -6.37 9.76 10.68
C THR B 16 -7.05 8.51 10.08
N SER B 17 -6.24 7.68 9.44
CA SER B 17 -6.69 6.40 8.94
C SER B 17 -7.06 5.46 10.13
N ASP B 18 -6.16 5.35 11.10
CA ASP B 18 -6.33 4.52 12.32
C ASP B 18 -7.61 4.90 13.07
N SER B 19 -7.91 6.17 13.07
CA SER B 19 -9.08 6.69 13.73
C SER B 19 -10.40 6.21 13.07
N LEU B 20 -10.36 5.72 11.82
CA LEU B 20 -11.57 5.17 11.22
C LEU B 20 -11.60 3.66 11.40
N SER B 21 -10.43 3.09 11.65
CA SER B 21 -10.28 1.68 11.79
C SER B 21 -10.75 1.19 13.16
N HIS B 22 -10.09 1.71 14.21
CA HIS B 22 -10.23 1.23 15.60
C HIS B 22 -9.84 -0.28 15.69
N SER B 23 -10.68 -1.10 15.12
CA SER B 23 -10.52 -2.52 15.11
C SER B 23 -9.96 -2.94 13.73
N ASP B 24 -9.21 -4.02 13.70
CA ASP B 24 -8.57 -4.44 12.45
C ASP B 24 -9.36 -5.53 11.80
N GLY B 25 -9.66 -5.33 10.54
CA GLY B 25 -10.36 -6.34 9.79
C GLY B 25 -9.43 -7.33 9.15
N GLY B 26 -8.18 -6.93 9.03
CA GLY B 26 -7.18 -7.77 8.40
C GLY B 26 -7.33 -7.78 6.89
N GLY B 27 -6.81 -8.80 6.27
CA GLY B 27 -6.92 -8.90 4.83
C GLY B 27 -5.74 -9.61 4.24
N SER B 28 -5.82 -10.92 4.18
CA SER B 28 -4.75 -11.72 3.64
C SER B 28 -4.65 -11.50 2.13
N GLY B 29 -3.48 -11.08 1.69
CA GLY B 29 -3.28 -10.80 0.30
C GLY B 29 -2.29 -11.74 -0.32
N GLY B 30 -2.77 -12.62 -1.15
CA GLY B 30 -1.93 -13.57 -1.82
C GLY B 30 -2.64 -14.16 -3.00
N GLY B 31 -2.67 -15.47 -3.06
CA GLY B 31 -3.33 -16.14 -4.14
C GLY B 31 -2.51 -16.11 -5.39
N SER B 32 -3.16 -15.96 -6.52
CA SER B 32 -2.50 -15.95 -7.79
C SER B 32 -3.33 -15.16 -8.81
N GLY B 33 -2.72 -14.18 -9.45
CA GLY B 33 -3.43 -13.42 -10.46
C GLY B 33 -3.38 -14.08 -11.82
N GLY B 34 -2.22 -14.11 -12.44
CA GLY B 34 -2.08 -14.80 -13.71
C GLY B 34 -1.69 -13.87 -14.83
N GLY B 35 -0.59 -13.18 -14.65
CA GLY B 35 -0.09 -12.30 -15.65
C GLY B 35 1.42 -12.28 -15.69
N SER B 36 2.06 -12.16 -14.52
CA SER B 36 3.51 -12.11 -14.45
C SER B 36 4.05 -12.44 -13.03
N LEU B 37 4.02 -11.46 -12.16
CA LEU B 37 4.61 -11.60 -10.82
C LEU B 37 3.57 -12.08 -9.82
N GLU B 38 2.38 -11.60 -9.99
CA GLU B 38 1.29 -11.77 -9.03
C GLU B 38 0.78 -13.21 -8.88
N CYS B 39 1.17 -14.08 -9.76
CA CYS B 39 0.73 -15.44 -9.72
C CYS B 39 1.44 -16.20 -8.57
N ASP B 40 2.69 -15.90 -8.34
CA ASP B 40 3.44 -16.58 -7.29
C ASP B 40 4.25 -15.58 -6.49
N MET B 41 3.56 -14.77 -5.72
CA MET B 41 4.20 -13.81 -4.85
C MET B 41 4.19 -14.24 -3.42
N GLU B 42 2.97 -14.53 -2.92
CA GLU B 42 2.62 -14.87 -1.51
C GLU B 42 3.74 -14.72 -0.45
N SER B 43 4.69 -15.61 -0.45
CA SER B 43 5.75 -15.61 0.55
C SER B 43 6.71 -14.42 0.37
N ILE B 44 7.08 -14.20 -0.88
CA ILE B 44 7.97 -13.12 -1.25
C ILE B 44 7.31 -11.80 -0.93
N ILE B 45 6.10 -11.60 -1.41
CA ILE B 45 5.41 -10.33 -1.21
C ILE B 45 5.11 -10.07 0.26
N ARG B 46 4.89 -11.12 1.03
CA ARG B 46 4.65 -10.97 2.44
C ARG B 46 5.90 -10.38 3.11
N SER B 47 7.02 -11.03 2.91
CA SER B 47 8.26 -10.59 3.49
C SER B 47 8.72 -9.25 2.90
N GLU B 48 8.58 -9.10 1.61
CA GLU B 48 9.05 -7.94 0.89
C GLU B 48 8.14 -6.72 0.99
N LEU B 49 6.88 -6.88 0.67
CA LEU B 49 5.97 -5.76 0.65
C LEU B 49 5.13 -5.67 1.92
N MET B 50 5.20 -6.72 2.73
CA MET B 50 4.56 -6.74 4.05
C MET B 50 3.06 -7.09 3.97
N ASP B 51 2.55 -7.69 5.02
CA ASP B 51 1.17 -8.18 5.06
C ASP B 51 0.68 -8.01 6.50
N ALA B 52 -0.49 -8.53 6.83
CA ALA B 52 -1.04 -8.39 8.15
C ALA B 52 -1.45 -9.75 8.68
N GLY A 1 1.97 10.12 -22.78
CA GLY A 1 2.02 8.97 -21.89
C GLY A 1 3.44 8.66 -21.53
N VAL A 2 3.67 7.53 -20.91
CA VAL A 2 5.01 7.14 -20.56
C VAL A 2 5.49 5.99 -21.45
N ARG A 3 6.63 6.13 -22.03
CA ARG A 3 7.19 5.11 -22.86
C ARG A 3 8.29 4.37 -22.16
N LYS A 4 7.89 3.35 -21.47
CA LYS A 4 8.77 2.47 -20.78
C LYS A 4 8.27 1.04 -20.95
N GLY A 5 8.98 0.31 -21.79
CA GLY A 5 8.60 -1.04 -22.28
C GLY A 5 8.32 -2.09 -21.23
N TRP A 6 8.72 -1.85 -20.00
CA TRP A 6 8.50 -2.81 -18.94
C TRP A 6 7.04 -2.87 -18.51
N HIS A 7 6.24 -1.90 -18.98
CA HIS A 7 4.80 -1.83 -18.67
C HIS A 7 4.04 -3.09 -19.15
N GLU A 8 4.66 -3.80 -20.06
CA GLU A 8 4.09 -5.04 -20.61
C GLU A 8 4.23 -6.18 -19.61
N HIS A 9 5.16 -6.03 -18.68
CA HIS A 9 5.47 -7.08 -17.72
C HIS A 9 4.85 -6.81 -16.38
N VAL A 10 3.95 -5.90 -16.35
CA VAL A 10 3.26 -5.55 -15.16
C VAL A 10 1.78 -5.43 -15.48
N THR A 11 1.03 -6.34 -14.97
CA THR A 11 -0.36 -6.42 -15.24
C THR A 11 -1.20 -5.78 -14.19
N GLN A 12 -2.46 -5.56 -14.55
CA GLN A 12 -3.41 -4.89 -13.71
C GLN A 12 -3.62 -5.62 -12.39
N ASP A 13 -3.58 -6.94 -12.41
CA ASP A 13 -3.83 -7.68 -11.18
C ASP A 13 -2.68 -7.55 -10.19
N LEU A 14 -1.45 -7.44 -10.71
CA LEU A 14 -0.25 -7.31 -9.88
C LEU A 14 -0.33 -6.00 -9.18
N ARG A 15 -0.56 -5.00 -9.95
CA ARG A 15 -0.61 -3.68 -9.46
C ARG A 15 -1.79 -3.45 -8.54
N SER A 16 -2.95 -3.95 -8.92
CA SER A 16 -4.15 -3.82 -8.12
C SER A 16 -3.99 -4.57 -6.78
N HIS A 17 -3.14 -5.59 -6.79
CA HIS A 17 -2.78 -6.36 -5.59
C HIS A 17 -2.02 -5.43 -4.64
N LEU A 18 -1.00 -4.81 -5.17
CA LEU A 18 -0.16 -3.86 -4.45
C LEU A 18 -0.99 -2.67 -3.97
N VAL A 19 -1.86 -2.20 -4.85
CA VAL A 19 -2.81 -1.12 -4.56
C VAL A 19 -3.69 -1.47 -3.33
N HIS A 20 -4.26 -2.67 -3.36
CA HIS A 20 -5.09 -3.21 -2.29
C HIS A 20 -4.32 -3.19 -0.96
N LYS A 21 -3.08 -3.57 -1.02
CA LYS A 21 -2.22 -3.56 0.12
C LYS A 21 -1.89 -2.16 0.58
N LEU A 22 -1.72 -1.25 -0.37
CA LEU A 22 -1.47 0.17 -0.06
C LEU A 22 -2.60 0.71 0.79
N VAL A 23 -3.82 0.34 0.44
CA VAL A 23 -5.01 0.62 1.23
C VAL A 23 -4.86 0.06 2.62
N GLN A 24 -4.54 -1.23 2.73
CA GLN A 24 -4.39 -1.86 4.05
C GLN A 24 -3.40 -1.15 4.98
N ALA A 25 -2.36 -0.58 4.39
CA ALA A 25 -1.39 0.18 5.15
C ALA A 25 -1.89 1.61 5.43
N ILE A 26 -2.46 2.27 4.45
CA ILE A 26 -2.93 3.65 4.70
C ILE A 26 -4.21 3.64 5.56
N PHE A 27 -4.96 2.63 5.40
CA PHE A 27 -6.20 2.49 6.03
C PHE A 27 -6.32 1.12 6.65
N PRO A 28 -6.00 0.99 7.97
CA PRO A 28 -6.12 -0.27 8.68
C PRO A 28 -7.58 -0.71 8.74
N THR A 29 -7.94 -1.53 7.79
CA THR A 29 -9.29 -1.99 7.61
C THR A 29 -9.75 -2.81 8.82
N PRO A 30 -10.96 -2.52 9.33
CA PRO A 30 -11.53 -3.23 10.48
C PRO A 30 -11.87 -4.67 10.13
N ASP A 31 -12.26 -4.88 8.90
CA ASP A 31 -12.67 -6.19 8.43
C ASP A 31 -12.35 -6.23 6.96
N PRO A 32 -12.00 -7.38 6.40
CA PRO A 32 -11.79 -7.52 4.96
C PRO A 32 -13.01 -7.10 4.11
N ALA A 33 -14.18 -7.02 4.73
CA ALA A 33 -15.37 -6.59 4.00
C ALA A 33 -15.48 -5.07 3.93
N ALA A 34 -14.60 -4.37 4.60
CA ALA A 34 -14.57 -2.91 4.49
C ALA A 34 -13.81 -2.53 3.23
N LEU A 35 -13.16 -3.53 2.67
CA LEU A 35 -12.34 -3.40 1.48
C LEU A 35 -13.22 -3.52 0.23
N LYS A 36 -14.50 -3.61 0.42
CA LYS A 36 -15.43 -3.70 -0.69
C LYS A 36 -16.60 -2.73 -0.46
N ASP A 37 -16.39 -1.79 0.43
CA ASP A 37 -17.39 -0.79 0.78
C ASP A 37 -17.19 0.43 -0.11
N ARG A 38 -18.05 1.41 0.03
CA ARG A 38 -17.91 2.65 -0.71
C ARG A 38 -16.72 3.45 -0.18
N ARG A 39 -16.38 3.25 1.10
CA ARG A 39 -15.21 3.87 1.69
C ARG A 39 -13.96 3.45 0.93
N MET A 40 -13.98 2.21 0.50
CA MET A 40 -12.91 1.59 -0.26
C MET A 40 -12.62 2.35 -1.55
N GLU A 41 -13.61 2.98 -2.18
CA GLU A 41 -13.31 3.68 -3.43
C GLU A 41 -12.34 4.85 -3.17
N ASN A 42 -12.47 5.45 -1.99
CA ASN A 42 -11.58 6.54 -1.54
C ASN A 42 -10.22 5.97 -1.20
N LEU A 43 -10.27 4.87 -0.49
CA LEU A 43 -9.11 4.13 -0.06
C LEU A 43 -8.24 3.76 -1.27
N VAL A 44 -8.87 3.08 -2.19
CA VAL A 44 -8.22 2.59 -3.35
C VAL A 44 -7.85 3.74 -4.28
N ALA A 45 -8.61 4.84 -4.21
CA ALA A 45 -8.32 6.04 -5.00
C ALA A 45 -6.92 6.54 -4.69
N TYR A 46 -6.61 6.67 -3.39
CA TYR A 46 -5.25 7.05 -2.95
C TYR A 46 -4.26 6.01 -3.40
N ALA A 47 -4.61 4.76 -3.19
CA ALA A 47 -3.72 3.68 -3.52
C ALA A 47 -3.32 3.73 -4.98
N LYS A 48 -4.31 3.92 -5.84
CA LYS A 48 -4.13 4.05 -7.28
C LYS A 48 -3.31 5.26 -7.68
N LYS A 49 -3.57 6.41 -7.06
CA LYS A 49 -2.87 7.65 -7.40
C LYS A 49 -1.37 7.51 -7.07
N VAL A 50 -1.12 6.90 -5.93
CA VAL A 50 0.22 6.69 -5.44
C VAL A 50 0.91 5.58 -6.23
N GLU A 51 0.21 4.49 -6.47
CA GLU A 51 0.71 3.36 -7.25
C GLU A 51 1.11 3.87 -8.64
N GLY A 52 0.22 4.67 -9.21
CA GLY A 52 0.45 5.27 -10.50
C GLY A 52 1.72 6.08 -10.54
N ASP A 53 1.93 6.86 -9.49
CA ASP A 53 3.14 7.67 -9.36
C ASP A 53 4.41 6.82 -9.41
N MET A 54 4.48 5.82 -8.55
CA MET A 54 5.65 4.92 -8.51
C MET A 54 5.80 4.08 -9.76
N TYR A 55 4.69 3.75 -10.37
CA TYR A 55 4.68 3.00 -11.61
C TYR A 55 5.33 3.86 -12.72
N GLU A 56 5.07 5.15 -12.70
CA GLU A 56 5.64 6.05 -13.68
C GLU A 56 7.07 6.46 -13.31
N SER A 57 7.39 6.38 -12.05
CA SER A 57 8.68 6.79 -11.54
C SER A 57 9.75 5.69 -11.77
N ALA A 58 9.39 4.44 -11.58
CA ALA A 58 10.34 3.33 -11.67
C ALA A 58 10.71 2.96 -13.11
N ASN A 59 11.82 2.27 -13.25
CA ASN A 59 12.29 1.81 -14.54
C ASN A 59 12.08 0.31 -14.73
N SER A 60 11.40 -0.29 -13.81
CA SER A 60 10.99 -1.66 -13.90
C SER A 60 9.86 -1.86 -12.99
N ARG A 61 9.06 -2.87 -13.24
CA ARG A 61 7.96 -3.15 -12.35
C ARG A 61 8.48 -3.70 -11.05
N ASP A 62 9.65 -4.29 -11.13
CA ASP A 62 10.32 -4.82 -9.98
C ASP A 62 10.73 -3.67 -9.09
N GLU A 63 11.34 -2.65 -9.69
CA GLU A 63 11.70 -1.45 -8.99
C GLU A 63 10.49 -0.77 -8.39
N TYR A 64 9.43 -0.61 -9.19
CA TYR A 64 8.23 0.06 -8.73
C TYR A 64 7.59 -0.70 -7.58
N TYR A 65 7.47 -2.01 -7.74
CA TYR A 65 6.92 -2.88 -6.72
C TYR A 65 7.79 -2.84 -5.47
N HIS A 66 9.08 -2.90 -5.64
CA HIS A 66 10.00 -2.93 -4.52
C HIS A 66 10.01 -1.61 -3.75
N LEU A 67 10.02 -0.49 -4.45
CA LEU A 67 10.08 0.82 -3.77
C LEU A 67 8.76 1.13 -3.08
N LEU A 68 7.65 0.72 -3.70
CA LEU A 68 6.36 0.98 -3.12
C LEU A 68 6.18 0.08 -1.91
N ALA A 69 6.77 -1.13 -2.02
CA ALA A 69 6.79 -2.08 -0.94
C ALA A 69 7.56 -1.54 0.24
N GLU A 70 8.63 -0.86 -0.05
CA GLU A 70 9.46 -0.26 0.96
C GLU A 70 8.71 0.77 1.76
N LYS A 71 8.05 1.68 1.05
CA LYS A 71 7.35 2.73 1.72
C LYS A 71 6.10 2.19 2.45
N ILE A 72 5.46 1.18 1.89
CA ILE A 72 4.30 0.62 2.53
C ILE A 72 4.69 -0.15 3.79
N TYR A 73 5.72 -0.98 3.68
CA TYR A 73 6.24 -1.81 4.75
C TYR A 73 6.61 -0.94 5.97
N LYS A 74 7.38 0.12 5.73
CA LYS A 74 7.79 1.01 6.80
C LYS A 74 6.55 1.67 7.42
N ILE A 75 5.59 2.04 6.57
CA ILE A 75 4.35 2.63 7.03
C ILE A 75 3.55 1.67 7.90
N GLN A 76 3.53 0.39 7.54
CA GLN A 76 2.81 -0.65 8.32
C GLN A 76 3.35 -0.68 9.75
N LYS A 77 4.66 -0.74 9.88
CA LYS A 77 5.26 -0.73 11.22
C LYS A 77 5.14 0.60 11.92
N GLU A 78 5.29 1.68 11.18
CA GLU A 78 5.14 3.03 11.72
C GLU A 78 3.73 3.19 12.28
N LEU A 79 2.74 2.72 11.51
CA LEU A 79 1.37 2.86 11.89
C LEU A 79 1.08 2.08 13.13
N GLU A 80 1.58 0.87 13.25
CA GLU A 80 1.32 0.07 14.42
C GLU A 80 1.99 0.60 15.67
N GLU A 81 3.21 1.03 15.56
CA GLU A 81 3.89 1.55 16.73
C GLU A 81 3.29 2.87 17.19
N LYS A 82 2.87 3.69 16.24
CA LYS A 82 2.24 4.97 16.58
C LYS A 82 0.82 4.74 17.12
N ARG A 83 0.21 3.67 16.66
CA ARG A 83 -1.15 3.30 17.02
C ARG A 83 -1.14 2.69 18.42
N ARG A 84 -0.05 2.01 18.74
CA ARG A 84 0.15 1.48 20.07
C ARG A 84 0.52 2.61 21.01
N SER A 85 1.63 3.31 20.69
CA SER A 85 2.18 4.44 21.45
C SER A 85 3.67 4.57 21.12
N ARG A 86 4.06 5.63 20.42
CA ARG A 86 5.48 5.88 20.23
C ARG A 86 5.87 7.27 20.73
N LEU A 87 4.88 8.15 20.85
CA LEU A 87 5.11 9.48 21.43
C LEU A 87 4.96 9.42 22.95
N GLY B 1 6.06 26.01 -3.73
CA GLY B 1 6.75 25.44 -2.60
C GLY B 1 6.16 24.11 -2.22
N SER B 2 6.47 23.61 -1.06
CA SER B 2 5.95 22.36 -0.63
C SER B 2 5.04 22.55 0.57
N MET B 3 3.75 22.48 0.34
CA MET B 3 2.78 22.69 1.40
C MET B 3 2.07 21.40 1.76
N SER B 4 2.06 20.47 0.83
CA SER B 4 1.41 19.20 1.03
C SER B 4 2.43 18.10 1.33
N HIS B 5 3.65 18.48 1.68
CA HIS B 5 4.68 17.51 1.98
C HIS B 5 5.77 18.14 2.81
N TYR B 6 6.12 17.51 3.90
CA TYR B 6 7.18 18.00 4.77
C TYR B 6 7.81 16.85 5.54
N GLY B 7 8.56 17.16 6.57
CA GLY B 7 9.30 16.15 7.31
C GLY B 7 8.41 15.14 8.00
N ASN B 8 8.14 14.03 7.30
CA ASN B 8 7.40 12.90 7.84
C ASN B 8 5.98 13.34 8.14
N GLN B 9 5.41 14.16 7.21
CA GLN B 9 4.02 14.59 7.37
C GLN B 9 3.11 13.35 7.34
N THR B 10 3.63 12.29 6.71
CA THR B 10 3.00 11.01 6.56
C THR B 10 2.57 10.41 7.91
N LEU B 11 3.33 10.69 8.97
CA LEU B 11 3.02 10.16 10.30
C LEU B 11 1.66 10.67 10.76
N GLN B 12 1.47 11.97 10.76
CA GLN B 12 0.22 12.54 11.20
C GLN B 12 -0.86 12.36 10.16
N ASP B 13 -0.47 12.28 8.88
CA ASP B 13 -1.41 12.00 7.80
C ASP B 13 -2.03 10.64 7.99
N LEU B 14 -1.17 9.67 8.22
CA LEU B 14 -1.60 8.32 8.44
C LEU B 14 -2.34 8.21 9.76
N LEU B 15 -2.01 9.06 10.72
CA LEU B 15 -2.74 9.10 11.99
C LEU B 15 -4.17 9.63 11.73
N THR B 16 -4.27 10.62 10.86
CA THR B 16 -5.56 11.18 10.47
C THR B 16 -6.40 10.11 9.75
N SER B 17 -5.72 9.32 8.93
CA SER B 17 -6.32 8.22 8.20
C SER B 17 -6.72 7.10 9.19
N ASP B 18 -5.83 6.84 10.14
CA ASP B 18 -5.96 5.84 11.21
C ASP B 18 -7.23 6.07 12.03
N SER B 19 -7.46 7.32 12.40
CA SER B 19 -8.63 7.72 13.16
C SER B 19 -9.94 7.43 12.42
N LEU B 20 -9.90 7.45 11.09
CA LEU B 20 -11.06 7.19 10.26
C LEU B 20 -11.45 5.71 10.41
N SER B 21 -10.45 4.86 10.51
CA SER B 21 -10.63 3.44 10.69
C SER B 21 -11.03 3.11 12.14
N HIS B 22 -10.93 4.12 13.01
CA HIS B 22 -11.32 4.08 14.43
C HIS B 22 -10.28 3.45 15.34
N SER B 23 -9.64 2.38 14.90
CA SER B 23 -8.62 1.75 15.70
C SER B 23 -7.72 0.87 14.84
N ASP B 24 -8.23 -0.30 14.50
CA ASP B 24 -7.44 -1.31 13.82
C ASP B 24 -8.37 -2.41 13.36
N GLY B 25 -7.83 -3.43 12.76
CA GLY B 25 -8.66 -4.51 12.30
C GLY B 25 -7.86 -5.68 11.82
N GLY B 26 -7.94 -5.96 10.55
CA GLY B 26 -7.25 -7.06 9.96
C GLY B 26 -7.81 -7.39 8.61
N GLY B 27 -7.06 -8.13 7.83
CA GLY B 27 -7.49 -8.51 6.50
C GLY B 27 -6.30 -8.87 5.63
N SER B 28 -5.30 -9.49 6.23
CA SER B 28 -4.08 -9.86 5.53
C SER B 28 -4.35 -10.99 4.53
N GLY B 29 -3.53 -11.07 3.50
CA GLY B 29 -3.68 -12.10 2.51
C GLY B 29 -2.84 -11.84 1.30
N GLY B 30 -3.07 -12.60 0.26
CA GLY B 30 -2.33 -12.45 -0.96
C GLY B 30 -3.26 -12.50 -2.15
N GLY B 31 -3.24 -13.60 -2.85
CA GLY B 31 -4.09 -13.76 -4.00
C GLY B 31 -3.31 -13.94 -5.28
N SER B 32 -2.35 -14.86 -5.26
CA SER B 32 -1.55 -15.15 -6.44
C SER B 32 -2.43 -15.82 -7.52
N GLY B 33 -2.29 -15.35 -8.74
CA GLY B 33 -3.07 -15.85 -9.84
C GLY B 33 -2.18 -16.41 -10.92
N GLY B 34 -2.44 -16.06 -12.16
CA GLY B 34 -1.65 -16.57 -13.24
C GLY B 34 -1.23 -15.49 -14.20
N GLY B 35 -0.42 -14.58 -13.74
CA GLY B 35 0.04 -13.51 -14.59
C GLY B 35 1.52 -13.21 -14.41
N SER B 36 1.92 -11.99 -14.76
CA SER B 36 3.31 -11.52 -14.76
C SER B 36 4.11 -11.87 -13.46
N LEU B 37 3.99 -11.06 -12.40
CA LEU B 37 4.67 -11.36 -11.13
C LEU B 37 3.68 -12.04 -10.21
N GLU B 38 2.43 -11.76 -10.50
CA GLU B 38 1.23 -12.17 -9.79
C GLU B 38 1.02 -13.70 -9.76
N CYS B 39 1.77 -14.46 -10.58
CA CYS B 39 1.65 -15.92 -10.64
C CYS B 39 1.88 -16.58 -9.26
N ASP B 40 3.04 -16.38 -8.69
CA ASP B 40 3.34 -16.91 -7.36
C ASP B 40 4.09 -15.87 -6.61
N MET B 41 3.41 -15.13 -5.81
CA MET B 41 4.07 -14.08 -5.07
C MET B 41 4.39 -14.54 -3.68
N GLU B 42 3.39 -15.14 -3.02
CA GLU B 42 3.42 -15.77 -1.67
C GLU B 42 4.50 -15.20 -0.71
N SER B 43 5.68 -15.73 -0.85
CA SER B 43 6.80 -15.44 0.00
C SER B 43 7.35 -14.04 -0.28
N ILE B 44 7.53 -13.75 -1.54
CA ILE B 44 8.05 -12.49 -2.01
C ILE B 44 7.08 -11.37 -1.64
N ILE B 45 5.77 -11.63 -1.81
CA ILE B 45 4.79 -10.59 -1.50
C ILE B 45 4.78 -10.29 -0.01
N ARG B 46 4.87 -11.32 0.81
CA ARG B 46 4.90 -11.09 2.23
C ARG B 46 6.18 -10.35 2.62
N SER B 47 7.31 -10.94 2.29
CA SER B 47 8.63 -10.44 2.64
C SER B 47 8.86 -8.99 2.20
N GLU B 48 8.66 -8.75 0.94
CA GLU B 48 8.99 -7.47 0.37
C GLU B 48 7.92 -6.41 0.61
N LEU B 49 6.65 -6.78 0.46
CA LEU B 49 5.59 -5.79 0.52
C LEU B 49 5.23 -5.50 1.99
N MET B 50 4.94 -6.53 2.76
CA MET B 50 4.56 -6.36 4.16
C MET B 50 4.36 -7.70 4.83
N ASP B 51 5.17 -7.95 5.82
CA ASP B 51 5.05 -9.15 6.62
C ASP B 51 3.97 -8.88 7.61
N ALA B 52 4.05 -7.67 8.10
CA ALA B 52 3.19 -7.07 9.03
C ALA B 52 3.64 -5.65 9.01
N GLY A 1 4.87 11.15 -22.91
CA GLY A 1 6.22 11.71 -22.78
C GLY A 1 7.22 10.66 -22.51
N VAL A 2 7.24 10.17 -21.30
CA VAL A 2 8.17 9.15 -20.91
C VAL A 2 7.56 7.81 -21.25
N ARG A 3 8.18 7.08 -22.12
CA ARG A 3 7.65 5.84 -22.53
C ARG A 3 8.44 4.75 -21.86
N LYS A 4 7.76 3.77 -21.46
CA LYS A 4 8.36 2.66 -20.78
C LYS A 4 7.66 1.37 -21.10
N GLY A 5 8.31 0.60 -21.94
CA GLY A 5 7.75 -0.63 -22.44
C GLY A 5 7.74 -1.75 -21.44
N TRP A 6 8.23 -1.50 -20.24
CA TRP A 6 8.22 -2.51 -19.21
C TRP A 6 6.82 -2.73 -18.68
N HIS A 7 5.87 -1.89 -19.08
CA HIS A 7 4.49 -2.04 -18.60
C HIS A 7 3.83 -3.35 -19.10
N GLU A 8 4.50 -4.05 -20.02
CA GLU A 8 4.01 -5.35 -20.47
C GLU A 8 4.56 -6.45 -19.56
N HIS A 9 5.49 -6.08 -18.69
CA HIS A 9 6.16 -7.00 -17.77
C HIS A 9 5.44 -6.98 -16.42
N VAL A 10 4.32 -6.35 -16.40
CA VAL A 10 3.51 -6.21 -15.24
C VAL A 10 2.06 -6.32 -15.69
N THR A 11 1.20 -6.71 -14.80
CA THR A 11 -0.18 -6.90 -15.12
C THR A 11 -1.01 -6.04 -14.18
N GLN A 12 -2.26 -5.76 -14.56
CA GLN A 12 -3.18 -5.02 -13.71
C GLN A 12 -3.34 -5.74 -12.38
N ASP A 13 -3.34 -7.04 -12.41
CA ASP A 13 -3.49 -7.86 -11.21
C ASP A 13 -2.35 -7.66 -10.22
N LEU A 14 -1.14 -7.43 -10.74
CA LEU A 14 0.04 -7.28 -9.87
C LEU A 14 -0.07 -5.95 -9.20
N ARG A 15 -0.29 -4.95 -10.01
CA ARG A 15 -0.38 -3.62 -9.54
C ARG A 15 -1.57 -3.39 -8.62
N SER A 16 -2.72 -3.91 -8.98
CA SER A 16 -3.92 -3.75 -8.18
C SER A 16 -3.76 -4.49 -6.86
N HIS A 17 -2.97 -5.56 -6.87
CA HIS A 17 -2.68 -6.32 -5.66
C HIS A 17 -1.90 -5.43 -4.70
N LEU A 18 -0.93 -4.75 -5.25
CA LEU A 18 -0.11 -3.81 -4.51
C LEU A 18 -0.95 -2.61 -4.05
N VAL A 19 -1.85 -2.17 -4.92
CA VAL A 19 -2.81 -1.09 -4.61
C VAL A 19 -3.67 -1.47 -3.38
N HIS A 20 -4.26 -2.65 -3.45
CA HIS A 20 -5.07 -3.20 -2.38
C HIS A 20 -4.29 -3.24 -1.06
N LYS A 21 -3.06 -3.70 -1.15
CA LYS A 21 -2.18 -3.76 0.00
C LYS A 21 -1.82 -2.38 0.50
N LEU A 22 -1.57 -1.44 -0.43
CA LEU A 22 -1.32 -0.04 -0.11
C LEU A 22 -2.41 0.46 0.79
N VAL A 23 -3.65 0.23 0.38
CA VAL A 23 -4.84 0.57 1.16
C VAL A 23 -4.74 -0.03 2.54
N GLN A 24 -4.49 -1.33 2.63
CA GLN A 24 -4.45 -2.02 3.92
C GLN A 24 -3.46 -1.39 4.92
N ALA A 25 -2.36 -0.90 4.41
CA ALA A 25 -1.38 -0.23 5.25
C ALA A 25 -1.77 1.23 5.54
N ILE A 26 -2.18 1.96 4.51
CA ILE A 26 -2.46 3.38 4.64
C ILE A 26 -3.83 3.61 5.31
N PHE A 27 -4.67 2.65 5.17
CA PHE A 27 -5.95 2.65 5.75
C PHE A 27 -6.17 1.32 6.44
N PRO A 28 -5.96 1.28 7.76
CA PRO A 28 -6.19 0.09 8.54
C PRO A 28 -7.52 -0.49 8.25
N THR A 29 -7.52 -1.73 8.06
CA THR A 29 -8.66 -2.39 7.67
C THR A 29 -9.43 -2.89 8.89
N PRO A 30 -10.64 -2.40 9.09
CA PRO A 30 -11.48 -2.87 10.20
C PRO A 30 -12.15 -4.20 9.86
N ASP A 31 -12.43 -4.40 8.59
CA ASP A 31 -13.12 -5.56 8.08
C ASP A 31 -12.59 -5.86 6.72
N PRO A 32 -12.52 -7.11 6.30
CA PRO A 32 -12.16 -7.44 4.92
C PRO A 32 -13.29 -7.02 3.97
N ALA A 33 -14.43 -6.69 4.55
CA ALA A 33 -15.54 -6.18 3.81
C ALA A 33 -15.43 -4.67 3.66
N ALA A 34 -14.52 -4.06 4.42
CA ALA A 34 -14.28 -2.61 4.36
C ALA A 34 -13.56 -2.29 3.08
N LEU A 35 -13.04 -3.32 2.49
CA LEU A 35 -12.33 -3.27 1.26
C LEU A 35 -13.31 -3.33 0.10
N LYS A 36 -14.59 -3.27 0.37
CA LYS A 36 -15.55 -3.35 -0.72
C LYS A 36 -16.58 -2.27 -0.57
N ASP A 37 -16.44 -1.47 0.47
CA ASP A 37 -17.44 -0.47 0.74
C ASP A 37 -17.34 0.67 -0.27
N ARG A 38 -18.23 1.65 -0.19
CA ARG A 38 -18.09 2.89 -0.99
C ARG A 38 -16.84 3.63 -0.51
N ARG A 39 -16.44 3.32 0.71
CA ARG A 39 -15.25 3.82 1.29
C ARG A 39 -14.02 3.31 0.53
N MET A 40 -14.15 2.11 -0.07
CA MET A 40 -13.07 1.53 -0.80
C MET A 40 -12.66 2.44 -1.92
N GLU A 41 -13.61 3.08 -2.59
CA GLU A 41 -13.30 3.92 -3.75
C GLU A 41 -12.41 5.10 -3.35
N ASN A 42 -12.53 5.54 -2.10
CA ASN A 42 -11.70 6.62 -1.55
C ASN A 42 -10.31 6.10 -1.24
N LEU A 43 -10.29 4.94 -0.58
CA LEU A 43 -9.06 4.29 -0.15
C LEU A 43 -8.23 3.93 -1.38
N VAL A 44 -8.88 3.27 -2.34
CA VAL A 44 -8.25 2.86 -3.57
C VAL A 44 -7.90 4.04 -4.41
N ALA A 45 -8.70 5.11 -4.38
CA ALA A 45 -8.37 6.33 -5.13
C ALA A 45 -6.97 6.82 -4.72
N TYR A 46 -6.70 6.87 -3.41
CA TYR A 46 -5.33 7.22 -2.94
C TYR A 46 -4.33 6.18 -3.40
N ALA A 47 -4.64 4.93 -3.19
CA ALA A 47 -3.72 3.86 -3.53
C ALA A 47 -3.35 3.88 -5.00
N LYS A 48 -4.33 4.09 -5.84
CA LYS A 48 -4.16 4.15 -7.29
C LYS A 48 -3.35 5.35 -7.71
N LYS A 49 -3.60 6.48 -7.07
CA LYS A 49 -2.89 7.71 -7.43
C LYS A 49 -1.39 7.57 -7.09
N VAL A 50 -1.14 6.98 -5.95
CA VAL A 50 0.20 6.74 -5.47
C VAL A 50 0.89 5.65 -6.28
N GLU A 51 0.19 4.54 -6.46
CA GLU A 51 0.68 3.38 -7.22
C GLU A 51 1.00 3.81 -8.63
N GLY A 52 0.07 4.54 -9.21
CA GLY A 52 0.23 5.06 -10.54
C GLY A 52 1.43 5.94 -10.68
N ASP A 53 1.69 6.74 -9.65
CA ASP A 53 2.84 7.62 -9.66
C ASP A 53 4.15 6.82 -9.66
N MET A 54 4.28 5.87 -8.75
CA MET A 54 5.49 5.01 -8.69
C MET A 54 5.63 4.13 -9.91
N TYR A 55 4.52 3.73 -10.46
CA TYR A 55 4.47 2.93 -11.67
C TYR A 55 5.05 3.77 -12.83
N GLU A 56 4.69 5.04 -12.89
CA GLU A 56 5.24 5.91 -13.92
C GLU A 56 6.64 6.42 -13.56
N SER A 57 7.03 6.31 -12.32
CA SER A 57 8.32 6.77 -11.84
C SER A 57 9.41 5.73 -12.11
N ALA A 58 9.18 4.50 -11.67
CA ALA A 58 10.17 3.42 -11.74
C ALA A 58 10.53 3.05 -13.17
N ASN A 59 11.65 2.37 -13.32
CA ASN A 59 12.10 1.98 -14.64
C ASN A 59 11.88 0.49 -14.89
N SER A 60 11.21 -0.14 -13.96
CA SER A 60 10.80 -1.51 -14.09
C SER A 60 9.72 -1.76 -13.09
N ARG A 61 8.89 -2.75 -13.33
CA ARG A 61 7.79 -3.05 -12.42
C ARG A 61 8.33 -3.56 -11.12
N ASP A 62 9.44 -4.23 -11.19
CA ASP A 62 10.10 -4.73 -10.03
C ASP A 62 10.58 -3.57 -9.20
N GLU A 63 11.22 -2.57 -9.81
CA GLU A 63 11.63 -1.37 -9.11
C GLU A 63 10.44 -0.66 -8.47
N TYR A 64 9.35 -0.53 -9.24
CA TYR A 64 8.17 0.15 -8.75
C TYR A 64 7.56 -0.61 -7.58
N TYR A 65 7.48 -1.93 -7.73
CA TYR A 65 6.97 -2.81 -6.72
C TYR A 65 7.83 -2.74 -5.47
N HIS A 66 9.14 -2.77 -5.65
CA HIS A 66 10.07 -2.74 -4.51
C HIS A 66 9.94 -1.46 -3.73
N LEU A 67 10.04 -0.32 -4.39
CA LEU A 67 10.01 0.98 -3.72
C LEU A 67 8.66 1.25 -3.02
N LEU A 68 7.57 0.80 -3.66
CA LEU A 68 6.26 1.02 -3.09
C LEU A 68 6.08 0.05 -1.92
N ALA A 69 6.67 -1.14 -2.06
CA ALA A 69 6.70 -2.14 -1.03
C ALA A 69 7.45 -1.64 0.18
N GLU A 70 8.46 -0.82 -0.04
CA GLU A 70 9.20 -0.27 1.07
C GLU A 70 8.38 0.76 1.80
N LYS A 71 7.67 1.61 1.03
CA LYS A 71 6.85 2.64 1.68
C LYS A 71 5.71 1.99 2.47
N ILE A 72 5.11 0.94 1.92
CA ILE A 72 4.04 0.26 2.62
C ILE A 72 4.58 -0.44 3.87
N TYR A 73 5.71 -1.09 3.73
CA TYR A 73 6.40 -1.79 4.81
C TYR A 73 6.72 -0.86 5.97
N LYS A 74 7.37 0.27 5.67
CA LYS A 74 7.74 1.22 6.71
C LYS A 74 6.50 1.81 7.35
N ILE A 75 5.45 1.97 6.55
CA ILE A 75 4.18 2.48 7.03
C ILE A 75 3.50 1.48 7.97
N GLN A 76 3.62 0.18 7.66
CA GLN A 76 2.97 -0.82 8.49
C GLN A 76 3.60 -0.87 9.85
N LYS A 77 4.90 -0.78 9.90
CA LYS A 77 5.55 -0.74 11.17
C LYS A 77 5.40 0.62 11.86
N GLU A 78 5.24 1.68 11.06
CA GLU A 78 5.00 3.02 11.58
C GLU A 78 3.67 2.99 12.33
N LEU A 79 2.63 2.44 11.70
CA LEU A 79 1.34 2.34 12.33
C LEU A 79 1.40 1.46 13.56
N GLU A 80 2.15 0.37 13.47
CA GLU A 80 2.37 -0.52 14.59
C GLU A 80 2.92 0.22 15.79
N GLU A 81 3.99 0.94 15.59
CA GLU A 81 4.61 1.64 16.69
C GLU A 81 3.75 2.80 17.19
N LYS A 82 3.24 3.63 16.30
CA LYS A 82 2.49 4.79 16.76
C LYS A 82 1.11 4.46 17.29
N ARG A 83 0.43 3.53 16.66
CA ARG A 83 -0.88 3.13 17.11
C ARG A 83 -0.86 2.22 18.29
N ARG A 84 0.22 1.49 18.47
CA ARG A 84 0.23 0.61 19.59
C ARG A 84 1.00 1.20 20.76
N SER A 85 2.26 1.52 20.57
CA SER A 85 3.09 1.97 21.67
C SER A 85 4.38 2.72 21.23
N ARG A 86 4.32 4.06 21.22
CA ARG A 86 5.52 4.87 21.05
C ARG A 86 5.29 6.29 21.59
N LEU A 87 4.08 6.80 21.43
CA LEU A 87 3.74 8.17 21.84
C LEU A 87 3.48 8.24 23.33
N GLY B 1 -0.95 15.51 6.46
CA GLY B 1 0.36 14.88 6.40
C GLY B 1 1.45 15.90 6.43
N SER B 2 1.60 16.62 5.34
CA SER B 2 2.62 17.65 5.21
C SER B 2 2.14 18.96 5.89
N MET B 3 1.24 18.82 6.85
CA MET B 3 0.62 19.94 7.54
C MET B 3 1.56 20.50 8.58
N SER B 4 2.39 19.65 9.14
CA SER B 4 3.30 20.06 10.17
C SER B 4 4.57 19.24 10.06
N HIS B 5 4.43 17.93 10.17
CA HIS B 5 5.57 17.04 10.02
C HIS B 5 5.92 16.93 8.55
N TYR B 6 6.98 17.57 8.13
CA TYR B 6 7.35 17.52 6.71
C TYR B 6 8.38 16.45 6.44
N GLY B 7 8.77 15.75 7.46
CA GLY B 7 9.66 14.65 7.30
C GLY B 7 8.90 13.37 7.51
N ASN B 8 8.42 13.19 8.70
CA ASN B 8 7.64 12.03 9.09
C ASN B 8 6.17 12.35 8.93
N GLN B 9 5.83 12.82 7.74
CA GLN B 9 4.47 13.22 7.38
C GLN B 9 3.50 12.06 7.50
N THR B 10 4.01 10.85 7.33
CA THR B 10 3.19 9.69 7.40
C THR B 10 2.64 9.48 8.83
N LEU B 11 3.34 9.99 9.86
CA LEU B 11 2.88 9.82 11.25
C LEU B 11 1.46 10.38 11.41
N GLN B 12 1.31 11.66 11.13
CA GLN B 12 0.04 12.32 11.32
C GLN B 12 -0.96 11.97 10.22
N ASP B 13 -0.48 11.78 8.98
CA ASP B 13 -1.39 11.47 7.87
C ASP B 13 -2.00 10.10 8.04
N LEU B 14 -1.16 9.14 8.38
CA LEU B 14 -1.60 7.79 8.58
C LEU B 14 -2.46 7.71 9.84
N LEU B 15 -2.15 8.55 10.85
CA LEU B 15 -2.97 8.56 12.06
C LEU B 15 -4.38 9.11 11.75
N THR B 16 -4.44 10.08 10.86
CA THR B 16 -5.70 10.66 10.43
C THR B 16 -6.52 9.60 9.67
N SER B 17 -5.86 8.90 8.76
CA SER B 17 -6.46 7.84 7.98
C SER B 17 -6.89 6.67 8.90
N ASP B 18 -6.06 6.39 9.89
CA ASP B 18 -6.32 5.37 10.89
C ASP B 18 -7.57 5.66 11.70
N SER B 19 -7.68 6.90 12.16
CA SER B 19 -8.78 7.34 12.99
C SER B 19 -10.13 7.18 12.26
N LEU B 20 -10.08 7.15 10.92
CA LEU B 20 -11.25 6.95 10.11
C LEU B 20 -11.80 5.52 10.36
N SER B 21 -10.91 4.56 10.40
CA SER B 21 -11.28 3.20 10.71
C SER B 21 -11.52 3.04 12.22
N HIS B 22 -10.58 3.59 13.02
CA HIS B 22 -10.62 3.64 14.50
C HIS B 22 -10.35 2.26 15.17
N SER B 23 -10.89 1.20 14.61
CA SER B 23 -10.73 -0.12 15.16
C SER B 23 -9.39 -0.78 14.79
N ASP B 24 -9.23 -2.06 15.11
CA ASP B 24 -7.97 -2.78 14.87
C ASP B 24 -7.98 -3.40 13.45
N GLY B 25 -6.88 -4.02 13.06
CA GLY B 25 -6.72 -4.50 11.70
C GLY B 25 -7.23 -5.91 11.47
N GLY B 26 -8.19 -6.03 10.61
CA GLY B 26 -8.72 -7.28 10.19
C GLY B 26 -9.04 -7.22 8.72
N GLY B 27 -8.36 -8.00 7.91
CA GLY B 27 -8.61 -7.97 6.49
C GLY B 27 -7.96 -9.12 5.79
N SER B 28 -7.84 -9.01 4.48
CA SER B 28 -7.24 -10.02 3.62
C SER B 28 -5.69 -9.96 3.71
N GLY B 29 -5.00 -10.80 2.95
CA GLY B 29 -3.56 -10.79 3.01
C GLY B 29 -2.88 -11.47 1.84
N GLY B 30 -3.31 -12.67 1.53
CA GLY B 30 -2.69 -13.45 0.46
C GLY B 30 -3.25 -13.14 -0.92
N GLY B 31 -3.28 -14.13 -1.76
CA GLY B 31 -3.77 -13.97 -3.11
C GLY B 31 -2.63 -13.94 -4.10
N SER B 32 -2.91 -14.23 -5.34
CA SER B 32 -1.90 -14.23 -6.37
C SER B 32 -2.52 -13.82 -7.71
N GLY B 33 -1.74 -13.87 -8.77
CA GLY B 33 -2.20 -13.55 -10.09
C GLY B 33 -1.63 -14.55 -11.08
N GLY B 34 -1.35 -14.13 -12.28
CA GLY B 34 -0.80 -15.05 -13.26
C GLY B 34 -0.14 -14.37 -14.44
N GLY B 35 -0.18 -13.06 -14.47
CA GLY B 35 0.40 -12.35 -15.58
C GLY B 35 1.92 -12.18 -15.48
N SER B 36 2.41 -11.58 -14.42
CA SER B 36 3.83 -11.27 -14.32
C SER B 36 4.57 -11.91 -13.12
N LEU B 37 4.72 -11.14 -12.04
CA LEU B 37 5.46 -11.54 -10.83
C LEU B 37 4.53 -12.30 -9.91
N GLU B 38 3.31 -11.91 -10.05
CA GLU B 38 2.13 -12.27 -9.28
C GLU B 38 1.80 -13.79 -9.21
N CYS B 39 2.40 -14.61 -10.07
CA CYS B 39 2.07 -16.04 -10.17
C CYS B 39 2.10 -16.75 -8.81
N ASP B 40 3.22 -16.69 -8.13
CA ASP B 40 3.36 -17.23 -6.78
C ASP B 40 4.37 -16.40 -6.02
N MET B 41 3.91 -15.27 -5.60
CA MET B 41 4.75 -14.30 -4.94
C MET B 41 4.52 -14.25 -3.45
N GLU B 42 3.40 -14.81 -3.02
CA GLU B 42 2.86 -14.76 -1.63
C GLU B 42 3.90 -14.63 -0.49
N SER B 43 4.80 -15.58 -0.35
CA SER B 43 5.78 -15.55 0.72
C SER B 43 6.79 -14.40 0.53
N ILE B 44 7.12 -14.14 -0.71
CA ILE B 44 8.09 -13.11 -1.05
C ILE B 44 7.47 -11.73 -0.82
N ILE B 45 6.23 -11.56 -1.29
CA ILE B 45 5.54 -10.30 -1.15
C ILE B 45 5.21 -10.02 0.31
N ARG B 46 4.97 -11.08 1.08
CA ARG B 46 4.76 -10.92 2.50
C ARG B 46 6.04 -10.39 3.14
N SER B 47 7.13 -11.10 2.91
CA SER B 47 8.44 -10.79 3.47
C SER B 47 8.94 -9.40 3.07
N GLU B 48 8.91 -9.08 1.80
CA GLU B 48 9.45 -7.82 1.32
C GLU B 48 8.50 -6.64 1.50
N LEU B 49 7.25 -6.85 1.20
CA LEU B 49 6.29 -5.77 1.17
C LEU B 49 5.76 -5.36 2.53
N MET B 50 5.76 -6.26 3.50
CA MET B 50 5.31 -5.84 4.80
C MET B 50 5.97 -6.60 5.93
N ASP B 51 5.64 -6.24 7.12
CA ASP B 51 6.29 -6.79 8.28
C ASP B 51 5.40 -7.81 8.93
N ALA B 52 5.81 -9.04 8.91
CA ALA B 52 5.05 -10.12 9.49
C ALA B 52 5.97 -10.99 10.31
N GLY A 1 3.81 10.37 -22.87
CA GLY A 1 5.16 10.85 -22.58
C GLY A 1 6.18 9.77 -22.69
N VAL A 2 6.65 9.31 -21.56
CA VAL A 2 7.66 8.31 -21.51
C VAL A 2 7.06 6.96 -21.85
N ARG A 3 7.51 6.37 -22.92
CA ARG A 3 7.03 5.06 -23.28
C ARG A 3 7.92 4.02 -22.63
N LYS A 4 7.43 3.46 -21.55
CA LYS A 4 8.19 2.53 -20.78
C LYS A 4 7.64 1.11 -20.91
N GLY A 5 8.22 0.38 -21.85
CA GLY A 5 7.76 -0.96 -22.25
C GLY A 5 7.74 -2.00 -21.16
N TRP A 6 8.35 -1.71 -20.02
CA TRP A 6 8.35 -2.65 -18.91
C TRP A 6 6.94 -2.88 -18.38
N HIS A 7 6.03 -1.96 -18.73
CA HIS A 7 4.64 -2.05 -18.30
C HIS A 7 3.91 -3.29 -18.85
N GLU A 8 4.53 -4.01 -19.78
CA GLU A 8 3.96 -5.25 -20.26
C GLU A 8 4.16 -6.35 -19.23
N HIS A 9 5.24 -6.24 -18.48
CA HIS A 9 5.66 -7.26 -17.52
C HIS A 9 5.13 -6.98 -16.12
N VAL A 10 4.10 -6.20 -16.05
CA VAL A 10 3.45 -5.91 -14.81
C VAL A 10 1.95 -6.07 -15.02
N THR A 11 1.40 -7.08 -14.43
CA THR A 11 0.04 -7.44 -14.63
C THR A 11 -0.87 -6.50 -13.86
N GLN A 12 -2.11 -6.34 -14.35
CA GLN A 12 -3.12 -5.56 -13.66
C GLN A 12 -3.38 -6.20 -12.30
N ASP A 13 -3.39 -7.53 -12.28
CA ASP A 13 -3.50 -8.30 -11.03
C ASP A 13 -2.41 -7.94 -10.05
N LEU A 14 -1.19 -7.73 -10.55
CA LEU A 14 -0.05 -7.51 -9.68
C LEU A 14 -0.17 -6.15 -9.08
N ARG A 15 -0.36 -5.19 -9.92
CA ARG A 15 -0.43 -3.83 -9.51
C ARG A 15 -1.63 -3.53 -8.65
N SER A 16 -2.79 -4.05 -9.03
CA SER A 16 -3.99 -3.82 -8.27
C SER A 16 -3.89 -4.51 -6.91
N HIS A 17 -3.12 -5.60 -6.86
CA HIS A 17 -2.87 -6.31 -5.63
C HIS A 17 -2.07 -5.41 -4.68
N LEU A 18 -1.07 -4.76 -5.24
CA LEU A 18 -0.24 -3.79 -4.53
C LEU A 18 -1.08 -2.59 -4.10
N VAL A 19 -1.95 -2.14 -5.00
CA VAL A 19 -2.90 -1.05 -4.74
C VAL A 19 -3.78 -1.38 -3.52
N HIS A 20 -4.39 -2.56 -3.58
CA HIS A 20 -5.24 -3.07 -2.50
C HIS A 20 -4.46 -3.08 -1.17
N LYS A 21 -3.23 -3.53 -1.25
CA LYS A 21 -2.37 -3.56 -0.09
C LYS A 21 -2.02 -2.16 0.41
N LEU A 22 -1.82 -1.22 -0.52
CA LEU A 22 -1.58 0.19 -0.16
C LEU A 22 -2.71 0.71 0.70
N VAL A 23 -3.93 0.36 0.32
CA VAL A 23 -5.12 0.62 1.09
C VAL A 23 -5.00 0.02 2.48
N GLN A 24 -4.70 -1.27 2.54
CA GLN A 24 -4.63 -1.99 3.81
C GLN A 24 -3.61 -1.39 4.79
N ALA A 25 -2.57 -0.77 4.26
CA ALA A 25 -1.62 -0.08 5.09
C ALA A 25 -2.10 1.31 5.47
N ILE A 26 -2.62 2.07 4.50
CA ILE A 26 -3.06 3.45 4.79
C ILE A 26 -4.32 3.43 5.67
N PHE A 27 -5.11 2.45 5.45
CA PHE A 27 -6.31 2.26 6.14
C PHE A 27 -6.27 0.85 6.69
N PRO A 28 -5.80 0.67 7.93
CA PRO A 28 -5.88 -0.61 8.60
C PRO A 28 -7.35 -1.01 8.66
N THR A 29 -7.73 -1.90 7.79
CA THR A 29 -9.09 -2.23 7.67
C THR A 29 -9.56 -3.08 8.86
N PRO A 30 -10.64 -2.65 9.52
CA PRO A 30 -11.18 -3.37 10.67
C PRO A 30 -11.86 -4.68 10.24
N ASP A 31 -12.38 -4.68 9.02
CA ASP A 31 -13.12 -5.80 8.48
C ASP A 31 -12.92 -5.78 7.00
N PRO A 32 -12.89 -6.93 6.33
CA PRO A 32 -12.81 -6.99 4.87
C PRO A 32 -13.95 -6.24 4.15
N ALA A 33 -15.06 -5.99 4.83
CA ALA A 33 -16.15 -5.29 4.19
C ALA A 33 -15.88 -3.81 4.03
N ALA A 34 -14.95 -3.29 4.82
CA ALA A 34 -14.58 -1.89 4.72
C ALA A 34 -13.78 -1.62 3.45
N LEU A 35 -13.45 -2.70 2.77
CA LEU A 35 -12.67 -2.67 1.57
C LEU A 35 -13.57 -2.63 0.34
N LYS A 36 -14.88 -2.63 0.54
CA LYS A 36 -15.82 -2.64 -0.58
C LYS A 36 -16.94 -1.61 -0.41
N ASP A 37 -16.71 -0.62 0.43
CA ASP A 37 -17.68 0.39 0.69
C ASP A 37 -17.42 1.52 -0.25
N ARG A 38 -18.24 2.50 -0.21
CA ARG A 38 -18.05 3.72 -0.93
C ARG A 38 -16.76 4.38 -0.44
N ARG A 39 -16.40 4.07 0.81
CA ARG A 39 -15.23 4.59 1.44
C ARG A 39 -13.99 4.10 0.67
N MET A 40 -14.15 2.93 0.08
CA MET A 40 -13.12 2.25 -0.65
C MET A 40 -12.72 3.00 -1.90
N GLU A 41 -13.65 3.69 -2.55
CA GLU A 41 -13.28 4.42 -3.77
C GLU A 41 -12.28 5.53 -3.41
N ASN A 42 -12.43 6.09 -2.20
CA ASN A 42 -11.52 7.11 -1.66
C ASN A 42 -10.16 6.49 -1.36
N LEU A 43 -10.21 5.38 -0.64
CA LEU A 43 -9.02 4.69 -0.19
C LEU A 43 -8.22 4.17 -1.38
N VAL A 44 -8.91 3.54 -2.29
CA VAL A 44 -8.28 2.96 -3.43
C VAL A 44 -7.87 4.06 -4.40
N ALA A 45 -8.59 5.19 -4.40
CA ALA A 45 -8.22 6.33 -5.26
C ALA A 45 -6.83 6.79 -4.89
N TYR A 46 -6.59 6.92 -3.60
CA TYR A 46 -5.26 7.24 -3.08
C TYR A 46 -4.27 6.16 -3.48
N ALA A 47 -4.66 4.93 -3.30
CA ALA A 47 -3.79 3.81 -3.58
C ALA A 47 -3.40 3.80 -5.06
N LYS A 48 -4.35 4.10 -5.92
CA LYS A 48 -4.14 4.16 -7.36
C LYS A 48 -3.26 5.32 -7.74
N LYS A 49 -3.51 6.48 -7.14
CA LYS A 49 -2.76 7.68 -7.45
C LYS A 49 -1.31 7.51 -7.03
N VAL A 50 -1.14 6.86 -5.89
CA VAL A 50 0.16 6.56 -5.34
C VAL A 50 0.85 5.49 -6.18
N GLU A 51 0.14 4.40 -6.45
CA GLU A 51 0.65 3.30 -7.26
C GLU A 51 1.09 3.83 -8.61
N GLY A 52 0.26 4.69 -9.18
CA GLY A 52 0.56 5.30 -10.45
C GLY A 52 1.79 6.18 -10.39
N ASP A 53 1.95 6.89 -9.29
CA ASP A 53 3.10 7.78 -9.09
C ASP A 53 4.38 6.98 -9.17
N MET A 54 4.46 5.94 -8.37
CA MET A 54 5.63 5.04 -8.35
C MET A 54 5.77 4.23 -9.62
N TYR A 55 4.67 3.87 -10.22
CA TYR A 55 4.64 3.14 -11.48
C TYR A 55 5.31 4.02 -12.56
N GLU A 56 4.89 5.25 -12.65
CA GLU A 56 5.43 6.18 -13.65
C GLU A 56 6.80 6.72 -13.25
N SER A 57 7.16 6.60 -11.99
CA SER A 57 8.44 7.06 -11.52
C SER A 57 9.51 5.97 -11.68
N ALA A 58 9.12 4.72 -11.58
CA ALA A 58 10.05 3.64 -11.68
C ALA A 58 10.37 3.30 -13.10
N ASN A 59 11.48 2.65 -13.29
CA ASN A 59 11.94 2.30 -14.62
C ASN A 59 11.79 0.81 -14.86
N SER A 60 11.15 0.17 -13.93
CA SER A 60 10.81 -1.20 -14.03
C SER A 60 9.72 -1.47 -13.06
N ARG A 61 9.02 -2.55 -13.26
CA ARG A 61 7.98 -2.92 -12.34
C ARG A 61 8.60 -3.42 -11.06
N ASP A 62 9.81 -3.96 -11.18
CA ASP A 62 10.54 -4.49 -10.05
C ASP A 62 10.85 -3.35 -9.12
N GLU A 63 11.36 -2.26 -9.70
CA GLU A 63 11.66 -1.05 -8.98
C GLU A 63 10.40 -0.44 -8.39
N TYR A 64 9.35 -0.36 -9.19
CA TYR A 64 8.12 0.27 -8.77
C TYR A 64 7.48 -0.50 -7.62
N TYR A 65 7.38 -1.81 -7.79
CA TYR A 65 6.83 -2.69 -6.79
C TYR A 65 7.65 -2.63 -5.53
N HIS A 66 8.96 -2.68 -5.67
CA HIS A 66 9.82 -2.71 -4.52
C HIS A 66 9.79 -1.40 -3.75
N LEU A 67 9.95 -0.27 -4.42
CA LEU A 67 9.98 1.02 -3.71
C LEU A 67 8.63 1.34 -3.04
N LEU A 68 7.53 0.93 -3.70
CA LEU A 68 6.22 1.16 -3.13
C LEU A 68 6.06 0.24 -1.93
N ALA A 69 6.59 -0.97 -2.08
CA ALA A 69 6.57 -1.97 -1.04
C ALA A 69 7.38 -1.53 0.13
N GLU A 70 8.46 -0.84 -0.11
CA GLU A 70 9.31 -0.39 0.97
C GLU A 70 8.61 0.64 1.81
N LYS A 71 7.95 1.58 1.16
CA LYS A 71 7.27 2.61 1.91
C LYS A 71 6.05 2.05 2.65
N ILE A 72 5.31 1.15 2.01
CA ILE A 72 4.13 0.57 2.66
C ILE A 72 4.56 -0.27 3.86
N TYR A 73 5.64 -1.00 3.69
CA TYR A 73 6.22 -1.86 4.71
C TYR A 73 6.56 -1.07 5.96
N LYS A 74 7.34 -0.01 5.77
CA LYS A 74 7.76 0.80 6.90
C LYS A 74 6.58 1.50 7.52
N ILE A 75 5.60 1.83 6.70
CA ILE A 75 4.37 2.45 7.15
C ILE A 75 3.56 1.49 8.00
N GLN A 76 3.56 0.20 7.65
CA GLN A 76 2.79 -0.76 8.40
C GLN A 76 3.36 -0.93 9.77
N LYS A 77 4.65 -1.11 9.85
CA LYS A 77 5.27 -1.22 11.14
C LYS A 77 5.25 0.09 11.92
N GLU A 78 5.24 1.20 11.20
CA GLU A 78 5.16 2.53 11.78
C GLU A 78 3.80 2.67 12.47
N LEU A 79 2.73 2.29 11.75
CA LEU A 79 1.39 2.40 12.28
C LEU A 79 1.18 1.48 13.46
N GLU A 80 1.80 0.33 13.39
CA GLU A 80 1.74 -0.63 14.46
C GLU A 80 2.41 -0.10 15.71
N GLU A 81 3.60 0.45 15.59
CA GLU A 81 4.27 0.96 16.76
C GLU A 81 3.64 2.24 17.26
N LYS A 82 3.12 3.08 16.35
CA LYS A 82 2.48 4.32 16.77
C LYS A 82 1.24 4.01 17.60
N ARG A 83 0.54 2.95 17.22
CA ARG A 83 -0.64 2.53 17.93
C ARG A 83 -0.28 1.79 19.23
N ARG A 84 0.78 1.02 19.20
CA ARG A 84 1.11 0.22 20.36
C ARG A 84 1.98 0.98 21.36
N SER A 85 3.17 1.41 20.95
CA SER A 85 4.13 2.06 21.83
C SER A 85 5.41 2.51 21.10
N ARG A 86 5.38 3.64 20.45
CA ARG A 86 6.59 4.22 19.90
C ARG A 86 6.91 5.47 20.72
N LEU A 87 5.85 6.01 21.30
CA LEU A 87 5.92 7.14 22.20
C LEU A 87 6.24 6.64 23.60
N GLY B 1 -2.35 14.97 14.60
CA GLY B 1 -2.21 14.98 13.15
C GLY B 1 -1.61 16.28 12.66
N SER B 2 -1.85 17.31 13.41
CA SER B 2 -1.36 18.63 13.13
C SER B 2 0.12 18.71 13.52
N MET B 3 1.00 18.78 12.54
CA MET B 3 2.44 18.82 12.84
C MET B 3 3.14 19.94 12.07
N SER B 4 2.64 20.23 10.85
CA SER B 4 3.15 21.30 9.99
C SER B 4 4.70 21.23 9.83
N HIS B 5 5.22 20.04 9.61
CA HIS B 5 6.68 19.87 9.58
C HIS B 5 7.16 19.16 8.30
N TYR B 6 6.29 18.35 7.71
CA TYR B 6 6.66 17.47 6.58
C TYR B 6 7.64 16.39 7.07
N GLY B 7 8.32 15.72 6.15
CA GLY B 7 9.21 14.63 6.52
C GLY B 7 8.44 13.34 6.76
N ASN B 8 7.52 13.39 7.68
CA ASN B 8 6.70 12.27 8.06
C ASN B 8 5.24 12.57 7.79
N GLN B 9 5.01 13.32 6.71
CA GLN B 9 3.64 13.70 6.32
C GLN B 9 2.81 12.46 5.99
N THR B 10 3.49 11.41 5.56
CA THR B 10 2.88 10.16 5.25
C THR B 10 2.26 9.56 6.51
N LEU B 11 2.97 9.70 7.64
CA LEU B 11 2.49 9.21 8.92
C LEU B 11 1.29 10.04 9.38
N GLN B 12 1.28 11.31 9.04
CA GLN B 12 0.17 12.21 9.35
C GLN B 12 -1.09 11.77 8.61
N ASP B 13 -0.96 11.62 7.30
CA ASP B 13 -2.07 11.16 6.45
C ASP B 13 -2.51 9.77 6.87
N LEU B 14 -1.54 8.94 7.22
CA LEU B 14 -1.76 7.59 7.70
C LEU B 14 -2.54 7.62 9.01
N LEU B 15 -2.16 8.49 9.92
CA LEU B 15 -2.84 8.62 11.20
C LEU B 15 -4.28 9.07 10.97
N THR B 16 -4.45 9.97 10.02
CA THR B 16 -5.77 10.49 9.69
C THR B 16 -6.66 9.35 9.12
N SER B 17 -6.06 8.51 8.30
CA SER B 17 -6.77 7.39 7.73
C SER B 17 -6.91 6.24 8.79
N ASP B 18 -6.02 6.20 9.75
CA ASP B 18 -6.06 5.24 10.86
C ASP B 18 -7.25 5.56 11.77
N SER B 19 -7.50 6.84 11.95
CA SER B 19 -8.64 7.30 12.72
C SER B 19 -9.94 7.18 11.90
N LEU B 20 -9.78 6.91 10.61
CA LEU B 20 -10.86 6.73 9.69
C LEU B 20 -11.28 5.24 9.79
N SER B 21 -10.31 4.40 10.11
CA SER B 21 -10.55 2.98 10.33
C SER B 21 -11.39 2.78 11.59
N HIS B 22 -11.10 3.60 12.62
CA HIS B 22 -11.81 3.60 13.92
C HIS B 22 -11.45 2.40 14.79
N SER B 23 -11.44 1.25 14.19
CA SER B 23 -11.10 0.03 14.85
C SER B 23 -9.94 -0.60 14.12
N ASP B 24 -9.00 -1.15 14.86
CA ASP B 24 -7.86 -1.80 14.26
C ASP B 24 -8.31 -3.16 13.75
N GLY B 25 -7.67 -3.66 12.73
CA GLY B 25 -8.03 -4.93 12.18
C GLY B 25 -6.82 -5.65 11.68
N GLY B 26 -6.42 -5.35 10.48
CA GLY B 26 -5.24 -5.92 9.94
C GLY B 26 -5.11 -5.62 8.48
N GLY B 27 -3.92 -5.78 7.98
CA GLY B 27 -3.67 -5.58 6.57
C GLY B 27 -3.33 -6.87 5.91
N SER B 28 -3.99 -7.92 6.35
CA SER B 28 -3.80 -9.24 5.84
C SER B 28 -4.53 -9.45 4.53
N GLY B 29 -3.86 -10.00 3.56
CA GLY B 29 -4.44 -10.28 2.30
C GLY B 29 -3.42 -10.85 1.34
N GLY B 30 -3.89 -11.60 0.40
CA GLY B 30 -3.03 -12.20 -0.60
C GLY B 30 -3.81 -13.22 -1.36
N GLY B 31 -3.14 -14.16 -1.98
CA GLY B 31 -3.86 -15.19 -2.68
C GLY B 31 -3.44 -15.36 -4.11
N SER B 32 -2.15 -15.12 -4.41
CA SER B 32 -1.59 -15.30 -5.75
C SER B 32 -2.30 -14.36 -6.78
N GLY B 33 -2.24 -14.72 -8.04
CA GLY B 33 -2.85 -13.94 -9.07
C GLY B 33 -2.73 -14.62 -10.42
N GLY B 34 -1.51 -14.80 -10.87
CA GLY B 34 -1.28 -15.41 -12.17
C GLY B 34 -1.13 -14.38 -13.26
N GLY B 35 -0.02 -14.40 -13.95
CA GLY B 35 0.21 -13.46 -15.02
C GLY B 35 1.69 -13.15 -15.21
N SER B 36 2.37 -12.82 -14.15
CA SER B 36 3.77 -12.47 -14.22
C SER B 36 4.47 -12.61 -12.84
N LEU B 37 4.28 -11.63 -11.96
CA LEU B 37 5.00 -11.59 -10.67
C LEU B 37 4.15 -12.18 -9.55
N GLU B 38 2.88 -12.02 -9.70
CA GLU B 38 1.88 -12.34 -8.71
C GLU B 38 1.58 -13.85 -8.63
N CYS B 39 2.05 -14.60 -9.63
CA CYS B 39 1.85 -16.05 -9.72
C CYS B 39 2.22 -16.75 -8.40
N ASP B 40 3.45 -16.61 -7.95
CA ASP B 40 3.84 -17.14 -6.65
C ASP B 40 4.76 -16.16 -5.98
N MET B 41 4.18 -15.08 -5.55
CA MET B 41 4.95 -14.09 -4.83
C MET B 41 4.71 -14.15 -3.36
N GLU B 42 3.61 -14.80 -2.99
CA GLU B 42 3.06 -14.92 -1.60
C GLU B 42 4.07 -14.71 -0.44
N SER B 43 5.04 -15.58 -0.31
CA SER B 43 5.99 -15.50 0.78
C SER B 43 6.93 -14.29 0.65
N ILE B 44 7.42 -14.08 -0.56
CA ILE B 44 8.38 -13.02 -0.84
C ILE B 44 7.70 -11.65 -0.73
N ILE B 45 6.47 -11.55 -1.23
CA ILE B 45 5.74 -10.31 -1.15
C ILE B 45 5.41 -10.00 0.28
N ARG B 46 5.10 -11.03 1.07
CA ARG B 46 4.83 -10.84 2.48
C ARG B 46 6.01 -10.12 3.13
N SER B 47 7.20 -10.67 2.89
CA SER B 47 8.44 -10.15 3.39
C SER B 47 8.74 -8.72 2.87
N GLU B 48 8.69 -8.52 1.54
CA GLU B 48 9.03 -7.23 0.92
C GLU B 48 8.00 -6.15 1.24
N LEU B 49 6.76 -6.50 1.08
CA LEU B 49 5.66 -5.57 1.10
C LEU B 49 5.30 -5.12 2.51
N MET B 50 5.30 -6.00 3.49
CA MET B 50 4.85 -5.54 4.80
C MET B 50 5.44 -6.20 6.05
N ASP B 51 5.47 -7.52 6.08
CA ASP B 51 5.97 -8.32 7.24
C ASP B 51 5.45 -7.83 8.60
N ALA B 52 4.31 -8.34 9.00
CA ALA B 52 3.71 -7.94 10.26
C ALA B 52 4.33 -8.74 11.37
N GLY A 1 5.73 11.71 -21.34
CA GLY A 1 5.77 10.37 -20.79
C GLY A 1 7.04 9.70 -21.11
N VAL A 2 7.31 8.63 -20.45
CA VAL A 2 8.47 7.84 -20.70
C VAL A 2 7.97 6.55 -21.29
N ARG A 3 8.39 6.26 -22.50
CA ARG A 3 7.97 5.06 -23.16
C ARG A 3 8.57 3.86 -22.47
N LYS A 4 7.73 3.15 -21.82
CA LYS A 4 8.14 2.03 -21.05
C LYS A 4 7.31 0.79 -21.36
N GLY A 5 7.91 -0.12 -22.09
CA GLY A 5 7.23 -1.33 -22.55
C GLY A 5 7.03 -2.36 -21.45
N TRP A 6 7.66 -2.12 -20.30
CA TRP A 6 7.57 -3.03 -19.16
C TRP A 6 6.17 -3.04 -18.54
N HIS A 7 5.30 -2.14 -18.98
CA HIS A 7 3.92 -2.05 -18.45
C HIS A 7 3.14 -3.37 -18.68
N GLU A 8 3.55 -4.12 -19.70
CA GLU A 8 2.91 -5.39 -20.03
C GLU A 8 3.53 -6.52 -19.24
N HIS A 9 4.49 -6.17 -18.43
CA HIS A 9 5.21 -7.13 -17.63
C HIS A 9 4.75 -7.06 -16.21
N VAL A 10 3.78 -6.21 -15.98
CA VAL A 10 3.18 -6.06 -14.70
C VAL A 10 1.76 -6.42 -14.93
N THR A 11 1.24 -7.28 -14.15
CA THR A 11 -0.11 -7.66 -14.35
C THR A 11 -0.99 -6.57 -13.78
N GLN A 12 -2.19 -6.41 -14.33
CA GLN A 12 -3.15 -5.50 -13.80
C GLN A 12 -3.48 -5.92 -12.38
N ASP A 13 -3.53 -7.21 -12.15
CA ASP A 13 -3.81 -7.71 -10.83
C ASP A 13 -2.62 -7.52 -9.89
N LEU A 14 -1.39 -7.48 -10.44
CA LEU A 14 -0.18 -7.34 -9.60
C LEU A 14 -0.18 -5.95 -9.03
N ARG A 15 -0.30 -4.98 -9.90
CA ARG A 15 -0.40 -3.61 -9.50
C ARG A 15 -1.57 -3.35 -8.56
N SER A 16 -2.74 -3.82 -8.93
CA SER A 16 -3.93 -3.58 -8.15
C SER A 16 -3.89 -4.30 -6.79
N HIS A 17 -3.05 -5.33 -6.72
CA HIS A 17 -2.79 -6.09 -5.50
C HIS A 17 -2.01 -5.19 -4.55
N LEU A 18 -1.00 -4.56 -5.11
CA LEU A 18 -0.17 -3.61 -4.41
C LEU A 18 -1.00 -2.39 -4.01
N VAL A 19 -1.86 -1.96 -4.91
CA VAL A 19 -2.82 -0.87 -4.65
C VAL A 19 -3.69 -1.21 -3.43
N HIS A 20 -4.25 -2.40 -3.45
CA HIS A 20 -5.08 -2.93 -2.36
C HIS A 20 -4.30 -2.88 -1.03
N LYS A 21 -3.06 -3.27 -1.11
CA LYS A 21 -2.18 -3.26 0.02
C LYS A 21 -1.81 -1.84 0.46
N LEU A 22 -1.64 -0.94 -0.50
CA LEU A 22 -1.37 0.47 -0.22
C LEU A 22 -2.46 1.04 0.66
N VAL A 23 -3.70 0.73 0.29
CA VAL A 23 -4.87 1.05 1.09
C VAL A 23 -4.71 0.48 2.48
N GLN A 24 -4.47 -0.81 2.58
CA GLN A 24 -4.36 -1.47 3.88
C GLN A 24 -3.29 -0.84 4.78
N ALA A 25 -2.24 -0.28 4.19
CA ALA A 25 -1.23 0.41 4.96
C ALA A 25 -1.66 1.84 5.30
N ILE A 26 -2.20 2.57 4.33
CA ILE A 26 -2.63 3.95 4.59
C ILE A 26 -3.86 3.96 5.49
N PHE A 27 -4.68 3.02 5.28
CA PHE A 27 -5.91 2.87 5.96
C PHE A 27 -6.10 1.43 6.35
N PRO A 28 -5.59 1.05 7.54
CA PRO A 28 -5.78 -0.27 8.07
C PRO A 28 -7.18 -0.76 7.93
N THR A 29 -7.28 -1.93 7.47
CA THR A 29 -8.49 -2.48 7.15
C THR A 29 -9.11 -3.22 8.35
N PRO A 30 -10.27 -2.77 8.81
CA PRO A 30 -10.97 -3.40 9.92
C PRO A 30 -11.67 -4.69 9.50
N ASP A 31 -12.12 -4.72 8.27
CA ASP A 31 -12.84 -5.85 7.74
C ASP A 31 -12.63 -5.87 6.27
N PRO A 32 -12.53 -7.04 5.66
CA PRO A 32 -12.39 -7.15 4.21
C PRO A 32 -13.52 -6.46 3.42
N ALA A 33 -14.67 -6.26 4.04
CA ALA A 33 -15.75 -5.62 3.34
C ALA A 33 -15.51 -4.11 3.21
N ALA A 34 -14.55 -3.59 3.97
CA ALA A 34 -14.18 -2.18 3.85
C ALA A 34 -13.43 -1.96 2.56
N LEU A 35 -12.98 -3.05 1.97
CA LEU A 35 -12.19 -3.01 0.78
C LEU A 35 -13.07 -3.01 -0.46
N LYS A 36 -14.37 -3.06 -0.26
CA LYS A 36 -15.32 -2.99 -1.35
C LYS A 36 -16.43 -2.00 -1.00
N ASP A 37 -16.13 -1.18 -0.02
CA ASP A 37 -17.07 -0.19 0.53
C ASP A 37 -16.97 1.09 -0.29
N ARG A 38 -17.83 2.02 -0.03
CA ARG A 38 -17.75 3.32 -0.66
C ARG A 38 -16.57 4.12 -0.12
N ARG A 39 -16.16 3.79 1.12
CA ARG A 39 -14.98 4.40 1.73
C ARG A 39 -13.78 4.02 0.89
N MET A 40 -13.82 2.77 0.43
CA MET A 40 -12.80 2.17 -0.39
C MET A 40 -12.52 2.95 -1.63
N GLU A 41 -13.52 3.55 -2.26
CA GLU A 41 -13.26 4.26 -3.52
C GLU A 41 -12.28 5.42 -3.30
N ASN A 42 -12.35 6.02 -2.11
CA ASN A 42 -11.48 7.11 -1.76
C ASN A 42 -10.11 6.59 -1.39
N LEU A 43 -10.12 5.52 -0.62
CA LEU A 43 -8.89 4.91 -0.15
C LEU A 43 -8.09 4.38 -1.34
N VAL A 44 -8.77 3.70 -2.23
CA VAL A 44 -8.16 3.11 -3.39
C VAL A 44 -7.79 4.20 -4.39
N ALA A 45 -8.54 5.30 -4.39
CA ALA A 45 -8.22 6.43 -5.27
C ALA A 45 -6.83 6.95 -4.93
N TYR A 46 -6.56 7.09 -3.64
CA TYR A 46 -5.20 7.44 -3.17
C TYR A 46 -4.22 6.36 -3.57
N ALA A 47 -4.58 5.13 -3.37
CA ALA A 47 -3.70 4.04 -3.66
C ALA A 47 -3.33 4.02 -5.14
N LYS A 48 -4.30 4.27 -5.98
CA LYS A 48 -4.11 4.32 -7.42
C LYS A 48 -3.27 5.51 -7.85
N LYS A 49 -3.50 6.66 -7.23
CA LYS A 49 -2.75 7.85 -7.59
C LYS A 49 -1.28 7.66 -7.22
N VAL A 50 -1.07 7.05 -6.07
CA VAL A 50 0.24 6.77 -5.57
C VAL A 50 0.92 5.67 -6.38
N GLU A 51 0.19 4.58 -6.60
CA GLU A 51 0.67 3.45 -7.38
C GLU A 51 1.04 3.93 -8.76
N GLY A 52 0.17 4.72 -9.34
CA GLY A 52 0.39 5.28 -10.65
C GLY A 52 1.64 6.10 -10.73
N ASP A 53 1.87 6.90 -9.71
CA ASP A 53 3.06 7.75 -9.63
C ASP A 53 4.30 6.89 -9.69
N MET A 54 4.40 5.90 -8.81
CA MET A 54 5.57 5.00 -8.78
C MET A 54 5.65 4.12 -10.01
N TYR A 55 4.52 3.73 -10.54
CA TYR A 55 4.44 2.93 -11.76
C TYR A 55 5.01 3.75 -12.92
N GLU A 56 4.63 5.01 -13.01
CA GLU A 56 5.13 5.87 -14.08
C GLU A 56 6.54 6.39 -13.79
N SER A 57 6.94 6.28 -12.55
CA SER A 57 8.25 6.72 -12.08
C SER A 57 9.33 5.64 -12.23
N ALA A 58 8.94 4.40 -12.19
CA ALA A 58 9.87 3.30 -12.28
C ALA A 58 10.19 2.93 -13.72
N ASN A 59 11.22 2.13 -13.88
CA ASN A 59 11.68 1.65 -15.17
C ASN A 59 11.51 0.14 -15.27
N SER A 60 10.84 -0.42 -14.29
CA SER A 60 10.52 -1.81 -14.27
C SER A 60 9.48 -2.04 -13.19
N ARG A 61 8.62 -3.04 -13.37
CA ARG A 61 7.64 -3.38 -12.33
C ARG A 61 8.35 -3.78 -11.07
N ASP A 62 9.50 -4.43 -11.22
CA ASP A 62 10.33 -4.86 -10.09
C ASP A 62 10.74 -3.64 -9.28
N GLU A 63 11.23 -2.61 -9.97
CA GLU A 63 11.60 -1.34 -9.34
C GLU A 63 10.41 -0.65 -8.69
N TYR A 64 9.30 -0.57 -9.40
CA TYR A 64 8.13 0.11 -8.93
C TYR A 64 7.55 -0.59 -7.71
N TYR A 65 7.44 -1.91 -7.80
CA TYR A 65 6.98 -2.75 -6.73
C TYR A 65 7.90 -2.62 -5.53
N HIS A 66 9.19 -2.65 -5.79
CA HIS A 66 10.22 -2.57 -4.75
C HIS A 66 10.09 -1.27 -3.93
N LEU A 67 10.15 -0.14 -4.61
CA LEU A 67 10.14 1.16 -3.93
C LEU A 67 8.80 1.42 -3.20
N LEU A 68 7.70 0.99 -3.83
CA LEU A 68 6.40 1.19 -3.24
C LEU A 68 6.27 0.29 -2.03
N ALA A 69 6.83 -0.91 -2.14
CA ALA A 69 6.84 -1.89 -1.07
C ALA A 69 7.61 -1.36 0.11
N GLU A 70 8.67 -0.66 -0.16
CA GLU A 70 9.50 -0.07 0.88
C GLU A 70 8.70 0.91 1.70
N LYS A 71 8.04 1.83 1.02
CA LYS A 71 7.28 2.84 1.72
C LYS A 71 6.06 2.26 2.44
N ILE A 72 5.37 1.32 1.80
CA ILE A 72 4.21 0.71 2.43
C ILE A 72 4.63 -0.05 3.68
N TYR A 73 5.70 -0.81 3.55
CA TYR A 73 6.28 -1.62 4.60
C TYR A 73 6.55 -0.80 5.85
N LYS A 74 7.26 0.31 5.68
CA LYS A 74 7.60 1.14 6.81
C LYS A 74 6.34 1.77 7.43
N ILE A 75 5.35 2.05 6.60
CA ILE A 75 4.08 2.57 7.07
C ILE A 75 3.28 1.48 7.85
N GLN A 76 3.39 0.24 7.40
CA GLN A 76 2.69 -0.90 8.04
C GLN A 76 3.16 -1.03 9.47
N LYS A 77 4.44 -0.99 9.64
CA LYS A 77 4.98 -1.07 10.97
C LYS A 77 4.77 0.18 11.77
N GLU A 78 4.68 1.33 11.08
CA GLU A 78 4.38 2.60 11.73
C GLU A 78 3.02 2.47 12.39
N LEU A 79 2.02 2.05 11.60
CA LEU A 79 0.66 1.94 12.09
C LEU A 79 0.57 0.95 13.23
N GLU A 80 1.29 -0.15 13.10
CA GLU A 80 1.36 -1.14 14.13
C GLU A 80 1.92 -0.58 15.42
N GLU A 81 3.09 0.04 15.37
CA GLU A 81 3.73 0.50 16.59
C GLU A 81 3.03 1.70 17.22
N LYS A 82 2.52 2.62 16.43
CA LYS A 82 1.84 3.78 16.99
C LYS A 82 0.43 3.46 17.54
N ARG A 83 -0.27 2.52 16.91
CA ARG A 83 -1.61 2.11 17.38
C ARG A 83 -1.48 1.23 18.63
N ARG A 84 -0.40 0.49 18.67
CA ARG A 84 -0.01 -0.37 19.79
C ARG A 84 0.53 0.50 20.92
N SER A 85 0.95 1.68 20.52
CA SER A 85 1.49 2.71 21.33
C SER A 85 3.00 2.57 21.55
N ARG A 86 3.72 3.65 21.29
CA ARG A 86 5.16 3.68 21.45
C ARG A 86 5.61 4.95 22.20
N LEU A 87 4.84 6.04 22.08
CA LEU A 87 5.13 7.26 22.84
C LEU A 87 4.63 7.11 24.27
N GLY B 1 3.98 24.31 18.73
CA GLY B 1 4.51 24.64 17.41
C GLY B 1 6.00 24.47 17.36
N SER B 2 6.59 24.38 18.54
CA SER B 2 8.03 24.29 18.70
C SER B 2 8.59 22.94 18.22
N MET B 3 7.73 21.94 18.17
CA MET B 3 8.12 20.61 17.71
C MET B 3 7.87 20.44 16.23
N SER B 4 7.39 21.52 15.57
CA SER B 4 7.09 21.51 14.15
C SER B 4 5.90 20.57 13.85
N HIS B 5 5.58 20.42 12.58
CA HIS B 5 4.59 19.47 12.14
C HIS B 5 5.32 18.31 11.48
N TYR B 6 6.65 18.48 11.37
CA TYR B 6 7.55 17.49 10.82
C TYR B 6 8.05 16.57 11.91
N GLY B 7 8.84 15.60 11.50
CA GLY B 7 9.42 14.64 12.41
C GLY B 7 8.46 13.52 12.71
N ASN B 8 7.21 13.87 12.84
CA ASN B 8 6.17 12.92 13.18
C ASN B 8 4.95 13.17 12.32
N GLN B 9 5.18 13.81 11.16
CA GLN B 9 4.12 14.15 10.21
C GLN B 9 3.35 12.90 9.79
N THR B 10 4.08 11.83 9.58
CA THR B 10 3.55 10.60 9.11
C THR B 10 2.76 9.87 10.21
N LEU B 11 3.18 10.04 11.48
CA LEU B 11 2.55 9.32 12.58
C LEU B 11 1.13 9.80 12.73
N GLN B 12 1.00 11.12 12.74
CA GLN B 12 -0.28 11.78 12.93
C GLN B 12 -1.17 11.63 11.69
N ASP B 13 -0.58 11.77 10.50
CA ASP B 13 -1.32 11.65 9.24
C ASP B 13 -1.94 10.26 9.15
N LEU B 14 -1.08 9.26 9.32
CA LEU B 14 -1.50 7.90 9.26
C LEU B 14 -2.42 7.55 10.43
N LEU B 15 -2.27 8.26 11.55
CA LEU B 15 -3.16 8.04 12.72
C LEU B 15 -4.56 8.52 12.39
N THR B 16 -4.61 9.65 11.70
CA THR B 16 -5.86 10.24 11.25
C THR B 16 -6.58 9.25 10.33
N SER B 17 -5.82 8.55 9.51
CA SER B 17 -6.36 7.50 8.67
C SER B 17 -6.75 6.25 9.52
N ASP B 18 -5.78 5.81 10.33
CA ASP B 18 -5.84 4.61 11.22
C ASP B 18 -7.03 4.63 12.20
N SER B 19 -7.60 5.80 12.43
CA SER B 19 -8.80 5.94 13.25
C SER B 19 -9.98 5.06 12.73
N LEU B 20 -9.88 4.64 11.45
CA LEU B 20 -10.88 3.82 10.79
C LEU B 20 -10.94 2.41 11.41
N SER B 21 -9.80 1.80 11.60
CA SER B 21 -9.72 0.42 12.07
C SER B 21 -9.98 0.27 13.56
N HIS B 22 -9.42 1.21 14.37
CA HIS B 22 -9.52 1.21 15.86
C HIS B 22 -8.64 0.10 16.46
N SER B 23 -9.09 -1.12 16.31
CA SER B 23 -8.45 -2.33 16.78
C SER B 23 -9.48 -3.40 16.52
N ASP B 24 -9.45 -3.91 15.31
CA ASP B 24 -10.48 -4.81 14.82
C ASP B 24 -10.05 -5.26 13.43
N GLY B 25 -10.04 -6.55 13.19
CA GLY B 25 -9.59 -7.06 11.91
C GLY B 25 -10.24 -8.37 11.58
N GLY B 26 -11.22 -8.32 10.72
CA GLY B 26 -11.96 -9.51 10.34
C GLY B 26 -11.42 -10.22 9.11
N GLY B 27 -10.25 -9.83 8.63
CA GLY B 27 -9.68 -10.49 7.48
C GLY B 27 -8.86 -9.56 6.62
N SER B 28 -8.10 -10.14 5.71
CA SER B 28 -7.24 -9.42 4.81
C SER B 28 -6.85 -10.39 3.68
N GLY B 29 -5.76 -10.11 2.99
CA GLY B 29 -5.29 -10.98 1.93
C GLY B 29 -5.77 -10.54 0.56
N GLY B 30 -7.06 -10.66 0.34
CA GLY B 30 -7.62 -10.31 -0.94
C GLY B 30 -7.58 -11.44 -1.92
N GLY B 31 -6.69 -11.36 -2.88
CA GLY B 31 -6.58 -12.38 -3.88
C GLY B 31 -5.24 -12.34 -4.56
N SER B 32 -5.00 -13.23 -5.48
CA SER B 32 -3.77 -13.25 -6.24
C SER B 32 -4.04 -13.93 -7.59
N GLY B 33 -3.75 -13.24 -8.68
CA GLY B 33 -3.90 -13.81 -9.99
C GLY B 33 -2.70 -14.65 -10.37
N GLY B 34 -2.21 -14.46 -11.58
CA GLY B 34 -1.06 -15.19 -12.03
C GLY B 34 -0.58 -14.71 -13.37
N GLY B 35 0.12 -13.63 -13.37
CA GLY B 35 0.61 -13.07 -14.59
C GLY B 35 2.10 -12.81 -14.53
N SER B 36 2.56 -12.31 -13.39
CA SER B 36 3.95 -11.97 -13.25
C SER B 36 4.50 -12.34 -11.86
N LEU B 37 4.24 -11.52 -10.88
CA LEU B 37 4.84 -11.67 -9.57
C LEU B 37 3.87 -12.23 -8.52
N GLU B 38 2.60 -12.18 -8.81
CA GLU B 38 1.55 -12.43 -7.82
C GLU B 38 1.21 -13.91 -7.53
N CYS B 39 1.67 -14.83 -8.37
CA CYS B 39 1.33 -16.24 -8.17
C CYS B 39 2.07 -16.83 -6.95
N ASP B 40 3.38 -16.80 -6.99
CA ASP B 40 4.19 -17.31 -5.89
C ASP B 40 4.82 -16.11 -5.24
N MET B 41 3.98 -15.31 -4.67
CA MET B 41 4.37 -14.02 -4.19
C MET B 41 4.56 -13.96 -2.68
N GLU B 42 3.92 -14.89 -1.95
CA GLU B 42 3.81 -14.86 -0.48
C GLU B 42 5.10 -14.46 0.26
N SER B 43 6.18 -15.14 -0.01
CA SER B 43 7.45 -14.86 0.64
C SER B 43 7.96 -13.46 0.29
N ILE B 44 7.98 -13.19 -1.01
CA ILE B 44 8.46 -11.94 -1.58
C ILE B 44 7.69 -10.75 -1.02
N ILE B 45 6.37 -10.83 -1.06
CA ILE B 45 5.54 -9.75 -0.61
C ILE B 45 5.65 -9.55 0.88
N ARG B 46 5.72 -10.61 1.66
CA ARG B 46 5.75 -10.43 3.08
C ARG B 46 7.01 -9.70 3.52
N SER B 47 8.15 -10.26 3.20
CA SER B 47 9.41 -9.71 3.65
C SER B 47 9.71 -8.33 3.03
N GLU B 48 9.43 -8.16 1.75
CA GLU B 48 9.73 -6.91 1.07
C GLU B 48 8.65 -5.84 1.31
N LEU B 49 7.40 -6.23 1.15
CA LEU B 49 6.30 -5.29 1.15
C LEU B 49 5.59 -5.15 2.50
N MET B 50 5.33 -6.25 3.24
CA MET B 50 4.63 -6.12 4.53
C MET B 50 4.44 -7.45 5.25
N ASP B 51 4.82 -7.44 6.49
CA ASP B 51 4.60 -8.53 7.43
C ASP B 51 3.76 -7.94 8.53
N ALA B 52 4.33 -6.92 9.13
CA ALA B 52 3.70 -6.08 10.10
C ALA B 52 4.61 -4.89 10.25
N GLY A 1 2.46 8.23 -19.47
CA GLY A 1 3.54 9.04 -20.03
C GLY A 1 4.80 8.25 -20.05
N VAL A 2 5.51 8.33 -21.17
CA VAL A 2 6.72 7.57 -21.41
C VAL A 2 6.38 6.09 -21.50
N ARG A 3 6.37 5.61 -22.68
CA ARG A 3 6.05 4.24 -22.97
C ARG A 3 7.20 3.34 -22.56
N LYS A 4 7.00 2.65 -21.49
CA LYS A 4 8.01 1.77 -20.95
C LYS A 4 7.64 0.34 -21.26
N GLY A 5 8.54 -0.35 -21.93
CA GLY A 5 8.27 -1.70 -22.42
C GLY A 5 8.08 -2.72 -21.31
N TRP A 6 8.46 -2.37 -20.10
CA TRP A 6 8.31 -3.27 -18.99
C TRP A 6 6.85 -3.42 -18.55
N HIS A 7 5.96 -2.60 -19.12
CA HIS A 7 4.51 -2.68 -18.79
C HIS A 7 3.95 -4.06 -19.19
N GLU A 8 4.63 -4.71 -20.12
CA GLU A 8 4.22 -6.00 -20.66
C GLU A 8 4.57 -7.11 -19.67
N HIS A 9 5.29 -6.74 -18.63
CA HIS A 9 5.74 -7.68 -17.63
C HIS A 9 5.07 -7.41 -16.29
N VAL A 10 3.99 -6.67 -16.32
CA VAL A 10 3.27 -6.36 -15.11
C VAL A 10 1.77 -6.41 -15.38
N THR A 11 1.07 -7.19 -14.61
CA THR A 11 -0.34 -7.38 -14.80
C THR A 11 -1.11 -6.29 -14.08
N GLN A 12 -2.36 -6.06 -14.50
CA GLN A 12 -3.25 -5.20 -13.77
C GLN A 12 -3.40 -5.77 -12.37
N ASP A 13 -3.46 -7.08 -12.28
CA ASP A 13 -3.60 -7.76 -11.00
C ASP A 13 -2.42 -7.58 -10.09
N LEU A 14 -1.21 -7.45 -10.63
CA LEU A 14 -0.01 -7.25 -9.80
C LEU A 14 -0.14 -5.91 -9.15
N ARG A 15 -0.37 -4.96 -9.97
CA ARG A 15 -0.47 -3.62 -9.54
C ARG A 15 -1.65 -3.38 -8.61
N SER A 16 -2.81 -3.89 -8.99
CA SER A 16 -4.02 -3.75 -8.19
C SER A 16 -3.90 -4.52 -6.85
N HIS A 17 -3.03 -5.51 -6.83
CA HIS A 17 -2.72 -6.31 -5.64
C HIS A 17 -1.96 -5.41 -4.65
N LEU A 18 -0.98 -4.74 -5.19
CA LEU A 18 -0.16 -3.78 -4.46
C LEU A 18 -1.01 -2.61 -4.00
N VAL A 19 -1.88 -2.16 -4.88
CA VAL A 19 -2.86 -1.09 -4.61
C VAL A 19 -3.72 -1.47 -3.38
N HIS A 20 -4.24 -2.68 -3.40
CA HIS A 20 -5.06 -3.22 -2.32
C HIS A 20 -4.29 -3.15 -0.98
N LYS A 21 -3.07 -3.62 -1.01
CA LYS A 21 -2.21 -3.59 0.16
C LYS A 21 -1.89 -2.16 0.58
N LEU A 22 -1.70 -1.27 -0.39
CA LEU A 22 -1.47 0.16 -0.13
C LEU A 22 -2.57 0.69 0.74
N VAL A 23 -3.81 0.41 0.34
CA VAL A 23 -5.00 0.77 1.12
C VAL A 23 -4.88 0.21 2.53
N GLN A 24 -4.61 -1.08 2.66
CA GLN A 24 -4.55 -1.71 4.00
C GLN A 24 -3.53 -1.03 4.93
N ALA A 25 -2.45 -0.50 4.38
CA ALA A 25 -1.47 0.22 5.16
C ALA A 25 -1.90 1.67 5.45
N ILE A 26 -2.36 2.36 4.42
CA ILE A 26 -2.69 3.80 4.50
C ILE A 26 -4.06 4.02 5.16
N PHE A 27 -4.90 3.05 5.03
CA PHE A 27 -6.19 3.01 5.59
C PHE A 27 -6.42 1.67 6.25
N PRO A 28 -6.02 1.54 7.52
CA PRO A 28 -6.21 0.30 8.26
C PRO A 28 -7.69 -0.09 8.31
N THR A 29 -8.02 -1.20 7.70
CA THR A 29 -9.39 -1.58 7.59
C THR A 29 -9.83 -2.43 8.82
N PRO A 30 -11.00 -2.09 9.41
CA PRO A 30 -11.53 -2.83 10.57
C PRO A 30 -12.07 -4.21 10.15
N ASP A 31 -12.52 -4.28 8.92
CA ASP A 31 -13.12 -5.48 8.37
C ASP A 31 -12.83 -5.55 6.89
N PRO A 32 -12.84 -6.76 6.29
CA PRO A 32 -12.59 -6.92 4.87
C PRO A 32 -13.74 -6.45 3.96
N ALA A 33 -14.88 -6.10 4.54
CA ALA A 33 -15.98 -5.63 3.72
C ALA A 33 -15.87 -4.13 3.51
N ALA A 34 -15.12 -3.48 4.38
CA ALA A 34 -14.81 -2.05 4.24
C ALA A 34 -13.93 -1.83 3.01
N LEU A 35 -13.42 -2.93 2.50
CA LEU A 35 -12.54 -2.95 1.35
C LEU A 35 -13.34 -3.06 0.05
N LYS A 36 -14.65 -3.08 0.17
CA LYS A 36 -15.51 -3.11 -1.01
C LYS A 36 -16.63 -2.07 -0.85
N ASP A 37 -16.46 -1.26 0.18
CA ASP A 37 -17.42 -0.25 0.60
C ASP A 37 -17.22 1.07 -0.17
N ARG A 38 -18.09 2.03 0.04
CA ARG A 38 -18.02 3.34 -0.58
C ARG A 38 -16.78 4.10 -0.14
N ARG A 39 -16.33 3.83 1.06
CA ARG A 39 -15.14 4.43 1.60
C ARG A 39 -13.95 3.94 0.79
N MET A 40 -14.02 2.67 0.41
CA MET A 40 -12.99 2.01 -0.38
C MET A 40 -12.74 2.70 -1.70
N GLU A 41 -13.75 3.25 -2.36
CA GLU A 41 -13.48 3.90 -3.66
C GLU A 41 -12.48 5.06 -3.47
N ASN A 42 -12.55 5.68 -2.30
CA ASN A 42 -11.66 6.76 -1.91
C ASN A 42 -10.29 6.20 -1.57
N LEU A 43 -10.33 5.14 -0.78
CA LEU A 43 -9.15 4.41 -0.34
C LEU A 43 -8.32 3.97 -1.52
N VAL A 44 -8.95 3.21 -2.37
CA VAL A 44 -8.33 2.64 -3.50
C VAL A 44 -7.98 3.70 -4.52
N ALA A 45 -8.76 4.79 -4.57
CA ALA A 45 -8.44 5.89 -5.48
C ALA A 45 -7.05 6.45 -5.15
N TYR A 46 -6.79 6.70 -3.86
CA TYR A 46 -5.45 7.13 -3.42
C TYR A 46 -4.41 6.08 -3.78
N ALA A 47 -4.73 4.84 -3.53
CA ALA A 47 -3.81 3.77 -3.79
C ALA A 47 -3.47 3.68 -5.27
N LYS A 48 -4.47 3.83 -6.12
CA LYS A 48 -4.31 3.80 -7.57
C LYS A 48 -3.49 4.99 -8.04
N LYS A 49 -3.77 6.16 -7.51
CA LYS A 49 -3.07 7.37 -7.91
C LYS A 49 -1.60 7.30 -7.52
N VAL A 50 -1.36 6.78 -6.33
CA VAL A 50 -0.01 6.60 -5.81
C VAL A 50 0.72 5.50 -6.55
N GLU A 51 0.04 4.39 -6.78
CA GLU A 51 0.57 3.26 -7.54
C GLU A 51 1.01 3.75 -8.91
N GLY A 52 0.14 4.52 -9.57
CA GLY A 52 0.43 5.07 -10.87
C GLY A 52 1.61 6.02 -10.83
N ASP A 53 1.76 6.72 -9.73
CA ASP A 53 2.86 7.65 -9.52
C ASP A 53 4.20 6.90 -9.55
N MET A 54 4.30 5.87 -8.73
CA MET A 54 5.51 5.03 -8.67
C MET A 54 5.70 4.17 -9.89
N TYR A 55 4.61 3.78 -10.50
CA TYR A 55 4.64 2.98 -11.71
C TYR A 55 5.39 3.75 -12.78
N GLU A 56 5.01 4.99 -12.95
CA GLU A 56 5.63 5.86 -13.94
C GLU A 56 7.01 6.34 -13.47
N SER A 57 7.22 6.38 -12.17
CA SER A 57 8.48 6.84 -11.62
C SER A 57 9.58 5.76 -11.65
N ALA A 58 9.22 4.53 -11.95
CA ALA A 58 10.19 3.44 -11.97
C ALA A 58 10.48 3.00 -13.39
N ASN A 59 11.55 2.23 -13.54
CA ASN A 59 11.92 1.68 -14.85
C ASN A 59 11.75 0.19 -14.90
N SER A 60 11.06 -0.33 -13.93
CA SER A 60 10.68 -1.69 -13.95
C SER A 60 9.58 -1.89 -12.97
N ARG A 61 8.78 -2.89 -13.23
CA ARG A 61 7.73 -3.28 -12.32
C ARG A 61 8.30 -3.64 -10.96
N ASP A 62 9.40 -4.33 -10.97
CA ASP A 62 10.04 -4.78 -9.76
C ASP A 62 10.53 -3.60 -8.95
N GLU A 63 11.07 -2.61 -9.64
CA GLU A 63 11.50 -1.36 -9.04
C GLU A 63 10.34 -0.61 -8.44
N TYR A 64 9.30 -0.44 -9.24
CA TYR A 64 8.14 0.30 -8.82
C TYR A 64 7.49 -0.40 -7.63
N TYR A 65 7.37 -1.72 -7.74
CA TYR A 65 6.85 -2.56 -6.71
C TYR A 65 7.69 -2.44 -5.45
N HIS A 66 9.00 -2.52 -5.58
CA HIS A 66 9.89 -2.43 -4.42
C HIS A 66 9.80 -1.09 -3.73
N LEU A 67 9.91 0.01 -4.46
CA LEU A 67 9.90 1.32 -3.82
C LEU A 67 8.52 1.63 -3.14
N LEU A 68 7.44 1.19 -3.79
CA LEU A 68 6.13 1.38 -3.23
C LEU A 68 5.99 0.49 -2.01
N ALA A 69 6.61 -0.70 -2.11
CA ALA A 69 6.66 -1.66 -1.04
C ALA A 69 7.41 -1.12 0.14
N GLU A 70 8.43 -0.33 -0.11
CA GLU A 70 9.22 0.23 0.95
C GLU A 70 8.41 1.20 1.76
N LYS A 71 7.70 2.10 1.07
CA LYS A 71 6.93 3.09 1.82
C LYS A 71 5.79 2.41 2.58
N ILE A 72 5.14 1.45 1.96
CA ILE A 72 4.02 0.77 2.58
C ILE A 72 4.48 -0.04 3.81
N TYR A 73 5.58 -0.74 3.65
CA TYR A 73 6.20 -1.59 4.66
C TYR A 73 6.49 -0.81 5.93
N LYS A 74 7.20 0.31 5.76
CA LYS A 74 7.56 1.13 6.90
C LYS A 74 6.30 1.67 7.54
N ILE A 75 5.33 2.08 6.72
CA ILE A 75 4.06 2.60 7.20
C ILE A 75 3.30 1.56 8.03
N GLN A 76 3.36 0.29 7.60
CA GLN A 76 2.66 -0.79 8.30
C GLN A 76 3.22 -0.88 9.71
N LYS A 77 4.52 -0.99 9.81
CA LYS A 77 5.12 -1.11 11.14
C LYS A 77 5.11 0.19 11.92
N GLU A 78 5.17 1.31 11.22
CA GLU A 78 5.08 2.63 11.80
C GLU A 78 3.74 2.73 12.54
N LEU A 79 2.67 2.30 11.85
CA LEU A 79 1.34 2.34 12.42
C LEU A 79 1.21 1.35 13.56
N GLU A 80 1.85 0.20 13.42
CA GLU A 80 1.80 -0.84 14.42
C GLU A 80 2.38 -0.39 15.74
N GLU A 81 3.57 0.13 15.73
CA GLU A 81 4.21 0.53 16.96
C GLU A 81 3.61 1.82 17.52
N LYS A 82 3.15 2.73 16.64
CA LYS A 82 2.54 3.98 17.10
C LYS A 82 1.22 3.69 17.81
N ARG A 83 0.55 2.62 17.41
CA ARG A 83 -0.65 2.18 18.12
C ARG A 83 -0.27 1.43 19.38
N ARG A 84 0.77 0.61 19.29
CA ARG A 84 1.11 -0.34 20.35
C ARG A 84 1.69 0.31 21.62
N SER A 85 2.82 1.00 21.52
CA SER A 85 3.49 1.45 22.75
C SER A 85 4.75 2.30 22.49
N ARG A 86 4.85 2.99 21.38
CA ARG A 86 6.04 3.82 21.21
C ARG A 86 5.83 5.18 21.88
N LEU A 87 4.60 5.45 22.22
CA LEU A 87 4.25 6.64 22.99
C LEU A 87 3.87 6.20 24.38
N GLY B 1 10.25 25.09 12.00
CA GLY B 1 9.89 25.85 13.17
C GLY B 1 9.67 24.96 14.35
N SER B 2 10.48 23.88 14.42
CA SER B 2 10.41 22.87 15.47
C SER B 2 9.04 22.17 15.42
N MET B 3 8.47 22.12 14.22
CA MET B 3 7.12 21.64 13.97
C MET B 3 6.99 20.15 14.20
N SER B 4 8.09 19.43 13.95
CA SER B 4 8.13 17.97 14.08
C SER B 4 7.13 17.29 13.13
N HIS B 5 6.93 17.91 11.97
CA HIS B 5 6.04 17.37 10.96
C HIS B 5 6.87 16.79 9.84
N TYR B 6 7.75 17.61 9.32
CA TYR B 6 8.58 17.24 8.21
C TYR B 6 9.58 16.18 8.61
N GLY B 7 9.73 15.21 7.77
CA GLY B 7 10.58 14.10 8.05
C GLY B 7 9.75 12.87 8.06
N ASN B 8 8.64 12.94 8.78
CA ASN B 8 7.69 11.85 8.86
C ASN B 8 6.35 12.41 9.28
N GLN B 9 5.73 13.07 8.33
CA GLN B 9 4.40 13.61 8.50
C GLN B 9 3.39 12.52 8.24
N THR B 10 3.83 11.52 7.49
CA THR B 10 2.99 10.42 7.07
C THR B 10 2.49 9.61 8.27
N LEU B 11 3.24 9.59 9.37
CA LEU B 11 2.78 8.91 10.60
C LEU B 11 1.52 9.60 11.12
N GLN B 12 1.56 10.91 11.11
CA GLN B 12 0.49 11.75 11.64
C GLN B 12 -0.72 11.69 10.71
N ASP B 13 -0.44 11.73 9.42
CA ASP B 13 -1.48 11.61 8.39
C ASP B 13 -2.18 10.27 8.53
N LEU B 14 -1.36 9.23 8.68
CA LEU B 14 -1.82 7.89 8.85
C LEU B 14 -2.56 7.72 10.15
N LEU B 15 -2.15 8.43 11.20
CA LEU B 15 -2.87 8.38 12.47
C LEU B 15 -4.26 8.96 12.31
N THR B 16 -4.38 9.95 11.47
CA THR B 16 -5.64 10.55 11.14
C THR B 16 -6.54 9.50 10.43
N SER B 17 -5.98 8.78 9.48
CA SER B 17 -6.68 7.71 8.79
C SER B 17 -6.96 6.53 9.76
N ASP B 18 -6.03 6.31 10.66
CA ASP B 18 -6.05 5.25 11.68
C ASP B 18 -7.22 5.48 12.63
N SER B 19 -7.55 6.74 12.85
CA SER B 19 -8.66 7.14 13.71
C SER B 19 -10.00 6.66 13.13
N LEU B 20 -10.04 6.46 11.81
CA LEU B 20 -11.21 5.97 11.14
C LEU B 20 -11.38 4.47 11.41
N SER B 21 -10.26 3.79 11.58
CA SER B 21 -10.25 2.38 11.90
C SER B 21 -10.59 2.20 13.39
N HIS B 22 -10.50 3.32 14.13
CA HIS B 22 -10.63 3.34 15.60
C HIS B 22 -9.44 2.61 16.20
N SER B 23 -8.36 2.56 15.41
CA SER B 23 -7.14 1.90 15.74
C SER B 23 -7.36 0.39 15.99
N ASP B 24 -8.15 -0.23 15.10
CA ASP B 24 -8.46 -1.67 15.17
C ASP B 24 -7.33 -2.50 14.57
N GLY B 25 -6.99 -2.17 13.35
CA GLY B 25 -5.97 -2.87 12.63
C GLY B 25 -6.23 -2.76 11.16
N GLY B 26 -5.50 -3.48 10.35
CA GLY B 26 -5.71 -3.41 8.92
C GLY B 26 -6.07 -4.74 8.33
N GLY B 27 -6.47 -5.67 9.18
CA GLY B 27 -6.82 -7.00 8.74
C GLY B 27 -5.60 -7.79 8.33
N SER B 28 -5.80 -8.79 7.53
CA SER B 28 -4.71 -9.58 7.03
C SER B 28 -4.35 -9.05 5.66
N GLY B 29 -3.09 -8.79 5.43
CA GLY B 29 -2.66 -8.28 4.15
C GLY B 29 -2.69 -9.34 3.08
N GLY B 30 -3.79 -9.39 2.33
CA GLY B 30 -3.97 -10.40 1.32
C GLY B 30 -4.00 -9.84 -0.08
N GLY B 31 -4.57 -10.59 -1.00
CA GLY B 31 -4.64 -10.20 -2.39
C GLY B 31 -4.50 -11.42 -3.27
N SER B 32 -4.82 -11.31 -4.54
CA SER B 32 -4.73 -12.46 -5.42
C SER B 32 -4.25 -12.00 -6.82
N GLY B 33 -4.17 -12.92 -7.76
CA GLY B 33 -3.75 -12.62 -9.11
C GLY B 33 -2.77 -13.65 -9.61
N GLY B 34 -2.46 -13.60 -10.90
CA GLY B 34 -1.50 -14.52 -11.47
C GLY B 34 -1.28 -14.24 -12.95
N GLY B 35 -0.35 -13.38 -13.26
CA GLY B 35 -0.08 -13.05 -14.62
C GLY B 35 1.38 -12.75 -14.91
N SER B 36 2.10 -12.24 -13.92
CA SER B 36 3.48 -11.90 -14.12
C SER B 36 4.32 -12.15 -12.85
N LEU B 37 4.13 -11.35 -11.83
CA LEU B 37 4.91 -11.48 -10.60
C LEU B 37 4.10 -12.11 -9.49
N GLU B 38 2.82 -11.84 -9.51
CA GLU B 38 1.91 -12.06 -8.39
C GLU B 38 1.49 -13.51 -8.16
N CYS B 39 1.73 -14.40 -9.10
CA CYS B 39 1.31 -15.78 -8.90
C CYS B 39 2.21 -16.46 -7.88
N ASP B 40 3.49 -16.18 -7.95
CA ASP B 40 4.49 -16.81 -7.08
C ASP B 40 5.13 -15.79 -6.17
N MET B 41 4.45 -14.70 -5.95
CA MET B 41 5.02 -13.56 -5.24
C MET B 41 4.79 -13.61 -3.72
N GLU B 42 3.91 -14.48 -3.25
CA GLU B 42 3.49 -14.56 -1.81
C GLU B 42 4.59 -14.33 -0.76
N SER B 43 5.61 -15.16 -0.77
CA SER B 43 6.67 -15.05 0.24
C SER B 43 7.45 -13.74 0.05
N ILE B 44 7.69 -13.39 -1.20
CA ILE B 44 8.43 -12.19 -1.55
C ILE B 44 7.67 -10.94 -1.11
N ILE B 45 6.42 -10.82 -1.51
CA ILE B 45 5.64 -9.62 -1.22
C ILE B 45 5.33 -9.48 0.25
N ARG B 46 5.19 -10.57 0.93
CA ARG B 46 4.93 -10.49 2.32
C ARG B 46 6.17 -9.97 3.04
N SER B 47 7.30 -10.59 2.80
CA SER B 47 8.52 -10.17 3.46
C SER B 47 9.00 -8.76 3.00
N GLU B 48 8.92 -8.48 1.71
CA GLU B 48 9.42 -7.23 1.14
C GLU B 48 8.43 -6.07 1.31
N LEU B 49 7.15 -6.34 1.13
CA LEU B 49 6.17 -5.27 1.10
C LEU B 49 5.42 -5.06 2.43
N MET B 50 5.12 -6.14 3.18
CA MET B 50 4.41 -5.99 4.46
C MET B 50 4.38 -7.26 5.26
N ASP B 51 5.31 -7.35 6.18
CA ASP B 51 5.48 -8.53 7.02
C ASP B 51 4.79 -8.30 8.37
N ALA B 52 4.00 -7.26 8.40
CA ALA B 52 3.28 -6.85 9.57
C ALA B 52 1.86 -7.41 9.51
N GLY A 1 1.94 8.36 -22.37
CA GLY A 1 2.91 9.04 -21.53
C GLY A 1 4.30 8.69 -21.94
N VAL A 2 5.13 8.40 -20.96
CA VAL A 2 6.49 8.04 -21.22
C VAL A 2 6.52 6.59 -21.61
N ARG A 3 6.94 6.33 -22.81
CA ARG A 3 7.04 4.99 -23.33
C ARG A 3 8.07 4.18 -22.55
N LYS A 4 7.60 3.36 -21.67
CA LYS A 4 8.42 2.49 -20.89
C LYS A 4 7.86 1.08 -20.95
N GLY A 5 8.37 0.35 -21.94
CA GLY A 5 7.88 -0.98 -22.36
C GLY A 5 7.69 -2.01 -21.26
N TRP A 6 8.32 -1.81 -20.12
CA TRP A 6 8.21 -2.73 -19.01
C TRP A 6 6.79 -2.75 -18.44
N HIS A 7 6.00 -1.75 -18.79
CA HIS A 7 4.63 -1.61 -18.32
C HIS A 7 3.77 -2.82 -18.72
N GLU A 8 4.16 -3.50 -19.77
CA GLU A 8 3.44 -4.67 -20.24
C GLU A 8 3.89 -5.91 -19.49
N HIS A 9 4.94 -5.76 -18.73
CA HIS A 9 5.48 -6.86 -17.96
C HIS A 9 4.81 -6.90 -16.61
N VAL A 10 4.02 -5.89 -16.33
CA VAL A 10 3.28 -5.82 -15.10
C VAL A 10 1.86 -6.11 -15.48
N THR A 11 1.18 -6.83 -14.67
CA THR A 11 -0.16 -7.15 -14.95
C THR A 11 -1.11 -6.43 -14.10
N GLN A 12 -2.33 -6.36 -14.60
CA GLN A 12 -3.46 -5.71 -13.97
C GLN A 12 -3.61 -6.22 -12.55
N ASP A 13 -3.44 -7.52 -12.38
CA ASP A 13 -3.55 -8.12 -11.06
C ASP A 13 -2.41 -7.73 -10.18
N LEU A 14 -1.21 -7.64 -10.72
CA LEU A 14 -0.04 -7.27 -9.93
C LEU A 14 -0.24 -5.84 -9.43
N ARG A 15 -0.59 -4.92 -10.35
CA ARG A 15 -0.90 -3.52 -9.99
C ARG A 15 -1.95 -3.50 -8.86
N SER A 16 -3.10 -4.11 -9.15
CA SER A 16 -4.26 -4.04 -8.29
C SER A 16 -4.02 -4.72 -6.94
N HIS A 17 -3.13 -5.68 -6.93
CA HIS A 17 -2.78 -6.44 -5.75
C HIS A 17 -2.00 -5.53 -4.80
N LEU A 18 -1.04 -4.84 -5.36
CA LEU A 18 -0.21 -3.91 -4.60
C LEU A 18 -1.05 -2.73 -4.15
N VAL A 19 -1.94 -2.28 -5.02
CA VAL A 19 -2.91 -1.23 -4.70
C VAL A 19 -3.76 -1.62 -3.47
N HIS A 20 -4.27 -2.84 -3.49
CA HIS A 20 -5.05 -3.40 -2.39
C HIS A 20 -4.26 -3.37 -1.09
N LYS A 21 -3.04 -3.85 -1.16
CA LYS A 21 -2.15 -3.87 -0.01
C LYS A 21 -1.82 -2.46 0.46
N LEU A 22 -1.62 -1.55 -0.48
CA LEU A 22 -1.41 -0.13 -0.20
C LEU A 22 -2.49 0.39 0.70
N VAL A 23 -3.75 0.18 0.31
CA VAL A 23 -4.90 0.57 1.13
C VAL A 23 -4.79 -0.03 2.52
N GLN A 24 -4.57 -1.35 2.60
CA GLN A 24 -4.56 -2.04 3.90
C GLN A 24 -3.56 -1.44 4.89
N ALA A 25 -2.44 -0.97 4.39
CA ALA A 25 -1.46 -0.34 5.23
C ALA A 25 -1.81 1.13 5.52
N ILE A 26 -2.20 1.87 4.50
CA ILE A 26 -2.45 3.31 4.65
C ILE A 26 -3.82 3.56 5.34
N PHE A 27 -4.66 2.61 5.22
CA PHE A 27 -5.95 2.60 5.79
C PHE A 27 -6.17 1.24 6.44
N PRO A 28 -5.90 1.09 7.75
CA PRO A 28 -6.07 -0.17 8.45
C PRO A 28 -7.55 -0.56 8.49
N THR A 29 -7.98 -1.27 7.49
CA THR A 29 -9.34 -1.62 7.32
C THR A 29 -9.90 -2.45 8.51
N PRO A 30 -11.05 -2.02 9.07
CA PRO A 30 -11.66 -2.65 10.23
C PRO A 30 -12.31 -3.99 9.89
N ASP A 31 -12.55 -4.19 8.61
CA ASP A 31 -13.19 -5.39 8.12
C ASP A 31 -12.87 -5.51 6.67
N PRO A 32 -12.72 -6.71 6.14
CA PRO A 32 -12.48 -6.91 4.72
C PRO A 32 -13.63 -6.40 3.83
N ALA A 33 -14.81 -6.21 4.38
CA ALA A 33 -15.90 -5.73 3.57
C ALA A 33 -15.83 -4.22 3.36
N ALA A 34 -14.97 -3.55 4.11
CA ALA A 34 -14.77 -2.13 3.92
C ALA A 34 -13.89 -1.90 2.69
N LEU A 35 -13.40 -2.99 2.15
CA LEU A 35 -12.53 -2.98 1.01
C LEU A 35 -13.32 -3.09 -0.29
N LYS A 36 -14.62 -3.16 -0.18
CA LYS A 36 -15.52 -3.23 -1.33
C LYS A 36 -16.66 -2.23 -1.14
N ASP A 37 -16.41 -1.31 -0.25
CA ASP A 37 -17.38 -0.32 0.22
C ASP A 37 -17.25 1.02 -0.54
N ARG A 38 -18.12 1.96 -0.24
CA ARG A 38 -18.15 3.29 -0.84
C ARG A 38 -16.97 4.13 -0.36
N ARG A 39 -16.45 3.80 0.81
CA ARG A 39 -15.28 4.46 1.33
C ARG A 39 -14.05 3.94 0.60
N MET A 40 -14.16 2.69 0.13
CA MET A 40 -13.11 2.03 -0.60
C MET A 40 -12.71 2.78 -1.84
N GLU A 41 -13.66 3.40 -2.55
CA GLU A 41 -13.29 4.11 -3.78
C GLU A 41 -12.27 5.21 -3.47
N ASN A 42 -12.39 5.79 -2.27
CA ASN A 42 -11.50 6.86 -1.82
C ASN A 42 -10.17 6.28 -1.39
N LEU A 43 -10.24 5.17 -0.67
CA LEU A 43 -9.06 4.48 -0.15
C LEU A 43 -8.22 3.99 -1.32
N VAL A 44 -8.89 3.34 -2.24
CA VAL A 44 -8.25 2.78 -3.39
C VAL A 44 -7.85 3.88 -4.36
N ALA A 45 -8.58 5.00 -4.35
CA ALA A 45 -8.25 6.14 -5.20
C ALA A 45 -6.85 6.65 -4.85
N TYR A 46 -6.60 6.76 -3.55
CA TYR A 46 -5.27 7.10 -3.04
C TYR A 46 -4.27 6.04 -3.45
N ALA A 47 -4.62 4.79 -3.23
CA ALA A 47 -3.72 3.70 -3.55
C ALA A 47 -3.34 3.71 -5.02
N LYS A 48 -4.32 3.93 -5.88
CA LYS A 48 -4.14 3.99 -7.32
C LYS A 48 -3.29 5.18 -7.74
N LYS A 49 -3.51 6.31 -7.09
CA LYS A 49 -2.77 7.52 -7.45
C LYS A 49 -1.30 7.37 -7.04
N VAL A 50 -1.11 6.74 -5.90
CA VAL A 50 0.21 6.46 -5.39
C VAL A 50 0.90 5.40 -6.22
N GLU A 51 0.19 4.30 -6.47
CA GLU A 51 0.68 3.18 -7.27
C GLU A 51 1.05 3.69 -8.67
N GLY A 52 0.16 4.47 -9.26
CA GLY A 52 0.38 5.05 -10.57
C GLY A 52 1.61 5.93 -10.60
N ASP A 53 1.79 6.70 -9.56
CA ASP A 53 2.95 7.59 -9.43
C ASP A 53 4.24 6.79 -9.45
N MET A 54 4.36 5.79 -8.58
CA MET A 54 5.55 4.92 -8.54
C MET A 54 5.71 4.10 -9.80
N TYR A 55 4.60 3.71 -10.37
CA TYR A 55 4.58 3.00 -11.64
C TYR A 55 5.23 3.88 -12.72
N GLU A 56 4.76 5.11 -12.84
CA GLU A 56 5.29 6.04 -13.85
C GLU A 56 6.71 6.55 -13.47
N SER A 57 7.04 6.40 -12.23
CA SER A 57 8.32 6.82 -11.68
C SER A 57 9.42 5.75 -11.82
N ALA A 58 9.05 4.50 -11.88
CA ALA A 58 10.00 3.41 -11.94
C ALA A 58 10.44 3.08 -13.35
N ASN A 59 11.48 2.28 -13.42
CA ASN A 59 12.00 1.80 -14.69
C ASN A 59 11.74 0.33 -14.91
N SER A 60 11.00 -0.26 -14.01
CA SER A 60 10.63 -1.65 -14.09
C SER A 60 9.57 -1.93 -13.05
N ARG A 61 8.74 -2.95 -13.27
CA ARG A 61 7.69 -3.29 -12.31
C ARG A 61 8.30 -3.70 -10.99
N ASP A 62 9.41 -4.37 -11.08
CA ASP A 62 10.19 -4.82 -9.95
C ASP A 62 10.72 -3.63 -9.14
N GLU A 63 11.13 -2.56 -9.84
CA GLU A 63 11.55 -1.34 -9.17
C GLU A 63 10.36 -0.62 -8.53
N TYR A 64 9.26 -0.53 -9.26
CA TYR A 64 8.07 0.18 -8.77
C TYR A 64 7.49 -0.56 -7.58
N TYR A 65 7.41 -1.88 -7.70
CA TYR A 65 6.95 -2.74 -6.65
C TYR A 65 7.87 -2.62 -5.46
N HIS A 66 9.18 -2.53 -5.70
CA HIS A 66 10.17 -2.42 -4.63
C HIS A 66 9.95 -1.18 -3.79
N LEU A 67 9.96 -0.03 -4.43
CA LEU A 67 9.88 1.22 -3.71
C LEU A 67 8.51 1.42 -3.07
N LEU A 68 7.47 0.87 -3.70
CA LEU A 68 6.16 0.99 -3.14
C LEU A 68 6.02 0.02 -1.96
N ALA A 69 6.71 -1.10 -2.07
CA ALA A 69 6.76 -2.08 -1.01
C ALA A 69 7.48 -1.48 0.18
N GLU A 70 8.51 -0.71 -0.11
CA GLU A 70 9.27 -0.03 0.91
C GLU A 70 8.43 0.98 1.67
N LYS A 71 7.64 1.76 0.95
CA LYS A 71 6.79 2.72 1.60
C LYS A 71 5.68 2.04 2.39
N ILE A 72 5.11 0.98 1.86
CA ILE A 72 4.04 0.30 2.57
C ILE A 72 4.59 -0.39 3.83
N TYR A 73 5.75 -0.99 3.69
CA TYR A 73 6.46 -1.68 4.76
C TYR A 73 6.72 -0.77 5.94
N LYS A 74 7.29 0.40 5.65
CA LYS A 74 7.59 1.34 6.70
C LYS A 74 6.30 1.78 7.36
N ILE A 75 5.27 2.02 6.53
CA ILE A 75 3.97 2.46 7.00
C ILE A 75 3.36 1.43 7.95
N GLN A 76 3.53 0.15 7.65
CA GLN A 76 2.94 -0.88 8.46
C GLN A 76 3.58 -0.96 9.82
N LYS A 77 4.90 -0.92 9.86
CA LYS A 77 5.55 -0.95 11.13
C LYS A 77 5.42 0.38 11.87
N GLU A 78 5.30 1.44 11.11
CA GLU A 78 5.07 2.77 11.61
C GLU A 78 3.75 2.76 12.37
N LEU A 79 2.70 2.20 11.73
CA LEU A 79 1.39 2.16 12.30
C LEU A 79 1.30 1.30 13.54
N GLU A 80 1.94 0.14 13.52
CA GLU A 80 1.85 -0.75 14.67
C GLU A 80 2.59 -0.20 15.88
N GLU A 81 3.76 0.41 15.68
CA GLU A 81 4.46 0.96 16.84
C GLU A 81 3.72 2.15 17.41
N LYS A 82 3.17 2.99 16.53
CA LYS A 82 2.46 4.19 16.98
C LYS A 82 1.14 3.81 17.67
N ARG A 83 0.54 2.71 17.21
CA ARG A 83 -0.69 2.20 17.77
C ARG A 83 -0.46 1.47 19.10
N ARG A 84 0.53 0.61 19.13
CA ARG A 84 0.72 -0.22 20.29
C ARG A 84 1.65 0.41 21.33
N SER A 85 2.87 0.72 20.94
CA SER A 85 3.85 1.18 21.90
C SER A 85 5.06 1.81 21.23
N ARG A 86 5.08 3.12 21.14
CA ARG A 86 6.28 3.79 20.68
C ARG A 86 6.67 4.88 21.69
N LEU A 87 5.68 5.44 22.37
CA LEU A 87 5.94 6.43 23.42
C LEU A 87 6.33 5.71 24.71
N GLY B 1 2.96 26.14 1.16
CA GLY B 1 2.27 27.16 1.94
C GLY B 1 2.20 26.76 3.38
N SER B 2 2.73 25.55 3.63
CA SER B 2 2.80 24.96 4.96
C SER B 2 1.41 24.73 5.59
N MET B 3 0.39 24.59 4.75
CA MET B 3 -0.95 24.31 5.24
C MET B 3 -1.02 22.85 5.65
N SER B 4 -0.25 22.05 4.95
CA SER B 4 -0.10 20.67 5.25
C SER B 4 1.30 20.48 5.76
N HIS B 5 1.44 19.71 6.80
CA HIS B 5 2.73 19.47 7.38
C HIS B 5 3.39 18.30 6.68
N TYR B 6 4.51 18.58 6.07
CA TYR B 6 5.28 17.59 5.34
C TYR B 6 6.33 16.95 6.23
N GLY B 7 6.53 17.57 7.40
CA GLY B 7 7.44 17.04 8.40
C GLY B 7 6.87 15.81 9.02
N ASN B 8 7.32 14.65 8.55
CA ASN B 8 6.79 13.36 8.96
C ASN B 8 5.32 13.29 8.66
N GLN B 9 4.97 13.70 7.43
CA GLN B 9 3.59 13.66 6.96
C GLN B 9 3.07 12.24 7.00
N THR B 10 3.98 11.32 6.82
CA THR B 10 3.74 9.92 6.81
C THR B 10 3.02 9.47 8.09
N LEU B 11 3.59 9.83 9.24
CA LEU B 11 3.07 9.40 10.52
C LEU B 11 1.72 10.07 10.80
N GLN B 12 1.66 11.37 10.59
CA GLN B 12 0.45 12.13 10.89
C GLN B 12 -0.72 11.78 9.97
N ASP B 13 -0.44 11.63 8.67
CA ASP B 13 -1.46 11.30 7.66
C ASP B 13 -2.02 9.92 7.93
N LEU B 14 -1.12 9.02 8.29
CA LEU B 14 -1.50 7.66 8.59
C LEU B 14 -2.21 7.56 9.94
N LEU B 15 -1.89 8.45 10.87
CA LEU B 15 -2.57 8.40 12.16
C LEU B 15 -4.02 8.86 12.02
N THR B 16 -4.24 9.86 11.20
CA THR B 16 -5.58 10.32 10.98
C THR B 16 -6.41 9.30 10.16
N SER B 17 -5.79 8.62 9.20
CA SER B 17 -6.50 7.59 8.46
C SER B 17 -6.78 6.39 9.39
N ASP B 18 -5.85 6.15 10.29
CA ASP B 18 -5.92 5.12 11.32
C ASP B 18 -7.11 5.39 12.26
N SER B 19 -7.34 6.68 12.52
CA SER B 19 -8.42 7.12 13.40
C SER B 19 -9.81 6.79 12.80
N LEU B 20 -9.87 6.58 11.49
CA LEU B 20 -11.09 6.29 10.79
C LEU B 20 -11.59 4.88 11.14
N SER B 21 -10.66 3.99 11.36
CA SER B 21 -10.96 2.62 11.68
C SER B 21 -11.43 2.47 13.12
N HIS B 22 -10.93 3.36 13.99
CA HIS B 22 -11.23 3.40 15.44
C HIS B 22 -10.62 2.23 16.20
N SER B 23 -11.03 1.04 15.87
CA SER B 23 -10.66 -0.17 16.56
C SER B 23 -9.22 -0.62 16.28
N ASP B 24 -8.83 -1.70 16.94
CA ASP B 24 -7.51 -2.26 16.83
C ASP B 24 -7.54 -3.56 16.05
N GLY B 25 -7.11 -3.52 14.81
CA GLY B 25 -7.07 -4.72 14.00
C GLY B 25 -6.98 -4.38 12.54
N GLY B 26 -6.84 -5.39 11.71
CA GLY B 26 -6.75 -5.22 10.29
C GLY B 26 -7.39 -6.39 9.59
N GLY B 27 -8.57 -6.18 9.05
CA GLY B 27 -9.32 -7.24 8.43
C GLY B 27 -9.04 -7.38 6.95
N SER B 28 -8.19 -8.32 6.61
CA SER B 28 -7.86 -8.57 5.23
C SER B 28 -8.84 -9.58 4.65
N GLY B 29 -8.99 -9.56 3.34
CA GLY B 29 -9.87 -10.47 2.66
C GLY B 29 -9.68 -10.38 1.18
N GLY B 30 -8.43 -10.35 0.77
CA GLY B 30 -8.13 -10.19 -0.63
C GLY B 30 -7.92 -11.52 -1.32
N GLY B 31 -6.72 -11.75 -1.76
CA GLY B 31 -6.39 -12.97 -2.45
C GLY B 31 -5.13 -12.81 -3.25
N SER B 32 -4.84 -13.77 -4.08
CA SER B 32 -3.66 -13.73 -4.92
C SER B 32 -3.90 -14.52 -6.21
N GLY B 33 -3.23 -14.12 -7.26
CA GLY B 33 -3.35 -14.79 -8.53
C GLY B 33 -3.19 -13.82 -9.66
N GLY B 34 -2.69 -14.29 -10.77
CA GLY B 34 -2.46 -13.46 -11.92
C GLY B 34 -1.58 -14.19 -12.88
N GLY B 35 -0.38 -14.46 -12.46
CA GLY B 35 0.54 -15.22 -13.26
C GLY B 35 1.84 -14.49 -13.52
N SER B 36 2.09 -13.46 -12.76
CA SER B 36 3.29 -12.71 -12.93
C SER B 36 4.17 -12.76 -11.66
N LEU B 37 3.98 -11.82 -10.76
CA LEU B 37 4.80 -11.75 -9.56
C LEU B 37 4.00 -12.19 -8.35
N GLU B 38 2.77 -11.74 -8.33
CA GLU B 38 1.78 -11.90 -7.24
C GLU B 38 1.53 -13.38 -6.85
N CYS B 39 1.73 -14.29 -7.79
CA CYS B 39 1.53 -15.71 -7.55
C CYS B 39 2.79 -16.38 -6.97
N ASP B 40 3.88 -15.67 -7.01
CA ASP B 40 5.18 -16.17 -6.58
C ASP B 40 5.75 -15.12 -5.64
N MET B 41 4.85 -14.48 -4.97
CA MET B 41 5.14 -13.27 -4.25
C MET B 41 5.32 -13.49 -2.76
N GLU B 42 4.70 -14.52 -2.23
CA GLU B 42 4.60 -14.85 -0.78
C GLU B 42 5.84 -14.48 0.09
N SER B 43 6.98 -15.02 -0.23
CA SER B 43 8.18 -14.80 0.57
C SER B 43 8.66 -13.34 0.43
N ILE B 44 8.54 -12.85 -0.79
CA ILE B 44 9.00 -11.52 -1.16
C ILE B 44 8.12 -10.45 -0.52
N ILE B 45 6.80 -10.64 -0.61
CA ILE B 45 5.87 -9.70 -0.06
C ILE B 45 6.02 -9.64 1.43
N ARG B 46 6.29 -10.78 2.04
CA ARG B 46 6.48 -10.77 3.46
C ARG B 46 7.67 -9.89 3.83
N SER B 47 8.85 -10.30 3.42
CA SER B 47 10.08 -9.64 3.81
C SER B 47 10.18 -8.19 3.31
N GLU B 48 10.01 -8.02 2.03
CA GLU B 48 10.21 -6.74 1.37
C GLU B 48 9.00 -5.81 1.52
N LEU B 49 7.80 -6.35 1.52
CA LEU B 49 6.65 -5.49 1.48
C LEU B 49 6.04 -5.16 2.83
N MET B 50 6.07 -6.05 3.84
CA MET B 50 5.43 -5.63 5.11
C MET B 50 5.92 -6.37 6.36
N ASP B 51 7.14 -6.85 6.28
CA ASP B 51 7.91 -7.44 7.40
C ASP B 51 7.53 -8.88 7.71
N ALA B 52 6.41 -9.08 8.38
CA ALA B 52 6.01 -10.43 8.78
C ALA B 52 4.50 -10.55 8.89
N GLY A 1 1.70 9.75 -18.53
CA GLY A 1 2.67 10.69 -19.08
C GLY A 1 4.00 10.04 -19.41
N VAL A 2 4.05 8.72 -19.48
CA VAL A 2 5.31 8.05 -19.75
C VAL A 2 5.13 6.93 -20.75
N ARG A 3 6.20 6.62 -21.45
CA ARG A 3 6.19 5.52 -22.36
C ARG A 3 7.28 4.54 -21.94
N LYS A 4 6.88 3.40 -21.47
CA LYS A 4 7.78 2.38 -21.00
C LYS A 4 7.16 0.99 -21.14
N GLY A 5 7.65 0.28 -22.15
CA GLY A 5 7.15 -1.04 -22.56
C GLY A 5 7.07 -2.09 -21.46
N TRP A 6 7.83 -1.92 -20.39
CA TRP A 6 7.81 -2.87 -19.27
C TRP A 6 6.46 -2.92 -18.58
N HIS A 7 5.56 -1.98 -18.91
CA HIS A 7 4.24 -1.91 -18.32
C HIS A 7 3.41 -3.17 -18.63
N GLU A 8 3.84 -3.93 -19.63
CA GLU A 8 3.16 -5.17 -19.97
C GLU A 8 3.68 -6.31 -19.11
N HIS A 9 4.77 -6.07 -18.41
CA HIS A 9 5.38 -7.09 -17.54
C HIS A 9 4.75 -7.03 -16.17
N VAL A 10 3.74 -6.21 -16.06
CA VAL A 10 2.99 -6.03 -14.88
C VAL A 10 1.56 -6.08 -15.29
N THR A 11 0.86 -7.06 -14.86
CA THR A 11 -0.50 -7.15 -15.22
C THR A 11 -1.28 -6.39 -14.17
N GLN A 12 -2.60 -6.24 -14.36
CA GLN A 12 -3.39 -5.52 -13.40
C GLN A 12 -3.35 -6.24 -12.06
N ASP A 13 -3.17 -7.54 -12.10
CA ASP A 13 -3.08 -8.37 -10.90
C ASP A 13 -1.95 -7.94 -9.97
N LEU A 14 -0.74 -7.74 -10.51
CA LEU A 14 0.42 -7.41 -9.66
C LEU A 14 0.20 -6.09 -9.04
N ARG A 15 -0.06 -5.13 -9.88
CA ARG A 15 -0.27 -3.79 -9.44
C ARG A 15 -1.45 -3.64 -8.50
N SER A 16 -2.58 -4.24 -8.83
CA SER A 16 -3.77 -4.13 -8.01
C SER A 16 -3.54 -4.79 -6.64
N HIS A 17 -2.70 -5.82 -6.61
CA HIS A 17 -2.38 -6.50 -5.37
C HIS A 17 -1.62 -5.53 -4.46
N LEU A 18 -0.68 -4.86 -5.06
CA LEU A 18 0.13 -3.88 -4.39
C LEU A 18 -0.73 -2.68 -3.98
N VAL A 19 -1.64 -2.28 -4.86
CA VAL A 19 -2.62 -1.21 -4.60
C VAL A 19 -3.49 -1.56 -3.37
N HIS A 20 -4.01 -2.77 -3.39
CA HIS A 20 -4.85 -3.32 -2.31
C HIS A 20 -4.09 -3.23 -0.98
N LYS A 21 -2.84 -3.60 -1.03
CA LYS A 21 -1.98 -3.51 0.11
C LYS A 21 -1.70 -2.09 0.52
N LEU A 22 -1.47 -1.21 -0.48
CA LEU A 22 -1.26 0.23 -0.24
C LEU A 22 -2.40 0.76 0.58
N VAL A 23 -3.62 0.43 0.18
CA VAL A 23 -4.83 0.80 0.91
C VAL A 23 -4.74 0.30 2.34
N GLN A 24 -4.53 -1.00 2.53
CA GLN A 24 -4.50 -1.57 3.87
C GLN A 24 -3.47 -0.92 4.80
N ALA A 25 -2.37 -0.43 4.25
CA ALA A 25 -1.39 0.26 5.05
C ALA A 25 -1.78 1.71 5.30
N ILE A 26 -2.22 2.41 4.27
CA ILE A 26 -2.50 3.85 4.36
C ILE A 26 -3.85 4.07 5.07
N PHE A 27 -4.68 3.08 4.96
CA PHE A 27 -5.95 3.02 5.57
C PHE A 27 -6.17 1.62 6.10
N PRO A 28 -5.74 1.35 7.36
CA PRO A 28 -5.96 0.05 7.98
C PRO A 28 -7.44 -0.27 7.98
N THR A 29 -7.85 -1.16 7.13
CA THR A 29 -9.23 -1.44 6.96
C THR A 29 -9.82 -2.10 8.22
N PRO A 30 -10.94 -1.57 8.71
CA PRO A 30 -11.60 -2.09 9.90
C PRO A 30 -12.26 -3.43 9.64
N ASP A 31 -12.72 -3.61 8.42
CA ASP A 31 -13.44 -4.78 8.01
C ASP A 31 -13.06 -5.07 6.59
N PRO A 32 -13.03 -6.33 6.17
CA PRO A 32 -12.68 -6.66 4.80
C PRO A 32 -13.77 -6.22 3.80
N ALA A 33 -14.93 -5.87 4.32
CA ALA A 33 -15.99 -5.40 3.46
C ALA A 33 -15.83 -3.90 3.19
N ALA A 34 -14.99 -3.24 3.98
CA ALA A 34 -14.70 -1.83 3.75
C ALA A 34 -13.82 -1.70 2.51
N LEU A 35 -13.33 -2.84 2.06
CA LEU A 35 -12.49 -2.94 0.90
C LEU A 35 -13.35 -3.08 -0.37
N LYS A 36 -14.64 -2.98 -0.21
CA LYS A 36 -15.54 -2.96 -1.35
C LYS A 36 -16.61 -1.88 -1.21
N ASP A 37 -16.47 -1.09 -0.17
CA ASP A 37 -17.45 -0.04 0.19
C ASP A 37 -17.20 1.21 -0.66
N ARG A 38 -18.03 2.22 -0.50
CA ARG A 38 -17.83 3.49 -1.18
C ARG A 38 -16.63 4.22 -0.60
N ARG A 39 -16.23 3.83 0.60
CA ARG A 39 -15.03 4.35 1.20
C ARG A 39 -13.84 3.79 0.45
N MET A 40 -14.00 2.54 -0.06
CA MET A 40 -12.95 1.87 -0.78
C MET A 40 -12.54 2.67 -1.95
N GLU A 41 -13.50 3.29 -2.65
CA GLU A 41 -13.17 4.01 -3.87
C GLU A 41 -12.20 5.16 -3.58
N ASN A 42 -12.32 5.76 -2.41
CA ASN A 42 -11.45 6.85 -2.01
C ASN A 42 -10.08 6.31 -1.66
N LEU A 43 -10.08 5.23 -0.90
CA LEU A 43 -8.83 4.63 -0.44
C LEU A 43 -8.04 4.10 -1.63
N VAL A 44 -8.74 3.40 -2.52
CA VAL A 44 -8.13 2.86 -3.71
C VAL A 44 -7.75 3.95 -4.67
N ALA A 45 -8.50 5.06 -4.68
CA ALA A 45 -8.18 6.19 -5.54
C ALA A 45 -6.78 6.70 -5.22
N TYR A 46 -6.49 6.83 -3.91
CA TYR A 46 -5.13 7.19 -3.44
C TYR A 46 -4.14 6.11 -3.83
N ALA A 47 -4.48 4.88 -3.56
CA ALA A 47 -3.58 3.78 -3.81
C ALA A 47 -3.21 3.72 -5.28
N LYS A 48 -4.20 3.91 -6.14
CA LYS A 48 -4.02 3.90 -7.58
C LYS A 48 -3.20 5.10 -8.07
N LYS A 49 -3.45 6.27 -7.49
CA LYS A 49 -2.74 7.47 -7.90
C LYS A 49 -1.26 7.35 -7.51
N VAL A 50 -1.04 6.78 -6.35
CA VAL A 50 0.28 6.58 -5.82
C VAL A 50 0.99 5.44 -6.57
N GLU A 51 0.28 4.35 -6.78
CA GLU A 51 0.79 3.19 -7.50
C GLU A 51 1.21 3.65 -8.90
N GLY A 52 0.32 4.40 -9.55
CA GLY A 52 0.58 4.94 -10.87
C GLY A 52 1.79 5.84 -10.91
N ASP A 53 1.94 6.63 -9.86
CA ASP A 53 3.07 7.55 -9.71
C ASP A 53 4.38 6.79 -9.71
N MET A 54 4.49 5.81 -8.84
CA MET A 54 5.70 4.97 -8.76
C MET A 54 5.85 4.06 -9.96
N TYR A 55 4.75 3.70 -10.57
CA TYR A 55 4.73 2.86 -11.73
C TYR A 55 5.38 3.65 -12.88
N GLU A 56 4.96 4.89 -13.05
CA GLU A 56 5.52 5.74 -14.11
C GLU A 56 6.93 6.20 -13.76
N SER A 57 7.20 6.26 -12.50
CA SER A 57 8.49 6.68 -11.98
C SER A 57 9.58 5.60 -12.12
N ALA A 58 9.19 4.36 -12.01
CA ALA A 58 10.13 3.26 -12.09
C ALA A 58 10.45 2.88 -13.53
N ASN A 59 11.43 2.04 -13.67
CA ASN A 59 11.87 1.59 -14.98
C ASN A 59 11.72 0.09 -15.10
N SER A 60 11.01 -0.48 -14.18
CA SER A 60 10.67 -1.87 -14.18
C SER A 60 9.61 -2.05 -13.14
N ARG A 61 8.75 -3.05 -13.30
CA ARG A 61 7.77 -3.30 -12.25
C ARG A 61 8.47 -3.72 -10.96
N ASP A 62 9.64 -4.33 -11.13
CA ASP A 62 10.45 -4.81 -10.02
C ASP A 62 10.89 -3.63 -9.15
N GLU A 63 11.38 -2.58 -9.81
CA GLU A 63 11.78 -1.35 -9.14
C GLU A 63 10.59 -0.65 -8.51
N TYR A 64 9.49 -0.58 -9.25
CA TYR A 64 8.31 0.13 -8.79
C TYR A 64 7.72 -0.56 -7.57
N TYR A 65 7.63 -1.89 -7.65
CA TYR A 65 7.17 -2.70 -6.56
C TYR A 65 8.10 -2.55 -5.36
N HIS A 66 9.39 -2.54 -5.62
CA HIS A 66 10.39 -2.41 -4.55
C HIS A 66 10.23 -1.10 -3.76
N LEU A 67 10.20 0.03 -4.46
CA LEU A 67 10.14 1.33 -3.81
C LEU A 67 8.76 1.59 -3.18
N LEU A 68 7.71 1.09 -3.80
CA LEU A 68 6.39 1.29 -3.27
C LEU A 68 6.26 0.44 -2.02
N ALA A 69 6.89 -0.75 -2.07
CA ALA A 69 6.96 -1.63 -0.94
C ALA A 69 7.68 -0.94 0.19
N GLU A 70 8.71 -0.20 -0.14
CA GLU A 70 9.49 0.54 0.84
C GLU A 70 8.62 1.49 1.65
N LYS A 71 7.82 2.30 0.96
CA LYS A 71 7.02 3.25 1.67
C LYS A 71 5.88 2.57 2.46
N ILE A 72 5.29 1.55 1.87
CA ILE A 72 4.19 0.86 2.54
C ILE A 72 4.70 0.09 3.77
N TYR A 73 5.81 -0.59 3.60
CA TYR A 73 6.48 -1.37 4.62
C TYR A 73 6.77 -0.53 5.84
N LYS A 74 7.41 0.62 5.62
CA LYS A 74 7.76 1.50 6.74
C LYS A 74 6.51 1.99 7.43
N ILE A 75 5.49 2.35 6.65
CA ILE A 75 4.23 2.82 7.19
C ILE A 75 3.54 1.74 8.02
N GLN A 76 3.68 0.48 7.62
CA GLN A 76 3.01 -0.59 8.31
C GLN A 76 3.62 -0.84 9.65
N LYS A 77 4.91 -0.86 9.71
CA LYS A 77 5.53 -1.03 10.97
C LYS A 77 5.46 0.24 11.81
N GLU A 78 5.39 1.39 11.16
CA GLU A 78 5.23 2.65 11.85
C GLU A 78 3.85 2.69 12.51
N LEU A 79 2.82 2.24 11.78
CA LEU A 79 1.49 2.20 12.34
C LEU A 79 1.44 1.19 13.47
N GLU A 80 2.12 0.07 13.30
CA GLU A 80 2.23 -0.94 14.34
C GLU A 80 2.86 -0.36 15.60
N GLU A 81 4.01 0.27 15.48
CA GLU A 81 4.69 0.82 16.65
C GLU A 81 3.87 1.93 17.31
N LYS A 82 3.30 2.84 16.52
CA LYS A 82 2.55 3.95 17.09
C LYS A 82 1.27 3.44 17.78
N ARG A 83 0.69 2.38 17.22
CA ARG A 83 -0.52 1.77 17.72
C ARG A 83 -0.23 0.98 18.98
N ARG A 84 0.85 0.19 18.95
CA ARG A 84 1.18 -0.68 20.06
C ARG A 84 1.91 0.07 21.17
N SER A 85 3.08 0.66 20.86
CA SER A 85 3.91 1.32 21.86
C SER A 85 5.24 1.83 21.27
N ARG A 86 5.24 2.99 20.67
CA ARG A 86 6.50 3.52 20.16
C ARG A 86 7.13 4.44 21.19
N LEU A 87 6.28 4.97 22.06
CA LEU A 87 6.74 5.82 23.17
C LEU A 87 7.44 4.95 24.22
N GLY B 1 2.88 27.01 0.26
CA GLY B 1 2.71 28.00 1.29
C GLY B 1 2.41 27.35 2.61
N SER B 2 2.28 26.06 2.56
CA SER B 2 2.00 25.26 3.72
C SER B 2 3.31 24.87 4.40
N MET B 3 3.53 25.41 5.59
CA MET B 3 4.80 25.24 6.31
C MET B 3 4.89 23.91 7.05
N SER B 4 3.84 23.13 7.01
CA SER B 4 3.83 21.88 7.72
C SER B 4 3.35 20.75 6.78
N HIS B 5 3.52 20.93 5.48
CA HIS B 5 3.13 19.89 4.56
C HIS B 5 4.34 19.01 4.25
N TYR B 6 4.17 17.69 4.42
CA TYR B 6 5.22 16.67 4.29
C TYR B 6 6.21 16.74 5.45
N GLY B 7 6.41 15.62 6.09
CA GLY B 7 7.24 15.57 7.25
C GLY B 7 6.45 15.08 8.42
N ASN B 8 6.38 13.77 8.57
CA ASN B 8 5.62 13.07 9.65
C ASN B 8 4.11 13.21 9.40
N GLN B 9 3.78 13.75 8.24
CA GLN B 9 2.42 13.97 7.89
C GLN B 9 1.78 12.69 7.48
N THR B 10 2.59 11.79 6.97
CA THR B 10 2.10 10.50 6.58
C THR B 10 1.71 9.71 7.85
N LEU B 11 2.38 9.98 8.96
CA LEU B 11 2.09 9.33 10.22
C LEU B 11 0.81 9.87 10.83
N GLN B 12 0.68 11.19 10.89
CA GLN B 12 -0.52 11.77 11.48
C GLN B 12 -1.75 11.55 10.61
N ASP B 13 -1.56 11.53 9.29
CA ASP B 13 -2.67 11.23 8.36
C ASP B 13 -3.05 9.78 8.50
N LEU B 14 -2.04 8.94 8.74
CA LEU B 14 -2.26 7.54 8.99
C LEU B 14 -3.02 7.37 10.31
N LEU B 15 -2.78 8.27 11.25
CA LEU B 15 -3.50 8.27 12.51
C LEU B 15 -4.96 8.70 12.27
N THR B 16 -5.16 9.57 11.30
CA THR B 16 -6.50 9.97 10.90
C THR B 16 -7.23 8.75 10.31
N SER B 17 -6.52 7.98 9.48
CA SER B 17 -7.03 6.75 8.90
C SER B 17 -7.36 5.75 10.02
N ASP B 18 -6.47 5.68 10.99
CA ASP B 18 -6.61 4.85 12.19
C ASP B 18 -7.91 5.17 12.93
N SER B 19 -8.18 6.46 13.05
CA SER B 19 -9.37 6.94 13.72
C SER B 19 -10.66 6.59 12.93
N LEU B 20 -10.51 6.21 11.67
CA LEU B 20 -11.62 5.81 10.85
C LEU B 20 -11.82 4.28 11.02
N SER B 21 -10.71 3.60 11.27
CA SER B 21 -10.70 2.17 11.41
C SER B 21 -11.25 1.75 12.78
N HIS B 22 -10.75 2.42 13.83
CA HIS B 22 -11.14 2.19 15.24
C HIS B 22 -10.50 0.92 15.82
N SER B 23 -10.66 -0.18 15.15
CA SER B 23 -10.17 -1.43 15.65
C SER B 23 -8.96 -1.88 14.83
N ASP B 24 -8.23 -2.84 15.36
CA ASP B 24 -7.05 -3.37 14.71
C ASP B 24 -7.46 -4.44 13.70
N GLY B 25 -7.88 -3.98 12.54
CA GLY B 25 -8.37 -4.87 11.51
C GLY B 25 -7.30 -5.35 10.56
N GLY B 26 -7.26 -4.77 9.40
CA GLY B 26 -6.28 -5.12 8.42
C GLY B 26 -6.67 -6.36 7.63
N GLY B 27 -5.70 -7.19 7.36
CA GLY B 27 -5.94 -8.39 6.59
C GLY B 27 -4.65 -8.88 6.00
N SER B 28 -3.75 -7.92 5.77
CA SER B 28 -2.39 -8.12 5.29
C SER B 28 -2.37 -8.37 3.76
N GLY B 29 -3.23 -9.25 3.28
CA GLY B 29 -3.35 -9.49 1.87
C GLY B 29 -2.52 -10.66 1.39
N GLY B 30 -3.20 -11.71 1.01
CA GLY B 30 -2.54 -12.86 0.47
C GLY B 30 -3.36 -13.44 -0.63
N GLY B 31 -2.81 -14.36 -1.38
CA GLY B 31 -3.54 -14.97 -2.44
C GLY B 31 -3.19 -14.36 -3.78
N SER B 32 -1.91 -14.16 -4.00
CA SER B 32 -1.42 -13.61 -5.23
C SER B 32 -1.56 -14.63 -6.36
N GLY B 33 -1.98 -14.16 -7.51
CA GLY B 33 -2.15 -15.01 -8.65
C GLY B 33 -1.92 -14.22 -9.90
N GLY B 34 -1.36 -14.86 -10.90
CA GLY B 34 -1.10 -14.19 -12.16
C GLY B 34 0.13 -14.73 -12.84
N GLY B 35 0.90 -13.87 -13.48
CA GLY B 35 2.04 -14.30 -14.23
C GLY B 35 3.38 -13.91 -13.62
N SER B 36 4.12 -13.06 -14.35
CA SER B 36 5.50 -12.59 -14.07
C SER B 36 5.92 -12.65 -12.57
N LEU B 37 5.45 -11.72 -11.77
CA LEU B 37 5.81 -11.69 -10.35
C LEU B 37 4.65 -12.25 -9.54
N GLU B 38 3.54 -12.32 -10.21
CA GLU B 38 2.23 -12.50 -9.61
C GLU B 38 1.94 -13.98 -9.34
N CYS B 39 2.72 -14.88 -9.97
CA CYS B 39 2.55 -16.35 -9.92
C CYS B 39 2.21 -16.84 -8.51
N ASP B 40 3.09 -16.57 -7.57
CA ASP B 40 2.87 -16.85 -6.16
C ASP B 40 3.97 -16.19 -5.39
N MET B 41 3.76 -14.94 -5.14
CA MET B 41 4.76 -14.11 -4.53
C MET B 41 4.63 -14.08 -3.03
N GLU B 42 3.50 -14.61 -2.58
CA GLU B 42 3.05 -14.76 -1.15
C GLU B 42 4.12 -14.46 -0.08
N SER B 43 5.05 -15.38 0.07
CA SER B 43 6.08 -15.33 1.09
C SER B 43 7.06 -14.16 0.86
N ILE B 44 7.51 -14.04 -0.37
CA ILE B 44 8.51 -13.07 -0.77
C ILE B 44 7.94 -11.66 -0.64
N ILE B 45 6.70 -11.49 -1.10
CA ILE B 45 6.06 -10.22 -1.03
C ILE B 45 5.79 -9.85 0.42
N ARG B 46 5.44 -10.84 1.24
CA ARG B 46 5.19 -10.58 2.65
C ARG B 46 6.42 -9.92 3.28
N SER B 47 7.58 -10.52 3.05
CA SER B 47 8.83 -10.02 3.56
C SER B 47 9.17 -8.60 3.05
N GLU B 48 9.13 -8.42 1.75
CA GLU B 48 9.54 -7.17 1.14
C GLU B 48 8.50 -6.06 1.29
N LEU B 49 7.26 -6.41 1.08
CA LEU B 49 6.19 -5.45 1.03
C LEU B 49 5.81 -4.96 2.42
N MET B 50 5.73 -5.84 3.43
CA MET B 50 5.26 -5.33 4.72
C MET B 50 5.59 -6.19 5.95
N ASP B 51 6.72 -6.89 5.97
CA ASP B 51 7.07 -7.64 7.16
C ASP B 51 7.39 -6.71 8.32
N ALA B 52 6.64 -6.85 9.39
CA ALA B 52 6.80 -6.01 10.57
C ALA B 52 8.06 -6.37 11.31
N GLY A 1 2.54 9.91 -17.06
CA GLY A 1 2.41 10.10 -18.50
C GLY A 1 3.69 9.81 -19.21
N VAL A 2 4.26 8.67 -18.93
CA VAL A 2 5.47 8.27 -19.56
C VAL A 2 5.29 6.82 -20.02
N ARG A 3 5.51 6.56 -21.27
CA ARG A 3 5.32 5.23 -21.78
C ARG A 3 6.62 4.49 -21.68
N LYS A 4 6.62 3.52 -20.83
CA LYS A 4 7.80 2.78 -20.51
C LYS A 4 7.54 1.34 -20.82
N GLY A 5 8.33 0.80 -21.72
CA GLY A 5 8.14 -0.55 -22.26
C GLY A 5 7.99 -1.66 -21.23
N TRP A 6 8.53 -1.46 -20.04
CA TRP A 6 8.40 -2.46 -19.00
C TRP A 6 6.95 -2.62 -18.53
N HIS A 7 6.08 -1.67 -18.88
CA HIS A 7 4.65 -1.80 -18.51
C HIS A 7 3.97 -3.07 -19.08
N GLU A 8 4.62 -3.73 -20.03
CA GLU A 8 4.11 -4.98 -20.58
C GLU A 8 4.55 -6.14 -19.69
N HIS A 9 5.45 -5.86 -18.78
CA HIS A 9 6.01 -6.86 -17.87
C HIS A 9 5.24 -6.86 -16.56
N VAL A 10 4.23 -6.07 -16.50
CA VAL A 10 3.45 -5.93 -15.32
C VAL A 10 1.97 -5.97 -15.68
N THR A 11 1.27 -6.84 -15.06
CA THR A 11 -0.12 -7.01 -15.34
C THR A 11 -0.95 -6.16 -14.39
N GLN A 12 -2.17 -5.86 -14.79
CA GLN A 12 -3.14 -5.13 -13.98
C GLN A 12 -3.30 -5.80 -12.62
N ASP A 13 -3.36 -7.11 -12.65
CA ASP A 13 -3.53 -7.93 -11.46
C ASP A 13 -2.43 -7.68 -10.44
N LEU A 14 -1.19 -7.47 -10.93
CA LEU A 14 -0.04 -7.31 -10.04
C LEU A 14 -0.16 -5.98 -9.36
N ARG A 15 -0.39 -4.99 -10.16
CA ARG A 15 -0.47 -3.65 -9.67
C ARG A 15 -1.66 -3.41 -8.78
N SER A 16 -2.80 -3.92 -9.17
CA SER A 16 -4.01 -3.75 -8.41
C SER A 16 -3.90 -4.55 -7.09
N HIS A 17 -3.06 -5.58 -7.09
CA HIS A 17 -2.78 -6.39 -5.90
C HIS A 17 -2.00 -5.51 -4.90
N LEU A 18 -1.03 -4.82 -5.43
CA LEU A 18 -0.20 -3.90 -4.66
C LEU A 18 -1.04 -2.73 -4.17
N VAL A 19 -1.93 -2.24 -5.03
CA VAL A 19 -2.92 -1.19 -4.69
C VAL A 19 -3.75 -1.63 -3.46
N HIS A 20 -4.27 -2.85 -3.52
CA HIS A 20 -5.04 -3.47 -2.45
C HIS A 20 -4.27 -3.41 -1.13
N LYS A 21 -3.03 -3.86 -1.17
CA LYS A 21 -2.17 -3.84 -0.01
C LYS A 21 -1.88 -2.43 0.46
N LEU A 22 -1.67 -1.52 -0.50
CA LEU A 22 -1.47 -0.10 -0.20
C LEU A 22 -2.56 0.41 0.70
N VAL A 23 -3.82 0.19 0.29
CA VAL A 23 -4.99 0.58 1.10
C VAL A 23 -4.90 -0.03 2.48
N GLN A 24 -4.66 -1.33 2.57
CA GLN A 24 -4.62 -2.02 3.88
C GLN A 24 -3.63 -1.37 4.86
N ALA A 25 -2.49 -0.94 4.37
CA ALA A 25 -1.51 -0.31 5.21
C ALA A 25 -1.83 1.16 5.44
N ILE A 26 -2.20 1.88 4.41
CA ILE A 26 -2.42 3.32 4.52
C ILE A 26 -3.76 3.61 5.22
N PHE A 27 -4.66 2.68 5.12
CA PHE A 27 -5.95 2.76 5.71
C PHE A 27 -6.21 1.48 6.50
N PRO A 28 -5.88 1.47 7.82
CA PRO A 28 -6.15 0.32 8.67
C PRO A 28 -7.65 0.08 8.77
N THR A 29 -8.11 -0.83 7.98
CA THR A 29 -9.50 -1.11 7.87
C THR A 29 -10.05 -1.79 9.14
N PRO A 30 -11.25 -1.38 9.59
CA PRO A 30 -11.89 -1.97 10.77
C PRO A 30 -12.40 -3.39 10.47
N ASP A 31 -12.84 -3.60 9.25
CA ASP A 31 -13.39 -4.87 8.80
C ASP A 31 -12.97 -5.08 7.38
N PRO A 32 -12.81 -6.32 6.95
CA PRO A 32 -12.51 -6.63 5.55
C PRO A 32 -13.66 -6.23 4.62
N ALA A 33 -14.82 -5.96 5.18
CA ALA A 33 -15.95 -5.54 4.39
C ALA A 33 -15.94 -4.03 4.17
N ALA A 34 -15.07 -3.32 4.86
CA ALA A 34 -14.94 -1.89 4.64
C ALA A 34 -14.11 -1.65 3.38
N LEU A 35 -13.56 -2.75 2.90
CA LEU A 35 -12.73 -2.78 1.73
C LEU A 35 -13.60 -2.91 0.47
N LYS A 36 -14.91 -2.94 0.65
CA LYS A 36 -15.85 -3.00 -0.46
C LYS A 36 -16.96 -1.96 -0.21
N ASP A 37 -16.64 -1.01 0.63
CA ASP A 37 -17.56 0.02 1.08
C ASP A 37 -17.34 1.30 0.26
N ARG A 38 -18.13 2.32 0.50
CA ARG A 38 -17.99 3.58 -0.17
C ARG A 38 -16.70 4.27 0.28
N ARG A 39 -16.28 3.99 1.51
CA ARG A 39 -15.07 4.56 2.07
C ARG A 39 -13.87 4.06 1.26
N MET A 40 -14.00 2.83 0.81
CA MET A 40 -13.02 2.14 -0.02
C MET A 40 -12.73 2.88 -1.32
N GLU A 41 -13.70 3.57 -1.91
CA GLU A 41 -13.42 4.24 -3.18
C GLU A 41 -12.37 5.33 -2.97
N ASN A 42 -12.38 5.94 -1.78
CA ASN A 42 -11.39 6.95 -1.39
C ASN A 42 -10.08 6.26 -1.14
N LEU A 43 -10.18 5.17 -0.40
CA LEU A 43 -9.05 4.34 -0.03
C LEU A 43 -8.27 3.92 -1.27
N VAL A 44 -8.96 3.31 -2.18
CA VAL A 44 -8.38 2.77 -3.36
C VAL A 44 -8.00 3.89 -4.32
N ALA A 45 -8.73 5.02 -4.27
CA ALA A 45 -8.41 6.18 -5.11
C ALA A 45 -7.00 6.66 -4.80
N TYR A 46 -6.72 6.79 -3.51
CA TYR A 46 -5.37 7.14 -3.05
C TYR A 46 -4.38 6.09 -3.48
N ALA A 47 -4.74 4.84 -3.26
CA ALA A 47 -3.83 3.75 -3.57
C ALA A 47 -3.46 3.76 -5.05
N LYS A 48 -4.45 3.95 -5.89
CA LYS A 48 -4.27 4.01 -7.34
C LYS A 48 -3.40 5.19 -7.74
N LYS A 49 -3.68 6.36 -7.18
CA LYS A 49 -2.95 7.56 -7.51
C LYS A 49 -1.46 7.43 -7.12
N VAL A 50 -1.24 6.85 -5.95
CA VAL A 50 0.09 6.64 -5.41
C VAL A 50 0.82 5.55 -6.18
N GLU A 51 0.11 4.48 -6.47
CA GLU A 51 0.62 3.36 -7.25
C GLU A 51 1.07 3.88 -8.59
N GLY A 52 0.23 4.71 -9.18
CA GLY A 52 0.53 5.33 -10.46
C GLY A 52 1.81 6.13 -10.41
N ASP A 53 1.98 6.89 -9.34
CA ASP A 53 3.19 7.70 -9.17
C ASP A 53 4.43 6.86 -9.18
N MET A 54 4.49 5.86 -8.33
CA MET A 54 5.66 4.96 -8.25
C MET A 54 5.82 4.10 -9.49
N TYR A 55 4.72 3.79 -10.12
CA TYR A 55 4.71 3.04 -11.35
C TYR A 55 5.39 3.89 -12.43
N GLU A 56 4.95 5.13 -12.56
CA GLU A 56 5.51 6.05 -13.55
C GLU A 56 6.93 6.46 -13.21
N SER A 57 7.24 6.41 -11.94
CA SER A 57 8.53 6.76 -11.40
C SER A 57 9.60 5.67 -11.59
N ALA A 58 9.19 4.45 -11.67
CA ALA A 58 10.11 3.34 -11.79
C ALA A 58 10.49 3.04 -13.22
N ASN A 59 11.58 2.30 -13.38
CA ASN A 59 12.06 1.90 -14.69
C ASN A 59 11.88 0.39 -14.90
N SER A 60 11.20 -0.23 -13.97
CA SER A 60 10.82 -1.62 -14.04
C SER A 60 9.73 -1.84 -13.06
N ARG A 61 8.95 -2.88 -13.25
CA ARG A 61 7.89 -3.14 -12.30
C ARG A 61 8.47 -3.65 -11.00
N ASP A 62 9.64 -4.26 -11.09
CA ASP A 62 10.37 -4.75 -9.95
C ASP A 62 10.79 -3.57 -9.08
N GLU A 63 11.31 -2.54 -9.72
CA GLU A 63 11.67 -1.31 -9.02
C GLU A 63 10.46 -0.65 -8.40
N TYR A 64 9.38 -0.57 -9.18
CA TYR A 64 8.17 0.09 -8.73
C TYR A 64 7.56 -0.66 -7.55
N TYR A 65 7.46 -1.97 -7.69
CA TYR A 65 6.94 -2.82 -6.65
C TYR A 65 7.81 -2.74 -5.42
N HIS A 66 9.12 -2.78 -5.60
CA HIS A 66 10.04 -2.76 -4.47
C HIS A 66 9.96 -1.42 -3.71
N LEU A 67 9.99 -0.31 -4.42
CA LEU A 67 9.98 0.98 -3.74
C LEU A 67 8.62 1.29 -3.09
N LEU A 68 7.55 0.81 -3.72
CA LEU A 68 6.23 1.02 -3.16
C LEU A 68 6.08 0.10 -1.97
N ALA A 69 6.72 -1.06 -2.06
CA ALA A 69 6.76 -2.00 -0.99
C ALA A 69 7.49 -1.39 0.17
N GLU A 70 8.57 -0.71 -0.11
CA GLU A 70 9.39 -0.04 0.92
C GLU A 70 8.56 0.94 1.73
N LYS A 71 7.79 1.76 1.03
CA LYS A 71 7.01 2.74 1.69
C LYS A 71 5.83 2.11 2.48
N ILE A 72 5.20 1.08 1.93
CA ILE A 72 4.07 0.45 2.61
C ILE A 72 4.57 -0.31 3.85
N TYR A 73 5.73 -0.88 3.69
CA TYR A 73 6.44 -1.68 4.67
C TYR A 73 6.67 -0.84 5.93
N LYS A 74 7.32 0.30 5.73
CA LYS A 74 7.65 1.19 6.81
C LYS A 74 6.39 1.73 7.44
N ILE A 75 5.35 1.91 6.62
CA ILE A 75 4.07 2.40 7.09
C ILE A 75 3.37 1.37 7.99
N GLN A 76 3.41 0.10 7.61
CA GLN A 76 2.75 -0.94 8.39
C GLN A 76 3.34 -1.04 9.78
N LYS A 77 4.65 -1.11 9.84
CA LYS A 77 5.27 -1.18 11.13
C LYS A 77 5.13 0.14 11.91
N GLU A 78 5.10 1.25 11.17
CA GLU A 78 4.94 2.56 11.76
C GLU A 78 3.57 2.66 12.41
N LEU A 79 2.53 2.23 11.68
CA LEU A 79 1.17 2.31 12.16
C LEU A 79 1.00 1.51 13.42
N GLU A 80 1.55 0.29 13.46
CA GLU A 80 1.38 -0.53 14.64
C GLU A 80 2.11 0.06 15.87
N GLU A 81 3.30 0.61 15.66
CA GLU A 81 4.03 1.19 16.77
C GLU A 81 3.43 2.51 17.23
N LYS A 82 3.00 3.36 16.30
CA LYS A 82 2.42 4.65 16.67
C LYS A 82 1.03 4.48 17.28
N ARG A 83 0.31 3.46 16.82
CA ARG A 83 -1.03 3.14 17.30
C ARG A 83 -0.94 2.68 18.73
N ARG A 84 0.08 1.88 19.04
CA ARG A 84 0.26 1.44 20.38
C ARG A 84 0.87 2.54 21.23
N SER A 85 2.07 2.99 20.84
CA SER A 85 2.80 3.99 21.60
C SER A 85 4.14 4.38 20.92
N ARG A 86 4.16 5.49 20.20
CA ARG A 86 5.43 6.03 19.70
C ARG A 86 5.59 7.46 20.22
N LEU A 87 4.48 8.12 20.49
CA LEU A 87 4.52 9.48 21.05
C LEU A 87 4.74 9.41 22.55
N GLY B 1 -2.67 20.46 10.91
CA GLY B 1 -1.35 20.42 11.49
C GLY B 1 -0.33 19.97 10.47
N SER B 2 -0.10 20.80 9.50
CA SER B 2 0.81 20.49 8.46
C SER B 2 1.84 21.61 8.35
N MET B 3 3.06 21.30 8.72
CA MET B 3 4.17 22.23 8.66
C MET B 3 4.87 22.15 7.33
N SER B 4 4.82 21.00 6.72
CA SER B 4 5.49 20.79 5.47
C SER B 4 4.69 19.88 4.56
N HIS B 5 4.28 18.72 5.12
CA HIS B 5 3.56 17.66 4.41
C HIS B 5 4.53 17.01 3.40
N TYR B 6 5.79 17.15 3.68
CA TYR B 6 6.83 16.59 2.88
C TYR B 6 7.75 15.82 3.80
N GLY B 7 7.76 14.53 3.62
CA GLY B 7 8.57 13.66 4.45
C GLY B 7 7.73 13.06 5.55
N ASN B 8 6.73 13.79 5.98
CA ASN B 8 5.87 13.36 7.08
C ASN B 8 4.42 13.32 6.66
N GLN B 9 4.17 13.48 5.36
CA GLN B 9 2.79 13.47 4.83
C GLN B 9 2.13 12.15 5.13
N THR B 10 2.91 11.09 5.05
CA THR B 10 2.40 9.78 5.17
C THR B 10 1.99 9.47 6.61
N LEU B 11 2.72 10.03 7.57
CA LEU B 11 2.38 9.82 8.98
C LEU B 11 1.06 10.47 9.32
N GLN B 12 0.88 11.71 8.88
CA GLN B 12 -0.34 12.40 9.20
C GLN B 12 -1.53 11.90 8.39
N ASP B 13 -1.33 11.52 7.12
CA ASP B 13 -2.42 10.93 6.33
C ASP B 13 -2.86 9.63 6.96
N LEU B 14 -1.88 8.81 7.32
CA LEU B 14 -2.12 7.52 7.95
C LEU B 14 -2.78 7.70 9.33
N LEU B 15 -2.40 8.75 10.04
CA LEU B 15 -3.01 9.03 11.33
C LEU B 15 -4.46 9.50 11.12
N THR B 16 -4.70 10.16 10.01
CA THR B 16 -6.04 10.57 9.64
C THR B 16 -6.88 9.32 9.33
N SER B 17 -6.29 8.38 8.60
CA SER B 17 -6.91 7.11 8.28
C SER B 17 -7.29 6.37 9.56
N ASP B 18 -6.35 6.34 10.47
CA ASP B 18 -6.51 5.67 11.75
C ASP B 18 -7.63 6.34 12.53
N SER B 19 -7.66 7.66 12.50
CA SER B 19 -8.66 8.43 13.16
C SER B 19 -10.06 8.17 12.56
N LEU B 20 -10.16 8.08 11.23
CA LEU B 20 -11.44 7.84 10.56
C LEU B 20 -11.94 6.42 10.86
N SER B 21 -11.00 5.51 10.99
CA SER B 21 -11.30 4.12 11.25
C SER B 21 -11.71 3.95 12.73
N HIS B 22 -10.97 4.63 13.61
CA HIS B 22 -11.17 4.63 15.06
C HIS B 22 -10.74 3.29 15.67
N SER B 23 -11.48 2.26 15.36
CA SER B 23 -11.22 0.95 15.88
C SER B 23 -10.61 0.06 14.79
N ASP B 24 -9.32 -0.18 14.91
CA ASP B 24 -8.59 -0.97 13.92
C ASP B 24 -8.94 -2.46 14.05
N GLY B 25 -8.29 -3.27 13.26
CA GLY B 25 -8.54 -4.69 13.30
C GLY B 25 -7.87 -5.37 12.15
N GLY B 26 -8.08 -4.83 10.97
CA GLY B 26 -7.52 -5.39 9.78
C GLY B 26 -8.56 -6.21 9.05
N GLY B 27 -8.16 -6.90 8.02
CA GLY B 27 -9.09 -7.72 7.31
C GLY B 27 -8.56 -8.15 5.96
N SER B 28 -8.87 -9.35 5.58
CA SER B 28 -8.45 -9.91 4.34
C SER B 28 -9.45 -9.49 3.24
N GLY B 29 -8.95 -8.77 2.25
CA GLY B 29 -9.79 -8.34 1.17
C GLY B 29 -9.86 -9.37 0.07
N GLY B 30 -9.29 -9.04 -1.05
CA GLY B 30 -9.28 -9.95 -2.17
C GLY B 30 -7.87 -10.26 -2.60
N GLY B 31 -7.45 -9.65 -3.67
CA GLY B 31 -6.11 -9.85 -4.14
C GLY B 31 -6.04 -10.82 -5.29
N SER B 32 -6.24 -10.31 -6.49
CA SER B 32 -6.14 -11.11 -7.68
C SER B 32 -4.68 -11.18 -8.10
N GLY B 33 -4.33 -12.07 -9.00
CA GLY B 33 -2.97 -12.20 -9.39
C GLY B 33 -2.74 -13.43 -10.22
N GLY B 34 -1.62 -13.45 -10.89
CA GLY B 34 -1.22 -14.58 -11.69
C GLY B 34 -0.84 -14.15 -13.09
N GLY B 35 -0.42 -12.92 -13.21
CA GLY B 35 -0.05 -12.39 -14.48
C GLY B 35 1.43 -12.23 -14.66
N SER B 36 2.14 -11.82 -13.60
CA SER B 36 3.55 -11.57 -13.75
C SER B 36 4.41 -12.05 -12.56
N LEU B 37 4.26 -11.43 -11.42
CA LEU B 37 5.12 -11.68 -10.27
C LEU B 37 4.38 -12.50 -9.22
N GLU B 38 3.06 -12.39 -9.26
CA GLU B 38 2.16 -13.02 -8.29
C GLU B 38 2.20 -14.55 -8.42
N CYS B 39 2.68 -15.00 -9.57
CA CYS B 39 2.78 -16.40 -9.96
C CYS B 39 3.46 -17.26 -8.88
N ASP B 40 4.57 -16.80 -8.37
CA ASP B 40 5.26 -17.45 -7.26
C ASP B 40 5.66 -16.35 -6.34
N MET B 41 4.71 -15.85 -5.63
CA MET B 41 4.92 -14.64 -4.91
C MET B 41 5.14 -14.82 -3.44
N GLU B 42 4.56 -15.85 -2.85
CA GLU B 42 4.49 -16.09 -1.38
C GLU B 42 5.69 -15.52 -0.55
N SER B 43 6.87 -16.05 -0.77
CA SER B 43 8.05 -15.65 -0.02
C SER B 43 8.46 -14.21 -0.38
N ILE B 44 8.32 -13.90 -1.65
CA ILE B 44 8.67 -12.62 -2.22
C ILE B 44 7.76 -11.53 -1.63
N ILE B 45 6.46 -11.79 -1.61
CA ILE B 45 5.49 -10.83 -1.16
C ILE B 45 5.67 -10.55 0.33
N ARG B 46 5.91 -11.58 1.12
CA ARG B 46 6.17 -11.32 2.53
C ARG B 46 7.45 -10.47 2.71
N SER B 47 8.55 -10.98 2.17
CA SER B 47 9.85 -10.39 2.37
C SER B 47 9.94 -8.96 1.80
N GLU B 48 9.54 -8.79 0.55
CA GLU B 48 9.70 -7.52 -0.11
C GLU B 48 8.60 -6.52 0.27
N LEU B 49 7.36 -6.99 0.44
CA LEU B 49 6.24 -6.09 0.69
C LEU B 49 6.24 -5.59 2.14
N MET B 50 6.29 -6.49 3.16
CA MET B 50 6.28 -6.00 4.56
C MET B 50 6.52 -7.11 5.62
N ASP B 51 7.45 -6.87 6.53
CA ASP B 51 7.64 -7.76 7.66
C ASP B 51 6.77 -7.26 8.80
N ALA B 52 5.64 -7.91 8.93
CA ALA B 52 4.63 -7.57 9.88
C ALA B 52 3.75 -8.78 10.05
N GLY A 1 2.03 9.63 -22.39
CA GLY A 1 3.34 10.11 -21.96
C GLY A 1 4.41 9.13 -22.32
N VAL A 2 5.33 8.92 -21.41
CA VAL A 2 6.40 7.99 -21.61
C VAL A 2 5.85 6.58 -21.57
N ARG A 3 5.86 5.95 -22.69
CA ARG A 3 5.40 4.59 -22.79
C ARG A 3 6.57 3.71 -22.52
N LYS A 4 6.49 3.02 -21.45
CA LYS A 4 7.56 2.22 -20.98
C LYS A 4 7.21 0.79 -21.23
N GLY A 5 8.01 0.13 -22.04
CA GLY A 5 7.74 -1.22 -22.48
C GLY A 5 7.60 -2.23 -21.36
N TRP A 6 8.15 -1.91 -20.21
CA TRP A 6 8.05 -2.79 -19.07
C TRP A 6 6.63 -2.88 -18.51
N HIS A 7 5.72 -2.02 -19.00
CA HIS A 7 4.33 -2.02 -18.51
C HIS A 7 3.61 -3.33 -18.85
N GLU A 8 4.11 -4.05 -19.83
CA GLU A 8 3.55 -5.32 -20.23
C GLU A 8 4.01 -6.44 -19.30
N HIS A 9 4.94 -6.10 -18.44
CA HIS A 9 5.53 -7.07 -17.54
C HIS A 9 4.98 -6.92 -16.14
N VAL A 10 4.03 -6.04 -16.01
CA VAL A 10 3.35 -5.86 -14.77
C VAL A 10 1.92 -6.12 -15.06
N THR A 11 1.36 -7.06 -14.40
CA THR A 11 0.00 -7.35 -14.61
C THR A 11 -0.82 -6.28 -13.94
N GLN A 12 -1.99 -6.01 -14.49
CA GLN A 12 -2.92 -5.10 -13.87
C GLN A 12 -3.30 -5.66 -12.51
N ASP A 13 -3.44 -6.96 -12.47
CA ASP A 13 -3.77 -7.66 -11.25
C ASP A 13 -2.63 -7.56 -10.22
N LEU A 14 -1.38 -7.47 -10.71
CA LEU A 14 -0.21 -7.40 -9.82
C LEU A 14 -0.15 -6.03 -9.24
N ARG A 15 -0.17 -5.03 -10.10
CA ARG A 15 -0.20 -3.66 -9.66
C ARG A 15 -1.37 -3.35 -8.75
N SER A 16 -2.56 -3.82 -9.11
CA SER A 16 -3.74 -3.57 -8.33
C SER A 16 -3.68 -4.32 -6.99
N HIS A 17 -2.94 -5.44 -6.96
CA HIS A 17 -2.80 -6.21 -5.72
C HIS A 17 -1.93 -5.40 -4.75
N LEU A 18 -0.94 -4.73 -5.32
CA LEU A 18 -0.07 -3.83 -4.59
C LEU A 18 -0.88 -2.63 -4.08
N VAL A 19 -1.74 -2.11 -4.95
CA VAL A 19 -2.70 -1.02 -4.61
C VAL A 19 -3.56 -1.44 -3.41
N HIS A 20 -4.12 -2.62 -3.53
CA HIS A 20 -4.93 -3.24 -2.49
C HIS A 20 -4.16 -3.26 -1.15
N LYS A 21 -2.92 -3.69 -1.21
CA LYS A 21 -2.09 -3.73 -0.04
C LYS A 21 -1.77 -2.35 0.48
N LEU A 22 -1.52 -1.42 -0.44
CA LEU A 22 -1.30 -0.02 -0.10
C LEU A 22 -2.41 0.48 0.78
N VAL A 23 -3.66 0.27 0.34
CA VAL A 23 -4.85 0.64 1.13
C VAL A 23 -4.78 0.02 2.51
N GLN A 24 -4.59 -1.28 2.57
CA GLN A 24 -4.58 -2.01 3.84
C GLN A 24 -3.58 -1.43 4.86
N ALA A 25 -2.44 -0.95 4.39
CA ALA A 25 -1.46 -0.34 5.24
C ALA A 25 -1.80 1.15 5.54
N ILE A 26 -2.16 1.89 4.51
CA ILE A 26 -2.39 3.34 4.66
C ILE A 26 -3.75 3.61 5.34
N PHE A 27 -4.63 2.68 5.17
CA PHE A 27 -5.94 2.74 5.71
C PHE A 27 -6.27 1.43 6.42
N PRO A 28 -6.03 1.36 7.74
CA PRO A 28 -6.38 0.18 8.51
C PRO A 28 -7.89 -0.02 8.53
N THR A 29 -8.35 -1.02 7.83
CA THR A 29 -9.74 -1.25 7.66
C THR A 29 -10.35 -1.86 8.94
N PRO A 30 -11.57 -1.42 9.32
CA PRO A 30 -12.28 -1.99 10.45
C PRO A 30 -12.80 -3.40 10.13
N ASP A 31 -13.22 -3.59 8.91
CA ASP A 31 -13.82 -4.85 8.49
C ASP A 31 -13.44 -5.08 7.05
N PRO A 32 -13.25 -6.33 6.63
CA PRO A 32 -12.98 -6.64 5.23
C PRO A 32 -14.04 -6.11 4.24
N ALA A 33 -15.26 -5.89 4.70
CA ALA A 33 -16.28 -5.39 3.78
C ALA A 33 -16.12 -3.90 3.50
N ALA A 34 -15.27 -3.25 4.27
CA ALA A 34 -14.98 -1.84 4.03
C ALA A 34 -14.01 -1.70 2.88
N LEU A 35 -13.49 -2.85 2.44
CA LEU A 35 -12.52 -2.91 1.37
C LEU A 35 -13.24 -3.07 0.03
N LYS A 36 -14.54 -3.24 0.09
CA LYS A 36 -15.39 -3.39 -1.08
C LYS A 36 -16.60 -2.48 -0.89
N ASP A 37 -16.32 -1.38 -0.24
CA ASP A 37 -17.33 -0.44 0.19
C ASP A 37 -17.20 0.88 -0.58
N ARG A 38 -18.10 1.80 -0.33
CA ARG A 38 -18.06 3.10 -0.93
C ARG A 38 -16.91 3.93 -0.34
N ARG A 39 -16.51 3.61 0.87
CA ARG A 39 -15.38 4.29 1.48
C ARG A 39 -14.10 3.83 0.77
N MET A 40 -14.14 2.58 0.31
CA MET A 40 -13.05 1.94 -0.41
C MET A 40 -12.67 2.69 -1.65
N GLU A 41 -13.63 3.22 -2.40
CA GLU A 41 -13.27 3.91 -3.64
C GLU A 41 -12.33 5.09 -3.36
N ASN A 42 -12.46 5.69 -2.17
CA ASN A 42 -11.59 6.77 -1.72
C ASN A 42 -10.23 6.21 -1.32
N LEU A 43 -10.28 5.13 -0.55
CA LEU A 43 -9.07 4.47 -0.04
C LEU A 43 -8.21 3.99 -1.21
N VAL A 44 -8.85 3.28 -2.12
CA VAL A 44 -8.19 2.74 -3.26
C VAL A 44 -7.82 3.82 -4.24
N ALA A 45 -8.59 4.93 -4.24
CA ALA A 45 -8.27 6.07 -5.11
C ALA A 45 -6.88 6.58 -4.77
N TYR A 46 -6.60 6.73 -3.46
CA TYR A 46 -5.26 7.10 -2.99
C TYR A 46 -4.25 6.05 -3.41
N ALA A 47 -4.58 4.81 -3.20
CA ALA A 47 -3.66 3.75 -3.49
C ALA A 47 -3.32 3.72 -4.99
N LYS A 48 -4.32 3.92 -5.83
CA LYS A 48 -4.15 3.96 -7.27
C LYS A 48 -3.30 5.16 -7.69
N LYS A 49 -3.60 6.33 -7.13
CA LYS A 49 -2.89 7.54 -7.49
C LYS A 49 -1.40 7.44 -7.08
N VAL A 50 -1.17 6.81 -5.95
CA VAL A 50 0.15 6.59 -5.45
C VAL A 50 0.88 5.51 -6.25
N GLU A 51 0.17 4.43 -6.54
CA GLU A 51 0.69 3.34 -7.34
C GLU A 51 1.12 3.88 -8.70
N GLY A 52 0.28 4.72 -9.28
CA GLY A 52 0.57 5.34 -10.55
C GLY A 52 1.82 6.18 -10.48
N ASP A 53 1.95 6.93 -9.41
CA ASP A 53 3.13 7.77 -9.16
C ASP A 53 4.41 6.95 -9.19
N MET A 54 4.46 5.90 -8.39
CA MET A 54 5.64 5.03 -8.31
C MET A 54 5.85 4.19 -9.53
N TYR A 55 4.78 3.85 -10.20
CA TYR A 55 4.83 3.09 -11.42
C TYR A 55 5.54 3.96 -12.45
N GLU A 56 5.09 5.19 -12.58
CA GLU A 56 5.66 6.13 -13.52
C GLU A 56 6.99 6.71 -13.04
N SER A 57 7.30 6.51 -11.78
CA SER A 57 8.56 6.93 -11.23
C SER A 57 9.63 5.84 -11.45
N ALA A 58 9.19 4.64 -11.72
CA ALA A 58 10.08 3.53 -11.88
C ALA A 58 10.39 3.27 -13.34
N ASN A 59 11.33 2.37 -13.56
CA ASN A 59 11.76 1.97 -14.90
C ASN A 59 11.62 0.47 -15.04
N SER A 60 10.92 -0.13 -14.12
CA SER A 60 10.62 -1.54 -14.15
C SER A 60 9.58 -1.80 -13.13
N ARG A 61 8.83 -2.87 -13.29
CA ARG A 61 7.87 -3.20 -12.27
C ARG A 61 8.60 -3.61 -11.01
N ASP A 62 9.79 -4.20 -11.18
CA ASP A 62 10.64 -4.61 -10.05
C ASP A 62 10.99 -3.42 -9.19
N GLU A 63 11.42 -2.33 -9.82
CA GLU A 63 11.76 -1.12 -9.11
C GLU A 63 10.53 -0.48 -8.48
N TYR A 64 9.45 -0.42 -9.22
CA TYR A 64 8.24 0.22 -8.74
C TYR A 64 7.64 -0.55 -7.57
N TYR A 65 7.56 -1.86 -7.73
CA TYR A 65 7.08 -2.76 -6.72
C TYR A 65 7.96 -2.65 -5.49
N HIS A 66 9.28 -2.63 -5.71
CA HIS A 66 10.27 -2.54 -4.63
C HIS A 66 10.06 -1.26 -3.81
N LEU A 67 10.09 -0.12 -4.45
CA LEU A 67 10.04 1.15 -3.74
C LEU A 67 8.67 1.39 -3.07
N LEU A 68 7.60 0.90 -3.70
CA LEU A 68 6.28 1.07 -3.14
C LEU A 68 6.14 0.16 -1.93
N ALA A 69 6.73 -1.03 -2.07
CA ALA A 69 6.78 -2.02 -1.03
C ALA A 69 7.52 -1.45 0.16
N GLU A 70 8.57 -0.71 -0.10
CA GLU A 70 9.35 -0.07 0.94
C GLU A 70 8.52 0.90 1.73
N LYS A 71 7.73 1.72 1.04
CA LYS A 71 6.93 2.68 1.75
C LYS A 71 5.80 2.00 2.53
N ILE A 72 5.14 1.02 1.92
CA ILE A 72 4.04 0.33 2.59
C ILE A 72 4.55 -0.41 3.85
N TYR A 73 5.69 -1.04 3.70
CA TYR A 73 6.35 -1.80 4.76
C TYR A 73 6.62 -0.90 5.98
N LYS A 74 7.27 0.24 5.73
CA LYS A 74 7.61 1.17 6.81
C LYS A 74 6.34 1.75 7.43
N ILE A 75 5.32 1.91 6.61
CA ILE A 75 4.04 2.42 7.04
C ILE A 75 3.33 1.42 7.96
N GLN A 76 3.47 0.14 7.67
CA GLN A 76 2.85 -0.87 8.49
C GLN A 76 3.45 -0.89 9.87
N LYS A 77 4.75 -0.84 9.95
CA LYS A 77 5.35 -0.75 11.26
C LYS A 77 5.14 0.60 11.94
N GLU A 78 4.98 1.63 11.12
CA GLU A 78 4.66 2.96 11.60
C GLU A 78 3.29 2.94 12.28
N LEU A 79 2.31 2.32 11.60
CA LEU A 79 0.96 2.23 12.12
C LEU A 79 0.89 1.45 13.40
N GLU A 80 1.65 0.36 13.47
CA GLU A 80 1.68 -0.48 14.61
C GLU A 80 2.15 0.31 15.82
N GLU A 81 3.31 0.96 15.72
CA GLU A 81 3.84 1.62 16.90
C GLU A 81 3.06 2.88 17.26
N LYS A 82 2.52 3.59 16.27
CA LYS A 82 1.76 4.80 16.55
C LYS A 82 0.45 4.46 17.28
N ARG A 83 -0.11 3.31 16.94
CA ARG A 83 -1.33 2.82 17.55
C ARG A 83 -1.05 2.22 18.93
N ARG A 84 0.03 1.50 19.00
CA ARG A 84 0.37 0.70 20.16
C ARG A 84 1.15 1.45 21.24
N SER A 85 2.29 2.01 20.90
CA SER A 85 3.14 2.58 21.92
C SER A 85 4.09 3.67 21.40
N ARG A 86 3.66 4.91 21.62
CA ARG A 86 4.42 6.13 21.43
C ARG A 86 3.53 7.34 21.72
N LEU A 87 2.23 7.19 21.46
CA LEU A 87 1.28 8.28 21.64
C LEU A 87 0.26 7.91 22.70
N GLY B 1 14.51 17.60 14.19
CA GLY B 1 14.12 18.99 14.28
C GLY B 1 12.84 19.25 13.51
N SER B 2 12.67 18.50 12.46
CA SER B 2 11.53 18.62 11.62
C SER B 2 10.93 17.24 11.33
N MET B 3 10.02 16.84 12.17
CA MET B 3 9.33 15.58 12.02
C MET B 3 7.83 15.81 11.89
N SER B 4 7.37 16.86 12.53
CA SER B 4 5.98 17.22 12.46
C SER B 4 5.72 18.07 11.22
N HIS B 5 6.61 19.04 10.96
CA HIS B 5 6.52 19.83 9.76
C HIS B 5 7.50 19.24 8.72
N TYR B 6 6.96 18.30 7.96
CA TYR B 6 7.69 17.47 7.02
C TYR B 6 8.53 16.44 7.75
N GLY B 7 9.02 15.45 7.04
CA GLY B 7 9.77 14.39 7.68
C GLY B 7 8.86 13.22 7.98
N ASN B 8 8.17 13.27 9.10
CA ASN B 8 7.23 12.21 9.48
C ASN B 8 5.84 12.60 9.06
N GLN B 9 5.64 12.76 7.77
CA GLN B 9 4.36 13.16 7.26
C GLN B 9 3.43 12.02 7.14
N THR B 10 3.99 10.87 6.78
CA THR B 10 3.22 9.67 6.66
C THR B 10 2.60 9.30 8.01
N LEU B 11 3.33 9.57 9.09
CA LEU B 11 2.84 9.34 10.45
C LEU B 11 1.57 10.15 10.71
N GLN B 12 1.58 11.41 10.28
CA GLN B 12 0.47 12.34 10.51
C GLN B 12 -0.76 11.86 9.73
N ASP B 13 -0.54 11.59 8.44
CA ASP B 13 -1.59 11.11 7.54
C ASP B 13 -2.13 9.79 8.02
N LEU B 14 -1.24 8.88 8.33
CA LEU B 14 -1.59 7.54 8.75
C LEU B 14 -2.25 7.52 10.13
N LEU B 15 -2.03 8.56 10.90
CA LEU B 15 -2.72 8.68 12.17
C LEU B 15 -4.16 9.09 11.89
N THR B 16 -4.29 10.03 10.99
CA THR B 16 -5.57 10.56 10.59
C THR B 16 -6.40 9.51 9.80
N SER B 17 -5.73 8.71 8.99
CA SER B 17 -6.40 7.67 8.24
C SER B 17 -6.74 6.49 9.16
N ASP B 18 -5.87 6.23 10.14
CA ASP B 18 -6.07 5.19 11.16
C ASP B 18 -7.34 5.50 11.92
N SER B 19 -7.55 6.79 12.12
CA SER B 19 -8.70 7.35 12.79
C SER B 19 -10.05 6.95 12.12
N LEU B 20 -9.99 6.35 10.91
CA LEU B 20 -11.16 5.83 10.24
C LEU B 20 -11.76 4.71 11.09
N SER B 21 -11.01 3.65 11.29
CA SER B 21 -11.44 2.56 12.15
C SER B 21 -11.26 2.98 13.61
N HIS B 22 -10.28 3.86 13.81
CA HIS B 22 -9.85 4.40 15.10
C HIS B 22 -8.85 3.45 15.74
N SER B 23 -9.25 2.20 15.95
CA SER B 23 -8.34 1.20 16.48
C SER B 23 -8.91 -0.24 16.43
N ASP B 24 -8.93 -0.85 15.24
CA ASP B 24 -9.33 -2.27 15.06
C ASP B 24 -9.15 -2.68 13.62
N GLY B 25 -8.77 -3.92 13.41
CA GLY B 25 -8.55 -4.40 12.08
C GLY B 25 -7.14 -4.15 11.67
N GLY B 26 -6.98 -3.46 10.57
CA GLY B 26 -5.68 -3.15 10.11
C GLY B 26 -5.48 -3.57 8.68
N GLY B 27 -4.45 -4.34 8.46
CA GLY B 27 -4.15 -4.80 7.15
C GLY B 27 -4.59 -6.22 6.91
N SER B 28 -3.94 -6.88 6.00
CA SER B 28 -4.25 -8.24 5.67
C SER B 28 -3.03 -8.89 5.06
N GLY B 29 -2.77 -10.12 5.45
CA GLY B 29 -1.63 -10.83 4.96
C GLY B 29 -1.94 -11.62 3.73
N GLY B 30 -1.02 -12.49 3.35
CA GLY B 30 -1.21 -13.34 2.22
C GLY B 30 -0.99 -12.64 0.90
N GLY B 31 -1.13 -13.39 -0.17
CA GLY B 31 -0.97 -12.88 -1.50
C GLY B 31 -1.76 -13.77 -2.44
N SER B 32 -2.19 -13.24 -3.55
CA SER B 32 -2.99 -14.01 -4.48
C SER B 32 -2.61 -13.68 -5.90
N GLY B 33 -2.52 -14.69 -6.75
CA GLY B 33 -2.23 -14.48 -8.13
C GLY B 33 -1.32 -15.56 -8.71
N GLY B 34 -1.12 -15.47 -10.00
CA GLY B 34 -0.23 -16.36 -10.71
C GLY B 34 0.32 -15.67 -11.93
N GLY B 35 1.59 -15.80 -12.17
CA GLY B 35 2.19 -15.14 -13.29
C GLY B 35 3.57 -14.64 -13.00
N SER B 36 3.80 -13.37 -13.29
CA SER B 36 5.11 -12.74 -13.19
C SER B 36 5.72 -12.68 -11.75
N LEU B 37 5.15 -11.87 -10.90
CA LEU B 37 5.65 -11.68 -9.55
C LEU B 37 4.72 -12.38 -8.58
N GLU B 38 3.48 -12.47 -8.99
CA GLU B 38 2.41 -13.00 -8.21
C GLU B 38 2.45 -14.54 -8.05
N CYS B 39 3.30 -15.23 -8.83
CA CYS B 39 3.40 -16.70 -8.80
C CYS B 39 3.70 -17.24 -7.37
N ASP B 40 4.81 -16.84 -6.83
CA ASP B 40 5.15 -17.13 -5.45
C ASP B 40 5.32 -15.81 -4.82
N MET B 41 4.23 -15.28 -4.40
CA MET B 41 4.15 -13.90 -4.07
C MET B 41 4.41 -13.64 -2.62
N GLU B 42 3.90 -14.51 -1.75
CA GLU B 42 3.99 -14.30 -0.32
C GLU B 42 5.39 -14.10 0.19
N SER B 43 6.31 -14.88 -0.29
CA SER B 43 7.70 -14.78 0.11
C SER B 43 8.26 -13.38 -0.19
N ILE B 44 8.07 -12.96 -1.42
CA ILE B 44 8.57 -11.69 -1.91
C ILE B 44 7.84 -10.52 -1.22
N ILE B 45 6.50 -10.58 -1.16
CA ILE B 45 5.74 -9.50 -0.55
C ILE B 45 5.98 -9.37 0.93
N ARG B 46 6.27 -10.45 1.60
CA ARG B 46 6.57 -10.32 3.01
C ARG B 46 7.90 -9.60 3.15
N SER B 47 8.92 -10.12 2.48
CA SER B 47 10.27 -9.58 2.57
C SER B 47 10.34 -8.11 2.09
N GLU B 48 9.89 -7.86 0.90
CA GLU B 48 9.94 -6.53 0.33
C GLU B 48 8.80 -5.63 0.77
N LEU B 49 7.62 -6.18 0.82
CA LEU B 49 6.45 -5.36 0.94
C LEU B 49 5.91 -5.21 2.36
N MET B 50 6.00 -6.24 3.22
CA MET B 50 5.40 -6.09 4.53
C MET B 50 5.77 -7.17 5.51
N ASP B 51 6.22 -6.72 6.61
CA ASP B 51 6.68 -7.51 7.71
C ASP B 51 5.67 -7.44 8.82
N ALA B 52 5.47 -6.23 9.26
CA ALA B 52 4.59 -5.78 10.28
C ALA B 52 5.09 -4.41 10.53
N GLY A 1 4.42 11.32 -21.57
CA GLY A 1 3.80 10.03 -21.37
C GLY A 1 4.85 9.02 -21.02
N VAL A 2 4.50 8.00 -20.28
CA VAL A 2 5.47 7.01 -19.87
C VAL A 2 5.61 5.87 -20.87
N ARG A 3 6.67 5.92 -21.59
CA ARG A 3 7.00 4.91 -22.53
C ARG A 3 8.18 4.12 -22.03
N LYS A 4 7.85 3.06 -21.37
CA LYS A 4 8.79 2.23 -20.70
C LYS A 4 8.38 0.76 -20.83
N GLY A 5 9.06 0.04 -21.71
CA GLY A 5 8.71 -1.33 -22.14
C GLY A 5 8.40 -2.34 -21.04
N TRP A 6 8.84 -2.09 -19.84
CA TRP A 6 8.59 -2.97 -18.72
C TRP A 6 7.11 -2.99 -18.33
N HIS A 7 6.34 -1.99 -18.80
CA HIS A 7 4.91 -1.94 -18.46
C HIS A 7 4.10 -3.06 -19.09
N GLU A 8 4.72 -3.80 -19.99
CA GLU A 8 4.08 -4.94 -20.60
C GLU A 8 4.35 -6.18 -19.77
N HIS A 9 5.22 -6.04 -18.79
CA HIS A 9 5.61 -7.13 -17.92
C HIS A 9 4.87 -7.06 -16.61
N VAL A 10 4.00 -6.12 -16.50
CA VAL A 10 3.25 -5.89 -15.31
C VAL A 10 1.79 -5.66 -15.68
N THR A 11 0.95 -6.55 -15.28
CA THR A 11 -0.42 -6.48 -15.63
C THR A 11 -1.20 -5.82 -14.48
N GLN A 12 -2.42 -5.37 -14.78
CA GLN A 12 -3.32 -4.73 -13.83
C GLN A 12 -3.47 -5.56 -12.56
N ASP A 13 -3.48 -6.86 -12.73
CA ASP A 13 -3.63 -7.81 -11.63
C ASP A 13 -2.56 -7.59 -10.55
N LEU A 14 -1.31 -7.41 -10.99
CA LEU A 14 -0.17 -7.28 -10.07
C LEU A 14 -0.28 -5.98 -9.37
N ARG A 15 -0.45 -4.96 -10.13
CA ARG A 15 -0.48 -3.63 -9.63
C ARG A 15 -1.66 -3.36 -8.72
N SER A 16 -2.82 -3.87 -9.09
CA SER A 16 -4.01 -3.71 -8.30
C SER A 16 -3.89 -4.50 -6.99
N HIS A 17 -3.11 -5.57 -7.04
CA HIS A 17 -2.82 -6.38 -5.86
C HIS A 17 -2.00 -5.53 -4.87
N LEU A 18 -1.04 -4.82 -5.42
CA LEU A 18 -0.18 -3.92 -4.67
C LEU A 18 -1.01 -2.73 -4.17
N VAL A 19 -1.90 -2.24 -5.02
CA VAL A 19 -2.84 -1.16 -4.68
C VAL A 19 -3.70 -1.59 -3.46
N HIS A 20 -4.26 -2.79 -3.55
CA HIS A 20 -5.07 -3.39 -2.50
C HIS A 20 -4.30 -3.40 -1.18
N LYS A 21 -3.05 -3.79 -1.26
CA LYS A 21 -2.18 -3.83 -0.12
C LYS A 21 -1.83 -2.45 0.38
N LEU A 22 -1.65 -1.51 -0.54
CA LEU A 22 -1.42 -0.12 -0.19
C LEU A 22 -2.54 0.36 0.70
N VAL A 23 -3.78 0.05 0.30
CA VAL A 23 -4.96 0.35 1.11
C VAL A 23 -4.83 -0.26 2.49
N GLN A 24 -4.56 -1.57 2.56
CA GLN A 24 -4.48 -2.26 3.85
C GLN A 24 -3.43 -1.64 4.81
N ALA A 25 -2.36 -1.07 4.25
CA ALA A 25 -1.38 -0.36 5.04
C ALA A 25 -1.79 1.08 5.35
N ILE A 26 -2.26 1.80 4.33
CA ILE A 26 -2.57 3.24 4.50
C ILE A 26 -3.85 3.39 5.31
N PHE A 27 -4.66 2.41 5.23
CA PHE A 27 -5.87 2.30 5.94
C PHE A 27 -5.94 0.95 6.58
N PRO A 28 -5.46 0.82 7.83
CA PRO A 28 -5.55 -0.44 8.56
C PRO A 28 -7.02 -0.78 8.78
N THR A 29 -7.53 -1.55 7.87
CA THR A 29 -8.92 -1.85 7.82
C THR A 29 -9.36 -2.67 9.04
N PRO A 30 -10.43 -2.23 9.71
CA PRO A 30 -10.98 -2.93 10.86
C PRO A 30 -11.71 -4.19 10.43
N ASP A 31 -12.28 -4.14 9.26
CA ASP A 31 -13.09 -5.19 8.74
C ASP A 31 -12.87 -5.29 7.26
N PRO A 32 -13.11 -6.45 6.66
CA PRO A 32 -12.92 -6.62 5.22
C PRO A 32 -14.05 -5.99 4.39
N ALA A 33 -15.07 -5.48 5.04
CA ALA A 33 -16.15 -4.88 4.31
C ALA A 33 -15.87 -3.41 4.06
N ALA A 34 -15.04 -2.82 4.92
CA ALA A 34 -14.55 -1.45 4.72
C ALA A 34 -13.75 -1.36 3.42
N LEU A 35 -13.29 -2.52 2.97
CA LEU A 35 -12.52 -2.68 1.77
C LEU A 35 -13.42 -2.69 0.53
N LYS A 36 -14.70 -2.72 0.74
CA LYS A 36 -15.65 -2.69 -0.35
C LYS A 36 -16.76 -1.70 -0.05
N ASP A 37 -16.46 -0.77 0.83
CA ASP A 37 -17.39 0.20 1.30
C ASP A 37 -17.30 1.37 0.39
N ARG A 38 -18.11 2.34 0.63
CA ARG A 38 -18.06 3.57 -0.07
C ARG A 38 -16.72 4.25 0.22
N ARG A 39 -16.19 3.97 1.41
CA ARG A 39 -14.99 4.59 1.89
C ARG A 39 -13.79 4.11 1.09
N MET A 40 -13.90 2.88 0.64
CA MET A 40 -12.89 2.21 -0.14
C MET A 40 -12.54 2.97 -1.41
N GLU A 41 -13.49 3.69 -2.02
CA GLU A 41 -13.14 4.41 -3.24
C GLU A 41 -12.07 5.43 -2.97
N ASN A 42 -12.04 5.97 -1.74
CA ASN A 42 -11.01 6.91 -1.30
C ASN A 42 -9.75 6.16 -1.03
N LEU A 43 -9.91 5.06 -0.31
CA LEU A 43 -8.80 4.19 0.05
C LEU A 43 -8.02 3.80 -1.18
N VAL A 44 -8.73 3.23 -2.12
CA VAL A 44 -8.17 2.77 -3.33
C VAL A 44 -7.80 3.95 -4.23
N ALA A 45 -8.51 5.08 -4.12
CA ALA A 45 -8.21 6.29 -4.93
C ALA A 45 -6.80 6.77 -4.63
N TYR A 46 -6.45 6.79 -3.33
CA TYR A 46 -5.09 7.10 -2.90
C TYR A 46 -4.13 6.05 -3.37
N ALA A 47 -4.50 4.81 -3.18
CA ALA A 47 -3.64 3.72 -3.53
C ALA A 47 -3.32 3.74 -5.02
N LYS A 48 -4.31 4.04 -5.82
CA LYS A 48 -4.17 4.14 -7.27
C LYS A 48 -3.32 5.33 -7.68
N LYS A 49 -3.52 6.47 -7.03
CA LYS A 49 -2.79 7.69 -7.37
C LYS A 49 -1.31 7.50 -7.00
N VAL A 50 -1.08 6.88 -5.88
CA VAL A 50 0.24 6.61 -5.37
C VAL A 50 0.93 5.52 -6.20
N GLU A 51 0.20 4.44 -6.45
CA GLU A 51 0.68 3.32 -7.26
C GLU A 51 1.06 3.83 -8.63
N GLY A 52 0.19 4.65 -9.19
CA GLY A 52 0.41 5.25 -10.48
C GLY A 52 1.68 6.04 -10.51
N ASP A 53 1.90 6.83 -9.47
CA ASP A 53 3.09 7.67 -9.38
C ASP A 53 4.36 6.84 -9.42
N MET A 54 4.46 5.87 -8.55
CA MET A 54 5.63 4.98 -8.51
C MET A 54 5.76 4.12 -9.76
N TYR A 55 4.64 3.72 -10.31
CA TYR A 55 4.59 2.94 -11.53
C TYR A 55 5.18 3.77 -12.67
N GLU A 56 4.69 4.98 -12.81
CA GLU A 56 5.11 5.87 -13.85
C GLU A 56 6.54 6.40 -13.62
N SER A 57 7.00 6.37 -12.39
CA SER A 57 8.32 6.87 -12.02
C SER A 57 9.42 5.80 -12.23
N ALA A 58 9.14 4.55 -11.83
CA ALA A 58 10.12 3.47 -11.88
C ALA A 58 10.54 3.10 -13.28
N ASN A 59 11.64 2.39 -13.35
CA ASN A 59 12.21 1.98 -14.62
C ASN A 59 12.04 0.49 -14.82
N SER A 60 11.37 -0.14 -13.88
CA SER A 60 11.04 -1.56 -13.96
C SER A 60 9.92 -1.81 -12.97
N ARG A 61 9.12 -2.84 -13.22
CA ARG A 61 8.00 -3.13 -12.32
C ARG A 61 8.48 -3.63 -10.99
N ASP A 62 9.56 -4.36 -11.01
CA ASP A 62 10.19 -4.85 -9.81
C ASP A 62 10.71 -3.69 -9.00
N GLU A 63 11.20 -2.66 -9.70
CA GLU A 63 11.64 -1.42 -9.06
C GLU A 63 10.45 -0.69 -8.44
N TYR A 64 9.38 -0.56 -9.22
CA TYR A 64 8.21 0.15 -8.79
C TYR A 64 7.57 -0.56 -7.60
N TYR A 65 7.46 -1.87 -7.72
CA TYR A 65 6.96 -2.72 -6.68
C TYR A 65 7.83 -2.60 -5.46
N HIS A 66 9.13 -2.65 -5.64
CA HIS A 66 10.09 -2.57 -4.53
C HIS A 66 9.94 -1.28 -3.76
N LEU A 67 10.04 -0.16 -4.44
CA LEU A 67 10.02 1.14 -3.77
C LEU A 67 8.64 1.40 -3.12
N LEU A 68 7.58 0.89 -3.74
CA LEU A 68 6.25 1.05 -3.20
C LEU A 68 6.09 0.10 -2.02
N ALA A 69 6.71 -1.05 -2.13
CA ALA A 69 6.74 -2.05 -1.10
C ALA A 69 7.46 -1.50 0.10
N GLU A 70 8.47 -0.69 -0.13
CA GLU A 70 9.20 -0.10 0.96
C GLU A 70 8.34 0.92 1.68
N LYS A 71 7.60 1.74 0.91
CA LYS A 71 6.74 2.72 1.54
C LYS A 71 5.59 2.05 2.28
N ILE A 72 5.04 0.99 1.70
CA ILE A 72 3.97 0.28 2.37
C ILE A 72 4.50 -0.41 3.65
N TYR A 73 5.61 -1.11 3.52
CA TYR A 73 6.29 -1.80 4.63
C TYR A 73 6.54 -0.88 5.81
N LYS A 74 7.14 0.29 5.54
CA LYS A 74 7.45 1.23 6.58
C LYS A 74 6.18 1.75 7.21
N ILE A 75 5.15 1.99 6.39
CA ILE A 75 3.85 2.45 6.85
C ILE A 75 3.17 1.40 7.75
N GLN A 76 3.34 0.12 7.41
CA GLN A 76 2.78 -0.99 8.21
C GLN A 76 3.33 -0.93 9.63
N LYS A 77 4.64 -0.93 9.73
CA LYS A 77 5.25 -0.85 11.04
C LYS A 77 5.07 0.53 11.69
N GLU A 78 4.95 1.55 10.85
CA GLU A 78 4.71 2.93 11.29
C GLU A 78 3.35 2.99 11.98
N LEU A 79 2.35 2.36 11.35
CA LEU A 79 1.00 2.37 11.87
C LEU A 79 0.90 1.66 13.17
N GLU A 80 1.52 0.49 13.28
CA GLU A 80 1.43 -0.25 14.52
C GLU A 80 2.16 0.43 15.66
N GLU A 81 3.39 0.92 15.43
CA GLU A 81 4.16 1.56 16.49
C GLU A 81 3.44 2.81 16.99
N LYS A 82 2.85 3.58 16.08
CA LYS A 82 2.17 4.81 16.46
C LYS A 82 0.85 4.52 17.16
N ARG A 83 0.22 3.41 16.80
CA ARG A 83 -1.06 3.02 17.38
C ARG A 83 -0.87 2.45 18.77
N ARG A 84 0.13 1.61 18.92
CA ARG A 84 0.31 0.91 20.16
C ARG A 84 1.18 1.68 21.15
N SER A 85 2.41 1.97 20.76
CA SER A 85 3.36 2.59 21.65
C SER A 85 4.65 2.92 20.91
N ARG A 86 4.85 4.18 20.62
CA ARG A 86 6.10 4.65 20.06
C ARG A 86 6.69 5.70 20.96
N LEU A 87 5.84 6.35 21.74
CA LEU A 87 6.30 7.34 22.71
C LEU A 87 6.74 6.64 23.98
N GLY B 1 -1.93 22.19 8.23
CA GLY B 1 -1.06 23.27 7.79
C GLY B 1 0.31 22.75 7.41
N SER B 2 1.31 23.58 7.62
CA SER B 2 2.69 23.24 7.27
C SER B 2 3.18 22.03 8.04
N MET B 3 2.81 21.98 9.30
CA MET B 3 3.19 20.88 10.18
C MET B 3 2.44 19.59 9.86
N SER B 4 1.49 19.67 8.95
CA SER B 4 0.74 18.53 8.55
C SER B 4 1.22 18.08 7.17
N HIS B 5 1.22 19.01 6.23
CA HIS B 5 1.50 18.70 4.83
C HIS B 5 2.99 18.74 4.51
N TYR B 6 3.80 19.28 5.40
CA TYR B 6 5.23 19.34 5.15
C TYR B 6 5.97 18.98 6.44
N GLY B 7 5.27 18.29 7.31
CA GLY B 7 5.84 17.89 8.56
C GLY B 7 5.40 16.50 8.90
N ASN B 8 5.98 15.53 8.19
CA ASN B 8 5.60 14.11 8.27
C ASN B 8 4.17 13.94 7.81
N GLN B 9 4.01 13.98 6.49
CA GLN B 9 2.71 13.86 5.87
C GLN B 9 2.12 12.51 6.19
N THR B 10 2.91 11.48 5.93
CA THR B 10 2.40 10.15 5.94
C THR B 10 1.99 9.65 7.33
N LEU B 11 2.69 10.05 8.40
CA LEU B 11 2.31 9.54 9.73
C LEU B 11 0.99 10.13 10.18
N GLN B 12 0.81 11.39 9.93
CA GLN B 12 -0.38 12.10 10.33
C GLN B 12 -1.56 11.76 9.45
N ASP B 13 -1.28 11.52 8.19
CA ASP B 13 -2.29 11.06 7.22
C ASP B 13 -2.77 9.67 7.63
N LEU B 14 -1.82 8.81 7.94
CA LEU B 14 -2.06 7.45 8.37
C LEU B 14 -2.78 7.44 9.71
N LEU B 15 -2.55 8.47 10.49
CA LEU B 15 -3.22 8.64 11.76
C LEU B 15 -4.70 8.96 11.53
N THR B 16 -4.97 9.75 10.48
CA THR B 16 -6.35 10.09 10.10
C THR B 16 -7.08 8.80 9.68
N SER B 17 -6.38 7.96 8.94
CA SER B 17 -6.91 6.68 8.50
C SER B 17 -7.18 5.79 9.70
N ASP B 18 -6.21 5.74 10.59
CA ASP B 18 -6.21 4.92 11.80
C ASP B 18 -7.35 5.30 12.73
N SER B 19 -7.74 6.57 12.66
CA SER B 19 -8.83 7.09 13.45
C SER B 19 -10.16 6.48 12.98
N LEU B 20 -10.23 6.10 11.71
CA LEU B 20 -11.41 5.55 11.11
C LEU B 20 -11.48 4.05 11.39
N SER B 21 -10.35 3.45 11.65
CA SER B 21 -10.24 2.04 11.93
C SER B 21 -11.01 1.66 13.19
N HIS B 22 -11.01 2.55 14.19
CA HIS B 22 -11.66 2.33 15.51
C HIS B 22 -10.95 1.23 16.31
N SER B 23 -10.96 0.05 15.78
CA SER B 23 -10.36 -1.09 16.37
C SER B 23 -8.99 -1.27 15.71
N ASP B 24 -8.19 -2.18 16.24
CA ASP B 24 -6.88 -2.47 15.65
C ASP B 24 -7.07 -3.16 14.31
N GLY B 25 -6.96 -2.38 13.26
CA GLY B 25 -7.13 -2.93 11.94
C GLY B 25 -5.84 -3.42 11.35
N GLY B 26 -5.90 -4.01 10.19
CA GLY B 26 -4.73 -4.53 9.55
C GLY B 26 -5.07 -5.32 8.33
N GLY B 27 -4.16 -6.13 7.87
CA GLY B 27 -4.39 -6.96 6.73
C GLY B 27 -3.28 -7.95 6.58
N SER B 28 -3.54 -9.03 5.91
CA SER B 28 -2.55 -10.05 5.68
C SER B 28 -2.69 -10.55 4.23
N GLY B 29 -1.77 -11.40 3.81
CA GLY B 29 -1.82 -11.91 2.48
C GLY B 29 -0.70 -12.85 2.18
N GLY B 30 -0.68 -13.36 0.99
CA GLY B 30 0.33 -14.31 0.60
C GLY B 30 -0.24 -15.70 0.56
N GLY B 31 0.07 -16.42 -0.46
CA GLY B 31 -0.36 -17.77 -0.55
C GLY B 31 0.82 -18.68 -0.36
N SER B 32 0.87 -19.72 -1.12
CA SER B 32 2.00 -20.57 -1.11
C SER B 32 2.30 -21.01 -2.53
N GLY B 33 2.87 -20.10 -3.28
CA GLY B 33 3.28 -20.38 -4.62
C GLY B 33 4.20 -19.31 -5.09
N GLY B 34 5.21 -19.05 -4.28
CA GLY B 34 6.18 -17.99 -4.51
C GLY B 34 6.95 -18.14 -5.80
N GLY B 35 6.39 -17.61 -6.84
CA GLY B 35 6.95 -17.64 -8.14
C GLY B 35 6.02 -16.93 -9.06
N SER B 36 6.57 -16.02 -9.86
CA SER B 36 5.80 -15.19 -10.77
C SER B 36 4.98 -14.16 -10.00
N LEU B 37 5.40 -12.91 -10.11
CA LEU B 37 4.89 -11.74 -9.39
C LEU B 37 3.35 -11.69 -9.24
N GLU B 38 2.64 -11.88 -10.31
CA GLU B 38 1.20 -11.81 -10.27
C GLU B 38 0.50 -13.10 -9.80
N CYS B 39 1.24 -14.20 -9.73
CA CYS B 39 0.64 -15.44 -9.28
C CYS B 39 0.66 -15.48 -7.73
N ASP B 40 1.85 -15.44 -7.17
CA ASP B 40 2.07 -15.40 -5.73
C ASP B 40 3.52 -15.19 -5.46
N MET B 41 3.80 -14.26 -4.62
CA MET B 41 5.15 -13.89 -4.30
C MET B 41 5.63 -14.40 -2.95
N GLU B 42 4.71 -14.98 -2.16
CA GLU B 42 4.90 -15.57 -0.80
C GLU B 42 6.02 -14.93 0.02
N SER B 43 7.22 -15.42 -0.19
CA SER B 43 8.39 -15.06 0.58
C SER B 43 8.80 -13.64 0.26
N ILE B 44 8.85 -13.37 -1.02
CA ILE B 44 9.26 -12.12 -1.57
C ILE B 44 8.28 -11.04 -1.15
N ILE B 45 7.00 -11.33 -1.30
CA ILE B 45 5.98 -10.31 -0.99
C ILE B 45 5.89 -10.07 0.53
N ARG B 46 6.15 -11.11 1.30
CA ARG B 46 6.13 -10.99 2.74
C ARG B 46 7.24 -10.04 3.20
N SER B 47 8.46 -10.41 2.89
CA SER B 47 9.63 -9.68 3.34
C SER B 47 9.75 -8.28 2.73
N GLU B 48 9.50 -8.17 1.45
CA GLU B 48 9.67 -6.92 0.75
C GLU B 48 8.48 -5.99 0.95
N LEU B 49 7.28 -6.53 0.96
CA LEU B 49 6.11 -5.69 1.00
C LEU B 49 5.60 -5.37 2.40
N MET B 50 5.54 -6.32 3.32
CA MET B 50 5.05 -5.96 4.65
C MET B 50 5.45 -6.93 5.75
N ASP B 51 6.10 -6.39 6.73
CA ASP B 51 6.54 -7.12 7.88
C ASP B 51 5.91 -6.54 9.11
N ALA B 52 5.15 -7.34 9.78
CA ALA B 52 4.51 -6.94 11.00
C ALA B 52 4.66 -8.07 11.99
N GLY A 1 2.73 8.90 -18.44
CA GLY A 1 3.73 9.81 -18.98
C GLY A 1 5.00 9.09 -19.19
N VAL A 2 5.60 9.25 -20.38
CA VAL A 2 6.82 8.56 -20.77
C VAL A 2 6.56 7.08 -20.97
N ARG A 3 6.83 6.63 -22.14
CA ARG A 3 6.48 5.32 -22.51
C ARG A 3 7.52 4.34 -22.06
N LYS A 4 7.11 3.54 -21.12
CA LYS A 4 7.93 2.53 -20.57
C LYS A 4 7.28 1.22 -20.92
N GLY A 5 7.91 0.49 -21.83
CA GLY A 5 7.37 -0.73 -22.37
C GLY A 5 7.27 -1.87 -21.37
N TRP A 6 7.75 -1.65 -20.18
CA TRP A 6 7.64 -2.64 -19.14
C TRP A 6 6.25 -2.66 -18.53
N HIS A 7 5.45 -1.64 -18.84
CA HIS A 7 4.10 -1.51 -18.29
C HIS A 7 3.24 -2.72 -18.65
N GLU A 8 3.57 -3.36 -19.75
CA GLU A 8 2.80 -4.47 -20.26
C GLU A 8 3.13 -5.79 -19.57
N HIS A 9 4.10 -5.75 -18.69
CA HIS A 9 4.50 -6.94 -17.95
C HIS A 9 4.00 -6.90 -16.53
N VAL A 10 3.28 -5.86 -16.20
CA VAL A 10 2.71 -5.73 -14.89
C VAL A 10 1.26 -5.91 -15.04
N THR A 11 0.73 -6.99 -14.55
CA THR A 11 -0.64 -7.25 -14.66
C THR A 11 -1.46 -6.34 -13.84
N GLN A 12 -2.67 -6.10 -14.31
CA GLN A 12 -3.64 -5.31 -13.60
C GLN A 12 -3.81 -5.88 -12.21
N ASP A 13 -3.86 -7.18 -12.12
CA ASP A 13 -4.00 -7.83 -10.85
C ASP A 13 -2.80 -7.65 -9.95
N LEU A 14 -1.59 -7.52 -10.54
CA LEU A 14 -0.37 -7.34 -9.72
C LEU A 14 -0.36 -5.93 -9.19
N ARG A 15 -0.47 -4.95 -10.07
CA ARG A 15 -0.53 -3.55 -9.67
C ARG A 15 -1.65 -3.29 -8.67
N SER A 16 -2.82 -3.77 -8.97
CA SER A 16 -3.95 -3.56 -8.13
C SER A 16 -3.89 -4.38 -6.83
N HIS A 17 -3.10 -5.46 -6.83
CA HIS A 17 -2.85 -6.26 -5.61
C HIS A 17 -2.05 -5.40 -4.65
N LEU A 18 -1.08 -4.71 -5.21
CA LEU A 18 -0.23 -3.80 -4.49
C LEU A 18 -1.02 -2.58 -4.05
N VAL A 19 -1.90 -2.09 -4.92
CA VAL A 19 -2.86 -1.00 -4.61
C VAL A 19 -3.72 -1.39 -3.38
N HIS A 20 -4.26 -2.58 -3.44
CA HIS A 20 -5.07 -3.17 -2.38
C HIS A 20 -4.32 -3.12 -1.05
N LYS A 21 -3.10 -3.60 -1.09
CA LYS A 21 -2.24 -3.61 0.07
C LYS A 21 -1.87 -2.22 0.51
N LEU A 22 -1.63 -1.33 -0.46
CA LEU A 22 -1.37 0.08 -0.21
C LEU A 22 -2.43 0.64 0.69
N VAL A 23 -3.69 0.40 0.31
CA VAL A 23 -4.83 0.79 1.13
C VAL A 23 -4.69 0.19 2.52
N GLN A 24 -4.49 -1.12 2.59
CA GLN A 24 -4.43 -1.82 3.90
C GLN A 24 -3.42 -1.22 4.89
N ALA A 25 -2.31 -0.71 4.38
CA ALA A 25 -1.32 -0.04 5.20
C ALA A 25 -1.72 1.42 5.49
N ILE A 26 -2.14 2.13 4.47
CA ILE A 26 -2.41 3.56 4.62
C ILE A 26 -3.79 3.79 5.30
N PHE A 27 -4.61 2.82 5.17
CA PHE A 27 -5.91 2.78 5.73
C PHE A 27 -6.11 1.40 6.35
N PRO A 28 -5.86 1.26 7.66
CA PRO A 28 -5.97 -0.03 8.35
C PRO A 28 -7.40 -0.60 8.28
N THR A 29 -7.61 -1.45 7.30
CA THR A 29 -8.89 -2.05 7.09
C THR A 29 -9.15 -3.14 8.15
N PRO A 30 -10.26 -3.02 8.88
CA PRO A 30 -10.59 -3.98 9.94
C PRO A 30 -11.03 -5.33 9.37
N ASP A 31 -11.60 -5.28 8.20
CA ASP A 31 -12.15 -6.44 7.55
C ASP A 31 -11.85 -6.32 6.10
N PRO A 32 -11.71 -7.43 5.37
CA PRO A 32 -11.52 -7.38 3.94
C PRO A 32 -12.81 -6.95 3.21
N ALA A 33 -13.88 -6.85 3.96
CA ALA A 33 -15.15 -6.42 3.40
C ALA A 33 -15.25 -4.89 3.46
N ALA A 34 -14.36 -4.26 4.21
CA ALA A 34 -14.32 -2.81 4.25
C ALA A 34 -13.61 -2.31 2.99
N LEU A 35 -13.11 -3.26 2.24
CA LEU A 35 -12.39 -3.00 1.03
C LEU A 35 -13.33 -3.02 -0.17
N LYS A 36 -14.60 -3.13 0.10
CA LYS A 36 -15.63 -3.09 -0.94
C LYS A 36 -16.72 -2.14 -0.49
N ASP A 37 -16.33 -1.27 0.41
CA ASP A 37 -17.20 -0.27 1.04
C ASP A 37 -17.25 0.96 0.13
N ARG A 38 -18.13 1.89 0.43
CA ARG A 38 -18.24 3.10 -0.35
C ARG A 38 -17.05 4.02 -0.11
N ARG A 39 -16.45 3.84 1.06
CA ARG A 39 -15.29 4.58 1.47
C ARG A 39 -14.06 4.06 0.72
N MET A 40 -14.19 2.83 0.23
CA MET A 40 -13.14 2.17 -0.49
C MET A 40 -12.74 2.91 -1.74
N GLU A 41 -13.68 3.57 -2.43
CA GLU A 41 -13.28 4.26 -3.65
C GLU A 41 -12.26 5.35 -3.35
N ASN A 42 -12.38 5.94 -2.15
CA ASN A 42 -11.47 7.00 -1.71
C ASN A 42 -10.15 6.40 -1.33
N LEU A 43 -10.22 5.31 -0.57
CA LEU A 43 -9.05 4.62 -0.09
C LEU A 43 -8.22 4.13 -1.28
N VAL A 44 -8.90 3.48 -2.21
CA VAL A 44 -8.25 2.94 -3.37
C VAL A 44 -7.87 4.05 -4.34
N ALA A 45 -8.59 5.17 -4.32
CA ALA A 45 -8.27 6.31 -5.17
C ALA A 45 -6.86 6.81 -4.84
N TYR A 46 -6.59 6.93 -3.54
CA TYR A 46 -5.26 7.28 -3.06
C TYR A 46 -4.26 6.19 -3.43
N ALA A 47 -4.64 4.96 -3.22
CA ALA A 47 -3.76 3.86 -3.49
C ALA A 47 -3.36 3.83 -4.97
N LYS A 48 -4.32 4.04 -5.85
CA LYS A 48 -4.08 4.09 -7.30
C LYS A 48 -3.17 5.25 -7.67
N LYS A 49 -3.41 6.42 -7.09
CA LYS A 49 -2.64 7.60 -7.40
C LYS A 49 -1.18 7.44 -6.91
N VAL A 50 -1.03 6.79 -5.79
CA VAL A 50 0.28 6.54 -5.22
C VAL A 50 0.99 5.42 -5.98
N GLU A 51 0.25 4.38 -6.29
CA GLU A 51 0.75 3.24 -7.05
C GLU A 51 1.24 3.76 -8.40
N GLY A 52 0.46 4.65 -9.01
CA GLY A 52 0.84 5.29 -10.25
C GLY A 52 2.12 6.08 -10.13
N ASP A 53 2.24 6.82 -9.05
CA ASP A 53 3.45 7.62 -8.75
C ASP A 53 4.72 6.76 -8.80
N MET A 54 4.69 5.67 -8.08
CA MET A 54 5.83 4.73 -8.03
C MET A 54 5.98 3.90 -9.27
N TYR A 55 4.90 3.66 -9.95
CA TYR A 55 4.89 2.94 -11.19
C TYR A 55 5.70 3.77 -12.20
N GLU A 56 5.36 5.03 -12.27
CA GLU A 56 6.00 5.97 -13.16
C GLU A 56 7.40 6.35 -12.68
N SER A 57 7.65 6.18 -11.41
CA SER A 57 8.96 6.47 -10.86
C SER A 57 9.93 5.31 -11.10
N ALA A 58 9.41 4.17 -11.47
CA ALA A 58 10.23 3.02 -11.69
C ALA A 58 10.56 2.80 -13.15
N ASN A 59 11.49 1.90 -13.39
CA ASN A 59 11.93 1.53 -14.72
C ASN A 59 11.64 0.07 -14.97
N SER A 60 10.96 -0.55 -14.03
CA SER A 60 10.54 -1.93 -14.11
C SER A 60 9.48 -2.18 -13.06
N ARG A 61 8.54 -3.07 -13.34
CA ARG A 61 7.52 -3.45 -12.33
C ARG A 61 8.15 -3.96 -11.06
N ASP A 62 9.21 -4.76 -11.19
CA ASP A 62 9.96 -5.29 -10.03
C ASP A 62 10.43 -4.15 -9.13
N GLU A 63 10.98 -3.15 -9.77
CA GLU A 63 11.47 -1.96 -9.09
C GLU A 63 10.35 -1.17 -8.44
N TYR A 64 9.26 -0.97 -9.17
CA TYR A 64 8.14 -0.19 -8.69
C TYR A 64 7.51 -0.89 -7.51
N TYR A 65 7.34 -2.19 -7.64
CA TYR A 65 6.85 -3.03 -6.61
C TYR A 65 7.76 -2.95 -5.40
N HIS A 66 9.06 -3.06 -5.61
CA HIS A 66 10.03 -3.05 -4.51
C HIS A 66 10.01 -1.73 -3.75
N LEU A 67 10.05 -0.63 -4.46
CA LEU A 67 10.12 0.66 -3.80
C LEU A 67 8.79 1.02 -3.12
N LEU A 68 7.68 0.55 -3.70
CA LEU A 68 6.39 0.81 -3.10
C LEU A 68 6.21 -0.10 -1.90
N ALA A 69 6.79 -1.28 -2.02
CA ALA A 69 6.80 -2.25 -0.96
C ALA A 69 7.54 -1.68 0.22
N GLU A 70 8.61 -0.99 -0.07
CA GLU A 70 9.39 -0.33 0.94
C GLU A 70 8.59 0.76 1.66
N LYS A 71 7.89 1.59 0.89
CA LYS A 71 7.09 2.66 1.52
C LYS A 71 5.94 2.07 2.33
N ILE A 72 5.29 1.05 1.80
CA ILE A 72 4.16 0.46 2.49
C ILE A 72 4.62 -0.23 3.78
N TYR A 73 5.70 -0.97 3.68
CA TYR A 73 6.35 -1.69 4.77
C TYR A 73 6.64 -0.77 5.95
N LYS A 74 7.25 0.39 5.66
CA LYS A 74 7.57 1.32 6.74
C LYS A 74 6.30 1.93 7.31
N ILE A 75 5.29 2.13 6.47
CA ILE A 75 4.00 2.63 6.92
C ILE A 75 3.31 1.59 7.84
N GLN A 76 3.43 0.31 7.49
CA GLN A 76 2.87 -0.78 8.28
C GLN A 76 3.43 -0.75 9.69
N LYS A 77 4.75 -0.64 9.79
CA LYS A 77 5.33 -0.50 11.13
C LYS A 77 5.04 0.80 11.80
N GLU A 78 4.94 1.85 11.03
CA GLU A 78 4.59 3.14 11.55
C GLU A 78 3.21 3.04 12.21
N LEU A 79 2.28 2.39 11.53
CA LEU A 79 0.96 2.27 12.05
C LEU A 79 0.91 1.38 13.28
N GLU A 80 1.67 0.28 13.29
CA GLU A 80 1.64 -0.63 14.44
C GLU A 80 2.14 0.07 15.70
N GLU A 81 3.24 0.80 15.59
CA GLU A 81 3.82 1.47 16.73
C GLU A 81 3.04 2.72 17.12
N LYS A 82 2.54 3.47 16.14
CA LYS A 82 1.78 4.69 16.46
C LYS A 82 0.44 4.32 17.10
N ARG A 83 -0.13 3.19 16.67
CA ARG A 83 -1.42 2.70 17.17
C ARG A 83 -1.24 2.15 18.58
N ARG A 84 -0.11 1.49 18.80
CA ARG A 84 0.24 0.92 20.10
C ARG A 84 0.60 2.00 21.08
N SER A 85 0.91 3.19 20.52
CA SER A 85 1.44 4.36 21.20
C SER A 85 2.97 4.33 21.14
N ARG A 86 3.55 5.33 20.47
CA ARG A 86 4.99 5.36 20.22
C ARG A 86 5.67 6.56 20.85
N LEU A 87 4.89 7.51 21.28
CA LEU A 87 5.47 8.74 21.84
C LEU A 87 5.93 8.53 23.28
N GLY B 1 -1.29 24.07 8.03
CA GLY B 1 -0.49 23.24 7.18
C GLY B 1 -0.87 23.39 5.72
N SER B 2 -0.82 24.62 5.23
CA SER B 2 -1.19 24.91 3.85
C SER B 2 -0.09 24.45 2.87
N MET B 3 1.17 24.53 3.29
CA MET B 3 2.27 24.12 2.42
C MET B 3 2.56 22.64 2.61
N SER B 4 2.24 22.17 3.81
CA SER B 4 2.51 20.82 4.28
C SER B 4 3.98 20.68 4.64
N HIS B 5 4.22 20.08 5.79
CA HIS B 5 5.57 19.85 6.29
C HIS B 5 6.29 18.93 5.33
N TYR B 6 5.55 17.94 4.87
CA TYR B 6 5.94 17.01 3.80
C TYR B 6 7.00 15.97 4.22
N GLY B 7 7.63 16.19 5.35
CA GLY B 7 8.59 15.23 5.83
C GLY B 7 7.91 14.13 6.60
N ASN B 8 7.50 14.46 7.79
CA ASN B 8 6.85 13.50 8.71
C ASN B 8 5.37 13.44 8.49
N GLN B 9 4.96 13.76 7.27
CA GLN B 9 3.55 13.71 6.90
C GLN B 9 2.92 12.35 7.13
N THR B 10 3.76 11.31 7.09
CA THR B 10 3.39 9.95 7.29
C THR B 10 2.67 9.78 8.64
N LEU B 11 3.24 10.37 9.68
CA LEU B 11 2.73 10.21 11.03
C LEU B 11 1.30 10.76 11.13
N GLN B 12 1.13 12.02 10.79
CA GLN B 12 -0.15 12.69 10.96
C GLN B 12 -1.19 12.23 9.92
N ASP B 13 -0.75 11.98 8.69
CA ASP B 13 -1.66 11.58 7.62
C ASP B 13 -2.16 10.18 7.89
N LEU B 14 -1.26 9.30 8.29
CA LEU B 14 -1.63 7.92 8.60
C LEU B 14 -2.41 7.84 9.90
N LEU B 15 -2.22 8.81 10.78
CA LEU B 15 -2.99 8.87 12.02
C LEU B 15 -4.43 9.29 11.68
N THR B 16 -4.56 10.26 10.81
CA THR B 16 -5.86 10.73 10.37
C THR B 16 -6.57 9.64 9.52
N SER B 17 -5.80 8.91 8.75
CA SER B 17 -6.32 7.83 7.93
C SER B 17 -6.67 6.60 8.82
N ASP B 18 -5.98 6.49 9.94
CA ASP B 18 -6.19 5.42 10.92
C ASP B 18 -7.55 5.62 11.56
N SER B 19 -7.81 6.83 11.99
CA SER B 19 -9.07 7.19 12.59
C SER B 19 -10.20 7.19 11.55
N LEU B 20 -9.85 7.45 10.29
CA LEU B 20 -10.77 7.41 9.18
C LEU B 20 -11.25 5.96 8.95
N SER B 21 -10.34 5.02 9.15
CA SER B 21 -10.64 3.61 9.04
C SER B 21 -11.40 3.12 10.30
N HIS B 22 -11.37 3.98 11.33
CA HIS B 22 -12.13 3.85 12.60
C HIS B 22 -11.60 2.78 13.54
N SER B 23 -10.71 1.94 13.08
CA SER B 23 -10.31 0.81 13.86
C SER B 23 -8.98 0.21 13.41
N ASP B 24 -8.47 -0.74 14.22
CA ASP B 24 -7.23 -1.48 13.93
C ASP B 24 -7.46 -2.33 12.71
N GLY B 25 -6.46 -2.49 11.89
CA GLY B 25 -6.67 -3.19 10.66
C GLY B 25 -5.63 -4.25 10.37
N GLY B 26 -5.73 -4.79 9.18
CA GLY B 26 -4.81 -5.79 8.70
C GLY B 26 -5.52 -6.69 7.71
N GLY B 27 -5.28 -7.98 7.80
CA GLY B 27 -5.94 -8.92 6.93
C GLY B 27 -5.08 -9.29 5.74
N SER B 28 -4.07 -10.10 5.98
CA SER B 28 -3.19 -10.54 4.93
C SER B 28 -3.95 -11.42 3.91
N GLY B 29 -4.19 -10.87 2.74
CA GLY B 29 -4.89 -11.58 1.72
C GLY B 29 -4.06 -11.63 0.46
N GLY B 30 -4.36 -12.56 -0.41
CA GLY B 30 -3.59 -12.72 -1.62
C GLY B 30 -4.45 -12.90 -2.85
N GLY B 31 -5.34 -11.97 -3.09
CA GLY B 31 -6.19 -12.04 -4.25
C GLY B 31 -5.46 -11.63 -5.52
N SER B 32 -5.32 -12.55 -6.43
CA SER B 32 -4.61 -12.32 -7.66
C SER B 32 -5.40 -12.92 -8.86
N GLY B 33 -4.85 -12.86 -10.07
CA GLY B 33 -5.52 -13.43 -11.22
C GLY B 33 -4.85 -13.11 -12.57
N GLY B 34 -3.66 -12.54 -12.53
CA GLY B 34 -2.95 -12.20 -13.74
C GLY B 34 -1.75 -13.10 -13.95
N GLY B 35 -0.59 -12.63 -13.56
CA GLY B 35 0.62 -13.39 -13.75
C GLY B 35 1.85 -12.57 -13.45
N SER B 36 2.93 -12.90 -14.10
CA SER B 36 4.22 -12.22 -13.96
C SER B 36 4.85 -12.45 -12.58
N LEU B 37 4.41 -11.70 -11.61
CA LEU B 37 4.99 -11.75 -10.28
C LEU B 37 4.06 -12.46 -9.30
N GLU B 38 2.82 -12.02 -9.31
CA GLU B 38 1.78 -12.35 -8.31
C GLU B 38 1.65 -13.85 -7.97
N CYS B 39 1.82 -14.72 -8.95
CA CYS B 39 1.65 -16.15 -8.76
C CYS B 39 2.70 -16.74 -7.79
N ASP B 40 3.91 -16.22 -7.87
CA ASP B 40 5.04 -16.72 -7.08
C ASP B 40 5.57 -15.62 -6.21
N MET B 41 4.71 -14.72 -5.86
CA MET B 41 5.11 -13.51 -5.16
C MET B 41 4.91 -13.62 -3.64
N GLU B 42 4.13 -14.59 -3.20
CA GLU B 42 3.69 -14.71 -1.79
C GLU B 42 4.81 -14.53 -0.70
N SER B 43 5.85 -15.34 -0.76
CA SER B 43 6.92 -15.30 0.23
C SER B 43 7.67 -13.96 0.15
N ILE B 44 7.88 -13.52 -1.07
CA ILE B 44 8.58 -12.30 -1.34
C ILE B 44 7.78 -11.10 -0.85
N ILE B 45 6.49 -11.09 -1.12
CA ILE B 45 5.65 -9.96 -0.75
C ILE B 45 5.50 -9.85 0.75
N ARG B 46 5.54 -10.97 1.45
CA ARG B 46 5.58 -10.91 2.89
C ARG B 46 6.85 -10.21 3.35
N SER B 47 7.99 -10.83 3.07
CA SER B 47 9.28 -10.35 3.55
C SER B 47 9.65 -8.93 3.05
N GLU B 48 9.40 -8.69 1.77
CA GLU B 48 9.72 -7.43 1.13
C GLU B 48 8.67 -6.35 1.39
N LEU B 49 7.40 -6.68 1.24
CA LEU B 49 6.38 -5.67 1.24
C LEU B 49 5.81 -5.30 2.60
N MET B 50 5.67 -6.23 3.51
CA MET B 50 5.15 -5.80 4.79
C MET B 50 5.52 -6.71 5.91
N ASP B 51 6.12 -6.13 6.87
CA ASP B 51 6.49 -6.83 8.04
C ASP B 51 5.50 -6.55 9.11
N ALA B 52 4.56 -7.40 9.21
CA ALA B 52 3.60 -7.36 10.26
C ALA B 52 3.60 -8.73 10.86
N GLY A 1 1.04 4.23 -16.96
CA GLY A 1 0.43 5.36 -17.67
C GLY A 1 1.28 5.80 -18.83
N VAL A 2 2.48 6.27 -18.53
CA VAL A 2 3.43 6.67 -19.56
C VAL A 2 3.97 5.48 -20.28
N ARG A 3 4.67 5.73 -21.34
CA ARG A 3 5.04 4.66 -22.18
C ARG A 3 6.40 4.10 -21.83
N LYS A 4 6.36 3.05 -21.06
CA LYS A 4 7.53 2.31 -20.69
C LYS A 4 7.29 0.87 -21.02
N GLY A 5 8.19 0.29 -21.80
CA GLY A 5 8.05 -1.07 -22.33
C GLY A 5 7.87 -2.15 -21.28
N TRP A 6 8.27 -1.88 -20.07
CA TRP A 6 8.12 -2.85 -18.99
C TRP A 6 6.67 -2.93 -18.50
N HIS A 7 5.78 -2.08 -19.02
CA HIS A 7 4.36 -2.13 -18.62
C HIS A 7 3.73 -3.49 -18.98
N GLU A 8 4.28 -4.15 -20.00
CA GLU A 8 3.78 -5.45 -20.43
C GLU A 8 4.29 -6.55 -19.49
N HIS A 9 5.16 -6.16 -18.60
CA HIS A 9 5.78 -7.08 -17.68
C HIS A 9 5.13 -6.95 -16.32
N VAL A 10 4.13 -6.13 -16.24
CA VAL A 10 3.43 -5.89 -15.03
C VAL A 10 1.93 -5.87 -15.33
N THR A 11 1.28 -6.87 -14.86
CA THR A 11 -0.11 -7.06 -15.14
C THR A 11 -0.96 -6.29 -14.12
N GLN A 12 -2.18 -5.96 -14.52
CA GLN A 12 -3.16 -5.28 -13.68
C GLN A 12 -3.32 -5.98 -12.34
N ASP A 13 -3.31 -7.30 -12.38
CA ASP A 13 -3.41 -8.12 -11.16
C ASP A 13 -2.33 -7.80 -10.14
N LEU A 14 -1.10 -7.60 -10.62
CA LEU A 14 0.05 -7.40 -9.75
C LEU A 14 -0.10 -6.08 -9.09
N ARG A 15 -0.32 -5.10 -9.90
CA ARG A 15 -0.41 -3.77 -9.43
C ARG A 15 -1.57 -3.54 -8.53
N SER A 16 -2.73 -4.05 -8.90
CA SER A 16 -3.93 -3.89 -8.11
C SER A 16 -3.76 -4.60 -6.75
N HIS A 17 -2.97 -5.67 -6.75
CA HIS A 17 -2.67 -6.42 -5.55
C HIS A 17 -1.85 -5.52 -4.58
N LEU A 18 -0.87 -4.86 -5.15
CA LEU A 18 -0.02 -3.92 -4.40
C LEU A 18 -0.85 -2.71 -3.96
N VAL A 19 -1.74 -2.27 -4.83
CA VAL A 19 -2.71 -1.20 -4.56
C VAL A 19 -3.59 -1.56 -3.35
N HIS A 20 -4.15 -2.76 -3.38
CA HIS A 20 -4.97 -3.27 -2.29
C HIS A 20 -4.19 -3.23 -0.97
N LYS A 21 -2.96 -3.68 -1.02
CA LYS A 21 -2.10 -3.65 0.14
C LYS A 21 -1.78 -2.24 0.57
N LEU A 22 -1.56 -1.36 -0.41
CA LEU A 22 -1.35 0.06 -0.16
C LEU A 22 -2.46 0.60 0.70
N VAL A 23 -3.70 0.31 0.32
CA VAL A 23 -4.86 0.67 1.12
C VAL A 23 -4.74 0.10 2.51
N GLN A 24 -4.50 -1.20 2.62
CA GLN A 24 -4.39 -1.85 3.93
C GLN A 24 -3.38 -1.21 4.88
N ALA A 25 -2.29 -0.69 4.35
CA ALA A 25 -1.32 0.01 5.16
C ALA A 25 -1.74 1.45 5.42
N ILE A 26 -2.17 2.14 4.39
CA ILE A 26 -2.48 3.56 4.54
C ILE A 26 -3.80 3.75 5.29
N PHE A 27 -4.69 2.83 5.08
CA PHE A 27 -5.97 2.79 5.66
C PHE A 27 -6.18 1.42 6.29
N PRO A 28 -5.84 1.26 7.58
CA PRO A 28 -6.02 -0.01 8.25
C PRO A 28 -7.51 -0.34 8.37
N THR A 29 -8.00 -1.13 7.42
CA THR A 29 -9.40 -1.49 7.32
C THR A 29 -9.94 -2.05 8.65
N PRO A 30 -11.00 -1.44 9.19
CA PRO A 30 -11.59 -1.86 10.46
C PRO A 30 -12.34 -3.19 10.34
N ASP A 31 -12.65 -3.58 9.11
CA ASP A 31 -13.45 -4.75 8.88
C ASP A 31 -13.30 -5.18 7.43
N PRO A 32 -13.40 -6.49 7.14
CA PRO A 32 -13.40 -7.01 5.76
C PRO A 32 -14.47 -6.32 4.85
N ALA A 33 -15.56 -5.83 5.42
CA ALA A 33 -16.58 -5.18 4.61
C ALA A 33 -16.24 -3.71 4.33
N ALA A 34 -15.25 -3.17 5.03
CA ALA A 34 -14.86 -1.79 4.84
C ALA A 34 -14.01 -1.63 3.59
N LEU A 35 -13.10 -2.56 3.39
CA LEU A 35 -12.26 -2.54 2.19
C LEU A 35 -12.97 -3.00 0.90
N LYS A 36 -14.27 -3.19 0.97
CA LYS A 36 -15.07 -3.51 -0.20
C LYS A 36 -16.33 -2.63 -0.24
N ASP A 37 -16.31 -1.56 0.51
CA ASP A 37 -17.43 -0.63 0.62
C ASP A 37 -17.27 0.51 -0.41
N ARG A 38 -18.19 1.46 -0.42
CA ARG A 38 -18.13 2.59 -1.34
C ARG A 38 -17.00 3.53 -0.94
N ARG A 39 -16.61 3.47 0.32
CA ARG A 39 -15.50 4.24 0.80
C ARG A 39 -14.19 3.66 0.27
N MET A 40 -14.24 2.39 -0.09
CA MET A 40 -13.09 1.69 -0.66
C MET A 40 -12.64 2.32 -1.94
N GLU A 41 -13.54 2.84 -2.75
CA GLU A 41 -13.09 3.44 -4.00
C GLU A 41 -12.26 4.70 -3.72
N ASN A 42 -12.48 5.34 -2.58
CA ASN A 42 -11.68 6.49 -2.16
C ASN A 42 -10.31 6.01 -1.69
N LEU A 43 -10.34 4.95 -0.91
CA LEU A 43 -9.13 4.35 -0.35
C LEU A 43 -8.24 3.83 -1.48
N VAL A 44 -8.86 3.08 -2.37
CA VAL A 44 -8.17 2.50 -3.49
C VAL A 44 -7.77 3.59 -4.48
N ALA A 45 -8.54 4.69 -4.51
CA ALA A 45 -8.21 5.83 -5.37
C ALA A 45 -6.84 6.39 -4.97
N TYR A 46 -6.62 6.52 -3.66
CA TYR A 46 -5.29 6.93 -3.12
C TYR A 46 -4.26 5.91 -3.52
N ALA A 47 -4.58 4.66 -3.32
CA ALA A 47 -3.65 3.61 -3.59
C ALA A 47 -3.24 3.61 -5.05
N LYS A 48 -4.21 3.79 -5.93
CA LYS A 48 -3.98 3.87 -7.37
C LYS A 48 -3.14 5.08 -7.75
N LYS A 49 -3.43 6.22 -7.13
CA LYS A 49 -2.73 7.45 -7.46
C LYS A 49 -1.26 7.35 -7.02
N VAL A 50 -1.07 6.71 -5.88
CA VAL A 50 0.25 6.50 -5.33
C VAL A 50 0.99 5.42 -6.13
N GLU A 51 0.33 4.30 -6.37
CA GLU A 51 0.86 3.17 -7.13
C GLU A 51 1.26 3.65 -8.50
N GLY A 52 0.38 4.42 -9.11
CA GLY A 52 0.62 4.99 -10.40
C GLY A 52 1.85 5.84 -10.41
N ASP A 53 1.97 6.72 -9.44
CA ASP A 53 3.13 7.63 -9.34
C ASP A 53 4.45 6.86 -9.30
N MET A 54 4.54 5.88 -8.41
CA MET A 54 5.76 5.05 -8.27
C MET A 54 6.00 4.16 -9.46
N TYR A 55 4.94 3.76 -10.10
CA TYR A 55 4.99 2.97 -11.30
C TYR A 55 5.70 3.78 -12.38
N GLU A 56 5.24 4.99 -12.58
CA GLU A 56 5.76 5.89 -13.61
C GLU A 56 7.15 6.41 -13.23
N SER A 57 7.43 6.41 -11.95
CA SER A 57 8.70 6.88 -11.44
C SER A 57 9.77 5.79 -11.61
N ALA A 58 9.33 4.56 -11.73
CA ALA A 58 10.23 3.45 -11.85
C ALA A 58 10.51 3.13 -13.30
N ASN A 59 11.56 2.39 -13.52
CA ASN A 59 11.94 1.97 -14.87
C ASN A 59 11.91 0.45 -14.98
N SER A 60 11.21 -0.16 -14.05
CA SER A 60 10.91 -1.57 -14.06
C SER A 60 9.85 -1.83 -13.04
N ARG A 61 9.13 -2.89 -13.20
CA ARG A 61 8.11 -3.20 -12.23
C ARG A 61 8.71 -3.67 -10.92
N ASP A 62 9.91 -4.23 -10.99
CA ASP A 62 10.64 -4.69 -9.82
C ASP A 62 10.98 -3.48 -8.97
N GLU A 63 11.52 -2.47 -9.63
CA GLU A 63 11.85 -1.21 -9.01
C GLU A 63 10.64 -0.54 -8.38
N TYR A 64 9.56 -0.48 -9.13
CA TYR A 64 8.35 0.18 -8.68
C TYR A 64 7.76 -0.54 -7.47
N TYR A 65 7.66 -1.85 -7.59
CA TYR A 65 7.15 -2.69 -6.53
C TYR A 65 8.01 -2.57 -5.30
N HIS A 66 9.33 -2.57 -5.47
CA HIS A 66 10.25 -2.46 -4.36
C HIS A 66 10.10 -1.14 -3.62
N LEU A 67 10.21 -0.03 -4.34
CA LEU A 67 10.18 1.28 -3.71
C LEU A 67 8.80 1.56 -3.05
N LEU A 68 7.74 1.06 -3.66
CA LEU A 68 6.42 1.23 -3.11
C LEU A 68 6.28 0.31 -1.90
N ALA A 69 6.91 -0.86 -1.98
CA ALA A 69 6.92 -1.81 -0.91
C ALA A 69 7.63 -1.24 0.29
N GLU A 70 8.65 -0.43 0.05
CA GLU A 70 9.37 0.16 1.14
C GLU A 70 8.51 1.16 1.85
N LYS A 71 7.84 2.03 1.08
CA LYS A 71 7.00 3.05 1.69
C LYS A 71 5.82 2.42 2.45
N ILE A 72 5.27 1.36 1.90
CA ILE A 72 4.17 0.71 2.55
C ILE A 72 4.64 0.02 3.86
N TYR A 73 5.74 -0.71 3.76
CA TYR A 73 6.39 -1.43 4.85
C TYR A 73 6.65 -0.49 6.05
N LYS A 74 7.24 0.67 5.76
CA LYS A 74 7.53 1.63 6.80
C LYS A 74 6.24 2.21 7.39
N ILE A 75 5.23 2.38 6.55
CA ILE A 75 3.94 2.87 6.99
C ILE A 75 3.22 1.83 7.88
N GLN A 76 3.42 0.55 7.56
CA GLN A 76 2.84 -0.56 8.33
C GLN A 76 3.39 -0.51 9.75
N LYS A 77 4.68 -0.40 9.86
CA LYS A 77 5.27 -0.29 11.18
C LYS A 77 5.02 1.05 11.84
N GLU A 78 4.92 2.11 11.03
CA GLU A 78 4.57 3.45 11.53
C GLU A 78 3.22 3.37 12.24
N LEU A 79 2.24 2.77 11.57
CA LEU A 79 0.91 2.63 12.12
C LEU A 79 0.91 1.74 13.35
N GLU A 80 1.73 0.71 13.32
CA GLU A 80 1.88 -0.20 14.44
C GLU A 80 2.39 0.50 15.68
N GLU A 81 3.49 1.20 15.53
CA GLU A 81 4.09 1.87 16.66
C GLU A 81 3.26 3.03 17.16
N LYS A 82 2.68 3.79 16.24
CA LYS A 82 1.87 4.95 16.60
C LYS A 82 0.61 4.49 17.35
N ARG A 83 0.07 3.33 16.97
CA ARG A 83 -1.12 2.81 17.60
C ARG A 83 -0.81 2.19 18.96
N ARG A 84 0.31 1.47 19.05
CA ARG A 84 0.67 0.84 20.31
C ARG A 84 1.13 1.86 21.34
N SER A 85 2.20 2.61 21.00
CA SER A 85 2.85 3.66 21.83
C SER A 85 4.22 4.02 21.23
N ARG A 86 4.26 4.96 20.32
CA ARG A 86 5.54 5.42 19.81
C ARG A 86 5.88 6.68 20.58
N LEU A 87 4.83 7.35 21.00
CA LEU A 87 4.89 8.56 21.79
C LEU A 87 4.76 8.19 23.27
N GLY B 1 10.55 25.82 14.83
CA GLY B 1 10.20 24.61 14.13
C GLY B 1 9.42 23.67 15.02
N SER B 2 8.76 24.22 15.99
CA SER B 2 7.97 23.44 16.90
C SER B 2 6.51 23.48 16.44
N MET B 3 6.09 24.63 15.93
CA MET B 3 4.74 24.78 15.42
C MET B 3 4.68 24.33 13.98
N SER B 4 5.82 24.26 13.38
CA SER B 4 5.94 23.75 12.07
C SER B 4 6.31 22.29 12.21
N HIS B 5 5.40 21.41 11.88
CA HIS B 5 5.68 20.00 11.99
C HIS B 5 6.35 19.49 10.74
N TYR B 6 7.09 18.42 10.89
CA TYR B 6 7.90 17.84 9.87
C TYR B 6 8.40 16.54 10.42
N GLY B 7 8.84 15.65 9.56
CA GLY B 7 9.31 14.36 10.00
C GLY B 7 8.17 13.42 10.32
N ASN B 8 7.36 13.84 11.26
CA ASN B 8 6.17 13.13 11.74
C ASN B 8 5.01 13.19 10.77
N GLN B 9 5.32 13.32 9.51
CA GLN B 9 4.34 13.48 8.51
C GLN B 9 3.60 12.18 8.29
N THR B 10 4.33 11.09 8.40
CA THR B 10 3.78 9.78 8.25
C THR B 10 2.89 9.45 9.44
N LEU B 11 3.35 9.88 10.62
CA LEU B 11 2.62 9.71 11.86
C LEU B 11 1.25 10.35 11.76
N GLN B 12 1.22 11.64 11.48
CA GLN B 12 -0.01 12.38 11.43
C GLN B 12 -0.90 11.92 10.27
N ASP B 13 -0.29 11.62 9.13
CA ASP B 13 -1.04 11.19 7.94
C ASP B 13 -1.76 9.89 8.22
N LEU B 14 -1.01 8.90 8.70
CA LEU B 14 -1.59 7.60 8.98
C LEU B 14 -2.54 7.67 10.15
N LEU B 15 -2.28 8.57 11.09
CA LEU B 15 -3.18 8.78 12.23
C LEU B 15 -4.53 9.32 11.73
N THR B 16 -4.47 10.17 10.73
CA THR B 16 -5.67 10.73 10.13
C THR B 16 -6.50 9.60 9.48
N SER B 17 -5.81 8.76 8.74
CA SER B 17 -6.41 7.63 8.08
C SER B 17 -6.90 6.58 9.11
N ASP B 18 -6.16 6.47 10.19
CA ASP B 18 -6.47 5.54 11.29
C ASP B 18 -7.78 5.96 11.94
N SER B 19 -7.99 7.28 11.96
CA SER B 19 -9.19 7.87 12.49
C SER B 19 -10.38 7.61 11.55
N LEU B 20 -10.10 7.41 10.26
CA LEU B 20 -11.12 7.10 9.28
C LEU B 20 -11.72 5.75 9.60
N SER B 21 -10.87 4.79 9.88
CA SER B 21 -11.28 3.48 10.31
C SER B 21 -11.98 3.61 11.66
N HIS B 22 -11.30 4.32 12.57
CA HIS B 22 -11.77 4.68 13.90
C HIS B 22 -11.83 3.47 14.84
N SER B 23 -12.63 2.51 14.50
CA SER B 23 -12.79 1.37 15.34
C SER B 23 -11.90 0.21 14.90
N ASP B 24 -10.62 0.34 15.24
CA ASP B 24 -9.59 -0.71 15.02
C ASP B 24 -9.27 -0.90 13.51
N GLY B 25 -8.31 -1.76 13.22
CA GLY B 25 -7.93 -2.05 11.87
C GLY B 25 -7.25 -3.40 11.80
N GLY B 26 -7.67 -4.24 10.89
CA GLY B 26 -7.11 -5.55 10.80
C GLY B 26 -7.13 -6.13 9.40
N GLY B 27 -5.99 -6.13 8.77
CA GLY B 27 -5.83 -6.72 7.46
C GLY B 27 -4.57 -7.55 7.46
N SER B 28 -4.53 -8.61 6.67
CA SER B 28 -3.38 -9.49 6.65
C SER B 28 -3.06 -9.97 5.24
N GLY B 29 -1.94 -10.66 5.11
CA GLY B 29 -1.53 -11.24 3.87
C GLY B 29 -0.60 -12.39 4.15
N GLY B 30 -0.84 -13.52 3.56
CA GLY B 30 -0.03 -14.69 3.86
C GLY B 30 0.89 -15.05 2.73
N GLY B 31 1.47 -16.22 2.84
CA GLY B 31 2.36 -16.74 1.83
C GLY B 31 1.89 -18.09 1.37
N SER B 32 2.59 -18.67 0.41
CA SER B 32 2.24 -19.96 -0.17
C SER B 32 3.31 -20.32 -1.21
N GLY B 33 3.25 -19.70 -2.36
CA GLY B 33 4.27 -19.90 -3.35
C GLY B 33 5.04 -18.62 -3.51
N GLY B 34 6.22 -18.71 -4.03
CA GLY B 34 7.02 -17.53 -4.18
C GLY B 34 8.14 -17.72 -5.15
N GLY B 35 7.95 -17.25 -6.36
CA GLY B 35 8.99 -17.32 -7.36
C GLY B 35 8.77 -16.32 -8.46
N SER B 36 7.93 -15.34 -8.19
CA SER B 36 7.54 -14.35 -9.14
C SER B 36 6.82 -13.25 -8.39
N LEU B 37 6.65 -12.12 -9.01
CA LEU B 37 5.88 -11.09 -8.40
C LEU B 37 4.43 -11.18 -8.85
N GLU B 38 4.19 -11.32 -10.13
CA GLU B 38 2.82 -11.37 -10.63
C GLU B 38 2.14 -12.75 -10.62
N CYS B 39 2.89 -13.82 -10.73
CA CYS B 39 2.24 -15.13 -10.84
C CYS B 39 2.24 -15.90 -9.51
N ASP B 40 3.41 -16.19 -9.01
CA ASP B 40 3.55 -16.94 -7.77
C ASP B 40 4.19 -16.05 -6.78
N MET B 41 3.37 -15.25 -6.19
CA MET B 41 3.82 -14.14 -5.42
C MET B 41 3.78 -14.33 -3.94
N GLU B 42 2.76 -15.00 -3.45
CA GLU B 42 2.36 -15.10 -2.02
C GLU B 42 3.52 -14.92 -0.98
N SER B 43 4.49 -15.78 -1.02
CA SER B 43 5.57 -15.72 -0.06
C SER B 43 6.49 -14.50 -0.31
N ILE B 44 6.72 -14.21 -1.58
CA ILE B 44 7.56 -13.09 -2.00
C ILE B 44 6.85 -11.79 -1.66
N ILE B 45 5.58 -11.71 -2.00
CA ILE B 45 4.79 -10.51 -1.78
C ILE B 45 4.71 -10.21 -0.30
N ARG B 46 4.57 -11.23 0.54
CA ARG B 46 4.54 -10.96 1.96
C ARG B 46 5.88 -10.39 2.45
N SER B 47 6.98 -11.05 2.09
CA SER B 47 8.30 -10.66 2.55
C SER B 47 8.76 -9.29 1.99
N GLU B 48 8.55 -9.05 0.71
CA GLU B 48 9.03 -7.82 0.08
C GLU B 48 8.11 -6.65 0.39
N LEU B 49 6.83 -6.90 0.39
CA LEU B 49 5.85 -5.84 0.53
C LEU B 49 5.69 -5.42 1.99
N MET B 50 5.48 -6.36 2.91
CA MET B 50 5.29 -5.94 4.28
C MET B 50 5.78 -6.96 5.34
N ASP B 51 7.07 -6.88 5.59
CA ASP B 51 7.75 -7.59 6.70
C ASP B 51 7.98 -9.07 6.47
N ALA B 52 9.06 -9.55 7.07
CA ALA B 52 9.42 -10.93 7.05
C ALA B 52 8.58 -11.67 8.06
N GLY A 1 5.40 11.55 -24.01
CA GLY A 1 5.22 10.20 -23.49
C GLY A 1 6.49 9.69 -22.90
N VAL A 2 6.39 8.94 -21.85
CA VAL A 2 7.54 8.33 -21.25
C VAL A 2 7.67 6.92 -21.81
N ARG A 3 8.85 6.54 -22.19
CA ARG A 3 9.04 5.26 -22.76
C ARG A 3 9.65 4.29 -21.79
N LYS A 4 8.85 3.36 -21.38
CA LYS A 4 9.24 2.32 -20.49
C LYS A 4 8.41 1.08 -20.74
N GLY A 5 8.86 0.31 -21.73
CA GLY A 5 8.15 -0.86 -22.23
C GLY A 5 7.88 -1.96 -21.21
N TRP A 6 8.46 -1.84 -20.02
CA TRP A 6 8.26 -2.79 -18.95
C TRP A 6 6.79 -2.84 -18.52
N HIS A 7 6.01 -1.80 -18.90
CA HIS A 7 4.57 -1.76 -18.58
C HIS A 7 3.78 -2.95 -19.15
N GLU A 8 4.39 -3.71 -20.04
CA GLU A 8 3.75 -4.88 -20.63
C GLU A 8 4.03 -6.11 -19.78
N HIS A 9 4.91 -5.96 -18.81
CA HIS A 9 5.38 -7.07 -17.99
C HIS A 9 4.80 -6.99 -16.59
N VAL A 10 3.83 -6.16 -16.43
CA VAL A 10 3.19 -5.94 -15.17
C VAL A 10 1.68 -5.97 -15.37
N THR A 11 1.08 -6.99 -14.86
CA THR A 11 -0.30 -7.26 -15.04
C THR A 11 -1.13 -6.42 -14.08
N GLN A 12 -2.39 -6.14 -14.45
CA GLN A 12 -3.29 -5.38 -13.62
C GLN A 12 -3.50 -6.08 -12.28
N ASP A 13 -3.50 -7.40 -12.31
CA ASP A 13 -3.61 -8.23 -11.11
C ASP A 13 -2.48 -7.94 -10.11
N LEU A 14 -1.26 -7.73 -10.63
CA LEU A 14 -0.09 -7.52 -9.76
C LEU A 14 -0.25 -6.18 -9.12
N ARG A 15 -0.48 -5.21 -9.95
CA ARG A 15 -0.56 -3.86 -9.50
C ARG A 15 -1.73 -3.61 -8.59
N SER A 16 -2.88 -4.14 -8.94
CA SER A 16 -4.08 -3.97 -8.15
C SER A 16 -3.92 -4.69 -6.82
N HIS A 17 -3.09 -5.74 -6.79
CA HIS A 17 -2.79 -6.45 -5.57
C HIS A 17 -1.99 -5.54 -4.64
N LEU A 18 -0.98 -4.90 -5.21
CA LEU A 18 -0.14 -3.94 -4.50
C LEU A 18 -0.98 -2.74 -4.05
N VAL A 19 -1.90 -2.33 -4.92
CA VAL A 19 -2.88 -1.27 -4.61
C VAL A 19 -3.72 -1.66 -3.37
N HIS A 20 -4.22 -2.90 -3.38
CA HIS A 20 -5.00 -3.46 -2.28
C HIS A 20 -4.21 -3.38 -0.98
N LYS A 21 -2.97 -3.76 -1.05
CA LYS A 21 -2.10 -3.70 0.08
C LYS A 21 -1.83 -2.27 0.53
N LEU A 22 -1.70 -1.35 -0.44
CA LEU A 22 -1.56 0.10 -0.14
C LEU A 22 -2.75 0.57 0.68
N VAL A 23 -3.93 0.14 0.26
CA VAL A 23 -5.17 0.36 0.98
C VAL A 23 -5.07 -0.15 2.42
N GLN A 24 -4.59 -1.36 2.60
CA GLN A 24 -4.55 -1.94 3.94
C GLN A 24 -3.52 -1.25 4.84
N ALA A 25 -2.48 -0.66 4.23
CA ALA A 25 -1.52 0.11 4.98
C ALA A 25 -2.07 1.50 5.29
N ILE A 26 -2.72 2.13 4.32
CA ILE A 26 -3.28 3.46 4.56
C ILE A 26 -4.48 3.40 5.50
N PHE A 27 -5.27 2.39 5.34
CA PHE A 27 -6.47 2.22 6.07
C PHE A 27 -6.46 0.88 6.74
N PRO A 28 -6.12 0.81 8.02
CA PRO A 28 -6.28 -0.40 8.80
C PRO A 28 -7.77 -0.77 8.82
N THR A 29 -8.13 -1.68 7.96
CA THR A 29 -9.50 -2.07 7.83
C THR A 29 -9.91 -2.98 9.00
N PRO A 30 -11.10 -2.76 9.57
CA PRO A 30 -11.61 -3.57 10.68
C PRO A 30 -12.15 -4.92 10.18
N ASP A 31 -12.48 -4.98 8.91
CA ASP A 31 -13.06 -6.15 8.31
C ASP A 31 -12.83 -6.08 6.84
N PRO A 32 -12.55 -7.19 6.19
CA PRO A 32 -12.37 -7.26 4.74
C PRO A 32 -13.57 -6.72 3.93
N ALA A 33 -14.75 -6.63 4.52
CA ALA A 33 -15.88 -6.11 3.79
C ALA A 33 -15.91 -4.59 3.78
N ALA A 34 -15.06 -3.97 4.57
CA ALA A 34 -14.94 -2.51 4.54
C ALA A 34 -14.10 -2.11 3.33
N LEU A 35 -13.56 -3.12 2.67
CA LEU A 35 -12.73 -2.96 1.51
C LEU A 35 -13.58 -2.98 0.25
N LYS A 36 -14.88 -3.03 0.41
CA LYS A 36 -15.82 -2.98 -0.70
C LYS A 36 -16.91 -1.97 -0.34
N ASP A 37 -16.54 -1.03 0.48
CA ASP A 37 -17.45 0.01 0.98
C ASP A 37 -17.37 1.23 0.08
N ARG A 38 -18.21 2.21 0.29
CA ARG A 38 -18.19 3.43 -0.49
C ARG A 38 -16.96 4.27 -0.13
N ARG A 39 -16.47 4.08 1.08
CA ARG A 39 -15.27 4.74 1.52
C ARG A 39 -14.05 4.11 0.83
N MET A 40 -14.18 2.85 0.46
CA MET A 40 -13.14 2.12 -0.23
C MET A 40 -12.74 2.81 -1.52
N GLU A 41 -13.70 3.40 -2.24
CA GLU A 41 -13.33 4.06 -3.50
C GLU A 41 -12.35 5.20 -3.22
N ASN A 42 -12.44 5.80 -2.03
CA ASN A 42 -11.51 6.84 -1.59
C ASN A 42 -10.16 6.23 -1.32
N LEU A 43 -10.14 5.12 -0.57
CA LEU A 43 -8.87 4.46 -0.24
C LEU A 43 -8.17 3.99 -1.47
N VAL A 44 -8.88 3.25 -2.28
CA VAL A 44 -8.32 2.66 -3.45
C VAL A 44 -7.96 3.74 -4.46
N ALA A 45 -8.68 4.88 -4.43
CA ALA A 45 -8.36 6.01 -5.30
C ALA A 45 -6.96 6.53 -4.99
N TYR A 46 -6.67 6.67 -3.69
CA TYR A 46 -5.32 7.05 -3.24
C TYR A 46 -4.33 5.97 -3.64
N ALA A 47 -4.68 4.74 -3.39
CA ALA A 47 -3.80 3.63 -3.68
C ALA A 47 -3.44 3.60 -5.17
N LYS A 48 -4.43 3.80 -6.01
CA LYS A 48 -4.26 3.84 -7.47
C LYS A 48 -3.40 5.02 -7.91
N LYS A 49 -3.66 6.19 -7.35
CA LYS A 49 -2.92 7.39 -7.72
C LYS A 49 -1.44 7.24 -7.34
N VAL A 50 -1.24 6.64 -6.17
CA VAL A 50 0.06 6.39 -5.64
C VAL A 50 0.77 5.34 -6.48
N GLU A 51 0.10 4.21 -6.67
CA GLU A 51 0.60 3.09 -7.43
C GLU A 51 1.00 3.53 -8.82
N GLY A 52 0.12 4.26 -9.47
CA GLY A 52 0.37 4.76 -10.81
C GLY A 52 1.57 5.69 -10.86
N ASP A 53 1.72 6.50 -9.84
CA ASP A 53 2.84 7.44 -9.74
C ASP A 53 4.19 6.70 -9.66
N MET A 54 4.27 5.71 -8.79
CA MET A 54 5.50 4.88 -8.69
C MET A 54 5.69 4.00 -9.88
N TYR A 55 4.59 3.62 -10.49
CA TYR A 55 4.59 2.82 -11.68
C TYR A 55 5.27 3.61 -12.78
N GLU A 56 4.80 4.80 -13.03
CA GLU A 56 5.35 5.63 -14.12
C GLU A 56 6.79 6.10 -13.80
N SER A 57 7.09 6.21 -12.54
CA SER A 57 8.39 6.66 -12.06
C SER A 57 9.48 5.58 -12.23
N ALA A 58 9.11 4.33 -12.09
CA ALA A 58 10.07 3.24 -12.10
C ALA A 58 10.60 2.90 -13.48
N ASN A 59 11.73 2.24 -13.49
CA ASN A 59 12.38 1.78 -14.71
C ASN A 59 12.07 0.32 -14.95
N SER A 60 11.33 -0.26 -14.03
CA SER A 60 10.86 -1.61 -14.16
C SER A 60 9.82 -1.88 -13.10
N ARG A 61 8.98 -2.86 -13.34
CA ARG A 61 7.92 -3.23 -12.41
C ARG A 61 8.44 -3.69 -11.07
N ASP A 62 9.55 -4.37 -11.08
CA ASP A 62 10.19 -4.85 -9.87
C ASP A 62 10.71 -3.67 -9.06
N GLU A 63 11.14 -2.62 -9.76
CA GLU A 63 11.58 -1.39 -9.11
C GLU A 63 10.38 -0.65 -8.53
N TYR A 64 9.31 -0.55 -9.31
CA TYR A 64 8.12 0.18 -8.88
C TYR A 64 7.52 -0.50 -7.67
N TYR A 65 7.42 -1.80 -7.74
CA TYR A 65 6.96 -2.62 -6.67
C TYR A 65 7.86 -2.47 -5.46
N HIS A 66 9.17 -2.53 -5.67
CA HIS A 66 10.13 -2.43 -4.58
C HIS A 66 10.01 -1.11 -3.81
N LEU A 67 10.03 0.00 -4.53
CA LEU A 67 9.99 1.30 -3.87
C LEU A 67 8.65 1.56 -3.18
N LEU A 68 7.56 1.11 -3.81
CA LEU A 68 6.24 1.30 -3.24
C LEU A 68 6.12 0.41 -2.01
N ALA A 69 6.74 -0.76 -2.12
CA ALA A 69 6.78 -1.74 -1.06
C ALA A 69 7.52 -1.21 0.13
N GLU A 70 8.60 -0.53 -0.14
CA GLU A 70 9.43 0.03 0.92
C GLU A 70 8.69 1.05 1.73
N LYS A 71 8.00 1.94 1.05
CA LYS A 71 7.27 2.95 1.78
C LYS A 71 6.03 2.37 2.49
N ILE A 72 5.34 1.43 1.84
CA ILE A 72 4.17 0.82 2.46
C ILE A 72 4.59 0.02 3.72
N TYR A 73 5.65 -0.76 3.57
CA TYR A 73 6.23 -1.60 4.62
C TYR A 73 6.55 -0.78 5.86
N LYS A 74 7.30 0.30 5.66
CA LYS A 74 7.71 1.14 6.76
C LYS A 74 6.47 1.77 7.41
N ILE A 75 5.47 2.08 6.59
CA ILE A 75 4.22 2.63 7.07
C ILE A 75 3.42 1.62 7.91
N GLN A 76 3.40 0.35 7.47
CA GLN A 76 2.67 -0.72 8.17
C GLN A 76 3.19 -0.83 9.59
N LYS A 77 4.49 -0.98 9.73
CA LYS A 77 5.05 -1.10 11.05
C LYS A 77 4.98 0.19 11.84
N GLU A 78 5.10 1.31 11.14
CA GLU A 78 5.02 2.62 11.76
C GLU A 78 3.65 2.79 12.39
N LEU A 79 2.61 2.43 11.63
CA LEU A 79 1.24 2.58 12.08
C LEU A 79 0.95 1.72 13.30
N GLU A 80 1.41 0.46 13.31
CA GLU A 80 1.12 -0.39 14.46
C GLU A 80 1.87 0.07 15.71
N GLU A 81 3.15 0.39 15.57
CA GLU A 81 3.93 0.79 16.73
C GLU A 81 3.50 2.15 17.28
N LYS A 82 3.05 3.04 16.40
CA LYS A 82 2.58 4.33 16.85
C LYS A 82 1.23 4.19 17.55
N ARG A 83 0.40 3.27 17.04
CA ARG A 83 -0.92 3.04 17.60
C ARG A 83 -0.81 2.37 18.96
N ARG A 84 0.22 1.57 19.12
CA ARG A 84 0.37 0.76 20.29
C ARG A 84 1.38 1.29 21.32
N SER A 85 2.63 1.56 20.95
CA SER A 85 3.60 1.79 22.00
C SER A 85 4.32 3.11 22.04
N ARG A 86 4.51 3.72 20.95
CA ARG A 86 5.29 4.96 20.96
C ARG A 86 4.40 6.18 21.22
N LEU A 87 3.12 6.05 20.92
CA LEU A 87 2.18 7.15 21.14
C LEU A 87 1.12 6.66 22.10
N GLY B 1 3.63 26.06 11.92
CA GLY B 1 3.78 26.19 10.49
C GLY B 1 4.02 24.87 9.84
N SER B 2 5.22 24.37 9.94
CA SER B 2 5.54 23.08 9.43
C SER B 2 5.22 22.05 10.49
N MET B 3 3.98 21.60 10.49
CA MET B 3 3.53 20.66 11.49
C MET B 3 3.68 19.26 10.98
N SER B 4 3.62 19.13 9.68
CA SER B 4 3.79 17.88 9.01
C SER B 4 5.29 17.68 8.70
N HIS B 5 5.60 16.70 7.88
CA HIS B 5 6.98 16.35 7.55
C HIS B 5 7.05 16.18 6.05
N TYR B 6 8.21 16.01 5.49
CA TYR B 6 8.31 15.69 4.08
C TYR B 6 8.82 14.28 3.96
N GLY B 7 7.99 13.40 3.48
CA GLY B 7 8.35 12.03 3.38
C GLY B 7 7.69 11.24 4.47
N ASN B 8 8.16 11.41 5.71
CA ASN B 8 7.60 10.69 6.87
C ASN B 8 6.35 11.37 7.40
N GLN B 9 5.73 12.19 6.55
CA GLN B 9 4.45 12.81 6.85
C GLN B 9 3.38 11.75 7.02
N THR B 10 3.69 10.58 6.50
CA THR B 10 2.87 9.43 6.54
C THR B 10 2.56 8.99 7.96
N LEU B 11 3.42 9.33 8.91
CA LEU B 11 3.19 9.03 10.33
C LEU B 11 1.86 9.67 10.80
N GLN B 12 1.77 10.97 10.68
CA GLN B 12 0.58 11.70 11.10
C GLN B 12 -0.57 11.53 10.09
N ASP B 13 -0.22 11.32 8.84
CA ASP B 13 -1.20 11.08 7.78
C ASP B 13 -1.92 9.74 8.03
N LEU B 14 -1.13 8.72 8.37
CA LEU B 14 -1.68 7.41 8.69
C LEU B 14 -2.41 7.49 10.01
N LEU B 15 -1.95 8.37 10.90
CA LEU B 15 -2.63 8.63 12.16
C LEU B 15 -4.04 9.21 11.90
N THR B 16 -4.15 9.97 10.83
CA THR B 16 -5.40 10.55 10.43
C THR B 16 -6.35 9.47 9.85
N SER B 17 -5.81 8.58 9.02
CA SER B 17 -6.60 7.49 8.46
C SER B 17 -6.89 6.42 9.54
N ASP B 18 -6.00 6.33 10.49
CA ASP B 18 -6.13 5.48 11.68
C ASP B 18 -7.35 5.93 12.50
N SER B 19 -7.47 7.24 12.63
CA SER B 19 -8.58 7.85 13.33
C SER B 19 -9.86 7.62 12.54
N LEU B 20 -9.73 7.60 11.23
CA LEU B 20 -10.80 7.34 10.31
C LEU B 20 -11.33 5.90 10.57
N SER B 21 -10.41 4.94 10.60
CA SER B 21 -10.74 3.56 10.89
C SER B 21 -11.33 3.45 12.30
N HIS B 22 -10.60 3.98 13.28
CA HIS B 22 -11.00 4.00 14.70
C HIS B 22 -11.17 2.55 15.21
N SER B 23 -10.42 1.65 14.62
CA SER B 23 -10.50 0.25 14.93
C SER B 23 -9.13 -0.41 14.76
N ASP B 24 -9.01 -1.65 15.18
CA ASP B 24 -7.76 -2.40 15.09
C ASP B 24 -7.68 -3.15 13.77
N GLY B 25 -6.53 -3.10 13.13
CA GLY B 25 -6.33 -3.77 11.89
C GLY B 25 -4.88 -3.81 11.51
N GLY B 26 -4.57 -4.49 10.44
CA GLY B 26 -3.20 -4.57 9.96
C GLY B 26 -3.11 -5.40 8.71
N GLY B 27 -4.10 -5.26 7.86
CA GLY B 27 -4.11 -5.98 6.62
C GLY B 27 -4.52 -7.41 6.80
N SER B 28 -4.51 -8.16 5.74
CA SER B 28 -4.84 -9.55 5.77
C SER B 28 -4.02 -10.29 4.72
N GLY B 29 -3.46 -11.41 5.10
CA GLY B 29 -2.66 -12.19 4.19
C GLY B 29 -1.67 -13.05 4.92
N GLY B 30 -1.40 -14.20 4.37
CA GLY B 30 -0.44 -15.10 4.95
C GLY B 30 0.83 -15.09 4.14
N GLY B 31 1.27 -16.25 3.75
CA GLY B 31 2.44 -16.34 2.93
C GLY B 31 3.02 -17.73 2.92
N SER B 32 2.56 -18.55 2.02
CA SER B 32 3.09 -19.88 1.92
C SER B 32 4.26 -20.01 0.94
N GLY B 33 4.15 -19.44 -0.26
CA GLY B 33 5.25 -19.55 -1.20
C GLY B 33 5.24 -18.47 -2.28
N GLY B 34 6.41 -18.06 -2.70
CA GLY B 34 6.56 -17.05 -3.72
C GLY B 34 7.91 -17.18 -4.40
N GLY B 35 7.97 -16.86 -5.69
CA GLY B 35 9.21 -16.94 -6.44
C GLY B 35 9.28 -15.90 -7.54
N SER B 36 8.36 -14.96 -7.50
CA SER B 36 8.27 -13.88 -8.45
C SER B 36 7.36 -12.83 -7.83
N LEU B 37 6.92 -11.86 -8.60
CA LEU B 37 6.04 -10.86 -8.08
C LEU B 37 4.60 -11.08 -8.56
N GLU B 38 4.44 -11.27 -9.83
CA GLU B 38 3.13 -11.32 -10.44
C GLU B 38 2.42 -12.67 -10.37
N CYS B 39 3.13 -13.72 -10.66
CA CYS B 39 2.52 -15.03 -10.69
C CYS B 39 2.52 -15.69 -9.30
N ASP B 40 3.67 -15.79 -8.69
CA ASP B 40 3.78 -16.45 -7.38
C ASP B 40 4.53 -15.51 -6.44
N MET B 41 3.79 -14.75 -5.66
CA MET B 41 4.35 -13.62 -4.87
C MET B 41 4.58 -13.85 -3.38
N GLU B 42 3.65 -14.56 -2.74
CA GLU B 42 3.51 -14.64 -1.24
C GLU B 42 4.73 -14.32 -0.38
N SER B 43 5.77 -15.11 -0.47
CA SER B 43 6.89 -14.98 0.45
C SER B 43 7.65 -13.67 0.23
N ILE B 44 7.89 -13.37 -1.02
CA ILE B 44 8.61 -12.19 -1.41
C ILE B 44 7.82 -10.95 -1.06
N ILE B 45 6.53 -10.97 -1.40
CA ILE B 45 5.69 -9.80 -1.20
C ILE B 45 5.47 -9.50 0.28
N ARG B 46 5.41 -10.51 1.10
CA ARG B 46 5.27 -10.27 2.52
C ARG B 46 6.54 -9.67 3.09
N SER B 47 7.66 -10.32 2.85
CA SER B 47 8.93 -9.87 3.40
C SER B 47 9.37 -8.49 2.87
N GLU B 48 9.18 -8.27 1.58
CA GLU B 48 9.60 -7.02 0.96
C GLU B 48 8.59 -5.90 1.17
N LEU B 49 7.32 -6.23 1.09
CA LEU B 49 6.29 -5.21 1.06
C LEU B 49 5.60 -4.92 2.39
N MET B 50 5.46 -5.88 3.30
CA MET B 50 4.72 -5.56 4.53
C MET B 50 4.86 -6.56 5.67
N ASP B 51 5.38 -6.07 6.77
CA ASP B 51 5.29 -6.81 8.02
C ASP B 51 4.07 -6.29 8.69
N ALA B 52 3.14 -7.15 8.96
CA ALA B 52 1.89 -6.77 9.57
C ALA B 52 1.18 -8.01 10.06
N GLY A 1 0.42 4.19 -21.69
CA GLY A 1 0.24 5.25 -20.69
C GLY A 1 1.55 5.90 -20.38
N VAL A 2 2.43 5.16 -19.75
CA VAL A 2 3.75 5.65 -19.51
C VAL A 2 4.64 5.20 -20.65
N ARG A 3 5.57 6.03 -21.07
CA ARG A 3 6.45 5.64 -22.16
C ARG A 3 7.63 4.84 -21.68
N LYS A 4 7.32 3.71 -21.09
CA LYS A 4 8.27 2.81 -20.56
C LYS A 4 7.83 1.40 -20.90
N GLY A 5 8.62 0.73 -21.74
CA GLY A 5 8.30 -0.59 -22.27
C GLY A 5 7.96 -1.65 -21.24
N TRP A 6 8.37 -1.45 -20.01
CA TRP A 6 8.09 -2.40 -18.95
C TRP A 6 6.61 -2.41 -18.57
N HIS A 7 5.85 -1.41 -19.03
CA HIS A 7 4.41 -1.33 -18.70
C HIS A 7 3.64 -2.59 -19.19
N GLU A 8 4.19 -3.31 -20.13
CA GLU A 8 3.57 -4.53 -20.66
C GLU A 8 3.89 -5.70 -19.74
N HIS A 9 4.84 -5.51 -18.87
CA HIS A 9 5.31 -6.54 -17.96
C HIS A 9 4.57 -6.45 -16.62
N VAL A 10 3.66 -5.54 -16.53
CA VAL A 10 2.93 -5.31 -15.33
C VAL A 10 1.43 -5.30 -15.61
N THR A 11 0.75 -6.30 -15.14
CA THR A 11 -0.65 -6.43 -15.40
C THR A 11 -1.46 -5.69 -14.33
N GLN A 12 -2.69 -5.32 -14.68
CA GLN A 12 -3.61 -4.65 -13.80
C GLN A 12 -3.79 -5.42 -12.49
N ASP A 13 -3.80 -6.75 -12.56
CA ASP A 13 -3.97 -7.56 -11.35
C ASP A 13 -2.82 -7.39 -10.37
N LEU A 14 -1.62 -7.19 -10.91
CA LEU A 14 -0.42 -7.08 -10.07
C LEU A 14 -0.51 -5.78 -9.35
N ARG A 15 -0.72 -4.75 -10.10
CA ARG A 15 -0.78 -3.44 -9.57
C ARG A 15 -1.93 -3.26 -8.60
N SER A 16 -3.11 -3.75 -8.96
CA SER A 16 -4.28 -3.66 -8.11
C SER A 16 -4.05 -4.42 -6.80
N HIS A 17 -3.26 -5.47 -6.87
CA HIS A 17 -2.92 -6.29 -5.71
C HIS A 17 -2.07 -5.45 -4.75
N LEU A 18 -1.10 -4.76 -5.32
CA LEU A 18 -0.21 -3.88 -4.58
C LEU A 18 -0.99 -2.69 -4.03
N VAL A 19 -1.89 -2.16 -4.86
CA VAL A 19 -2.81 -1.07 -4.49
C VAL A 19 -3.63 -1.48 -3.26
N HIS A 20 -4.22 -2.66 -3.32
CA HIS A 20 -5.02 -3.21 -2.22
C HIS A 20 -4.19 -3.33 -0.93
N LYS A 21 -2.98 -3.80 -1.06
CA LYS A 21 -2.08 -3.92 0.06
C LYS A 21 -1.68 -2.57 0.60
N LEU A 22 -1.42 -1.62 -0.32
CA LEU A 22 -1.15 -0.24 0.03
C LEU A 22 -2.23 0.25 0.95
N VAL A 23 -3.48 0.05 0.52
CA VAL A 23 -4.65 0.38 1.32
C VAL A 23 -4.60 -0.28 2.67
N GLN A 24 -4.40 -1.60 2.72
CA GLN A 24 -4.40 -2.33 4.00
C GLN A 24 -3.43 -1.71 5.03
N ALA A 25 -2.30 -1.22 4.57
CA ALA A 25 -1.36 -0.55 5.43
C ALA A 25 -1.74 0.90 5.70
N ILE A 26 -2.09 1.64 4.67
CA ILE A 26 -2.34 3.07 4.83
C ILE A 26 -3.73 3.31 5.48
N PHE A 27 -4.56 2.37 5.29
CA PHE A 27 -5.87 2.36 5.81
C PHE A 27 -6.11 1.04 6.48
N PRO A 28 -5.75 0.88 7.76
CA PRO A 28 -6.04 -0.32 8.49
C PRO A 28 -7.56 -0.50 8.55
N THR A 29 -8.04 -1.41 7.76
CA THR A 29 -9.44 -1.57 7.61
C THR A 29 -10.08 -2.22 8.86
N PRO A 30 -11.29 -1.78 9.21
CA PRO A 30 -12.06 -2.36 10.32
C PRO A 30 -12.71 -3.69 9.91
N ASP A 31 -13.02 -3.80 8.63
CA ASP A 31 -13.70 -4.95 8.07
C ASP A 31 -13.05 -5.30 6.78
N PRO A 32 -12.79 -6.58 6.50
CA PRO A 32 -12.25 -6.98 5.21
C PRO A 32 -13.24 -6.69 4.07
N ALA A 33 -14.50 -6.49 4.42
CA ALA A 33 -15.48 -6.14 3.42
C ALA A 33 -15.44 -4.63 3.11
N ALA A 34 -14.78 -3.84 3.97
CA ALA A 34 -14.63 -2.41 3.70
C ALA A 34 -13.67 -2.22 2.54
N LEU A 35 -12.94 -3.29 2.25
CA LEU A 35 -11.97 -3.35 1.18
C LEU A 35 -12.66 -3.61 -0.16
N LYS A 36 -13.95 -3.65 -0.15
CA LYS A 36 -14.71 -3.70 -1.38
C LYS A 36 -15.92 -2.78 -1.27
N ASP A 37 -15.93 -1.97 -0.22
CA ASP A 37 -17.11 -1.22 0.12
C ASP A 37 -16.93 0.26 -0.28
N ARG A 38 -17.81 1.16 0.20
CA ARG A 38 -17.73 2.60 -0.18
C ARG A 38 -16.43 3.24 0.28
N ARG A 39 -15.95 2.82 1.43
CA ARG A 39 -14.75 3.39 1.99
C ARG A 39 -13.56 3.06 1.08
N MET A 40 -13.60 1.88 0.45
CA MET A 40 -12.55 1.40 -0.42
C MET A 40 -12.34 2.34 -1.58
N GLU A 41 -13.40 3.00 -2.08
CA GLU A 41 -13.22 3.84 -3.27
C GLU A 41 -12.28 5.02 -2.95
N ASN A 42 -12.34 5.51 -1.72
CA ASN A 42 -11.43 6.55 -1.23
C ASN A 42 -10.05 5.96 -1.04
N LEU A 43 -10.06 4.80 -0.43
CA LEU A 43 -8.86 4.06 -0.10
C LEU A 43 -8.04 3.78 -1.37
N VAL A 44 -8.71 3.20 -2.36
CA VAL A 44 -8.11 2.86 -3.61
C VAL A 44 -7.78 4.09 -4.41
N ALA A 45 -8.56 5.16 -4.28
CA ALA A 45 -8.25 6.41 -4.96
C ALA A 45 -6.82 6.87 -4.56
N TYR A 46 -6.54 6.86 -3.26
CA TYR A 46 -5.21 7.17 -2.75
C TYR A 46 -4.20 6.13 -3.21
N ALA A 47 -4.54 4.87 -3.06
CA ALA A 47 -3.61 3.82 -3.40
C ALA A 47 -3.23 3.86 -4.87
N LYS A 48 -4.20 4.12 -5.72
CA LYS A 48 -4.00 4.23 -7.16
C LYS A 48 -3.14 5.43 -7.52
N LYS A 49 -3.39 6.55 -6.86
CA LYS A 49 -2.64 7.77 -7.14
C LYS A 49 -1.16 7.59 -6.75
N VAL A 50 -0.96 6.93 -5.62
CA VAL A 50 0.36 6.65 -5.10
C VAL A 50 1.05 5.58 -5.95
N GLU A 51 0.32 4.50 -6.22
CA GLU A 51 0.80 3.39 -7.03
C GLU A 51 1.20 3.91 -8.40
N GLY A 52 0.34 4.72 -9.00
CA GLY A 52 0.60 5.30 -10.31
C GLY A 52 1.86 6.13 -10.31
N ASP A 53 2.07 6.86 -9.24
CA ASP A 53 3.28 7.67 -9.06
C ASP A 53 4.55 6.80 -9.10
N MET A 54 4.58 5.79 -8.27
CA MET A 54 5.74 4.87 -8.22
C MET A 54 5.86 4.04 -9.46
N TYR A 55 4.74 3.77 -10.07
CA TYR A 55 4.68 3.05 -11.32
C TYR A 55 5.43 3.86 -12.37
N GLU A 56 5.06 5.11 -12.52
CA GLU A 56 5.65 5.94 -13.56
C GLU A 56 7.08 6.38 -13.19
N SER A 57 7.40 6.36 -11.93
CA SER A 57 8.72 6.76 -11.47
C SER A 57 9.74 5.63 -11.67
N ALA A 58 9.27 4.40 -11.78
CA ALA A 58 10.15 3.26 -11.89
C ALA A 58 10.60 3.00 -13.33
N ASN A 59 11.62 2.18 -13.45
CA ASN A 59 12.15 1.76 -14.75
C ASN A 59 11.76 0.31 -15.02
N SER A 60 11.07 -0.28 -14.06
CA SER A 60 10.58 -1.63 -14.17
C SER A 60 9.53 -1.84 -13.15
N ARG A 61 8.69 -2.83 -13.37
CA ARG A 61 7.66 -3.10 -12.40
C ARG A 61 8.26 -3.71 -11.16
N ASP A 62 9.41 -4.35 -11.34
CA ASP A 62 10.14 -4.96 -10.24
C ASP A 62 10.57 -3.85 -9.30
N GLU A 63 11.12 -2.79 -9.88
CA GLU A 63 11.53 -1.61 -9.13
C GLU A 63 10.34 -0.93 -8.47
N TYR A 64 9.27 -0.71 -9.24
CA TYR A 64 8.11 0.00 -8.74
C TYR A 64 7.49 -0.76 -7.57
N TYR A 65 7.34 -2.07 -7.73
CA TYR A 65 6.83 -2.94 -6.70
C TYR A 65 7.75 -2.90 -5.50
N HIS A 66 9.03 -3.04 -5.75
CA HIS A 66 10.04 -3.06 -4.69
C HIS A 66 9.98 -1.79 -3.84
N LEU A 67 10.06 -0.64 -4.47
CA LEU A 67 10.11 0.62 -3.74
C LEU A 67 8.78 0.93 -3.04
N LEU A 68 7.67 0.50 -3.63
CA LEU A 68 6.38 0.76 -3.02
C LEU A 68 6.19 -0.19 -1.83
N ALA A 69 6.79 -1.37 -1.97
CA ALA A 69 6.80 -2.38 -0.93
C ALA A 69 7.61 -1.89 0.26
N GLU A 70 8.65 -1.15 -0.02
CA GLU A 70 9.50 -0.55 1.02
C GLU A 70 8.70 0.49 1.78
N LYS A 71 7.97 1.30 1.03
CA LYS A 71 7.18 2.36 1.60
C LYS A 71 6.02 1.79 2.42
N ILE A 72 5.36 0.76 1.93
CA ILE A 72 4.25 0.20 2.66
C ILE A 72 4.72 -0.42 3.99
N TYR A 73 5.79 -1.18 3.90
CA TYR A 73 6.45 -1.83 5.01
C TYR A 73 6.76 -0.81 6.15
N LYS A 74 7.43 0.29 5.80
CA LYS A 74 7.80 1.31 6.78
C LYS A 74 6.55 1.96 7.36
N ILE A 75 5.50 2.05 6.56
CA ILE A 75 4.25 2.60 7.00
C ILE A 75 3.56 1.69 8.02
N GLN A 76 3.67 0.38 7.83
CA GLN A 76 3.00 -0.54 8.71
C GLN A 76 3.65 -0.48 10.08
N LYS A 77 4.95 -0.42 10.11
CA LYS A 77 5.62 -0.28 11.39
C LYS A 77 5.41 1.09 12.00
N GLU A 78 5.24 2.10 11.15
CA GLU A 78 4.96 3.45 11.61
C GLU A 78 3.61 3.48 12.31
N LEU A 79 2.62 2.83 11.71
CA LEU A 79 1.29 2.79 12.25
C LEU A 79 1.22 2.05 13.56
N GLU A 80 1.92 0.92 13.65
CA GLU A 80 1.83 0.14 14.86
C GLU A 80 2.51 0.83 16.02
N GLU A 81 3.68 1.44 15.79
CA GLU A 81 4.39 2.12 16.88
C GLU A 81 3.61 3.34 17.37
N LYS A 82 3.08 4.14 16.44
CA LYS A 82 2.39 5.35 16.77
C LYS A 82 1.11 5.07 17.56
N ARG A 83 0.37 4.06 17.15
CA ARG A 83 -0.88 3.73 17.80
C ARG A 83 -0.63 2.98 19.11
N ARG A 84 0.50 2.28 19.17
CA ARG A 84 0.82 1.47 20.32
C ARG A 84 1.18 2.31 21.52
N SER A 85 2.21 3.14 21.41
CA SER A 85 2.70 3.81 22.58
C SER A 85 3.47 5.10 22.32
N ARG A 86 3.16 5.84 21.27
CA ARG A 86 3.88 7.11 21.10
C ARG A 86 3.31 8.16 22.06
N LEU A 87 2.10 7.90 22.52
CA LEU A 87 1.41 8.75 23.48
C LEU A 87 2.01 8.55 24.86
N GLY B 1 -2.40 18.29 -0.97
CA GLY B 1 -2.47 16.92 -0.51
C GLY B 1 -1.15 16.49 0.05
N SER B 2 -0.82 15.24 -0.09
CA SER B 2 0.43 14.75 0.40
C SER B 2 1.51 14.99 -0.64
N MET B 3 2.10 16.16 -0.58
CA MET B 3 3.13 16.56 -1.53
C MET B 3 4.51 16.23 -0.98
N SER B 4 4.50 15.65 0.22
CA SER B 4 5.68 15.16 0.93
C SER B 4 6.59 16.34 1.34
N HIS B 5 6.00 17.52 1.45
CA HIS B 5 6.76 18.70 1.79
C HIS B 5 6.98 18.79 3.30
N TYR B 6 6.15 18.09 4.05
CA TYR B 6 6.27 18.09 5.48
C TYR B 6 7.41 17.24 5.97
N GLY B 7 7.46 16.06 5.48
CA GLY B 7 8.44 15.11 5.90
C GLY B 7 7.75 14.06 6.74
N ASN B 8 6.89 14.52 7.63
CA ASN B 8 6.14 13.64 8.50
C ASN B 8 4.69 13.62 8.08
N GLN B 9 4.41 14.07 6.83
CA GLN B 9 3.02 14.03 6.30
C GLN B 9 2.47 12.61 6.33
N THR B 10 3.36 11.61 6.15
CA THR B 10 2.99 10.20 6.14
C THR B 10 2.25 9.82 7.42
N LEU B 11 2.82 10.20 8.55
CA LEU B 11 2.28 9.85 9.84
C LEU B 11 0.94 10.53 10.08
N GLN B 12 0.82 11.77 9.66
CA GLN B 12 -0.40 12.54 9.85
C GLN B 12 -1.53 12.03 8.96
N ASP B 13 -1.20 11.79 7.70
CA ASP B 13 -2.15 11.23 6.73
C ASP B 13 -2.58 9.84 7.20
N LEU B 14 -1.61 9.07 7.66
CA LEU B 14 -1.83 7.73 8.14
C LEU B 14 -2.62 7.72 9.45
N LEU B 15 -2.45 8.73 10.27
CA LEU B 15 -3.18 8.81 11.54
C LEU B 15 -4.66 9.10 11.28
N THR B 16 -4.91 10.04 10.40
CA THR B 16 -6.25 10.41 10.00
C THR B 16 -6.95 9.19 9.33
N SER B 17 -6.18 8.39 8.65
CA SER B 17 -6.66 7.17 8.04
C SER B 17 -6.85 6.03 9.09
N ASP B 18 -5.87 5.90 9.98
CA ASP B 18 -5.78 4.81 10.98
C ASP B 18 -6.95 4.88 11.95
N SER B 19 -7.38 6.07 12.24
CA SER B 19 -8.44 6.32 13.20
C SER B 19 -9.81 5.69 12.85
N LEU B 20 -9.98 5.22 11.61
CA LEU B 20 -11.22 4.54 11.24
C LEU B 20 -11.16 3.05 11.58
N SER B 21 -9.97 2.58 11.92
CA SER B 21 -9.76 1.19 12.18
C SER B 21 -10.29 0.79 13.53
N HIS B 22 -9.79 1.46 14.58
CA HIS B 22 -10.02 1.12 16.00
C HIS B 22 -9.27 -0.19 16.34
N SER B 23 -9.51 -1.21 15.57
CA SER B 23 -8.84 -2.47 15.65
C SER B 23 -8.81 -3.06 14.26
N ASP B 24 -7.64 -3.36 13.77
CA ASP B 24 -7.47 -3.94 12.44
C ASP B 24 -7.45 -5.45 12.55
N GLY B 25 -7.03 -6.13 11.52
CA GLY B 25 -6.99 -7.55 11.55
C GLY B 25 -5.96 -8.12 10.65
N GLY B 26 -5.86 -9.42 10.65
CA GLY B 26 -4.93 -10.10 9.82
C GLY B 26 -4.19 -11.19 10.55
N GLY B 27 -3.08 -11.58 10.01
CA GLY B 27 -2.26 -12.62 10.56
C GLY B 27 -1.03 -12.71 9.72
N SER B 28 -0.14 -13.62 10.02
CA SER B 28 1.08 -13.72 9.26
C SER B 28 1.26 -15.15 8.74
N GLY B 29 2.27 -15.38 7.95
CA GLY B 29 2.51 -16.67 7.38
C GLY B 29 3.87 -16.75 6.78
N GLY B 30 4.29 -17.94 6.44
CA GLY B 30 5.58 -18.14 5.81
C GLY B 30 5.48 -17.96 4.32
N GLY B 31 4.33 -18.28 3.78
CA GLY B 31 4.10 -18.13 2.38
C GLY B 31 4.20 -19.41 1.63
N SER B 32 3.11 -19.84 1.09
CA SER B 32 3.06 -21.04 0.32
C SER B 32 2.87 -20.67 -1.14
N GLY B 33 3.95 -20.60 -1.86
CA GLY B 33 3.91 -20.24 -3.25
C GLY B 33 5.19 -19.60 -3.70
N GLY B 34 5.15 -18.31 -3.95
CA GLY B 34 6.33 -17.57 -4.35
C GLY B 34 6.81 -17.94 -5.74
N GLY B 35 6.12 -17.46 -6.74
CA GLY B 35 6.48 -17.76 -8.10
C GLY B 35 5.75 -16.86 -9.05
N SER B 36 6.50 -15.96 -9.68
CA SER B 36 5.96 -14.93 -10.59
C SER B 36 5.08 -13.93 -9.83
N LEU B 37 5.46 -12.67 -9.92
CA LEU B 37 4.83 -11.59 -9.17
C LEU B 37 3.30 -11.53 -9.31
N GLU B 38 2.80 -11.63 -10.50
CA GLU B 38 1.38 -11.53 -10.70
C GLU B 38 0.66 -12.85 -10.44
N CYS B 39 1.41 -13.92 -10.33
CA CYS B 39 0.82 -15.22 -10.05
C CYS B 39 0.67 -15.42 -8.54
N ASP B 40 1.79 -15.37 -7.82
CA ASP B 40 1.78 -15.53 -6.36
C ASP B 40 3.05 -15.01 -5.74
N MET B 41 2.92 -13.97 -5.00
CA MET B 41 4.01 -13.35 -4.29
C MET B 41 4.03 -13.69 -2.82
N GLU B 42 2.97 -14.33 -2.30
CA GLU B 42 2.69 -14.54 -0.84
C GLU B 42 3.92 -14.52 0.12
N SER B 43 4.86 -15.42 -0.08
CA SER B 43 6.07 -15.52 0.76
C SER B 43 6.90 -14.24 0.68
N ILE B 44 7.03 -13.76 -0.51
CA ILE B 44 7.77 -12.58 -0.84
C ILE B 44 7.03 -11.34 -0.32
N ILE B 45 5.71 -11.37 -0.41
CA ILE B 45 4.86 -10.32 0.12
C ILE B 45 5.17 -10.11 1.58
N ARG B 46 5.19 -11.20 2.31
CA ARG B 46 5.48 -11.16 3.70
C ARG B 46 6.86 -10.54 3.94
N SER B 47 7.90 -11.21 3.47
CA SER B 47 9.26 -10.79 3.73
C SER B 47 9.62 -9.40 3.15
N GLU B 48 9.42 -9.21 1.86
CA GLU B 48 9.85 -7.99 1.21
C GLU B 48 8.87 -6.83 1.40
N LEU B 49 7.60 -7.13 1.44
CA LEU B 49 6.62 -6.08 1.41
C LEU B 49 6.10 -5.69 2.78
N MET B 50 5.97 -6.63 3.74
CA MET B 50 5.38 -6.22 5.01
C MET B 50 5.68 -7.15 6.20
N ASP B 51 6.95 -7.42 6.38
CA ASP B 51 7.50 -8.07 7.59
C ASP B 51 7.44 -9.58 7.63
N ALA B 52 8.64 -10.16 7.53
CA ALA B 52 8.90 -11.59 7.69
C ALA B 52 10.38 -11.81 7.48
#